data_2K4H
#
_entry.id   2K4H
#
loop_
_entity.id
_entity.type
_entity.pdbx_description
1 polymer 'HIV-2 myristoylated matrix protein'
2 non-polymer 'MYRISTIC ACID'
#
_entity_poly.entity_id   1
_entity_poly.type   'polypeptide(L)'
_entity_poly.pdbx_seq_one_letter_code
;GARNSVLRGKKADELERIRLRPGGKKKYRLKHIVWAANKLDRFGLAESLLESKEGCQKILTVLDPMVPTGSENLKSLFNT
VCVIWCIHAEEKVKDTEGAKQIVRRHLVAETGTAEKMPSTSRPTAPSSEKGGNY
;
_entity_poly.pdbx_strand_id   A
#
# COMPACT_ATOMS: atom_id res chain seq x y z
N GLY A 1 0.11 4.45 -20.50
CA GLY A 1 -0.36 4.73 -21.85
C GLY A 1 0.73 5.22 -22.76
N ALA A 2 1.70 5.93 -22.18
CA ALA A 2 2.82 6.47 -22.96
C ALA A 2 4.15 5.99 -22.40
N ARG A 3 5.23 6.27 -23.12
CA ARG A 3 6.56 5.88 -22.69
C ARG A 3 6.65 4.36 -22.54
N ASN A 4 7.84 3.87 -22.21
CA ASN A 4 8.06 2.44 -22.04
C ASN A 4 8.41 2.12 -20.58
N SER A 5 9.24 2.96 -19.98
CA SER A 5 9.65 2.76 -18.60
C SER A 5 9.12 3.88 -17.70
N VAL A 6 8.62 3.51 -16.53
CA VAL A 6 8.08 4.48 -15.58
C VAL A 6 9.08 4.79 -14.49
N LEU A 7 9.77 3.77 -14.00
CA LEU A 7 10.76 3.94 -12.94
C LEU A 7 11.84 4.93 -13.38
N ARG A 8 12.34 5.71 -12.42
CA ARG A 8 13.38 6.69 -12.71
C ARG A 8 14.77 6.11 -12.43
N GLY A 9 15.80 6.93 -12.62
CA GLY A 9 17.15 6.47 -12.41
C GLY A 9 17.47 6.30 -10.93
N LYS A 10 17.34 7.38 -10.17
CA LYS A 10 17.61 7.35 -8.74
C LYS A 10 16.56 6.54 -8.00
N LYS A 11 15.30 6.74 -8.34
CA LYS A 11 14.19 6.03 -7.72
C LYS A 11 14.40 4.52 -7.82
N ALA A 12 14.79 4.06 -9.01
CA ALA A 12 15.02 2.64 -9.23
C ALA A 12 16.09 2.10 -8.29
N ASP A 13 17.13 2.90 -8.06
CA ASP A 13 18.22 2.50 -7.17
C ASP A 13 17.68 2.16 -5.78
N GLU A 14 16.52 2.71 -5.45
CA GLU A 14 15.91 2.47 -4.14
C GLU A 14 14.99 1.26 -4.20
N LEU A 15 14.20 1.16 -5.27
CA LEU A 15 13.28 0.05 -5.45
C LEU A 15 14.03 -1.26 -5.63
N GLU A 16 14.99 -1.26 -6.53
CA GLU A 16 15.79 -2.45 -6.80
C GLU A 16 16.64 -2.83 -5.59
N ARG A 17 16.80 -1.89 -4.67
CA ARG A 17 17.59 -2.11 -3.47
C ARG A 17 16.76 -2.82 -2.40
N ILE A 18 15.48 -2.47 -2.32
CA ILE A 18 14.59 -3.07 -1.33
C ILE A 18 14.44 -4.57 -1.58
N ARG A 19 14.57 -5.35 -0.50
CA ARG A 19 14.44 -6.80 -0.60
C ARG A 19 13.04 -7.25 -0.22
N LEU A 20 12.51 -8.21 -0.97
CA LEU A 20 11.17 -8.74 -0.71
C LEU A 20 11.09 -9.33 0.69
N ARG A 21 12.21 -9.85 1.18
CA ARG A 21 12.25 -10.45 2.52
C ARG A 21 13.31 -9.78 3.38
N PRO A 22 13.17 -9.93 4.70
CA PRO A 22 14.11 -9.33 5.67
C PRO A 22 15.48 -10.00 5.63
N GLY A 23 15.50 -11.30 5.35
CA GLY A 23 16.76 -12.03 5.28
C GLY A 23 16.87 -12.87 4.03
N GLY A 24 16.13 -12.49 2.99
CA GLY A 24 16.18 -13.22 1.74
C GLY A 24 17.15 -12.62 0.74
N LYS A 25 17.10 -13.11 -0.49
CA LYS A 25 17.99 -12.62 -1.54
C LYS A 25 17.19 -12.08 -2.72
N LYS A 26 15.86 -12.08 -2.58
CA LYS A 26 14.98 -11.60 -3.63
C LYS A 26 14.67 -10.12 -3.44
N LYS A 27 14.69 -9.37 -4.54
CA LYS A 27 14.40 -7.94 -4.49
C LYS A 27 13.21 -7.59 -5.37
N TYR A 28 12.64 -6.41 -5.15
CA TYR A 28 11.48 -5.97 -5.91
C TYR A 28 11.85 -5.74 -7.38
N ARG A 29 10.91 -6.05 -8.27
CA ARG A 29 11.14 -5.89 -9.70
C ARG A 29 9.85 -5.55 -10.42
N LEU A 30 9.96 -5.12 -11.68
CA LEU A 30 8.80 -4.76 -12.47
C LEU A 30 7.75 -5.87 -12.43
N LYS A 31 8.21 -7.11 -12.33
CA LYS A 31 7.31 -8.26 -12.28
C LYS A 31 6.25 -8.08 -11.20
N HIS A 32 6.68 -7.60 -10.03
CA HIS A 32 5.77 -7.38 -8.92
C HIS A 32 4.83 -6.21 -9.20
N ILE A 33 5.26 -5.18 -9.94
CA ILE A 33 4.39 -4.05 -10.25
C ILE A 33 3.27 -4.46 -11.18
N VAL A 34 3.60 -5.28 -12.18
CA VAL A 34 2.61 -5.74 -13.14
C VAL A 34 1.46 -6.48 -12.45
N TRP A 35 1.80 -7.52 -11.71
CA TRP A 35 0.80 -8.30 -11.00
C TRP A 35 -0.06 -7.41 -10.09
N ALA A 36 0.54 -6.32 -9.63
CA ALA A 36 -0.17 -5.38 -8.76
C ALA A 36 -1.10 -4.49 -9.57
N ALA A 37 -0.61 -3.96 -10.68
CA ALA A 37 -1.40 -3.10 -11.54
C ALA A 37 -2.60 -3.84 -12.11
N ASN A 38 -2.36 -5.03 -12.66
CA ASN A 38 -3.42 -5.83 -13.24
C ASN A 38 -4.57 -6.02 -12.25
N LYS A 39 -4.23 -6.11 -10.97
CA LYS A 39 -5.23 -6.29 -9.91
C LYS A 39 -6.09 -5.04 -9.78
N LEU A 40 -5.44 -3.87 -9.79
CA LEU A 40 -6.16 -2.61 -9.66
C LEU A 40 -7.16 -2.43 -10.80
N ASP A 41 -6.80 -2.94 -11.98
CA ASP A 41 -7.68 -2.84 -13.14
C ASP A 41 -8.96 -3.64 -12.94
N ARG A 42 -8.81 -4.92 -12.61
CA ARG A 42 -9.94 -5.81 -12.39
C ARG A 42 -10.74 -5.35 -11.15
N PHE A 43 -10.03 -5.06 -10.07
CA PHE A 43 -10.67 -4.62 -8.84
C PHE A 43 -11.62 -3.47 -9.09
N GLY A 44 -11.14 -2.45 -9.80
CA GLY A 44 -11.96 -1.29 -10.10
C GLY A 44 -11.23 0.02 -9.91
N LEU A 45 -10.00 -0.07 -9.42
CA LEU A 45 -9.18 1.12 -9.19
C LEU A 45 -8.32 1.44 -10.42
N ALA A 46 -7.69 2.60 -10.40
CA ALA A 46 -6.83 3.02 -11.50
C ALA A 46 -5.41 2.50 -11.32
N GLU A 47 -4.62 2.57 -12.39
CA GLU A 47 -3.24 2.09 -12.35
C GLU A 47 -2.28 3.26 -12.16
N SER A 48 -2.70 4.44 -12.61
CA SER A 48 -1.86 5.64 -12.49
C SER A 48 -1.65 6.01 -11.03
N LEU A 49 -2.47 5.42 -10.15
CA LEU A 49 -2.37 5.69 -8.72
C LEU A 49 -1.13 5.05 -8.13
N LEU A 50 -0.53 4.12 -8.86
CA LEU A 50 0.67 3.43 -8.41
C LEU A 50 1.90 4.32 -8.56
N GLU A 51 1.72 5.47 -9.21
CA GLU A 51 2.81 6.40 -9.42
C GLU A 51 2.51 7.76 -8.78
N SER A 52 1.68 7.74 -7.73
CA SER A 52 1.30 8.96 -7.03
C SER A 52 0.98 8.67 -5.57
N LYS A 53 1.62 9.40 -4.67
CA LYS A 53 1.39 9.23 -3.24
C LYS A 53 -0.10 9.29 -2.91
N GLU A 54 -0.76 10.32 -3.42
CA GLU A 54 -2.19 10.49 -3.18
C GLU A 54 -2.98 9.32 -3.74
N GLY A 55 -2.51 8.76 -4.85
CA GLY A 55 -3.18 7.64 -5.47
C GLY A 55 -3.01 6.36 -4.68
N CYS A 56 -1.77 6.02 -4.37
CA CYS A 56 -1.47 4.81 -3.62
C CYS A 56 -2.22 4.79 -2.29
N GLN A 57 -2.40 5.97 -1.71
CA GLN A 57 -3.10 6.10 -0.43
C GLN A 57 -4.56 5.68 -0.57
N LYS A 58 -5.15 6.00 -1.71
CA LYS A 58 -6.55 5.65 -1.97
C LYS A 58 -6.71 4.15 -2.17
N ILE A 59 -5.64 3.50 -2.60
CA ILE A 59 -5.65 2.06 -2.84
C ILE A 59 -5.48 1.29 -1.52
N LEU A 60 -4.55 1.74 -0.70
CA LEU A 60 -4.28 1.10 0.58
C LEU A 60 -5.54 1.06 1.44
N THR A 61 -6.34 2.12 1.36
CA THR A 61 -7.57 2.22 2.13
C THR A 61 -8.57 1.14 1.71
N VAL A 62 -8.45 0.70 0.46
CA VAL A 62 -9.35 -0.32 -0.07
C VAL A 62 -8.87 -1.72 0.30
N LEU A 63 -7.55 -1.94 0.17
CA LEU A 63 -6.96 -3.23 0.49
C LEU A 63 -6.84 -3.41 2.00
N ASP A 64 -6.96 -2.31 2.74
CA ASP A 64 -6.86 -2.35 4.20
C ASP A 64 -7.86 -3.35 4.78
N PRO A 65 -9.16 -3.09 4.53
CA PRO A 65 -10.24 -3.95 5.03
C PRO A 65 -10.27 -5.30 4.32
N MET A 66 -9.53 -5.41 3.22
CA MET A 66 -9.48 -6.65 2.46
C MET A 66 -8.63 -7.69 3.18
N VAL A 67 -7.74 -7.23 4.05
CA VAL A 67 -6.87 -8.12 4.80
C VAL A 67 -7.68 -9.13 5.61
N PRO A 68 -8.56 -8.61 6.49
CA PRO A 68 -9.41 -9.46 7.34
C PRO A 68 -10.49 -10.17 6.54
N THR A 69 -10.50 -9.94 5.22
CA THR A 69 -11.49 -10.57 4.36
C THR A 69 -10.84 -11.08 3.07
N GLY A 70 -9.60 -11.55 3.19
CA GLY A 70 -8.89 -12.06 2.04
C GLY A 70 -7.90 -13.16 2.40
N SER A 71 -7.15 -13.63 1.42
CA SER A 71 -6.16 -14.68 1.64
C SER A 71 -4.76 -14.20 1.28
N GLU A 72 -3.81 -15.13 1.24
CA GLU A 72 -2.42 -14.80 0.92
C GLU A 72 -2.35 -14.04 -0.40
N ASN A 73 -3.11 -14.51 -1.39
CA ASN A 73 -3.12 -13.88 -2.71
C ASN A 73 -3.52 -12.40 -2.60
N LEU A 74 -4.20 -12.06 -1.51
CA LEU A 74 -4.64 -10.68 -1.28
C LEU A 74 -3.62 -9.92 -0.44
N LYS A 75 -3.16 -10.56 0.64
CA LYS A 75 -2.18 -9.94 1.52
C LYS A 75 -0.93 -9.52 0.75
N SER A 76 -0.55 -10.33 -0.24
CA SER A 76 0.63 -10.04 -1.05
C SER A 76 0.53 -8.65 -1.67
N LEU A 77 -0.64 -8.34 -2.22
CA LEU A 77 -0.86 -7.04 -2.86
C LEU A 77 -0.76 -5.91 -1.84
N PHE A 78 -1.45 -6.09 -0.71
CA PHE A 78 -1.44 -5.07 0.35
C PHE A 78 -0.01 -4.77 0.80
N ASN A 79 0.82 -5.81 0.86
CA ASN A 79 2.21 -5.66 1.28
C ASN A 79 3.04 -5.02 0.16
N THR A 80 2.51 -5.05 -1.05
CA THR A 80 3.20 -4.49 -2.20
C THR A 80 2.85 -3.02 -2.39
N VAL A 81 1.59 -2.67 -2.13
CA VAL A 81 1.13 -1.31 -2.27
C VAL A 81 1.73 -0.41 -1.19
N CYS A 82 2.01 -1.00 -0.03
CA CYS A 82 2.60 -0.25 1.08
C CYS A 82 4.02 0.17 0.75
N VAL A 83 4.66 -0.54 -0.16
CA VAL A 83 6.03 -0.24 -0.56
C VAL A 83 6.07 0.88 -1.59
N ILE A 84 5.09 0.87 -2.51
CA ILE A 84 5.02 1.89 -3.55
C ILE A 84 4.76 3.28 -2.95
N TRP A 85 3.77 3.36 -2.07
CA TRP A 85 3.44 4.63 -1.42
C TRP A 85 4.68 5.26 -0.80
N CYS A 86 5.42 4.47 -0.04
CA CYS A 86 6.63 4.95 0.62
C CYS A 86 7.54 5.66 -0.37
N ILE A 87 7.83 5.00 -1.49
CA ILE A 87 8.69 5.58 -2.51
C ILE A 87 8.23 6.98 -2.89
N HIS A 88 6.92 7.18 -2.90
CA HIS A 88 6.35 8.48 -3.25
C HIS A 88 6.42 9.44 -2.07
N ALA A 89 6.29 8.97 -0.82
CA ALA A 89 6.37 9.85 0.33
C ALA A 89 7.81 10.10 0.74
N GLU A 90 8.74 9.66 -0.09
CA GLU A 90 10.16 9.84 0.18
C GLU A 90 10.56 9.11 1.46
N GLU A 91 10.28 7.81 1.51
CA GLU A 91 10.61 7.00 2.68
C GLU A 91 11.61 5.91 2.31
N LYS A 92 12.73 5.88 3.03
CA LYS A 92 13.77 4.89 2.78
C LYS A 92 13.59 3.68 3.68
N VAL A 93 13.51 2.50 3.07
CA VAL A 93 13.33 1.27 3.82
C VAL A 93 14.43 0.26 3.50
N LYS A 94 14.27 -0.97 3.97
CA LYS A 94 15.26 -2.02 3.73
C LYS A 94 14.59 -3.28 3.21
N ASP A 95 13.56 -3.73 3.93
CA ASP A 95 12.83 -4.94 3.54
C ASP A 95 11.33 -4.70 3.58
N THR A 96 10.58 -5.50 2.81
CA THR A 96 9.13 -5.37 2.76
C THR A 96 8.54 -5.19 4.15
N GLU A 97 9.13 -5.88 5.13
CA GLU A 97 8.66 -5.80 6.51
C GLU A 97 8.82 -4.38 7.05
N GLY A 98 10.03 -3.84 6.89
CA GLY A 98 10.30 -2.49 7.38
C GLY A 98 9.42 -1.45 6.73
N ALA A 99 9.11 -1.64 5.45
CA ALA A 99 8.27 -0.71 4.72
C ALA A 99 6.82 -0.78 5.19
N LYS A 100 6.38 -1.98 5.54
CA LYS A 100 5.01 -2.18 6.02
C LYS A 100 4.78 -1.45 7.33
N GLN A 101 5.82 -1.40 8.16
CA GLN A 101 5.72 -0.73 9.45
C GLN A 101 5.60 0.79 9.27
N ILE A 102 6.52 1.36 8.50
CA ILE A 102 6.51 2.79 8.25
C ILE A 102 5.15 3.27 7.80
N VAL A 103 4.48 2.45 6.99
CA VAL A 103 3.15 2.79 6.49
C VAL A 103 2.10 2.63 7.58
N ARG A 104 2.14 1.50 8.27
CA ARG A 104 1.18 1.24 9.35
C ARG A 104 1.17 2.38 10.36
N ARG A 105 2.35 2.74 10.86
CA ARG A 105 2.47 3.82 11.83
C ARG A 105 1.81 5.10 11.31
N HIS A 106 1.97 5.36 10.01
CA HIS A 106 1.39 6.55 9.40
C HIS A 106 -0.13 6.43 9.33
N LEU A 107 -0.70 5.23 9.35
CA LEU A 107 -2.16 5.07 9.28
C LEU A 107 -2.78 5.21 10.67
N VAL A 108 -2.19 4.53 11.65
CA VAL A 108 -2.70 4.58 13.01
C VAL A 108 -2.74 6.01 13.53
N ALA A 109 -1.81 6.83 13.06
CA ALA A 109 -1.74 8.22 13.47
C ALA A 109 -2.93 9.02 12.93
N GLU A 110 -3.35 8.68 11.72
CA GLU A 110 -4.48 9.37 11.10
C GLU A 110 -5.81 8.84 11.64
N THR A 111 -5.80 7.59 12.08
CA THR A 111 -7.00 6.97 12.62
C THR A 111 -7.03 7.06 14.15
N GLY A 112 -6.41 8.11 14.68
CA GLY A 112 -6.37 8.29 16.12
C GLY A 112 -6.80 9.68 16.53
N THR A 113 -7.62 10.32 15.70
CA THR A 113 -8.09 11.67 15.98
C THR A 113 -9.62 11.72 16.00
N ALA A 114 -10.24 10.64 16.48
CA ALA A 114 -11.69 10.57 16.54
C ALA A 114 -12.21 10.91 17.93
N GLU A 115 -11.43 11.72 18.65
CA GLU A 115 -11.81 12.13 20.01
C GLU A 115 -12.42 13.52 20.00
N LYS A 116 -13.08 13.86 18.91
CA LYS A 116 -13.72 15.17 18.78
C LYS A 116 -14.63 15.21 17.56
N MET A 117 -14.20 14.60 16.47
CA MET A 117 -14.98 14.56 15.24
C MET A 117 -15.37 15.97 14.80
N PRO A 118 -14.39 16.74 14.33
CA PRO A 118 -14.60 18.11 13.89
C PRO A 118 -15.40 18.17 12.58
N SER A 119 -15.87 19.37 12.23
CA SER A 119 -16.64 19.55 11.00
C SER A 119 -15.72 19.56 9.78
N THR A 120 -15.45 18.37 9.26
CA THR A 120 -14.59 18.23 8.08
C THR A 120 -15.41 17.89 6.85
N SER A 121 -16.15 16.79 6.92
CA SER A 121 -16.97 16.35 5.80
C SER A 121 -18.20 17.24 5.65
N ARG A 122 -18.36 17.80 4.46
CA ARG A 122 -19.49 18.68 4.18
C ARG A 122 -20.82 17.94 4.39
N PRO A 123 -21.84 18.69 4.84
CA PRO A 123 -23.17 18.13 5.09
C PRO A 123 -23.89 17.73 3.80
N THR A 124 -25.00 17.02 3.93
CA THR A 124 -25.78 16.58 2.78
C THR A 124 -26.29 17.78 1.98
N ALA A 125 -26.21 17.67 0.66
CA ALA A 125 -26.67 18.74 -0.21
C ALA A 125 -28.15 19.05 0.02
N PRO A 126 -28.52 20.33 -0.10
CA PRO A 126 -29.89 20.79 0.10
C PRO A 126 -30.82 20.32 -1.02
N SER A 127 -31.40 19.13 -0.86
CA SER A 127 -32.30 18.58 -1.85
C SER A 127 -33.74 18.98 -1.57
N SER A 128 -34.35 19.70 -2.50
CA SER A 128 -35.72 20.15 -2.34
C SER A 128 -36.68 19.24 -3.09
N GLU A 129 -37.28 18.29 -2.36
CA GLU A 129 -38.22 17.35 -2.96
C GLU A 129 -39.65 17.85 -2.83
N LYS A 130 -40.21 18.33 -3.94
CA LYS A 130 -41.58 18.84 -3.94
C LYS A 130 -42.34 18.32 -5.16
N GLY A 131 -43.37 17.52 -4.92
CA GLY A 131 -44.16 16.99 -6.00
C GLY A 131 -43.87 15.52 -6.27
N GLY A 132 -43.70 15.17 -7.54
CA GLY A 132 -43.41 13.79 -7.90
C GLY A 132 -42.93 13.66 -9.33
N ASN A 133 -43.40 12.63 -10.02
CA ASN A 133 -43.02 12.38 -11.41
C ASN A 133 -43.91 13.18 -12.36
N TYR A 134 -43.40 13.40 -13.57
CA TYR A 134 -44.15 14.14 -14.58
C TYR A 134 -44.39 13.28 -15.82
N GLY A 1 5.38 1.18 -19.84
CA GLY A 1 6.80 1.34 -20.11
C GLY A 1 7.60 0.08 -19.80
N ALA A 2 8.11 -0.57 -20.83
CA ALA A 2 8.89 -1.79 -20.66
C ALA A 2 10.24 -1.67 -21.38
N ARG A 3 11.28 -1.33 -20.62
CA ARG A 3 12.61 -1.19 -21.17
C ARG A 3 13.68 -1.58 -20.15
N ASN A 4 13.60 -0.97 -18.97
CA ASN A 4 14.56 -1.26 -17.91
C ASN A 4 14.01 -0.81 -16.55
N SER A 5 13.61 0.45 -16.47
CA SER A 5 13.07 1.00 -15.24
C SER A 5 12.11 2.14 -15.52
N VAL A 6 10.87 2.00 -15.06
CA VAL A 6 9.84 3.02 -15.27
C VAL A 6 10.19 4.30 -14.52
N LEU A 7 10.52 4.15 -13.24
CA LEU A 7 10.87 5.30 -12.41
C LEU A 7 12.19 5.92 -12.87
N ARG A 8 12.60 6.98 -12.18
CA ARG A 8 13.85 7.66 -12.52
C ARG A 8 15.04 6.73 -12.33
N GLY A 9 16.24 7.26 -12.62
CA GLY A 9 17.44 6.46 -12.49
C GLY A 9 17.79 6.18 -11.03
N LYS A 10 17.96 7.25 -10.25
CA LYS A 10 18.29 7.12 -8.83
C LYS A 10 17.17 6.44 -8.08
N LYS A 11 15.93 6.86 -8.34
CA LYS A 11 14.77 6.29 -7.68
C LYS A 11 14.68 4.78 -7.92
N ALA A 12 14.89 4.38 -9.17
CA ALA A 12 14.83 2.97 -9.54
C ALA A 12 15.74 2.14 -8.64
N ASP A 13 16.93 2.67 -8.36
CA ASP A 13 17.89 1.97 -7.52
C ASP A 13 17.27 1.61 -6.17
N GLU A 14 16.75 2.61 -5.48
CA GLU A 14 16.13 2.40 -4.18
C GLU A 14 15.10 1.27 -4.24
N LEU A 15 14.38 1.20 -5.35
CA LEU A 15 13.36 0.16 -5.54
C LEU A 15 14.00 -1.21 -5.65
N GLU A 16 14.98 -1.33 -6.55
CA GLU A 16 15.68 -2.59 -6.77
C GLU A 16 16.52 -2.96 -5.55
N ARG A 17 16.70 -1.99 -4.65
CA ARG A 17 17.48 -2.22 -3.44
C ARG A 17 16.65 -2.94 -2.38
N ILE A 18 15.39 -2.53 -2.25
CA ILE A 18 14.49 -3.13 -1.27
C ILE A 18 14.30 -4.62 -1.54
N ARG A 19 14.35 -5.42 -0.48
CA ARG A 19 14.19 -6.86 -0.60
C ARG A 19 12.77 -7.28 -0.19
N LEU A 20 12.26 -8.32 -0.83
CA LEU A 20 10.92 -8.83 -0.53
C LEU A 20 10.83 -9.31 0.91
N ARG A 21 11.97 -9.66 1.48
CA ARG A 21 12.02 -10.14 2.86
C ARG A 21 13.26 -9.60 3.57
N PRO A 22 13.21 -9.61 4.91
CA PRO A 22 14.32 -9.13 5.75
C PRO A 22 15.54 -10.05 5.69
N GLY A 23 15.28 -11.35 5.54
CA GLY A 23 16.37 -12.30 5.46
C GLY A 23 16.44 -13.00 4.12
N GLY A 24 15.85 -12.37 3.10
CA GLY A 24 15.85 -12.95 1.77
C GLY A 24 16.87 -12.29 0.86
N LYS A 25 16.85 -12.67 -0.42
CA LYS A 25 17.77 -12.10 -1.39
C LYS A 25 17.03 -11.63 -2.63
N LYS A 26 15.70 -11.67 -2.58
CA LYS A 26 14.87 -11.24 -3.70
C LYS A 26 14.61 -9.73 -3.62
N LYS A 27 14.84 -9.04 -4.74
CA LYS A 27 14.63 -7.60 -4.80
C LYS A 27 13.42 -7.27 -5.66
N TYR A 28 12.75 -6.16 -5.34
CA TYR A 28 11.57 -5.73 -6.08
C TYR A 28 11.92 -5.48 -7.55
N ARG A 29 10.97 -5.81 -8.43
CA ARG A 29 11.17 -5.63 -9.86
C ARG A 29 9.84 -5.37 -10.56
N LEU A 30 9.90 -4.97 -11.82
CA LEU A 30 8.71 -4.69 -12.61
C LEU A 30 7.71 -5.84 -12.51
N LYS A 31 8.23 -7.06 -12.36
CA LYS A 31 7.39 -8.24 -12.25
C LYS A 31 6.33 -8.06 -11.16
N HIS A 32 6.73 -7.44 -10.06
CA HIS A 32 5.82 -7.19 -8.94
C HIS A 32 4.88 -6.03 -9.26
N ILE A 33 5.28 -5.07 -10.07
CA ILE A 33 4.40 -3.93 -10.40
C ILE A 33 3.31 -4.35 -11.37
N VAL A 34 3.68 -5.18 -12.35
CA VAL A 34 2.73 -5.65 -13.35
C VAL A 34 1.56 -6.38 -12.70
N TRP A 35 1.88 -7.26 -11.75
CA TRP A 35 0.84 -8.02 -11.05
C TRP A 35 -0.01 -7.11 -10.19
N ALA A 36 0.61 -6.10 -9.58
CA ALA A 36 -0.10 -5.16 -8.73
C ALA A 36 -1.04 -4.28 -9.55
N ALA A 37 -0.53 -3.74 -10.65
CA ALA A 37 -1.34 -2.90 -11.52
C ALA A 37 -2.48 -3.67 -12.15
N ASN A 38 -2.17 -4.85 -12.69
CA ASN A 38 -3.18 -5.69 -13.32
C ASN A 38 -4.30 -6.01 -12.34
N LYS A 39 -3.95 -6.16 -11.07
CA LYS A 39 -4.94 -6.46 -10.03
C LYS A 39 -5.88 -5.28 -9.81
N LEU A 40 -5.33 -4.07 -9.88
CA LEU A 40 -6.12 -2.86 -9.68
C LEU A 40 -7.20 -2.73 -10.75
N ASP A 41 -6.78 -2.85 -12.01
CA ASP A 41 -7.70 -2.75 -13.13
C ASP A 41 -8.88 -3.70 -12.95
N ARG A 42 -8.58 -4.96 -12.66
CA ARG A 42 -9.61 -5.98 -12.46
C ARG A 42 -10.45 -5.66 -11.22
N PHE A 43 -9.77 -5.45 -10.09
CA PHE A 43 -10.46 -5.15 -8.83
C PHE A 43 -11.45 -4.00 -9.02
N GLY A 44 -11.00 -2.94 -9.68
CA GLY A 44 -11.86 -1.79 -9.90
C GLY A 44 -11.12 -0.47 -9.78
N LEU A 45 -9.87 -0.53 -9.32
CA LEU A 45 -9.06 0.66 -9.16
C LEU A 45 -8.21 0.93 -10.40
N ALA A 46 -7.63 2.11 -10.48
CA ALA A 46 -6.81 2.48 -11.62
C ALA A 46 -5.34 2.14 -11.36
N GLU A 47 -4.51 2.29 -12.39
CA GLU A 47 -3.10 1.99 -12.28
C GLU A 47 -2.28 3.28 -12.10
N SER A 48 -2.85 4.40 -12.52
CA SER A 48 -2.19 5.69 -12.40
C SER A 48 -1.98 6.07 -10.94
N LEU A 49 -2.69 5.38 -10.05
CA LEU A 49 -2.57 5.64 -8.62
C LEU A 49 -1.28 5.07 -8.06
N LEU A 50 -0.61 4.24 -8.85
CA LEU A 50 0.65 3.62 -8.43
C LEU A 50 1.83 4.56 -8.70
N GLU A 51 1.57 5.63 -9.45
CA GLU A 51 2.61 6.59 -9.78
C GLU A 51 2.34 7.92 -9.08
N SER A 52 1.62 7.87 -7.96
CA SER A 52 1.30 9.08 -7.20
C SER A 52 0.99 8.73 -5.75
N LYS A 53 1.66 9.43 -4.83
CA LYS A 53 1.46 9.20 -3.40
C LYS A 53 -0.02 9.35 -3.03
N GLU A 54 -0.63 10.44 -3.46
CA GLU A 54 -2.04 10.69 -3.18
C GLU A 54 -2.91 9.55 -3.67
N GLY A 55 -2.54 8.98 -4.82
CA GLY A 55 -3.31 7.89 -5.38
C GLY A 55 -3.07 6.58 -4.64
N CYS A 56 -1.81 6.25 -4.40
CA CYS A 56 -1.45 5.03 -3.69
C CYS A 56 -2.16 4.95 -2.34
N GLN A 57 -2.37 6.11 -1.72
CA GLN A 57 -3.04 6.17 -0.43
C GLN A 57 -4.50 5.75 -0.54
N LYS A 58 -5.11 6.05 -1.68
CA LYS A 58 -6.51 5.70 -1.92
C LYS A 58 -6.66 4.20 -2.12
N ILE A 59 -5.57 3.54 -2.52
CA ILE A 59 -5.60 2.10 -2.75
C ILE A 59 -5.41 1.34 -1.43
N LEU A 60 -4.46 1.78 -0.62
CA LEU A 60 -4.18 1.14 0.65
C LEU A 60 -5.43 1.13 1.54
N THR A 61 -6.25 2.17 1.42
CA THR A 61 -7.46 2.27 2.20
C THR A 61 -8.47 1.20 1.80
N VAL A 62 -8.38 0.75 0.55
CA VAL A 62 -9.28 -0.28 0.05
C VAL A 62 -8.76 -1.67 0.37
N LEU A 63 -7.46 -1.87 0.18
CA LEU A 63 -6.84 -3.17 0.46
C LEU A 63 -6.65 -3.36 1.96
N ASP A 64 -6.77 -2.28 2.72
CA ASP A 64 -6.61 -2.33 4.16
C ASP A 64 -7.59 -3.31 4.79
N PRO A 65 -8.90 -3.04 4.60
CA PRO A 65 -9.96 -3.89 5.13
C PRO A 65 -10.04 -5.24 4.43
N MET A 66 -9.33 -5.36 3.32
CA MET A 66 -9.31 -6.60 2.55
C MET A 66 -8.51 -7.68 3.26
N VAL A 67 -7.66 -7.25 4.19
CA VAL A 67 -6.83 -8.19 4.95
C VAL A 67 -7.69 -9.16 5.76
N PRO A 68 -8.52 -8.60 6.66
CA PRO A 68 -9.41 -9.40 7.52
C PRO A 68 -10.54 -10.04 6.73
N THR A 69 -10.59 -9.75 5.44
CA THR A 69 -11.62 -10.30 4.57
C THR A 69 -11.06 -10.71 3.21
N GLY A 70 -9.94 -11.44 3.24
CA GLY A 70 -9.31 -11.88 2.01
C GLY A 70 -8.48 -13.13 2.21
N SER A 71 -7.68 -13.47 1.21
CA SER A 71 -6.83 -14.66 1.26
C SER A 71 -5.35 -14.26 1.22
N GLU A 72 -4.49 -15.27 1.07
CA GLU A 72 -3.05 -15.03 1.01
C GLU A 72 -2.69 -14.20 -0.21
N ASN A 73 -3.22 -14.59 -1.37
CA ASN A 73 -2.94 -13.88 -2.62
C ASN A 73 -3.28 -12.40 -2.48
N LEU A 74 -4.18 -12.08 -1.56
CA LEU A 74 -4.59 -10.70 -1.33
C LEU A 74 -3.58 -9.98 -0.44
N LYS A 75 -3.19 -10.63 0.65
CA LYS A 75 -2.24 -10.05 1.59
C LYS A 75 -0.96 -9.63 0.87
N SER A 76 -0.59 -10.37 -0.16
CA SER A 76 0.61 -10.07 -0.94
C SER A 76 0.49 -8.70 -1.60
N LEU A 77 -0.67 -8.42 -2.17
CA LEU A 77 -0.91 -7.14 -2.84
C LEU A 77 -0.82 -5.99 -1.85
N PHE A 78 -1.43 -6.16 -0.69
CA PHE A 78 -1.41 -5.12 0.35
C PHE A 78 0.01 -4.84 0.81
N ASN A 79 0.84 -5.87 0.79
CA ASN A 79 2.23 -5.73 1.21
C ASN A 79 3.07 -5.07 0.12
N THR A 80 2.55 -5.08 -1.11
CA THR A 80 3.25 -4.48 -2.24
C THR A 80 2.89 -3.01 -2.40
N VAL A 81 1.63 -2.68 -2.11
CA VAL A 81 1.16 -1.31 -2.22
C VAL A 81 1.76 -0.43 -1.11
N CYS A 82 2.06 -1.05 0.03
CA CYS A 82 2.62 -0.34 1.16
C CYS A 82 4.07 0.09 0.86
N VAL A 83 4.69 -0.58 -0.09
CA VAL A 83 6.07 -0.27 -0.48
C VAL A 83 6.11 0.84 -1.52
N ILE A 84 5.13 0.82 -2.43
CA ILE A 84 5.05 1.84 -3.47
C ILE A 84 4.79 3.22 -2.89
N TRP A 85 3.80 3.31 -2.02
CA TRP A 85 3.45 4.57 -1.38
C TRP A 85 4.67 5.22 -0.75
N CYS A 86 5.43 4.43 0.01
CA CYS A 86 6.63 4.93 0.68
C CYS A 86 7.54 5.65 -0.32
N ILE A 87 7.89 4.96 -1.40
CA ILE A 87 8.76 5.53 -2.42
C ILE A 87 8.30 6.94 -2.81
N HIS A 88 6.99 7.15 -2.79
CA HIS A 88 6.42 8.45 -3.14
C HIS A 88 6.45 9.39 -1.94
N ALA A 89 6.30 8.90 -0.70
CA ALA A 89 6.31 9.75 0.47
C ALA A 89 7.74 9.98 0.96
N GLU A 90 8.71 9.74 0.08
CA GLU A 90 10.12 9.92 0.43
C GLU A 90 10.49 9.06 1.64
N GLU A 91 10.21 7.76 1.55
CA GLU A 91 10.53 6.83 2.63
C GLU A 91 11.42 5.70 2.14
N LYS A 92 12.53 5.48 2.85
CA LYS A 92 13.47 4.43 2.49
C LYS A 92 13.34 3.24 3.43
N VAL A 93 13.16 2.05 2.86
CA VAL A 93 13.03 0.83 3.65
C VAL A 93 14.04 -0.22 3.20
N LYS A 94 14.66 -0.88 4.18
CA LYS A 94 15.65 -1.92 3.89
C LYS A 94 14.97 -3.18 3.33
N ASP A 95 13.93 -3.64 4.02
CA ASP A 95 13.20 -4.82 3.59
C ASP A 95 11.70 -4.56 3.60
N THR A 96 10.97 -5.31 2.78
CA THR A 96 9.52 -5.16 2.69
C THR A 96 8.88 -5.12 4.07
N GLU A 97 9.17 -6.12 4.89
CA GLU A 97 8.63 -6.19 6.24
C GLU A 97 8.84 -4.87 6.98
N GLY A 98 9.93 -4.19 6.65
CA GLY A 98 10.24 -2.92 7.29
C GLY A 98 9.34 -1.80 6.83
N ALA A 99 8.94 -1.85 5.56
CA ALA A 99 8.07 -0.83 4.97
C ALA A 99 6.66 -0.93 5.54
N LYS A 100 6.26 -2.14 5.90
CA LYS A 100 4.93 -2.39 6.45
C LYS A 100 4.80 -1.77 7.84
N GLN A 101 5.90 -1.79 8.60
CA GLN A 101 5.90 -1.23 9.94
C GLN A 101 5.81 0.29 9.91
N ILE A 102 6.35 0.88 8.85
CA ILE A 102 6.32 2.33 8.69
C ILE A 102 4.95 2.81 8.22
N VAL A 103 4.37 2.10 7.27
CA VAL A 103 3.07 2.45 6.73
C VAL A 103 1.97 2.22 7.76
N ARG A 104 2.02 1.08 8.43
CA ARG A 104 1.03 0.75 9.45
C ARG A 104 0.97 1.83 10.53
N ARG A 105 2.12 2.13 11.12
CA ARG A 105 2.20 3.15 12.16
C ARG A 105 1.62 4.47 11.66
N HIS A 106 2.07 4.90 10.49
CA HIS A 106 1.60 6.15 9.91
C HIS A 106 0.08 6.16 9.79
N LEU A 107 -0.58 5.02 9.62
CA LEU A 107 -2.03 4.98 9.51
C LEU A 107 -2.69 5.18 10.86
N VAL A 108 -2.23 4.44 11.86
CA VAL A 108 -2.78 4.53 13.20
C VAL A 108 -2.64 5.95 13.76
N ALA A 109 -1.65 6.67 13.25
CA ALA A 109 -1.40 8.04 13.68
C ALA A 109 -2.48 8.99 13.16
N GLU A 110 -2.96 8.72 11.94
CA GLU A 110 -3.99 9.55 11.33
C GLU A 110 -5.38 9.09 11.77
N THR A 111 -5.50 7.81 12.09
CA THR A 111 -6.77 7.24 12.53
C THR A 111 -7.32 7.98 13.74
N GLY A 112 -6.42 8.60 14.51
CA GLY A 112 -6.84 9.33 15.69
C GLY A 112 -7.08 10.80 15.41
N THR A 113 -7.30 11.12 14.14
CA THR A 113 -7.55 12.50 13.73
C THR A 113 -8.44 12.56 12.50
N ALA A 114 -9.44 11.68 12.45
CA ALA A 114 -10.37 11.64 11.32
C ALA A 114 -11.76 11.23 11.78
N GLU A 115 -11.83 10.22 12.64
CA GLU A 115 -13.10 9.73 13.16
C GLU A 115 -13.39 10.30 14.54
N LYS A 116 -12.89 11.52 14.80
CA LYS A 116 -13.09 12.17 16.08
C LYS A 116 -14.52 12.68 16.22
N MET A 117 -15.16 12.95 15.09
CA MET A 117 -16.53 13.44 15.08
C MET A 117 -17.50 12.29 15.31
N PRO A 118 -18.60 12.59 16.04
CA PRO A 118 -19.63 11.60 16.36
C PRO A 118 -20.44 11.20 15.12
N SER A 119 -20.08 10.06 14.54
CA SER A 119 -20.77 9.56 13.35
C SER A 119 -20.24 8.20 12.94
N THR A 120 -20.93 7.15 13.35
CA THR A 120 -20.53 5.79 13.03
C THR A 120 -21.47 5.17 11.99
N SER A 121 -20.98 4.13 11.31
CA SER A 121 -21.77 3.44 10.29
C SER A 121 -22.51 2.25 10.89
N ARG A 122 -23.46 1.71 10.12
CA ARG A 122 -24.24 0.57 10.58
C ARG A 122 -23.34 -0.65 10.78
N PRO A 123 -23.70 -1.50 11.75
CA PRO A 123 -22.94 -2.71 12.07
C PRO A 123 -23.07 -3.77 10.98
N THR A 124 -22.27 -4.84 11.09
CA THR A 124 -22.30 -5.92 10.12
C THR A 124 -23.62 -6.69 10.19
N ALA A 125 -23.97 -7.33 9.08
CA ALA A 125 -25.21 -8.10 9.02
C ALA A 125 -25.10 -9.21 7.98
N PRO A 126 -24.46 -10.33 8.36
CA PRO A 126 -24.29 -11.48 7.48
C PRO A 126 -25.59 -12.21 7.20
N SER A 127 -25.78 -12.64 5.97
CA SER A 127 -26.99 -13.36 5.57
C SER A 127 -27.23 -14.56 6.47
N SER A 128 -28.49 -14.77 6.85
CA SER A 128 -28.86 -15.88 7.72
C SER A 128 -30.32 -16.27 7.51
N GLU A 129 -30.68 -17.46 8.00
CA GLU A 129 -32.04 -17.95 7.87
C GLU A 129 -33.04 -17.02 8.56
N LYS A 130 -34.32 -17.33 8.42
CA LYS A 130 -35.37 -16.52 9.02
C LYS A 130 -36.34 -17.40 9.82
N GLY A 131 -37.40 -16.78 10.33
CA GLY A 131 -38.38 -17.52 11.10
C GLY A 131 -39.43 -18.17 10.22
N GLY A 132 -40.67 -17.69 10.33
CA GLY A 132 -41.76 -18.24 9.53
C GLY A 132 -43.03 -18.41 10.33
N ASN A 133 -44.17 -18.15 9.68
CA ASN A 133 -45.46 -18.27 10.34
C ASN A 133 -46.09 -19.63 10.07
N TYR A 134 -46.10 -20.48 11.10
CA TYR A 134 -46.66 -21.82 10.97
C TYR A 134 -48.13 -21.75 10.57
N GLY A 1 8.26 0.61 -18.93
CA GLY A 1 9.41 0.36 -19.78
C GLY A 1 9.92 1.62 -20.46
N ALA A 2 11.24 1.82 -20.42
CA ALA A 2 11.85 2.99 -21.04
C ALA A 2 13.37 2.90 -21.00
N ARG A 3 13.91 2.60 -19.83
CA ARG A 3 15.35 2.49 -19.66
C ARG A 3 15.70 1.97 -18.27
N ASN A 4 15.97 0.67 -18.18
CA ASN A 4 16.31 0.05 -16.89
C ASN A 4 15.10 0.02 -15.96
N SER A 5 14.75 1.17 -15.40
CA SER A 5 13.62 1.26 -14.49
C SER A 5 12.67 2.37 -14.93
N VAL A 6 11.41 2.27 -14.51
CA VAL A 6 10.39 3.26 -14.86
C VAL A 6 10.70 4.59 -14.20
N LEU A 7 11.01 4.55 -12.89
CA LEU A 7 11.32 5.76 -12.15
C LEU A 7 12.70 6.30 -12.53
N ARG A 8 13.07 7.43 -11.93
CA ARG A 8 14.36 8.05 -12.20
C ARG A 8 15.51 7.07 -11.93
N GLY A 9 16.73 7.52 -12.19
CA GLY A 9 17.88 6.67 -11.97
C GLY A 9 18.24 6.56 -10.50
N LYS A 10 18.57 7.68 -9.87
CA LYS A 10 18.93 7.68 -8.47
C LYS A 10 17.85 7.03 -7.61
N LYS A 11 16.60 7.22 -8.02
CA LYS A 11 15.47 6.64 -7.30
C LYS A 11 15.35 5.15 -7.58
N ALA A 12 15.64 4.76 -8.82
CA ALA A 12 15.57 3.36 -9.22
C ALA A 12 16.38 2.48 -8.27
N ASP A 13 17.52 3.00 -7.82
CA ASP A 13 18.39 2.25 -6.91
C ASP A 13 17.64 1.88 -5.63
N GLU A 14 17.22 2.89 -4.88
CA GLU A 14 16.49 2.66 -3.63
C GLU A 14 15.38 1.65 -3.83
N LEU A 15 14.79 1.65 -5.02
CA LEU A 15 13.70 0.72 -5.35
C LEU A 15 14.23 -0.71 -5.45
N GLU A 16 15.26 -0.90 -6.26
CA GLU A 16 15.86 -2.22 -6.45
C GLU A 16 16.64 -2.64 -5.21
N ARG A 17 16.81 -1.72 -4.28
CA ARG A 17 17.53 -2.00 -3.05
C ARG A 17 16.65 -2.74 -2.04
N ILE A 18 15.36 -2.40 -2.06
CA ILE A 18 14.40 -3.02 -1.14
C ILE A 18 14.26 -4.52 -1.43
N ARG A 19 14.42 -5.33 -0.40
CA ARG A 19 14.31 -6.78 -0.54
C ARG A 19 12.87 -7.25 -0.30
N LEU A 20 12.42 -8.20 -1.10
CA LEU A 20 11.06 -8.72 -0.98
C LEU A 20 10.82 -9.26 0.43
N ARG A 21 11.87 -9.75 1.06
CA ARG A 21 11.77 -10.28 2.42
C ARG A 21 12.95 -9.82 3.28
N PRO A 22 12.77 -9.89 4.60
CA PRO A 22 13.80 -9.48 5.56
C PRO A 22 14.99 -10.43 5.57
N GLY A 23 14.72 -11.71 5.33
CA GLY A 23 15.78 -12.70 5.32
C GLY A 23 15.97 -13.33 3.95
N GLY A 24 15.48 -12.66 2.92
CA GLY A 24 15.60 -13.17 1.57
C GLY A 24 16.77 -12.55 0.83
N LYS A 25 16.84 -12.80 -0.47
CA LYS A 25 17.92 -12.27 -1.30
C LYS A 25 17.36 -11.68 -2.60
N LYS A 26 16.05 -11.59 -2.69
CA LYS A 26 15.40 -11.04 -3.88
C LYS A 26 14.98 -9.59 -3.65
N LYS A 27 15.07 -8.78 -4.71
CA LYS A 27 14.70 -7.38 -4.63
C LYS A 27 13.52 -7.07 -5.55
N TYR A 28 12.89 -5.92 -5.33
CA TYR A 28 11.74 -5.51 -6.13
C TYR A 28 12.16 -5.28 -7.58
N ARG A 29 11.24 -5.57 -8.50
CA ARG A 29 11.50 -5.39 -9.93
C ARG A 29 10.21 -5.11 -10.68
N LEU A 30 10.34 -4.74 -11.96
CA LEU A 30 9.18 -4.44 -12.79
C LEU A 30 8.15 -5.57 -12.73
N LYS A 31 8.63 -6.80 -12.58
CA LYS A 31 7.76 -7.95 -12.50
C LYS A 31 6.68 -7.75 -11.44
N HIS A 32 7.10 -7.27 -10.27
CA HIS A 32 6.17 -7.03 -9.16
C HIS A 32 5.21 -5.89 -9.51
N ILE A 33 5.60 -4.93 -10.33
CA ILE A 33 4.73 -3.81 -10.68
C ILE A 33 3.60 -4.28 -11.60
N VAL A 34 3.92 -5.20 -12.50
CA VAL A 34 2.94 -5.73 -13.44
C VAL A 34 1.85 -6.50 -12.71
N TRP A 35 2.26 -7.45 -11.87
CA TRP A 35 1.32 -8.26 -11.11
C TRP A 35 0.46 -7.40 -10.20
N ALA A 36 1.01 -6.25 -9.79
CA ALA A 36 0.29 -5.34 -8.91
C ALA A 36 -0.79 -4.58 -9.68
N ALA A 37 -0.41 -4.01 -10.82
CA ALA A 37 -1.34 -3.25 -11.65
C ALA A 37 -2.43 -4.16 -12.21
N ASN A 38 -2.03 -5.37 -12.62
CA ASN A 38 -2.97 -6.34 -13.18
C ASN A 38 -4.15 -6.54 -12.25
N LYS A 39 -3.90 -6.46 -10.94
CA LYS A 39 -4.94 -6.64 -9.94
C LYS A 39 -5.85 -5.42 -9.86
N LEU A 40 -5.27 -4.24 -10.07
CA LEU A 40 -6.03 -2.99 -10.04
C LEU A 40 -7.10 -2.97 -11.13
N ASP A 41 -6.67 -3.15 -12.38
CA ASP A 41 -7.59 -3.16 -13.50
C ASP A 41 -8.75 -4.12 -13.26
N ARG A 42 -8.41 -5.35 -12.84
CA ARG A 42 -9.41 -6.37 -12.57
C ARG A 42 -10.32 -5.95 -11.42
N PHE A 43 -9.72 -5.70 -10.26
CA PHE A 43 -10.47 -5.29 -9.08
C PHE A 43 -11.42 -4.14 -9.41
N GLY A 44 -10.91 -3.14 -10.11
CA GLY A 44 -11.73 -2.00 -10.48
C GLY A 44 -10.96 -0.69 -10.41
N LEU A 45 -9.76 -0.74 -9.86
CA LEU A 45 -8.91 0.45 -9.73
C LEU A 45 -8.04 0.63 -10.97
N ALA A 46 -7.46 1.82 -11.11
CA ALA A 46 -6.60 2.13 -12.23
C ALA A 46 -5.13 1.98 -11.86
N GLU A 47 -4.27 1.95 -12.88
CA GLU A 47 -2.83 1.81 -12.65
C GLU A 47 -2.19 3.17 -12.40
N SER A 48 -2.93 4.24 -12.72
CA SER A 48 -2.42 5.59 -12.54
C SER A 48 -2.29 5.92 -11.06
N LEU A 49 -2.87 5.07 -10.21
CA LEU A 49 -2.82 5.28 -8.77
C LEU A 49 -1.55 4.68 -8.18
N LEU A 50 -0.68 4.15 -9.04
CA LEU A 50 0.57 3.55 -8.62
C LEU A 50 1.72 4.55 -8.71
N GLU A 51 1.47 5.66 -9.40
CA GLU A 51 2.48 6.70 -9.57
C GLU A 51 2.07 7.99 -8.85
N SER A 52 1.32 7.84 -7.77
CA SER A 52 0.85 8.99 -7.00
C SER A 52 0.69 8.62 -5.53
N LYS A 53 1.39 9.35 -4.66
CA LYS A 53 1.33 9.11 -3.22
C LYS A 53 -0.12 9.14 -2.74
N GLU A 54 -0.85 10.18 -3.14
CA GLU A 54 -2.25 10.32 -2.74
C GLU A 54 -3.11 9.23 -3.36
N GLY A 55 -2.67 8.72 -4.50
CA GLY A 55 -3.42 7.67 -5.18
C GLY A 55 -3.27 6.32 -4.50
N CYS A 56 -2.03 5.92 -4.25
CA CYS A 56 -1.76 4.64 -3.61
C CYS A 56 -2.43 4.57 -2.23
N GLN A 57 -2.66 5.73 -1.63
CA GLN A 57 -3.29 5.80 -0.32
C GLN A 57 -4.76 5.38 -0.40
N LYS A 58 -5.36 5.61 -1.56
CA LYS A 58 -6.76 5.26 -1.77
C LYS A 58 -6.93 3.74 -1.89
N ILE A 59 -5.84 3.05 -2.20
CA ILE A 59 -5.87 1.61 -2.35
C ILE A 59 -5.63 0.91 -1.02
N LEU A 60 -4.68 1.43 -0.24
CA LEU A 60 -4.37 0.86 1.06
C LEU A 60 -5.56 0.98 2.01
N THR A 61 -6.37 2.02 1.82
CA THR A 61 -7.53 2.23 2.66
C THR A 61 -8.56 1.13 2.46
N VAL A 62 -8.58 0.55 1.26
CA VAL A 62 -9.52 -0.52 0.94
C VAL A 62 -8.95 -1.88 1.30
N LEU A 63 -7.66 -2.07 1.03
CA LEU A 63 -6.98 -3.33 1.32
C LEU A 63 -6.74 -3.47 2.82
N ASP A 64 -6.69 -2.35 3.52
CA ASP A 64 -6.48 -2.36 4.96
C ASP A 64 -7.48 -3.26 5.66
N PRO A 65 -8.77 -2.91 5.54
CA PRO A 65 -9.86 -3.67 6.15
C PRO A 65 -10.07 -5.03 5.49
N MET A 66 -9.38 -5.25 4.37
CA MET A 66 -9.47 -6.51 3.64
C MET A 66 -8.43 -7.51 4.13
N VAL A 67 -7.40 -6.99 4.79
CA VAL A 67 -6.32 -7.85 5.30
C VAL A 67 -6.86 -8.80 6.37
N PRO A 68 -7.43 -8.23 7.44
CA PRO A 68 -7.98 -9.01 8.55
C PRO A 68 -9.25 -9.77 8.15
N THR A 69 -9.65 -9.61 6.90
CA THR A 69 -10.85 -10.28 6.39
C THR A 69 -10.80 -10.41 4.87
N GLY A 70 -9.79 -11.10 4.37
CA GLY A 70 -9.66 -11.29 2.94
C GLY A 70 -8.81 -12.49 2.59
N SER A 71 -8.65 -12.75 1.29
CA SER A 71 -7.86 -13.89 0.82
C SER A 71 -6.39 -13.52 0.72
N GLU A 72 -5.56 -14.51 0.43
CA GLU A 72 -4.12 -14.30 0.30
C GLU A 72 -3.81 -13.41 -0.91
N ASN A 73 -4.62 -13.55 -1.96
CA ASN A 73 -4.43 -12.77 -3.18
C ASN A 73 -4.40 -11.28 -2.86
N LEU A 74 -5.04 -10.89 -1.76
CA LEU A 74 -5.09 -9.49 -1.36
C LEU A 74 -3.84 -9.11 -0.57
N LYS A 75 -3.45 -9.99 0.35
CA LYS A 75 -2.26 -9.75 1.18
C LYS A 75 -1.04 -9.52 0.31
N SER A 76 -0.97 -10.22 -0.82
CA SER A 76 0.15 -10.09 -1.74
C SER A 76 0.25 -8.66 -2.29
N LEU A 77 -0.88 -8.15 -2.76
CA LEU A 77 -0.93 -6.80 -3.31
C LEU A 77 -0.77 -5.75 -2.22
N PHE A 78 -1.34 -6.04 -1.05
CA PHE A 78 -1.25 -5.12 0.09
C PHE A 78 0.20 -4.82 0.43
N ASN A 79 1.05 -5.84 0.40
CA ASN A 79 2.46 -5.69 0.72
C ASN A 79 3.17 -4.87 -0.37
N THR A 80 2.77 -5.08 -1.61
CA THR A 80 3.36 -4.37 -2.74
C THR A 80 2.94 -2.91 -2.75
N VAL A 81 1.68 -2.65 -2.39
CA VAL A 81 1.14 -1.30 -2.35
C VAL A 81 1.80 -0.48 -1.24
N CYS A 82 2.15 -1.15 -0.15
CA CYS A 82 2.78 -0.49 0.99
C CYS A 82 4.14 0.08 0.59
N VAL A 83 4.81 -0.59 -0.35
CA VAL A 83 6.12 -0.16 -0.81
C VAL A 83 5.99 0.96 -1.85
N ILE A 84 5.25 0.70 -2.91
CA ILE A 84 5.05 1.68 -3.97
C ILE A 84 4.75 3.06 -3.38
N TRP A 85 3.96 3.09 -2.32
CA TRP A 85 3.60 4.34 -1.66
C TRP A 85 4.82 4.99 -1.03
N CYS A 86 5.59 4.20 -0.28
CA CYS A 86 6.78 4.71 0.39
C CYS A 86 7.69 5.43 -0.61
N ILE A 87 7.94 4.79 -1.74
CA ILE A 87 8.80 5.37 -2.77
C ILE A 87 8.37 6.79 -3.11
N HIS A 88 7.07 7.05 -3.03
CA HIS A 88 6.53 8.37 -3.32
C HIS A 88 6.65 9.29 -2.10
N ALA A 89 6.47 8.78 -0.88
CA ALA A 89 6.58 9.62 0.31
C ALA A 89 8.03 9.77 0.74
N GLU A 90 8.94 9.34 -0.12
CA GLU A 90 10.38 9.42 0.17
C GLU A 90 10.75 8.49 1.32
N GLU A 91 9.83 7.59 1.67
CA GLU A 91 10.07 6.65 2.76
C GLU A 91 11.10 5.59 2.34
N LYS A 92 12.15 5.45 3.14
CA LYS A 92 13.20 4.48 2.87
C LYS A 92 13.05 3.26 3.76
N VAL A 93 13.18 2.08 3.16
CA VAL A 93 13.07 0.82 3.91
C VAL A 93 14.14 -0.17 3.47
N LYS A 94 14.36 -1.19 4.30
CA LYS A 94 15.36 -2.21 4.00
C LYS A 94 14.71 -3.42 3.35
N ASP A 95 13.58 -3.86 3.91
CA ASP A 95 12.87 -5.01 3.38
C ASP A 95 11.37 -4.73 3.30
N THR A 96 10.66 -5.54 2.53
CA THR A 96 9.22 -5.38 2.36
C THR A 96 8.53 -5.19 3.71
N GLU A 97 8.76 -6.13 4.62
CA GLU A 97 8.17 -6.06 5.94
C GLU A 97 8.41 -4.70 6.59
N GLY A 98 9.57 -4.11 6.28
CA GLY A 98 9.90 -2.81 6.84
C GLY A 98 8.97 -1.71 6.35
N ALA A 99 8.57 -1.79 5.09
CA ALA A 99 7.68 -0.80 4.50
C ALA A 99 6.25 -1.01 4.98
N LYS A 100 5.96 -2.21 5.48
CA LYS A 100 4.62 -2.53 5.96
C LYS A 100 4.40 -1.96 7.36
N GLN A 101 5.49 -1.81 8.11
CA GLN A 101 5.41 -1.27 9.46
C GLN A 101 5.38 0.25 9.45
N ILE A 102 6.03 0.83 8.45
CA ILE A 102 6.08 2.29 8.33
C ILE A 102 4.77 2.84 7.77
N VAL A 103 4.22 2.13 6.78
CA VAL A 103 2.96 2.54 6.15
C VAL A 103 1.79 2.37 7.11
N ARG A 104 1.76 1.24 7.81
CA ARG A 104 0.69 0.95 8.76
C ARG A 104 0.51 2.10 9.74
N ARG A 105 1.61 2.55 10.33
CA ARG A 105 1.57 3.64 11.30
C ARG A 105 0.88 4.88 10.69
N HIS A 106 1.12 5.11 9.41
CA HIS A 106 0.52 6.24 8.71
C HIS A 106 -0.94 5.97 8.39
N LEU A 107 -1.41 4.72 8.42
CA LEU A 107 -2.81 4.42 8.12
C LEU A 107 -3.66 4.47 9.38
N VAL A 108 -3.16 3.85 10.45
CA VAL A 108 -3.88 3.83 11.73
C VAL A 108 -4.07 5.24 12.27
N ALA A 109 -3.14 6.13 11.92
CA ALA A 109 -3.21 7.52 12.37
C ALA A 109 -4.35 8.27 11.69
N GLU A 110 -4.68 7.84 10.47
CA GLU A 110 -5.76 8.47 9.71
C GLU A 110 -7.09 7.79 9.98
N THR A 111 -7.03 6.50 10.32
CA THR A 111 -8.23 5.73 10.61
C THR A 111 -9.05 6.38 11.72
N GLY A 112 -8.37 7.05 12.63
CA GLY A 112 -9.06 7.71 13.73
C GLY A 112 -9.95 8.84 13.26
N THR A 113 -9.58 9.46 12.14
CA THR A 113 -10.35 10.57 11.58
C THR A 113 -10.86 10.24 10.19
N ALA A 114 -11.26 8.99 9.98
CA ALA A 114 -11.77 8.55 8.70
C ALA A 114 -12.29 7.12 8.77
N GLU A 115 -13.06 6.83 9.80
CA GLU A 115 -13.63 5.50 9.99
C GLU A 115 -15.04 5.57 10.55
N LYS A 116 -15.90 6.32 9.87
CA LYS A 116 -17.29 6.48 10.30
C LYS A 116 -18.23 5.74 9.35
N MET A 117 -17.82 5.60 8.10
CA MET A 117 -18.63 4.92 7.10
C MET A 117 -18.46 3.41 7.20
N PRO A 118 -19.55 2.68 6.90
CA PRO A 118 -19.55 1.21 6.95
C PRO A 118 -18.70 0.59 5.85
N SER A 119 -18.71 -0.74 5.78
CA SER A 119 -17.93 -1.46 4.78
C SER A 119 -18.84 -2.31 3.89
N THR A 120 -18.27 -2.84 2.81
CA THR A 120 -19.04 -3.67 1.88
C THR A 120 -18.48 -5.10 1.84
N SER A 121 -19.31 -6.06 2.20
CA SER A 121 -18.90 -7.46 2.21
C SER A 121 -19.95 -8.34 1.52
N ARG A 122 -19.48 -9.22 0.64
CA ARG A 122 -20.38 -10.12 -0.09
C ARG A 122 -19.97 -11.57 0.12
N PRO A 123 -20.97 -12.47 0.12
CA PRO A 123 -20.74 -13.90 0.31
C PRO A 123 -20.04 -14.53 -0.89
N THR A 124 -19.66 -15.81 -0.74
CA THR A 124 -18.98 -16.52 -1.81
C THR A 124 -19.17 -18.03 -1.66
N ALA A 125 -19.26 -18.73 -2.79
CA ALA A 125 -19.44 -20.17 -2.78
C ALA A 125 -18.16 -20.88 -2.35
N PRO A 126 -18.30 -22.13 -1.89
CA PRO A 126 -17.17 -22.94 -1.44
C PRO A 126 -16.26 -23.37 -2.58
N SER A 127 -14.98 -23.55 -2.28
CA SER A 127 -14.00 -23.95 -3.30
C SER A 127 -13.98 -25.47 -3.45
N SER A 128 -13.50 -25.93 -4.60
CA SER A 128 -13.42 -27.36 -4.87
C SER A 128 -12.07 -27.93 -4.45
N GLU A 129 -12.09 -29.13 -3.88
CA GLU A 129 -10.86 -29.78 -3.43
C GLU A 129 -11.12 -31.22 -3.02
N LYS A 130 -10.60 -32.16 -3.78
CA LYS A 130 -10.79 -33.57 -3.50
C LYS A 130 -9.67 -34.41 -4.11
N GLY A 131 -9.10 -35.31 -3.32
CA GLY A 131 -8.02 -36.15 -3.81
C GLY A 131 -7.20 -36.75 -2.68
N GLY A 132 -7.61 -37.94 -2.23
CA GLY A 132 -6.88 -38.60 -1.16
C GLY A 132 -7.77 -39.57 -0.39
N ASN A 133 -7.57 -40.86 -0.62
CA ASN A 133 -8.35 -41.90 0.04
C ASN A 133 -7.45 -42.94 0.68
N TYR A 134 -8.05 -43.91 1.36
CA TYR A 134 -7.30 -44.98 2.01
C TYR A 134 -7.13 -46.16 1.08
N GLY A 1 6.80 2.06 -20.03
CA GLY A 1 7.30 1.67 -21.34
C GLY A 1 8.44 2.55 -21.82
N ALA A 2 9.46 2.71 -20.98
CA ALA A 2 10.60 3.53 -21.33
C ALA A 2 11.78 3.25 -20.40
N ARG A 3 12.95 3.01 -20.99
CA ARG A 3 14.15 2.73 -20.21
C ARG A 3 13.98 1.46 -19.38
N ASN A 4 14.97 1.15 -18.57
CA ASN A 4 14.93 -0.04 -17.73
C ASN A 4 13.84 0.09 -16.67
N SER A 5 13.93 1.14 -15.85
CA SER A 5 12.97 1.38 -14.79
C SER A 5 12.02 2.51 -15.16
N VAL A 6 10.85 2.54 -14.53
CA VAL A 6 9.87 3.58 -14.78
C VAL A 6 10.26 4.89 -14.12
N LEU A 7 10.67 4.80 -12.85
CA LEU A 7 11.07 5.99 -12.10
C LEU A 7 12.45 6.45 -12.51
N ARG A 8 12.91 7.55 -11.91
CA ARG A 8 14.22 8.10 -12.22
C ARG A 8 15.32 7.09 -11.92
N GLY A 9 16.54 7.40 -12.35
CA GLY A 9 17.66 6.51 -12.12
C GLY A 9 18.02 6.40 -10.65
N LYS A 10 18.24 7.54 -10.02
CA LYS A 10 18.60 7.57 -8.60
C LYS A 10 17.55 6.86 -7.76
N LYS A 11 16.30 7.23 -7.96
CA LYS A 11 15.19 6.62 -7.22
C LYS A 11 15.09 5.13 -7.53
N ALA A 12 15.35 4.76 -8.78
CA ALA A 12 15.29 3.37 -9.19
C ALA A 12 16.21 2.50 -8.33
N ASP A 13 17.31 3.08 -7.88
CA ASP A 13 18.26 2.35 -7.05
C ASP A 13 17.61 1.89 -5.75
N GLU A 14 17.16 2.84 -4.94
CA GLU A 14 16.52 2.52 -3.67
C GLU A 14 15.38 1.54 -3.87
N LEU A 15 14.74 1.60 -5.03
CA LEU A 15 13.63 0.71 -5.35
C LEU A 15 14.13 -0.71 -5.60
N GLU A 16 15.15 -0.83 -6.44
CA GLU A 16 15.72 -2.14 -6.77
C GLU A 16 16.52 -2.68 -5.59
N ARG A 17 16.74 -1.84 -4.57
CA ARG A 17 17.49 -2.24 -3.40
C ARG A 17 16.58 -2.93 -2.37
N ILE A 18 15.36 -2.42 -2.24
CA ILE A 18 14.39 -2.97 -1.31
C ILE A 18 14.25 -4.48 -1.49
N ARG A 19 14.44 -5.23 -0.42
CA ARG A 19 14.33 -6.69 -0.47
C ARG A 19 12.88 -7.13 -0.34
N LEU A 20 12.47 -8.06 -1.19
CA LEU A 20 11.11 -8.57 -1.17
C LEU A 20 10.75 -9.14 0.20
N ARG A 21 11.74 -9.73 0.86
CA ARG A 21 11.53 -10.30 2.19
C ARG A 21 12.63 -9.86 3.15
N PRO A 22 12.35 -9.98 4.46
CA PRO A 22 13.31 -9.61 5.50
C PRO A 22 14.50 -10.56 5.58
N GLY A 23 14.26 -11.82 5.27
CA GLY A 23 15.32 -12.81 5.30
C GLY A 23 15.81 -13.18 3.91
N GLY A 24 14.91 -13.23 2.95
CA GLY A 24 15.27 -13.56 1.59
C GLY A 24 16.36 -12.65 1.04
N LYS A 25 16.75 -12.88 -0.21
CA LYS A 25 17.78 -12.08 -0.85
C LYS A 25 17.28 -11.50 -2.17
N LYS A 26 15.97 -11.57 -2.38
CA LYS A 26 15.36 -11.05 -3.60
C LYS A 26 15.01 -9.57 -3.45
N LYS A 27 14.97 -8.87 -4.57
CA LYS A 27 14.65 -7.44 -4.56
C LYS A 27 13.43 -7.17 -5.44
N TYR A 28 12.86 -5.98 -5.29
CA TYR A 28 11.69 -5.58 -6.06
C TYR A 28 12.05 -5.39 -7.53
N ARG A 29 11.12 -5.71 -8.41
CA ARG A 29 11.34 -5.57 -9.85
C ARG A 29 10.03 -5.25 -10.57
N LEU A 30 10.14 -4.86 -11.83
CA LEU A 30 8.97 -4.53 -12.64
C LEU A 30 7.92 -5.63 -12.56
N LYS A 31 8.38 -6.87 -12.43
CA LYS A 31 7.49 -8.03 -12.34
C LYS A 31 6.41 -7.79 -11.28
N HIS A 32 6.84 -7.37 -10.09
CA HIS A 32 5.92 -7.12 -9.00
C HIS A 32 5.00 -5.94 -9.32
N ILE A 33 5.41 -4.99 -10.17
CA ILE A 33 4.57 -3.86 -10.51
C ILE A 33 3.42 -4.28 -11.42
N VAL A 34 3.71 -5.17 -12.35
CA VAL A 34 2.70 -5.66 -13.29
C VAL A 34 1.62 -6.44 -12.56
N TRP A 35 2.03 -7.43 -11.78
CA TRP A 35 1.09 -8.26 -11.02
C TRP A 35 0.29 -7.41 -10.04
N ALA A 36 0.89 -6.32 -9.59
CA ALA A 36 0.21 -5.42 -8.65
C ALA A 36 -0.91 -4.65 -9.33
N ALA A 37 -0.58 -3.96 -10.42
CA ALA A 37 -1.56 -3.18 -11.16
C ALA A 37 -2.68 -4.07 -11.70
N ASN A 38 -2.29 -5.24 -12.22
CA ASN A 38 -3.26 -6.19 -12.78
C ASN A 38 -4.37 -6.47 -11.77
N LYS A 39 -3.99 -6.63 -10.51
CA LYS A 39 -4.96 -6.90 -9.45
C LYS A 39 -5.88 -5.71 -9.23
N LEU A 40 -5.30 -4.52 -9.25
CA LEU A 40 -6.07 -3.29 -9.04
C LEU A 40 -7.12 -3.12 -10.13
N ASP A 41 -6.71 -3.33 -11.39
CA ASP A 41 -7.62 -3.20 -12.52
C ASP A 41 -8.86 -4.09 -12.33
N ARG A 42 -8.62 -5.37 -12.04
CA ARG A 42 -9.72 -6.30 -11.83
C ARG A 42 -10.51 -5.96 -10.58
N PHE A 43 -9.79 -5.75 -9.48
CA PHE A 43 -10.44 -5.41 -8.21
C PHE A 43 -11.43 -4.26 -8.39
N GLY A 44 -10.98 -3.21 -9.08
CA GLY A 44 -11.84 -2.07 -9.31
C GLY A 44 -11.08 -0.75 -9.22
N LEU A 45 -9.82 -0.82 -8.80
CA LEU A 45 -8.99 0.37 -8.68
C LEU A 45 -8.22 0.64 -9.97
N ALA A 46 -7.66 1.83 -10.09
CA ALA A 46 -6.90 2.21 -11.27
C ALA A 46 -5.41 1.97 -11.06
N GLU A 47 -4.65 1.99 -12.16
CA GLU A 47 -3.21 1.77 -12.09
C GLU A 47 -2.46 3.10 -12.06
N SER A 48 -3.13 4.16 -12.49
CA SER A 48 -2.53 5.49 -12.51
C SER A 48 -2.28 6.00 -11.10
N LEU A 49 -2.86 5.31 -10.11
CA LEU A 49 -2.70 5.69 -8.72
C LEU A 49 -1.43 5.10 -8.13
N LEU A 50 -0.65 4.42 -8.97
CA LEU A 50 0.60 3.80 -8.55
C LEU A 50 1.79 4.71 -8.81
N GLU A 51 1.53 5.83 -9.48
CA GLU A 51 2.58 6.79 -9.80
C GLU A 51 2.39 8.09 -9.03
N SER A 52 1.84 7.98 -7.82
CA SER A 52 1.60 9.15 -6.98
C SER A 52 1.20 8.74 -5.56
N LYS A 53 1.81 9.38 -4.58
CA LYS A 53 1.52 9.07 -3.18
C LYS A 53 0.03 9.24 -2.88
N GLU A 54 -0.54 10.34 -3.36
CA GLU A 54 -1.95 10.62 -3.14
C GLU A 54 -2.83 9.49 -3.70
N GLY A 55 -2.40 8.92 -4.82
CA GLY A 55 -3.14 7.84 -5.44
C GLY A 55 -2.96 6.52 -4.71
N CYS A 56 -1.71 6.17 -4.43
CA CYS A 56 -1.40 4.93 -3.74
C CYS A 56 -2.08 4.89 -2.36
N GLN A 57 -2.26 6.06 -1.76
CA GLN A 57 -2.89 6.16 -0.45
C GLN A 57 -4.36 5.76 -0.53
N LYS A 58 -5.00 6.08 -1.65
CA LYS A 58 -6.41 5.76 -1.85
C LYS A 58 -6.60 4.26 -2.03
N ILE A 59 -5.54 3.57 -2.42
CA ILE A 59 -5.59 2.13 -2.63
C ILE A 59 -5.38 1.38 -1.32
N LEU A 60 -4.41 1.84 -0.52
CA LEU A 60 -4.10 1.21 0.76
C LEU A 60 -5.32 1.24 1.67
N THR A 61 -6.13 2.27 1.54
CA THR A 61 -7.34 2.42 2.36
C THR A 61 -8.37 1.35 2.01
N VAL A 62 -8.34 0.89 0.77
CA VAL A 62 -9.27 -0.13 0.32
C VAL A 62 -8.71 -1.53 0.53
N LEU A 63 -7.39 -1.67 0.31
CA LEU A 63 -6.73 -2.96 0.47
C LEU A 63 -6.51 -3.27 1.95
N ASP A 64 -6.47 -2.22 2.77
CA ASP A 64 -6.27 -2.37 4.20
C ASP A 64 -7.30 -3.33 4.80
N PRO A 65 -8.59 -2.96 4.67
CA PRO A 65 -9.70 -3.77 5.18
C PRO A 65 -9.88 -5.08 4.41
N MET A 66 -9.15 -5.20 3.30
CA MET A 66 -9.23 -6.39 2.47
C MET A 66 -8.48 -7.56 3.11
N VAL A 67 -7.59 -7.24 4.05
CA VAL A 67 -6.80 -8.25 4.74
C VAL A 67 -7.71 -9.20 5.53
N PRO A 68 -8.47 -8.64 6.47
CA PRO A 68 -9.39 -9.41 7.31
C PRO A 68 -10.58 -9.96 6.53
N THR A 69 -10.65 -9.59 5.25
CA THR A 69 -11.74 -10.04 4.39
C THR A 69 -11.24 -10.37 2.99
N GLY A 70 -10.19 -11.19 2.91
CA GLY A 70 -9.63 -11.57 1.63
C GLY A 70 -8.92 -12.90 1.67
N SER A 71 -8.14 -13.19 0.64
CA SER A 71 -7.41 -14.45 0.56
C SER A 71 -5.94 -14.25 0.88
N GLU A 72 -5.14 -15.28 0.64
CA GLU A 72 -3.71 -15.21 0.90
C GLU A 72 -3.00 -14.39 -0.17
N ASN A 73 -3.30 -14.67 -1.43
CA ASN A 73 -2.70 -13.96 -2.55
C ASN A 73 -2.89 -12.45 -2.40
N LEU A 74 -3.94 -12.07 -1.70
CA LEU A 74 -4.24 -10.65 -1.49
C LEU A 74 -3.23 -10.03 -0.54
N LYS A 75 -2.88 -10.75 0.51
CA LYS A 75 -1.91 -10.27 1.48
C LYS A 75 -0.64 -9.77 0.79
N SER A 76 -0.33 -10.36 -0.35
CA SER A 76 0.87 -9.98 -1.11
C SER A 76 0.66 -8.63 -1.80
N LEU A 77 -0.53 -8.44 -2.36
CA LEU A 77 -0.86 -7.19 -3.04
C LEU A 77 -0.82 -6.01 -2.08
N PHE A 78 -1.50 -6.16 -0.95
CA PHE A 78 -1.55 -5.10 0.06
C PHE A 78 -0.14 -4.68 0.47
N ASN A 79 0.72 -5.66 0.68
CA ASN A 79 2.10 -5.40 1.09
C ASN A 79 2.83 -4.60 0.01
N THR A 80 2.72 -5.06 -1.23
CA THR A 80 3.38 -4.38 -2.35
C THR A 80 2.95 -2.93 -2.45
N VAL A 81 1.69 -2.66 -2.15
CA VAL A 81 1.16 -1.30 -2.20
C VAL A 81 1.81 -0.42 -1.14
N CYS A 82 2.15 -1.02 0.00
CA CYS A 82 2.78 -0.29 1.08
C CYS A 82 4.17 0.21 0.67
N VAL A 83 4.77 -0.45 -0.29
CA VAL A 83 6.08 -0.08 -0.79
C VAL A 83 5.99 1.04 -1.82
N ILE A 84 5.31 0.77 -2.92
CA ILE A 84 5.14 1.75 -3.99
C ILE A 84 4.82 3.13 -3.41
N TRP A 85 4.02 3.14 -2.35
CA TRP A 85 3.64 4.39 -1.71
C TRP A 85 4.85 5.09 -1.10
N CYS A 86 5.62 4.35 -0.32
CA CYS A 86 6.81 4.89 0.33
C CYS A 86 7.70 5.62 -0.69
N ILE A 87 7.96 4.96 -1.80
CA ILE A 87 8.80 5.53 -2.85
C ILE A 87 8.34 6.94 -3.20
N HIS A 88 7.04 7.18 -3.12
CA HIS A 88 6.48 8.49 -3.42
C HIS A 88 6.59 9.42 -2.22
N ALA A 89 6.46 8.92 -0.99
CA ALA A 89 6.57 9.76 0.20
C ALA A 89 8.02 9.94 0.61
N GLU A 90 8.94 9.50 -0.24
CA GLU A 90 10.36 9.62 0.04
C GLU A 90 10.77 8.71 1.20
N GLU A 91 9.85 7.83 1.60
CA GLU A 91 10.11 6.91 2.70
C GLU A 91 11.12 5.85 2.28
N LYS A 92 12.26 5.83 2.96
CA LYS A 92 13.32 4.86 2.67
C LYS A 92 13.21 3.64 3.57
N VAL A 93 13.18 2.46 2.97
CA VAL A 93 13.08 1.22 3.71
C VAL A 93 14.18 0.24 3.31
N LYS A 94 14.11 -0.99 3.83
CA LYS A 94 15.09 -2.01 3.52
C LYS A 94 14.42 -3.26 2.96
N ASP A 95 13.40 -3.73 3.66
CA ASP A 95 12.67 -4.92 3.22
C ASP A 95 11.16 -4.67 3.24
N THR A 96 10.42 -5.48 2.49
CA THR A 96 8.97 -5.35 2.43
C THR A 96 8.36 -5.23 3.82
N GLU A 97 8.77 -6.13 4.71
CA GLU A 97 8.26 -6.13 6.08
C GLU A 97 8.58 -4.80 6.77
N GLY A 98 9.70 -4.19 6.38
CA GLY A 98 10.09 -2.92 6.98
C GLY A 98 9.24 -1.76 6.48
N ALA A 99 8.89 -1.79 5.20
CA ALA A 99 8.09 -0.73 4.61
C ALA A 99 6.66 -0.76 5.15
N LYS A 100 6.18 -1.96 5.44
CA LYS A 100 4.82 -2.13 5.96
C LYS A 100 4.71 -1.56 7.37
N GLN A 101 5.83 -1.51 8.08
CA GLN A 101 5.86 -0.98 9.44
C GLN A 101 5.79 0.54 9.43
N ILE A 102 6.34 1.16 8.39
CA ILE A 102 6.34 2.61 8.27
C ILE A 102 4.99 3.12 7.77
N VAL A 103 4.41 2.39 6.82
CA VAL A 103 3.11 2.76 6.26
C VAL A 103 1.98 2.54 7.27
N ARG A 104 1.98 1.36 7.89
CA ARG A 104 0.96 1.03 8.88
C ARG A 104 0.86 2.12 9.94
N ARG A 105 2.00 2.50 10.50
CA ARG A 105 2.03 3.54 11.53
C ARG A 105 1.31 4.80 11.06
N HIS A 106 1.52 5.16 9.81
CA HIS A 106 0.88 6.35 9.24
C HIS A 106 -0.62 6.14 9.09
N LEU A 107 -1.08 5.04 8.50
CA LEU A 107 -2.51 4.79 8.34
C LEU A 107 -3.23 4.86 9.68
N VAL A 108 -2.60 4.29 10.71
CA VAL A 108 -3.18 4.29 12.05
C VAL A 108 -3.44 5.71 12.53
N ALA A 109 -2.48 6.60 12.30
CA ALA A 109 -2.61 7.99 12.71
C ALA A 109 -3.72 8.69 11.94
N GLU A 110 -4.02 8.19 10.74
CA GLU A 110 -5.06 8.77 9.91
C GLU A 110 -6.43 8.23 10.29
N THR A 111 -6.45 7.01 10.82
CA THR A 111 -7.69 6.37 11.23
C THR A 111 -7.87 6.43 12.75
N GLY A 112 -7.35 7.48 13.36
CA GLY A 112 -7.45 7.64 14.80
C GLY A 112 -7.90 9.03 15.21
N THR A 113 -7.43 10.03 14.48
CA THR A 113 -7.78 11.42 14.77
C THR A 113 -9.24 11.69 14.44
N ALA A 114 -9.78 10.91 13.51
CA ALA A 114 -11.18 11.07 13.11
C ALA A 114 -11.89 9.72 13.07
N GLU A 115 -11.68 8.91 14.11
CA GLU A 115 -12.30 7.60 14.20
C GLU A 115 -13.45 7.60 15.22
N LYS A 116 -14.15 8.73 15.30
CA LYS A 116 -15.26 8.87 16.23
C LYS A 116 -16.57 9.08 15.48
N MET A 117 -16.49 9.72 14.32
CA MET A 117 -17.67 9.98 13.51
C MET A 117 -18.68 10.82 14.27
N PRO A 118 -18.45 12.14 14.29
CA PRO A 118 -19.33 13.09 14.98
C PRO A 118 -20.68 13.24 14.29
N SER A 119 -21.53 14.11 14.83
CA SER A 119 -22.85 14.35 14.27
C SER A 119 -22.81 15.46 13.23
N THR A 120 -23.97 15.83 12.71
CA THR A 120 -24.07 16.88 11.71
C THR A 120 -24.91 18.05 12.23
N SER A 121 -24.24 19.10 12.68
CA SER A 121 -24.93 20.28 13.20
C SER A 121 -24.14 21.55 12.87
N ARG A 122 -24.78 22.70 13.10
CA ARG A 122 -24.14 23.98 12.83
C ARG A 122 -24.59 25.03 13.85
N PRO A 123 -23.69 25.96 14.17
CA PRO A 123 -23.96 27.04 15.14
C PRO A 123 -24.96 28.06 14.59
N THR A 124 -25.25 29.08 15.39
CA THR A 124 -26.19 30.12 14.99
C THR A 124 -25.49 31.47 14.85
N ALA A 125 -26.13 32.39 14.15
CA ALA A 125 -25.57 33.73 13.95
C ALA A 125 -25.76 34.59 15.19
N PRO A 126 -24.78 35.49 15.43
CA PRO A 126 -24.81 36.40 16.58
C PRO A 126 -25.90 37.46 16.46
N SER A 127 -26.12 38.20 17.54
CA SER A 127 -27.14 39.25 17.55
C SER A 127 -26.50 40.61 17.80
N SER A 128 -27.20 41.67 17.37
CA SER A 128 -26.71 43.03 17.54
C SER A 128 -27.78 44.04 17.20
N GLU A 129 -28.42 44.60 18.23
CA GLU A 129 -29.47 45.58 18.04
C GLU A 129 -29.49 46.59 19.18
N LYS A 130 -29.51 47.88 18.84
CA LYS A 130 -29.52 48.94 19.83
C LYS A 130 -30.02 50.25 19.22
N GLY A 131 -30.99 50.87 19.89
CA GLY A 131 -31.53 52.13 19.40
C GLY A 131 -30.77 53.33 19.91
N GLY A 132 -29.45 53.34 19.68
CA GLY A 132 -28.64 54.44 20.13
C GLY A 132 -27.62 54.87 19.09
N ASN A 133 -26.34 54.81 19.45
CA ASN A 133 -25.27 55.21 18.54
C ASN A 133 -23.92 54.75 19.06
N TYR A 134 -22.91 54.79 18.20
CA TYR A 134 -21.56 54.37 18.56
C TYR A 134 -21.08 55.16 19.78
N GLY A 1 4.86 2.13 -20.82
CA GLY A 1 5.51 3.28 -21.44
C GLY A 1 6.43 2.89 -22.58
N ALA A 2 7.54 2.25 -22.25
CA ALA A 2 8.50 1.82 -23.26
C ALA A 2 9.44 0.75 -22.71
N ARG A 3 8.86 -0.31 -22.16
CA ARG A 3 9.64 -1.40 -21.58
C ARG A 3 10.62 -0.88 -20.53
N ASN A 4 11.45 -1.78 -20.01
CA ASN A 4 12.43 -1.41 -19.00
C ASN A 4 11.75 -0.74 -17.81
N SER A 5 12.55 -0.20 -16.90
CA SER A 5 12.04 0.48 -15.71
C SER A 5 11.02 1.55 -16.11
N VAL A 6 10.04 1.78 -15.24
CA VAL A 6 9.01 2.78 -15.49
C VAL A 6 9.35 4.09 -14.80
N LEU A 7 9.61 4.03 -13.50
CA LEU A 7 9.96 5.22 -12.72
C LEU A 7 11.27 5.82 -13.20
N ARG A 8 11.68 6.91 -12.56
CA ARG A 8 12.93 7.59 -12.91
C ARG A 8 14.13 6.75 -12.50
N GLY A 9 15.33 7.25 -12.82
CA GLY A 9 16.54 6.54 -12.47
C GLY A 9 16.76 6.47 -10.97
N LYS A 10 16.73 7.63 -10.31
CA LYS A 10 16.93 7.69 -8.87
C LYS A 10 15.93 6.80 -8.14
N LYS A 11 14.65 6.94 -8.49
CA LYS A 11 13.59 6.16 -7.86
C LYS A 11 13.76 4.67 -8.18
N ALA A 12 14.08 4.37 -9.44
CA ALA A 12 14.28 2.99 -9.87
C ALA A 12 15.27 2.28 -8.96
N ASP A 13 16.39 2.93 -8.67
CA ASP A 13 17.41 2.35 -7.82
C ASP A 13 16.83 1.97 -6.46
N GLU A 14 16.24 2.94 -5.77
CA GLU A 14 15.65 2.70 -4.46
C GLU A 14 14.69 1.52 -4.50
N LEU A 15 14.03 1.35 -5.65
CA LEU A 15 13.08 0.26 -5.82
C LEU A 15 13.80 -1.08 -5.92
N GLU A 16 14.84 -1.13 -6.75
CA GLU A 16 15.61 -2.35 -6.94
C GLU A 16 16.55 -2.58 -5.75
N ARG A 17 16.59 -1.63 -4.84
CA ARG A 17 17.44 -1.73 -3.65
C ARG A 17 16.73 -2.48 -2.53
N ILE A 18 15.51 -2.04 -2.21
CA ILE A 18 14.73 -2.68 -1.17
C ILE A 18 14.61 -4.18 -1.39
N ARG A 19 14.78 -4.95 -0.31
CA ARG A 19 14.69 -6.40 -0.39
C ARG A 19 13.27 -6.88 -0.13
N LEU A 20 12.83 -7.86 -0.89
CA LEU A 20 11.49 -8.42 -0.74
C LEU A 20 11.25 -8.90 0.69
N ARG A 21 12.33 -9.27 1.37
CA ARG A 21 12.25 -9.75 2.75
C ARG A 21 13.50 -9.36 3.53
N PRO A 22 13.38 -9.37 4.87
CA PRO A 22 14.48 -9.03 5.76
C PRO A 22 15.59 -10.08 5.76
N GLY A 23 15.19 -11.34 5.58
CA GLY A 23 16.16 -12.43 5.55
C GLY A 23 16.41 -12.95 4.15
N GLY A 24 15.90 -12.23 3.15
CA GLY A 24 16.08 -12.64 1.77
C GLY A 24 17.13 -11.82 1.05
N LYS A 25 17.33 -12.11 -0.23
CA LYS A 25 18.31 -11.40 -1.04
C LYS A 25 17.69 -10.93 -2.35
N LYS A 26 16.40 -11.16 -2.51
CA LYS A 26 15.69 -10.76 -3.72
C LYS A 26 15.25 -9.29 -3.63
N LYS A 27 15.17 -8.64 -4.78
CA LYS A 27 14.76 -7.24 -4.85
C LYS A 27 13.49 -7.09 -5.68
N TYR A 28 12.80 -5.96 -5.48
CA TYR A 28 11.57 -5.70 -6.21
C TYR A 28 11.86 -5.50 -7.70
N ARG A 29 10.91 -5.92 -8.53
CA ARG A 29 11.06 -5.79 -9.98
C ARG A 29 9.71 -5.53 -10.64
N LEU A 30 9.75 -5.05 -11.88
CA LEU A 30 8.53 -4.77 -12.63
C LEU A 30 7.55 -5.93 -12.55
N LYS A 31 8.09 -7.15 -12.49
CA LYS A 31 7.27 -8.35 -12.40
C LYS A 31 6.26 -8.24 -11.26
N HIS A 32 6.71 -7.70 -10.14
CA HIS A 32 5.86 -7.54 -8.96
C HIS A 32 4.82 -6.44 -9.20
N ILE A 33 5.11 -5.42 -9.99
CA ILE A 33 4.16 -4.35 -10.25
C ILE A 33 3.03 -4.82 -11.14
N VAL A 34 3.36 -5.68 -12.12
CA VAL A 34 2.37 -6.21 -13.04
C VAL A 34 1.27 -6.96 -12.30
N TRP A 35 1.68 -7.91 -11.45
CA TRP A 35 0.74 -8.71 -10.68
C TRP A 35 -0.11 -7.82 -9.78
N ALA A 36 0.42 -6.65 -9.43
CA ALA A 36 -0.28 -5.71 -8.58
C ALA A 36 -1.37 -4.96 -9.35
N ALA A 37 -0.99 -4.40 -10.50
CA ALA A 37 -1.92 -3.65 -11.34
C ALA A 37 -3.14 -4.52 -11.70
N ASN A 38 -2.89 -5.80 -11.91
CA ASN A 38 -3.95 -6.73 -12.27
C ASN A 38 -5.06 -6.72 -11.22
N LYS A 39 -4.67 -6.50 -9.97
CA LYS A 39 -5.64 -6.47 -8.88
C LYS A 39 -6.44 -5.17 -8.89
N LEU A 40 -5.76 -4.05 -9.08
CA LEU A 40 -6.41 -2.75 -9.13
C LEU A 40 -7.53 -2.74 -10.16
N ASP A 41 -7.40 -3.59 -11.18
CA ASP A 41 -8.40 -3.69 -12.22
C ASP A 41 -9.66 -4.39 -11.72
N ARG A 42 -9.47 -5.57 -11.13
CA ARG A 42 -10.59 -6.35 -10.61
C ARG A 42 -11.46 -5.50 -9.70
N PHE A 43 -10.88 -4.45 -9.13
CA PHE A 43 -11.62 -3.56 -8.24
C PHE A 43 -12.08 -2.30 -8.99
N GLY A 44 -11.21 -1.76 -9.82
CA GLY A 44 -11.55 -0.58 -10.58
C GLY A 44 -10.45 0.48 -10.55
N LEU A 45 -9.85 0.66 -9.38
CA LEU A 45 -8.78 1.64 -9.21
C LEU A 45 -7.81 1.59 -10.38
N ALA A 46 -7.33 2.75 -10.82
CA ALA A 46 -6.39 2.83 -11.92
C ALA A 46 -5.03 2.28 -11.52
N GLU A 47 -4.34 1.67 -12.48
CA GLU A 47 -3.02 1.09 -12.23
C GLU A 47 -1.94 2.17 -12.26
N SER A 48 -2.25 3.28 -12.92
CA SER A 48 -1.30 4.39 -13.02
C SER A 48 -1.10 5.07 -11.68
N LEU A 49 -1.95 4.72 -10.71
CA LEU A 49 -1.86 5.29 -9.38
C LEU A 49 -0.74 4.65 -8.57
N LEU A 50 -0.08 3.67 -9.19
CA LEU A 50 1.02 2.97 -8.53
C LEU A 50 2.30 3.79 -8.59
N GLU A 51 2.22 4.98 -9.19
CA GLU A 51 3.37 5.86 -9.31
C GLU A 51 3.07 7.23 -8.70
N SER A 52 2.26 7.25 -7.66
CA SER A 52 1.89 8.49 -6.99
C SER A 52 1.50 8.24 -5.54
N LYS A 53 1.90 9.15 -4.66
CA LYS A 53 1.60 9.03 -3.24
C LYS A 53 0.09 9.14 -3.00
N GLU A 54 -0.48 10.28 -3.38
CA GLU A 54 -1.91 10.51 -3.20
C GLU A 54 -2.72 9.37 -3.80
N GLY A 55 -2.29 8.88 -4.95
CA GLY A 55 -3.00 7.79 -5.60
C GLY A 55 -2.80 6.46 -4.88
N CYS A 56 -1.57 6.19 -4.47
CA CYS A 56 -1.26 4.95 -3.76
C CYS A 56 -1.96 4.90 -2.41
N GLN A 57 -2.03 6.04 -1.74
CA GLN A 57 -2.67 6.13 -0.43
C GLN A 57 -4.10 5.61 -0.50
N LYS A 58 -4.79 5.92 -1.59
CA LYS A 58 -6.17 5.48 -1.78
C LYS A 58 -6.24 3.97 -1.96
N ILE A 59 -5.11 3.36 -2.31
CA ILE A 59 -5.05 1.92 -2.52
C ILE A 59 -4.95 1.18 -1.18
N LEU A 60 -4.15 1.72 -0.28
CA LEU A 60 -3.98 1.11 1.04
C LEU A 60 -5.30 1.06 1.80
N THR A 61 -6.06 2.16 1.73
CA THR A 61 -7.34 2.24 2.41
C THR A 61 -8.32 1.20 1.87
N VAL A 62 -8.19 0.87 0.58
CA VAL A 62 -9.06 -0.11 -0.05
C VAL A 62 -8.63 -1.53 0.30
N LEU A 63 -7.31 -1.76 0.34
CA LEU A 63 -6.78 -3.08 0.66
C LEU A 63 -6.88 -3.34 2.17
N ASP A 64 -6.97 -2.28 2.95
CA ASP A 64 -7.07 -2.40 4.40
C ASP A 64 -8.17 -3.38 4.79
N PRO A 65 -9.41 -3.05 4.41
CA PRO A 65 -10.58 -3.89 4.71
C PRO A 65 -10.57 -5.19 3.92
N MET A 66 -9.77 -5.23 2.86
CA MET A 66 -9.67 -6.43 2.02
C MET A 66 -8.82 -7.49 2.69
N VAL A 67 -7.97 -7.07 3.62
CA VAL A 67 -7.09 -7.99 4.34
C VAL A 67 -7.90 -9.04 5.09
N PRO A 68 -8.77 -8.58 5.99
CA PRO A 68 -9.62 -9.47 6.80
C PRO A 68 -10.69 -10.16 5.96
N THR A 69 -10.74 -9.83 4.67
CA THR A 69 -11.71 -10.41 3.76
C THR A 69 -11.07 -10.79 2.43
N GLY A 70 -9.86 -11.34 2.49
CA GLY A 70 -9.16 -11.73 1.28
C GLY A 70 -8.24 -12.92 1.50
N SER A 71 -7.54 -13.33 0.45
CA SER A 71 -6.63 -14.46 0.53
C SER A 71 -5.21 -14.04 0.20
N GLU A 72 -4.34 -15.03 0.02
CA GLU A 72 -2.94 -14.76 -0.31
C GLU A 72 -2.83 -13.92 -1.57
N ASN A 73 -3.72 -14.16 -2.52
CA ASN A 73 -3.73 -13.42 -3.78
C ASN A 73 -4.05 -11.94 -3.53
N LEU A 74 -4.54 -11.64 -2.34
CA LEU A 74 -4.88 -10.27 -1.98
C LEU A 74 -3.83 -9.67 -1.05
N LYS A 75 -3.53 -10.40 0.02
CA LYS A 75 -2.55 -9.94 1.01
C LYS A 75 -1.24 -9.54 0.31
N SER A 76 -0.91 -10.26 -0.76
CA SER A 76 0.32 -9.99 -1.50
C SER A 76 0.35 -8.53 -1.98
N LEU A 77 -0.79 -8.05 -2.46
CA LEU A 77 -0.90 -6.68 -2.94
C LEU A 77 -0.71 -5.68 -1.80
N PHE A 78 -1.42 -5.93 -0.70
CA PHE A 78 -1.34 -5.05 0.47
C PHE A 78 0.11 -4.82 0.88
N ASN A 79 0.96 -5.82 0.62
CA ASN A 79 2.38 -5.73 0.97
C ASN A 79 3.13 -4.89 -0.07
N THR A 80 2.76 -5.05 -1.33
CA THR A 80 3.40 -4.31 -2.41
C THR A 80 3.06 -2.83 -2.34
N VAL A 81 1.76 -2.53 -2.33
CA VAL A 81 1.30 -1.14 -2.26
C VAL A 81 1.97 -0.39 -1.12
N CYS A 82 2.35 -1.12 -0.09
CA CYS A 82 3.01 -0.52 1.07
C CYS A 82 4.38 0.02 0.70
N VAL A 83 5.16 -0.79 -0.02
CA VAL A 83 6.49 -0.38 -0.43
C VAL A 83 6.43 0.76 -1.45
N ILE A 84 5.46 0.69 -2.35
CA ILE A 84 5.30 1.71 -3.37
C ILE A 84 5.03 3.07 -2.74
N TRP A 85 4.02 3.13 -1.88
CA TRP A 85 3.65 4.36 -1.21
C TRP A 85 4.87 5.01 -0.55
N CYS A 86 5.65 4.20 0.14
CA CYS A 86 6.86 4.69 0.82
C CYS A 86 7.73 5.49 -0.15
N ILE A 87 8.07 4.89 -1.27
CA ILE A 87 8.89 5.55 -2.28
C ILE A 87 8.36 6.94 -2.61
N HIS A 88 7.03 7.07 -2.62
CA HIS A 88 6.40 8.35 -2.92
C HIS A 88 6.44 9.27 -1.69
N ALA A 89 6.36 8.75 -0.47
CA ALA A 89 6.40 9.59 0.72
C ALA A 89 7.83 9.82 1.19
N GLU A 90 8.79 9.52 0.31
CA GLU A 90 10.21 9.69 0.64
C GLU A 90 10.63 8.71 1.73
N GLU A 91 9.74 7.78 2.07
CA GLU A 91 10.02 6.79 3.10
C GLU A 91 10.93 5.68 2.56
N LYS A 92 12.06 5.48 3.22
CA LYS A 92 13.02 4.46 2.81
C LYS A 92 13.10 3.34 3.84
N VAL A 93 13.03 2.11 3.38
CA VAL A 93 13.10 0.95 4.27
C VAL A 93 14.13 -0.06 3.78
N LYS A 94 14.81 -0.70 4.71
CA LYS A 94 15.83 -1.70 4.37
C LYS A 94 15.18 -2.92 3.73
N ASP A 95 14.15 -3.46 4.37
CA ASP A 95 13.46 -4.63 3.87
C ASP A 95 11.94 -4.42 3.90
N THR A 96 11.23 -5.14 3.04
CA THR A 96 9.78 -5.03 2.97
C THR A 96 9.15 -5.07 4.36
N GLU A 97 9.56 -6.04 5.16
CA GLU A 97 9.04 -6.19 6.51
C GLU A 97 9.13 -4.87 7.28
N GLY A 98 10.12 -4.06 6.92
CA GLY A 98 10.31 -2.78 7.58
C GLY A 98 9.32 -1.73 7.11
N ALA A 99 8.93 -1.83 5.84
CA ALA A 99 7.99 -0.87 5.27
C ALA A 99 6.59 -1.08 5.84
N LYS A 100 6.25 -2.33 6.13
CA LYS A 100 4.94 -2.66 6.68
C LYS A 100 4.82 -2.16 8.12
N GLN A 101 5.95 -1.86 8.74
CA GLN A 101 5.96 -1.37 10.11
C GLN A 101 5.78 0.14 10.15
N ILE A 102 6.16 0.81 9.07
CA ILE A 102 6.03 2.25 8.97
C ILE A 102 4.62 2.66 8.57
N VAL A 103 4.06 1.94 7.60
CA VAL A 103 2.71 2.23 7.12
C VAL A 103 1.66 1.80 8.14
N ARG A 104 1.85 0.60 8.70
CA ARG A 104 0.92 0.07 9.69
C ARG A 104 0.71 1.07 10.82
N ARG A 105 1.80 1.60 11.36
CA ARG A 105 1.74 2.57 12.45
C ARG A 105 1.02 3.84 12.00
N HIS A 106 1.34 4.31 10.80
CA HIS A 106 0.73 5.51 10.25
C HIS A 106 -0.78 5.39 10.22
N LEU A 107 -1.34 4.20 10.01
CA LEU A 107 -2.79 4.03 9.97
C LEU A 107 -3.38 4.05 11.38
N VAL A 108 -2.70 3.40 12.31
CA VAL A 108 -3.15 3.34 13.69
C VAL A 108 -3.29 4.73 14.28
N ALA A 109 -2.32 5.60 13.98
CA ALA A 109 -2.33 6.97 14.48
C ALA A 109 -3.59 7.71 14.01
N GLU A 110 -4.12 7.29 12.86
CA GLU A 110 -5.32 7.92 12.31
C GLU A 110 -6.55 7.08 12.60
N THR A 111 -6.54 6.38 13.73
CA THR A 111 -7.65 5.54 14.13
C THR A 111 -8.44 6.17 15.28
N GLY A 112 -7.74 7.00 16.07
CA GLY A 112 -8.38 7.65 17.20
C GLY A 112 -9.63 8.42 16.80
N THR A 113 -9.68 8.84 15.54
CA THR A 113 -10.82 9.59 15.03
C THR A 113 -12.13 8.83 15.25
N ALA A 114 -12.02 7.51 15.33
CA ALA A 114 -13.20 6.67 15.55
C ALA A 114 -12.97 5.69 16.71
N GLU A 115 -12.36 6.20 17.77
CA GLU A 115 -12.08 5.37 18.94
C GLU A 115 -13.38 4.96 19.64
N LYS A 116 -14.42 5.78 19.45
CA LYS A 116 -15.71 5.50 20.06
C LYS A 116 -16.18 4.09 19.72
N MET A 117 -16.14 3.75 18.44
CA MET A 117 -16.56 2.43 17.98
C MET A 117 -17.96 2.10 18.48
N PRO A 118 -18.97 2.75 17.90
CA PRO A 118 -20.36 2.54 18.26
C PRO A 118 -20.89 1.17 17.85
N SER A 119 -20.82 0.21 18.77
CA SER A 119 -21.28 -1.15 18.48
C SER A 119 -21.16 -2.03 19.73
N THR A 120 -21.44 -3.31 19.57
CA THR A 120 -21.38 -4.26 20.67
C THR A 120 -20.03 -4.97 20.71
N SER A 121 -19.06 -4.37 21.40
CA SER A 121 -17.73 -4.93 21.50
C SER A 121 -17.13 -4.66 22.88
N ARG A 122 -15.92 -5.16 23.11
CA ARG A 122 -15.24 -4.96 24.38
C ARG A 122 -14.67 -3.55 24.49
N PRO A 123 -14.68 -3.00 25.72
CA PRO A 123 -14.19 -1.65 25.99
C PRO A 123 -12.67 -1.56 25.85
N THR A 124 -12.19 -0.39 25.45
CA THR A 124 -10.76 -0.16 25.29
C THR A 124 -10.06 -0.02 26.64
N ALA A 125 -8.75 -0.20 26.64
CA ALA A 125 -7.96 -0.08 27.87
C ALA A 125 -6.88 0.99 27.72
N PRO A 126 -6.45 1.55 28.86
CA PRO A 126 -5.42 2.60 28.89
C PRO A 126 -4.04 2.05 28.52
N SER A 127 -3.05 2.93 28.52
CA SER A 127 -1.69 2.54 28.17
C SER A 127 -0.68 3.25 29.08
N SER A 128 0.31 2.49 29.56
CA SER A 128 1.33 3.03 30.44
C SER A 128 2.72 2.83 29.84
N GLU A 129 3.67 3.66 30.27
CA GLU A 129 5.04 3.59 29.78
C GLU A 129 6.03 4.10 30.83
N LYS A 130 7.32 3.96 30.54
CA LYS A 130 8.35 4.41 31.45
C LYS A 130 9.43 5.21 30.70
N GLY A 131 10.01 6.18 31.39
CA GLY A 131 11.04 7.00 30.78
C GLY A 131 12.44 6.53 31.12
N GLY A 132 12.57 5.87 32.28
CA GLY A 132 13.87 5.38 32.70
C GLY A 132 14.55 6.31 33.68
N ASN A 133 15.41 5.76 34.53
CA ASN A 133 16.12 6.56 35.52
C ASN A 133 17.18 7.42 34.85
N TYR A 134 17.90 8.20 35.66
CA TYR A 134 18.94 9.08 35.15
C TYR A 134 18.40 9.97 34.03
N GLY A 1 0.72 -0.94 -19.87
CA GLY A 1 1.22 -1.56 -21.08
C GLY A 1 2.62 -1.09 -21.43
N ALA A 2 2.87 -0.93 -22.73
CA ALA A 2 4.18 -0.48 -23.20
C ALA A 2 4.07 0.86 -23.92
N ARG A 3 5.02 1.75 -23.63
CA ARG A 3 5.03 3.08 -24.24
C ARG A 3 6.33 3.81 -23.92
N ASN A 4 6.76 3.72 -22.68
CA ASN A 4 7.99 4.38 -22.24
C ASN A 4 8.44 3.84 -20.89
N SER A 5 9.51 4.43 -20.35
CA SER A 5 10.05 4.01 -19.07
C SER A 5 9.51 4.89 -17.94
N VAL A 6 9.13 4.26 -16.83
CA VAL A 6 8.60 4.99 -15.68
C VAL A 6 9.64 5.10 -14.58
N LEU A 7 10.31 3.98 -14.26
CA LEU A 7 11.33 3.96 -13.23
C LEU A 7 12.53 4.82 -13.63
N ARG A 8 12.87 5.79 -12.80
CA ARG A 8 14.00 6.67 -13.07
C ARG A 8 15.32 5.93 -12.90
N GLY A 9 16.42 6.66 -13.00
CA GLY A 9 17.73 6.06 -12.85
C GLY A 9 18.17 5.97 -11.40
N LYS A 10 18.16 7.09 -10.70
CA LYS A 10 18.55 7.14 -9.31
C LYS A 10 17.45 6.58 -8.41
N LYS A 11 16.20 6.74 -8.83
CA LYS A 11 15.06 6.25 -8.07
C LYS A 11 14.97 4.73 -8.16
N ALA A 12 15.22 4.19 -9.34
CA ALA A 12 15.16 2.76 -9.55
C ALA A 12 15.99 2.02 -8.51
N ASP A 13 17.16 2.57 -8.19
CA ASP A 13 18.05 1.96 -7.20
C ASP A 13 17.32 1.76 -5.87
N GLU A 14 16.83 2.84 -5.30
CA GLU A 14 16.11 2.79 -4.03
C GLU A 14 15.05 1.69 -4.06
N LEU A 15 14.48 1.44 -5.23
CA LEU A 15 13.45 0.43 -5.40
C LEU A 15 14.06 -0.97 -5.38
N GLU A 16 15.08 -1.17 -6.22
CA GLU A 16 15.75 -2.46 -6.30
C GLU A 16 16.54 -2.75 -5.03
N ARG A 17 16.70 -1.73 -4.19
CA ARG A 17 17.43 -1.87 -2.95
C ARG A 17 16.59 -2.61 -1.90
N ILE A 18 15.30 -2.31 -1.86
CA ILE A 18 14.39 -2.93 -0.92
C ILE A 18 14.25 -4.42 -1.19
N ARG A 19 14.44 -5.23 -0.15
CA ARG A 19 14.34 -6.67 -0.29
C ARG A 19 12.91 -7.14 -0.03
N LEU A 20 12.44 -8.08 -0.87
CA LEU A 20 11.09 -8.60 -0.73
C LEU A 20 10.87 -9.20 0.65
N ARG A 21 11.92 -9.76 1.23
CA ARG A 21 11.84 -10.36 2.55
C ARG A 21 12.95 -9.83 3.45
N PRO A 22 12.75 -9.97 4.78
CA PRO A 22 13.72 -9.51 5.77
C PRO A 22 15.00 -10.35 5.77
N GLY A 23 14.85 -11.63 5.48
CA GLY A 23 16.00 -12.52 5.45
C GLY A 23 16.17 -13.21 4.11
N GLY A 24 15.76 -12.54 3.04
CA GLY A 24 15.87 -13.12 1.71
C GLY A 24 16.95 -12.46 0.88
N LYS A 25 17.06 -12.87 -0.37
CA LYS A 25 18.07 -12.31 -1.28
C LYS A 25 17.41 -11.76 -2.54
N LYS A 26 16.09 -11.63 -2.51
CA LYS A 26 15.34 -11.11 -3.64
C LYS A 26 14.89 -9.68 -3.38
N LYS A 27 15.01 -8.83 -4.40
CA LYS A 27 14.61 -7.43 -4.28
C LYS A 27 13.43 -7.12 -5.21
N TYR A 28 12.85 -5.94 -5.04
CA TYR A 28 11.72 -5.52 -5.87
C TYR A 28 12.14 -5.29 -7.31
N ARG A 29 11.22 -5.50 -8.23
CA ARG A 29 11.51 -5.31 -9.65
C ARG A 29 10.23 -5.01 -10.43
N LEU A 30 10.39 -4.65 -11.70
CA LEU A 30 9.24 -4.33 -12.54
C LEU A 30 8.21 -5.46 -12.51
N LYS A 31 8.68 -6.68 -12.34
CA LYS A 31 7.80 -7.85 -12.28
C LYS A 31 6.69 -7.63 -11.26
N HIS A 32 7.05 -7.16 -10.08
CA HIS A 32 6.08 -6.92 -9.01
C HIS A 32 5.16 -5.76 -9.39
N ILE A 33 5.62 -4.78 -10.17
CA ILE A 33 4.78 -3.65 -10.55
C ILE A 33 3.70 -4.07 -11.53
N VAL A 34 4.06 -4.98 -12.44
CA VAL A 34 3.12 -5.47 -13.44
C VAL A 34 1.96 -6.21 -12.79
N TRP A 35 2.27 -7.26 -12.04
CA TRP A 35 1.26 -8.05 -11.36
C TRP A 35 0.44 -7.18 -10.41
N ALA A 36 1.07 -6.15 -9.86
CA ALA A 36 0.39 -5.24 -8.95
C ALA A 36 -0.73 -4.48 -9.65
N ALA A 37 -0.41 -3.91 -10.81
CA ALA A 37 -1.39 -3.15 -11.58
C ALA A 37 -2.51 -4.06 -12.08
N ASN A 38 -2.15 -5.26 -12.50
CA ASN A 38 -3.14 -6.22 -13.01
C ASN A 38 -4.26 -6.42 -11.99
N LYS A 39 -3.91 -6.37 -10.71
CA LYS A 39 -4.89 -6.55 -9.65
C LYS A 39 -5.83 -5.36 -9.57
N LEU A 40 -5.29 -4.17 -9.78
CA LEU A 40 -6.08 -2.94 -9.72
C LEU A 40 -7.15 -2.94 -10.82
N ASP A 41 -6.73 -3.17 -12.05
CA ASP A 41 -7.66 -3.21 -13.18
C ASP A 41 -8.82 -4.15 -12.90
N ARG A 42 -8.51 -5.37 -12.46
CA ARG A 42 -9.54 -6.35 -12.16
C ARG A 42 -10.39 -5.90 -10.98
N PHE A 43 -9.74 -5.62 -9.86
CA PHE A 43 -10.45 -5.18 -8.66
C PHE A 43 -11.42 -4.05 -8.98
N GLY A 44 -10.94 -3.06 -9.74
CA GLY A 44 -11.77 -1.93 -10.11
C GLY A 44 -11.02 -0.62 -10.10
N LEU A 45 -9.79 -0.65 -9.60
CA LEU A 45 -8.95 0.55 -9.53
C LEU A 45 -8.10 0.69 -10.79
N ALA A 46 -7.51 1.86 -10.97
CA ALA A 46 -6.67 2.12 -12.14
C ALA A 46 -5.20 1.92 -11.80
N GLU A 47 -4.36 1.80 -12.83
CA GLU A 47 -2.94 1.61 -12.65
C GLU A 47 -2.23 2.93 -12.39
N SER A 48 -2.91 4.04 -12.70
CA SER A 48 -2.36 5.37 -12.51
C SER A 48 -2.25 5.70 -11.03
N LEU A 49 -2.86 4.88 -10.20
CA LEU A 49 -2.84 5.08 -8.75
C LEU A 49 -1.54 4.55 -8.15
N LEU A 50 -0.79 3.81 -8.94
CA LEU A 50 0.47 3.24 -8.49
C LEU A 50 1.62 4.23 -8.68
N GLU A 51 1.33 5.31 -9.40
CA GLU A 51 2.34 6.34 -9.66
C GLU A 51 1.96 7.66 -9.00
N SER A 52 1.18 7.57 -7.92
CA SER A 52 0.73 8.76 -7.21
C SER A 52 0.56 8.46 -5.72
N LYS A 53 1.22 9.27 -4.89
CA LYS A 53 1.14 9.10 -3.44
C LYS A 53 -0.31 9.13 -2.96
N GLU A 54 -1.04 10.16 -3.37
CA GLU A 54 -2.44 10.31 -2.98
C GLU A 54 -3.27 9.12 -3.48
N GLY A 55 -2.83 8.52 -4.58
CA GLY A 55 -3.54 7.38 -5.15
C GLY A 55 -3.25 6.10 -4.39
N CYS A 56 -1.97 5.78 -4.22
CA CYS A 56 -1.57 4.57 -3.52
C CYS A 56 -2.19 4.52 -2.13
N GLN A 57 -2.37 5.69 -1.53
CA GLN A 57 -2.93 5.78 -0.19
C GLN A 57 -4.42 5.43 -0.20
N LYS A 58 -5.07 5.66 -1.34
CA LYS A 58 -6.49 5.38 -1.49
C LYS A 58 -6.72 3.88 -1.67
N ILE A 59 -5.66 3.16 -2.00
CA ILE A 59 -5.75 1.70 -2.20
C ILE A 59 -5.51 0.96 -0.88
N LEU A 60 -4.52 1.42 -0.13
CA LEU A 60 -4.20 0.79 1.15
C LEU A 60 -5.36 0.92 2.14
N THR A 61 -6.14 1.98 1.97
CA THR A 61 -7.29 2.23 2.84
C THR A 61 -8.37 1.19 2.64
N VAL A 62 -8.44 0.64 1.42
CA VAL A 62 -9.44 -0.38 1.10
C VAL A 62 -8.87 -1.78 1.32
N LEU A 63 -7.58 -1.94 1.04
CA LEU A 63 -6.92 -3.23 1.20
C LEU A 63 -6.62 -3.51 2.67
N ASP A 64 -6.48 -2.44 3.45
CA ASP A 64 -6.20 -2.58 4.88
C ASP A 64 -7.22 -3.49 5.55
N PRO A 65 -8.49 -3.09 5.50
CA PRO A 65 -9.59 -3.86 6.10
C PRO A 65 -9.86 -5.15 5.36
N MET A 66 -9.31 -5.27 4.15
CA MET A 66 -9.50 -6.47 3.34
C MET A 66 -8.50 -7.56 3.74
N VAL A 67 -7.44 -7.15 4.42
CA VAL A 67 -6.42 -8.09 4.87
C VAL A 67 -6.97 -9.08 5.88
N PRO A 68 -7.50 -8.55 7.00
CA PRO A 68 -8.08 -9.36 8.06
C PRO A 68 -9.39 -10.02 7.64
N THR A 69 -9.79 -9.78 6.40
CA THR A 69 -11.03 -10.35 5.87
C THR A 69 -11.00 -10.44 4.36
N GLY A 70 -9.99 -11.12 3.83
CA GLY A 70 -9.86 -11.25 2.39
C GLY A 70 -9.03 -12.46 1.99
N SER A 71 -8.78 -12.61 0.69
CA SER A 71 -8.00 -13.73 0.20
C SER A 71 -6.50 -13.43 0.25
N GLU A 72 -5.69 -14.42 -0.10
CA GLU A 72 -4.24 -14.25 -0.09
C GLU A 72 -3.78 -13.39 -1.26
N ASN A 73 -4.48 -13.50 -2.38
CA ASN A 73 -4.14 -12.73 -3.58
C ASN A 73 -4.13 -11.23 -3.27
N LEU A 74 -4.85 -10.84 -2.23
CA LEU A 74 -4.93 -9.44 -1.83
C LEU A 74 -3.75 -9.06 -0.95
N LYS A 75 -3.40 -9.95 -0.02
CA LYS A 75 -2.28 -9.72 0.88
C LYS A 75 -0.99 -9.47 0.11
N SER A 76 -0.85 -10.15 -1.04
CA SER A 76 0.34 -10.00 -1.87
C SER A 76 0.45 -8.58 -2.41
N LEU A 77 -0.67 -8.06 -2.92
CA LEU A 77 -0.71 -6.73 -3.48
C LEU A 77 -0.58 -5.67 -2.38
N PHE A 78 -1.31 -5.87 -1.30
CA PHE A 78 -1.28 -4.95 -0.17
C PHE A 78 0.15 -4.66 0.27
N ASN A 79 0.95 -5.72 0.38
CA ASN A 79 2.34 -5.59 0.78
C ASN A 79 3.12 -4.71 -0.19
N THR A 80 3.00 -5.02 -1.47
CA THR A 80 3.69 -4.26 -2.51
C THR A 80 3.26 -2.79 -2.49
N VAL A 81 1.96 -2.57 -2.32
CA VAL A 81 1.42 -1.21 -2.28
C VAL A 81 2.07 -0.39 -1.18
N CYS A 82 2.29 -1.02 -0.03
CA CYS A 82 2.90 -0.34 1.10
C CYS A 82 4.25 0.25 0.71
N VAL A 83 4.97 -0.44 -0.16
CA VAL A 83 6.27 0.02 -0.61
C VAL A 83 6.13 1.11 -1.68
N ILE A 84 5.36 0.83 -2.71
CA ILE A 84 5.14 1.79 -3.79
C ILE A 84 4.85 3.18 -3.24
N TRP A 85 3.99 3.24 -2.22
CA TRP A 85 3.63 4.50 -1.60
C TRP A 85 4.85 5.17 -0.98
N CYS A 86 5.62 4.41 -0.23
CA CYS A 86 6.82 4.93 0.41
C CYS A 86 7.72 5.63 -0.60
N ILE A 87 7.95 4.98 -1.73
CA ILE A 87 8.80 5.54 -2.77
C ILE A 87 8.39 6.96 -3.11
N HIS A 88 7.09 7.23 -3.03
CA HIS A 88 6.56 8.57 -3.31
C HIS A 88 6.73 9.49 -2.12
N ALA A 89 6.57 9.01 -0.89
CA ALA A 89 6.72 9.86 0.28
C ALA A 89 8.19 9.95 0.71
N GLU A 90 9.09 9.66 -0.23
CA GLU A 90 10.52 9.71 0.04
C GLU A 90 10.90 8.73 1.15
N GLU A 91 9.99 7.79 1.44
CA GLU A 91 10.23 6.80 2.48
C GLU A 91 11.06 5.63 1.94
N LYS A 92 12.10 5.26 2.68
CA LYS A 92 12.97 4.16 2.28
C LYS A 92 12.96 3.05 3.32
N VAL A 93 12.96 1.81 2.85
CA VAL A 93 12.96 0.66 3.75
C VAL A 93 13.97 -0.38 3.31
N LYS A 94 14.36 -1.26 4.23
CA LYS A 94 15.32 -2.31 3.94
C LYS A 94 14.63 -3.55 3.38
N ASP A 95 13.52 -3.93 4.00
CA ASP A 95 12.77 -5.10 3.56
C ASP A 95 11.27 -4.79 3.51
N THR A 96 10.53 -5.58 2.74
CA THR A 96 9.10 -5.39 2.59
C THR A 96 8.43 -5.20 3.95
N GLU A 97 8.66 -6.14 4.87
CA GLU A 97 8.08 -6.06 6.20
C GLU A 97 8.34 -4.70 6.83
N GLY A 98 9.48 -4.09 6.48
CA GLY A 98 9.81 -2.79 7.01
C GLY A 98 8.92 -1.68 6.47
N ALA A 99 8.53 -1.80 5.21
CA ALA A 99 7.66 -0.82 4.58
C ALA A 99 6.25 -0.89 5.13
N LYS A 100 5.87 -2.05 5.64
CA LYS A 100 4.54 -2.26 6.20
C LYS A 100 4.42 -1.61 7.57
N GLN A 101 5.55 -1.49 8.26
CA GLN A 101 5.57 -0.88 9.58
C GLN A 101 5.55 0.64 9.50
N ILE A 102 6.26 1.18 8.50
CA ILE A 102 6.34 2.62 8.30
C ILE A 102 5.02 3.15 7.75
N VAL A 103 4.44 2.43 6.79
CA VAL A 103 3.18 2.84 6.19
C VAL A 103 2.03 2.71 7.17
N ARG A 104 1.97 1.58 7.86
CA ARG A 104 0.92 1.33 8.84
C ARG A 104 0.81 2.48 9.83
N ARG A 105 1.94 2.85 10.44
CA ARG A 105 1.97 3.94 11.40
C ARG A 105 1.35 5.20 10.83
N HIS A 106 1.51 5.40 9.52
CA HIS A 106 0.97 6.57 8.84
C HIS A 106 -0.53 6.39 8.59
N LEU A 107 -1.04 5.18 8.42
CA LEU A 107 -2.46 4.97 8.19
C LEU A 107 -3.25 5.10 9.49
N VAL A 108 -2.72 4.51 10.56
CA VAL A 108 -3.37 4.57 11.86
C VAL A 108 -3.44 6.00 12.39
N ALA A 109 -2.51 6.83 11.93
CA ALA A 109 -2.46 8.23 12.35
C ALA A 109 -3.44 9.08 11.57
N GLU A 110 -3.50 8.85 10.26
CA GLU A 110 -4.40 9.60 9.38
C GLU A 110 -5.84 9.12 9.56
N THR A 111 -6.00 7.85 9.92
CA THR A 111 -7.32 7.27 10.12
C THR A 111 -7.70 7.24 11.59
N GLY A 112 -7.12 8.15 12.37
CA GLY A 112 -7.40 8.21 13.79
C GLY A 112 -7.78 9.60 14.25
N THR A 113 -8.23 10.43 13.31
CA THR A 113 -8.62 11.79 13.63
C THR A 113 -9.96 12.14 12.98
N ALA A 114 -10.82 11.15 12.82
CA ALA A 114 -12.13 11.35 12.22
C ALA A 114 -13.00 10.11 12.39
N GLU A 115 -13.09 9.61 13.62
CA GLU A 115 -13.89 8.42 13.90
C GLU A 115 -15.19 8.81 14.62
N LYS A 116 -15.72 9.97 14.27
CA LYS A 116 -16.95 10.46 14.88
C LYS A 116 -18.16 9.69 14.35
N MET A 117 -18.05 9.22 13.10
CA MET A 117 -19.13 8.47 12.48
C MET A 117 -20.40 9.32 12.40
N PRO A 118 -20.46 10.21 11.40
CA PRO A 118 -21.62 11.09 11.19
C PRO A 118 -22.85 10.33 10.72
N SER A 119 -23.88 11.07 10.34
CA SER A 119 -25.12 10.46 9.87
C SER A 119 -24.85 9.49 8.72
N THR A 120 -25.84 8.66 8.42
CA THR A 120 -25.71 7.68 7.34
C THR A 120 -26.30 8.23 6.04
N SER A 121 -26.05 7.52 4.94
CA SER A 121 -26.54 7.93 3.63
C SER A 121 -27.99 7.50 3.44
N ARG A 122 -28.66 8.13 2.49
CA ARG A 122 -30.06 7.81 2.20
C ARG A 122 -30.33 7.83 0.70
N PRO A 123 -31.22 6.93 0.25
CA PRO A 123 -31.59 6.83 -1.17
C PRO A 123 -32.40 8.04 -1.65
N THR A 124 -32.01 8.58 -2.80
CA THR A 124 -32.69 9.74 -3.36
C THR A 124 -33.43 9.36 -4.65
N ALA A 125 -34.62 9.93 -4.83
CA ALA A 125 -35.42 9.66 -6.01
C ALA A 125 -34.70 10.11 -7.28
N PRO A 126 -34.44 11.42 -7.39
CA PRO A 126 -33.75 12.00 -8.54
C PRO A 126 -32.28 11.60 -8.61
N SER A 127 -31.95 10.79 -9.60
CA SER A 127 -30.57 10.34 -9.78
C SER A 127 -29.68 11.47 -10.26
N SER A 128 -28.46 11.52 -9.72
CA SER A 128 -27.50 12.56 -10.09
C SER A 128 -27.25 12.56 -11.60
N GLU A 129 -26.72 13.66 -12.11
CA GLU A 129 -26.43 13.79 -13.54
C GLU A 129 -24.95 14.06 -13.76
N LYS A 130 -24.31 13.22 -14.57
CA LYS A 130 -22.90 13.38 -14.88
C LYS A 130 -22.69 13.84 -16.32
N GLY A 131 -23.28 14.99 -16.65
CA GLY A 131 -23.15 15.53 -17.99
C GLY A 131 -22.99 17.04 -18.00
N GLY A 132 -24.06 17.75 -18.31
CA GLY A 132 -24.01 19.20 -18.35
C GLY A 132 -23.92 19.81 -16.97
N ASN A 133 -23.46 21.05 -16.90
CA ASN A 133 -23.32 21.76 -15.63
C ASN A 133 -24.18 23.01 -15.60
N TYR A 134 -24.77 23.29 -14.44
CA TYR A 134 -25.62 24.45 -14.27
C TYR A 134 -25.99 24.66 -12.81
N GLY A 1 6.79 -2.53 -20.19
CA GLY A 1 7.21 -2.83 -21.54
C GLY A 1 8.57 -3.50 -21.60
N ALA A 2 9.31 -3.26 -22.68
CA ALA A 2 10.63 -3.83 -22.85
C ALA A 2 11.57 -3.37 -21.74
N ARG A 3 11.50 -2.09 -21.40
CA ARG A 3 12.36 -1.54 -20.35
C ARG A 3 12.22 -2.33 -19.06
N ASN A 4 13.33 -2.46 -18.33
CA ASN A 4 13.33 -3.20 -17.07
C ASN A 4 13.05 -2.27 -15.90
N SER A 5 13.59 -1.06 -15.96
CA SER A 5 13.41 -0.08 -14.91
C SER A 5 12.53 1.07 -15.37
N VAL A 6 11.49 1.37 -14.60
CA VAL A 6 10.56 2.45 -14.94
C VAL A 6 10.88 3.71 -14.14
N LEU A 7 11.26 3.52 -12.88
CA LEU A 7 11.59 4.64 -12.00
C LEU A 7 12.76 5.44 -12.56
N ARG A 8 13.16 6.48 -11.83
CA ARG A 8 14.28 7.32 -12.25
C ARG A 8 15.61 6.59 -12.08
N GLY A 9 16.70 7.31 -12.29
CA GLY A 9 18.02 6.71 -12.15
C GLY A 9 18.44 6.57 -10.70
N LYS A 10 18.32 7.64 -9.93
CA LYS A 10 18.70 7.62 -8.53
C LYS A 10 17.69 6.81 -7.71
N LYS A 11 16.41 6.96 -8.02
CA LYS A 11 15.37 6.24 -7.32
C LYS A 11 15.48 4.74 -7.56
N ALA A 12 15.82 4.36 -8.79
CA ALA A 12 15.97 2.96 -9.15
C ALA A 12 16.93 2.25 -8.19
N ASP A 13 18.02 2.93 -7.84
CA ASP A 13 19.01 2.37 -6.93
C ASP A 13 18.36 1.98 -5.60
N GLU A 14 17.23 2.60 -5.29
CA GLU A 14 16.53 2.33 -4.05
C GLU A 14 15.44 1.28 -4.26
N LEU A 15 14.72 1.39 -5.36
CA LEU A 15 13.65 0.45 -5.69
C LEU A 15 14.21 -0.94 -5.94
N GLU A 16 15.33 -1.00 -6.67
CA GLU A 16 15.96 -2.29 -6.98
C GLU A 16 16.74 -2.81 -5.78
N ARG A 17 16.91 -1.95 -4.77
CA ARG A 17 17.64 -2.33 -3.56
C ARG A 17 16.72 -3.02 -2.56
N ILE A 18 15.54 -2.44 -2.36
CA ILE A 18 14.57 -3.00 -1.42
C ILE A 18 14.33 -4.48 -1.70
N ARG A 19 14.36 -5.28 -0.65
CA ARG A 19 14.14 -6.72 -0.78
C ARG A 19 12.73 -7.11 -0.33
N LEU A 20 12.17 -8.13 -0.97
CA LEU A 20 10.83 -8.60 -0.64
C LEU A 20 10.77 -9.15 0.78
N ARG A 21 11.94 -9.53 1.32
CA ARG A 21 12.02 -10.07 2.65
C ARG A 21 13.22 -9.49 3.40
N PRO A 22 13.17 -9.56 4.74
CA PRO A 22 14.25 -9.05 5.60
C PRO A 22 15.51 -9.89 5.50
N GLY A 23 15.35 -11.20 5.30
CA GLY A 23 16.48 -12.09 5.19
C GLY A 23 16.57 -12.76 3.85
N GLY A 24 15.91 -12.17 2.84
CA GLY A 24 15.93 -12.74 1.51
C GLY A 24 16.92 -12.06 0.60
N LYS A 25 16.98 -12.49 -0.65
CA LYS A 25 17.90 -11.91 -1.63
C LYS A 25 17.15 -11.40 -2.85
N LYS A 26 15.82 -11.51 -2.82
CA LYS A 26 14.98 -11.06 -3.92
C LYS A 26 14.70 -9.56 -3.80
N LYS A 27 14.89 -8.84 -4.90
CA LYS A 27 14.65 -7.40 -4.91
C LYS A 27 13.43 -7.06 -5.77
N TYR A 28 12.78 -5.94 -5.46
CA TYR A 28 11.61 -5.51 -6.20
C TYR A 28 11.95 -5.27 -7.68
N ARG A 29 11.02 -5.65 -8.55
CA ARG A 29 11.22 -5.47 -9.99
C ARG A 29 9.88 -5.33 -10.71
N LEU A 30 9.94 -5.01 -11.99
CA LEU A 30 8.72 -4.85 -12.80
C LEU A 30 7.78 -6.02 -12.60
N LYS A 31 8.35 -7.21 -12.40
CA LYS A 31 7.56 -8.42 -12.20
C LYS A 31 6.54 -8.22 -11.09
N HIS A 32 6.96 -7.58 -10.01
CA HIS A 32 6.08 -7.33 -8.87
C HIS A 32 5.12 -6.17 -9.18
N ILE A 33 5.52 -5.20 -9.99
CA ILE A 33 4.63 -4.08 -10.32
C ILE A 33 3.52 -4.51 -11.26
N VAL A 34 3.90 -5.22 -12.32
CA VAL A 34 2.93 -5.69 -13.31
C VAL A 34 1.80 -6.46 -12.64
N TRP A 35 2.16 -7.44 -11.84
CA TRP A 35 1.16 -8.26 -11.14
C TRP A 35 0.32 -7.40 -10.21
N ALA A 36 0.95 -6.43 -9.57
CA ALA A 36 0.25 -5.53 -8.65
C ALA A 36 -0.81 -4.72 -9.38
N ALA A 37 -0.39 -4.00 -10.41
CA ALA A 37 -1.30 -3.18 -11.20
C ALA A 37 -2.43 -4.02 -11.78
N ASN A 38 -2.07 -5.13 -12.40
CA ASN A 38 -3.05 -6.04 -13.00
C ASN A 38 -4.16 -6.39 -11.99
N LYS A 39 -3.77 -6.53 -10.74
CA LYS A 39 -4.72 -6.87 -9.68
C LYS A 39 -5.65 -5.69 -9.40
N LEU A 40 -5.11 -4.49 -9.47
CA LEU A 40 -5.89 -3.27 -9.22
C LEU A 40 -7.02 -3.14 -10.23
N ASP A 41 -6.66 -3.15 -11.52
CA ASP A 41 -7.65 -3.03 -12.58
C ASP A 41 -8.78 -4.02 -12.39
N ARG A 42 -8.43 -5.28 -12.15
CA ARG A 42 -9.42 -6.33 -11.96
C ARG A 42 -10.23 -6.07 -10.69
N PHE A 43 -9.53 -5.92 -9.57
CA PHE A 43 -10.19 -5.67 -8.29
C PHE A 43 -11.20 -4.53 -8.41
N GLY A 44 -10.78 -3.43 -9.02
CA GLY A 44 -11.66 -2.30 -9.20
C GLY A 44 -10.92 -0.98 -9.10
N LEU A 45 -9.65 -1.03 -8.74
CA LEU A 45 -8.83 0.17 -8.61
C LEU A 45 -8.09 0.47 -9.91
N ALA A 46 -7.60 1.70 -10.03
CA ALA A 46 -6.87 2.11 -11.23
C ALA A 46 -5.39 1.82 -11.09
N GLU A 47 -4.65 2.02 -12.18
CA GLU A 47 -3.21 1.78 -12.17
C GLU A 47 -2.43 3.09 -12.16
N SER A 48 -3.07 4.15 -12.64
CA SER A 48 -2.44 5.47 -12.69
C SER A 48 -2.18 5.99 -11.29
N LEU A 49 -2.77 5.34 -10.30
CA LEU A 49 -2.60 5.74 -8.90
C LEU A 49 -1.36 5.10 -8.29
N LEU A 50 -0.54 4.49 -9.14
CA LEU A 50 0.69 3.84 -8.68
C LEU A 50 1.89 4.75 -8.90
N GLU A 51 1.65 5.94 -9.43
CA GLU A 51 2.71 6.89 -9.69
C GLU A 51 2.51 8.17 -8.88
N SER A 52 1.93 8.02 -7.70
CA SER A 52 1.67 9.16 -6.82
C SER A 52 1.25 8.70 -5.44
N LYS A 53 1.87 9.26 -4.41
CA LYS A 53 1.56 8.91 -3.03
C LYS A 53 0.06 9.00 -2.77
N GLU A 54 -0.54 10.10 -3.23
CA GLU A 54 -1.98 10.30 -3.05
C GLU A 54 -2.78 9.15 -3.65
N GLY A 55 -2.32 8.66 -4.80
CA GLY A 55 -3.00 7.56 -5.46
C GLY A 55 -2.94 6.28 -4.65
N CYS A 56 -1.75 5.88 -4.26
CA CYS A 56 -1.55 4.66 -3.48
C CYS A 56 -2.30 4.74 -2.15
N GLN A 57 -2.40 5.95 -1.61
CA GLN A 57 -3.08 6.15 -0.34
C GLN A 57 -4.54 5.73 -0.43
N LYS A 58 -5.19 6.10 -1.53
CA LYS A 58 -6.59 5.77 -1.74
C LYS A 58 -6.76 4.27 -1.97
N ILE A 59 -5.67 3.60 -2.34
CA ILE A 59 -5.69 2.17 -2.60
C ILE A 59 -5.45 1.38 -1.31
N LEU A 60 -4.51 1.85 -0.50
CA LEU A 60 -4.18 1.20 0.76
C LEU A 60 -5.39 1.18 1.69
N THR A 61 -6.22 2.22 1.60
CA THR A 61 -7.41 2.33 2.43
C THR A 61 -8.40 1.21 2.12
N VAL A 62 -8.45 0.79 0.87
CA VAL A 62 -9.34 -0.28 0.44
C VAL A 62 -8.74 -1.65 0.74
N LEU A 63 -7.42 -1.75 0.64
CA LEU A 63 -6.73 -3.00 0.90
C LEU A 63 -6.61 -3.26 2.40
N ASP A 64 -6.59 -2.18 3.18
CA ASP A 64 -6.48 -2.29 4.63
C ASP A 64 -7.54 -3.23 5.19
N PRO A 65 -8.82 -2.85 4.99
CA PRO A 65 -9.96 -3.64 5.46
C PRO A 65 -10.12 -4.95 4.71
N MET A 66 -9.49 -5.03 3.54
CA MET A 66 -9.56 -6.23 2.70
C MET A 66 -8.70 -7.35 3.30
N VAL A 67 -7.81 -6.98 4.21
CA VAL A 67 -6.93 -7.95 4.85
C VAL A 67 -7.72 -8.96 5.68
N PRO A 68 -8.47 -8.45 6.67
CA PRO A 68 -9.29 -9.28 7.55
C PRO A 68 -10.50 -9.87 6.82
N THR A 69 -10.68 -9.49 5.57
CA THR A 69 -11.79 -9.98 4.77
C THR A 69 -11.38 -10.19 3.32
N GLY A 70 -10.35 -11.02 3.12
CA GLY A 70 -9.87 -11.28 1.78
C GLY A 70 -9.27 -12.67 1.64
N SER A 71 -8.51 -12.89 0.57
CA SER A 71 -7.89 -14.18 0.33
C SER A 71 -6.37 -14.09 0.51
N GLU A 72 -5.67 -15.15 0.11
CA GLU A 72 -4.22 -15.19 0.23
C GLU A 72 -3.57 -14.26 -0.79
N ASN A 73 -3.98 -14.38 -2.04
CA ASN A 73 -3.43 -13.55 -3.12
C ASN A 73 -3.70 -12.08 -2.85
N LEU A 74 -4.65 -11.80 -1.98
CA LEU A 74 -5.01 -10.42 -1.63
C LEU A 74 -3.97 -9.81 -0.71
N LYS A 75 -3.49 -10.59 0.25
CA LYS A 75 -2.49 -10.12 1.19
C LYS A 75 -1.19 -9.75 0.48
N SER A 76 -1.02 -10.28 -0.74
CA SER A 76 0.17 -10.01 -1.52
C SER A 76 0.10 -8.62 -2.15
N LEU A 77 -1.08 -8.24 -2.62
CA LEU A 77 -1.28 -6.94 -3.23
C LEU A 77 -1.17 -5.82 -2.20
N PHE A 78 -1.68 -6.09 -1.00
CA PHE A 78 -1.63 -5.10 0.08
C PHE A 78 -0.19 -4.84 0.52
N ASN A 79 0.65 -5.87 0.39
CA ASN A 79 2.06 -5.75 0.77
C ASN A 79 2.83 -4.93 -0.26
N THR A 80 2.46 -5.07 -1.53
CA THR A 80 3.11 -4.35 -2.61
C THR A 80 2.80 -2.86 -2.55
N VAL A 81 1.52 -2.53 -2.51
CA VAL A 81 1.08 -1.14 -2.45
C VAL A 81 1.72 -0.41 -1.27
N CYS A 82 2.04 -1.17 -0.22
CA CYS A 82 2.65 -0.60 0.97
C CYS A 82 4.06 -0.08 0.68
N VAL A 83 4.72 -0.72 -0.29
CA VAL A 83 6.07 -0.33 -0.68
C VAL A 83 6.05 0.79 -1.70
N ILE A 84 5.07 0.75 -2.60
CA ILE A 84 4.92 1.76 -3.63
C ILE A 84 4.66 3.14 -3.02
N TRP A 85 3.80 3.18 -2.01
CA TRP A 85 3.47 4.42 -1.34
C TRP A 85 4.71 5.08 -0.75
N CYS A 86 5.53 4.26 -0.08
CA CYS A 86 6.76 4.76 0.53
C CYS A 86 7.60 5.53 -0.48
N ILE A 87 7.93 4.89 -1.60
CA ILE A 87 8.72 5.51 -2.63
C ILE A 87 8.19 6.89 -2.99
N HIS A 88 6.87 7.03 -2.95
CA HIS A 88 6.23 8.31 -3.27
C HIS A 88 6.31 9.26 -2.08
N ALA A 89 6.27 8.77 -0.85
CA ALA A 89 6.34 9.65 0.32
C ALA A 89 7.79 9.89 0.74
N GLU A 90 8.72 9.52 -0.13
CA GLU A 90 10.14 9.69 0.15
C GLU A 90 10.60 8.76 1.27
N GLU A 91 9.72 7.84 1.66
CA GLU A 91 10.02 6.89 2.73
C GLU A 91 10.97 5.80 2.23
N LYS A 92 12.04 5.57 2.99
CA LYS A 92 13.02 4.56 2.62
C LYS A 92 12.93 3.35 3.56
N VAL A 93 12.87 2.16 2.97
CA VAL A 93 12.78 0.92 3.74
C VAL A 93 13.80 -0.10 3.26
N LYS A 94 14.49 -0.73 4.20
CA LYS A 94 15.50 -1.73 3.87
C LYS A 94 14.84 -2.98 3.27
N ASP A 95 13.82 -3.48 3.95
CA ASP A 95 13.10 -4.66 3.48
C ASP A 95 11.60 -4.44 3.52
N THR A 96 10.87 -5.19 2.70
CA THR A 96 9.42 -5.08 2.64
C THR A 96 8.79 -5.20 4.03
N GLU A 97 9.51 -5.88 4.93
CA GLU A 97 9.02 -6.08 6.29
C GLU A 97 8.95 -4.74 7.04
N GLY A 98 9.89 -3.85 6.73
CA GLY A 98 9.92 -2.55 7.38
C GLY A 98 8.92 -1.58 6.79
N ALA A 99 8.55 -1.80 5.52
CA ALA A 99 7.60 -0.95 4.84
C ALA A 99 6.18 -1.19 5.34
N LYS A 100 5.90 -2.43 5.72
CA LYS A 100 4.57 -2.80 6.22
C LYS A 100 4.35 -2.24 7.62
N GLN A 101 5.45 -1.96 8.32
CA GLN A 101 5.37 -1.42 9.67
C GLN A 101 5.20 0.10 9.64
N ILE A 102 5.81 0.74 8.64
CA ILE A 102 5.73 2.19 8.50
C ILE A 102 4.38 2.60 7.92
N VAL A 103 3.94 1.90 6.89
CA VAL A 103 2.67 2.19 6.25
C VAL A 103 1.50 1.88 7.17
N ARG A 104 1.54 0.70 7.79
CA ARG A 104 0.48 0.28 8.70
C ARG A 104 0.22 1.35 9.77
N ARG A 105 1.29 1.77 10.44
CA ARG A 105 1.18 2.78 11.49
C ARG A 105 0.49 4.03 10.96
N HIS A 106 0.96 4.52 9.80
CA HIS A 106 0.39 5.71 9.19
C HIS A 106 -1.11 5.56 8.99
N LEU A 107 -1.65 4.35 8.91
CA LEU A 107 -3.08 4.15 8.73
C LEU A 107 -3.80 4.04 10.06
N VAL A 108 -3.18 3.33 11.01
CA VAL A 108 -3.77 3.15 12.33
C VAL A 108 -3.89 4.49 13.05
N ALA A 109 -2.91 5.36 12.85
CA ALA A 109 -2.91 6.68 13.48
C ALA A 109 -4.16 7.47 13.08
N GLU A 110 -4.70 7.16 11.91
CA GLU A 110 -5.90 7.85 11.43
C GLU A 110 -7.16 7.08 11.80
N THR A 111 -7.03 5.78 11.98
CA THR A 111 -8.16 4.94 12.35
C THR A 111 -8.73 5.33 13.70
N GLY A 112 -7.87 5.85 14.57
CA GLY A 112 -8.31 6.27 15.89
C GLY A 112 -9.49 7.22 15.83
N THR A 113 -9.51 8.07 14.81
CA THR A 113 -10.60 9.03 14.64
C THR A 113 -11.58 8.57 13.56
N ALA A 114 -11.73 7.26 13.43
CA ALA A 114 -12.64 6.69 12.44
C ALA A 114 -12.92 5.22 12.73
N GLU A 115 -13.14 4.90 14.01
CA GLU A 115 -13.41 3.52 14.41
C GLU A 115 -14.61 3.46 15.35
N LYS A 116 -15.72 4.07 14.94
CA LYS A 116 -16.93 4.09 15.74
C LYS A 116 -17.88 2.97 15.31
N MET A 117 -17.32 1.88 14.81
CA MET A 117 -18.11 0.74 14.37
C MET A 117 -19.07 1.14 13.27
N PRO A 118 -18.55 1.32 12.05
CA PRO A 118 -19.34 1.71 10.88
C PRO A 118 -20.28 0.59 10.43
N SER A 119 -21.09 0.88 9.41
CA SER A 119 -22.05 -0.09 8.89
C SER A 119 -21.31 -1.17 8.09
N THR A 120 -21.20 -2.35 8.69
CA THR A 120 -20.53 -3.47 8.05
C THR A 120 -20.91 -4.79 8.69
N SER A 121 -20.98 -5.84 7.89
CA SER A 121 -21.35 -7.17 8.39
C SER A 121 -20.27 -8.19 8.04
N ARG A 122 -20.11 -9.19 8.90
CA ARG A 122 -19.11 -10.23 8.69
C ARG A 122 -19.67 -11.35 7.81
N PRO A 123 -18.79 -11.97 7.01
CA PRO A 123 -19.19 -13.07 6.11
C PRO A 123 -19.55 -14.33 6.87
N THR A 124 -19.74 -15.43 6.13
CA THR A 124 -20.10 -16.71 6.73
C THR A 124 -19.32 -17.85 6.09
N ALA A 125 -18.26 -18.27 6.75
CA ALA A 125 -17.42 -19.37 6.24
C ALA A 125 -18.15 -20.70 6.36
N PRO A 126 -17.82 -21.64 5.45
CA PRO A 126 -18.43 -22.98 5.44
C PRO A 126 -17.99 -23.83 6.63
N SER A 127 -18.52 -25.04 6.70
CA SER A 127 -18.19 -25.95 7.79
C SER A 127 -18.18 -27.40 7.31
N SER A 128 -17.18 -28.16 7.74
CA SER A 128 -17.05 -29.56 7.34
C SER A 128 -17.05 -30.46 8.57
N GLU A 129 -17.48 -31.70 8.38
CA GLU A 129 -17.52 -32.68 9.47
C GLU A 129 -16.64 -33.89 9.16
N LYS A 130 -16.66 -34.87 10.05
CA LYS A 130 -15.86 -36.08 9.88
C LYS A 130 -16.73 -37.32 9.95
N GLY A 131 -16.94 -37.97 8.81
CA GLY A 131 -17.75 -39.18 8.77
C GLY A 131 -16.93 -40.43 8.58
N GLY A 132 -16.47 -40.65 7.35
CA GLY A 132 -15.67 -41.82 7.06
C GLY A 132 -14.64 -41.57 5.98
N ASN A 133 -15.02 -41.80 4.73
CA ASN A 133 -14.11 -41.59 3.60
C ASN A 133 -14.87 -41.61 2.28
N TYR A 134 -15.85 -40.72 2.16
CA TYR A 134 -16.66 -40.64 0.95
C TYR A 134 -16.81 -39.18 0.49
N GLY A 1 7.01 1.87 -19.46
CA GLY A 1 8.42 1.52 -19.38
C GLY A 1 9.12 1.61 -20.71
N ALA A 2 10.41 1.94 -20.69
CA ALA A 2 11.19 2.06 -21.92
C ALA A 2 12.16 0.90 -22.06
N ARG A 3 12.79 0.51 -20.95
CA ARG A 3 13.74 -0.58 -20.96
C ARG A 3 13.46 -1.56 -19.82
N ASN A 4 13.70 -1.12 -18.59
CA ASN A 4 13.47 -1.96 -17.42
C ASN A 4 13.38 -1.12 -16.16
N SER A 5 12.67 0.00 -16.25
CA SER A 5 12.51 0.91 -15.11
C SER A 5 11.44 1.96 -15.39
N VAL A 6 10.44 2.03 -14.52
CA VAL A 6 9.35 2.98 -14.68
C VAL A 6 9.66 4.29 -13.94
N LEU A 7 10.22 4.17 -12.75
CA LEU A 7 10.57 5.34 -11.95
C LEU A 7 11.84 6.00 -12.46
N ARG A 8 12.23 7.10 -11.83
CA ARG A 8 13.42 7.83 -12.23
C ARG A 8 14.67 6.96 -12.07
N GLY A 9 15.83 7.55 -12.34
CA GLY A 9 17.07 6.81 -12.21
C GLY A 9 17.52 6.67 -10.76
N LYS A 10 17.70 7.80 -10.10
CA LYS A 10 18.12 7.81 -8.71
C LYS A 10 17.16 7.01 -7.84
N LYS A 11 15.87 7.16 -8.12
CA LYS A 11 14.83 6.45 -7.36
C LYS A 11 14.84 4.96 -7.69
N ALA A 12 15.08 4.64 -8.96
CA ALA A 12 15.11 3.26 -9.41
C ALA A 12 16.06 2.42 -8.54
N ASP A 13 17.17 3.02 -8.15
CA ASP A 13 18.15 2.34 -7.31
C ASP A 13 17.53 1.87 -6.00
N GLU A 14 17.04 2.83 -5.22
CA GLU A 14 16.42 2.52 -3.94
C GLU A 14 15.30 1.49 -4.10
N LEU A 15 14.62 1.56 -5.24
CA LEU A 15 13.53 0.62 -5.53
C LEU A 15 14.06 -0.79 -5.76
N GLU A 16 15.10 -0.90 -6.59
CA GLU A 16 15.70 -2.19 -6.89
C GLU A 16 16.58 -2.66 -5.74
N ARG A 17 16.77 -1.78 -4.75
CA ARG A 17 17.59 -2.12 -3.59
C ARG A 17 16.76 -2.83 -2.53
N ILE A 18 15.56 -2.33 -2.28
CA ILE A 18 14.67 -2.93 -1.29
C ILE A 18 14.52 -4.42 -1.51
N ARG A 19 14.70 -5.20 -0.45
CA ARG A 19 14.58 -6.65 -0.53
C ARG A 19 13.16 -7.10 -0.20
N LEU A 20 12.62 -7.98 -1.03
CA LEU A 20 11.27 -8.50 -0.82
C LEU A 20 11.12 -9.12 0.57
N ARG A 21 12.23 -9.56 1.13
CA ARG A 21 12.24 -10.17 2.45
C ARG A 21 13.35 -9.59 3.32
N PRO A 22 13.21 -9.76 4.64
CA PRO A 22 14.18 -9.25 5.61
C PRO A 22 15.50 -10.02 5.56
N GLY A 23 15.42 -11.31 5.25
CA GLY A 23 16.61 -12.12 5.17
C GLY A 23 16.78 -12.77 3.80
N GLY A 24 16.18 -12.17 2.78
CA GLY A 24 16.27 -12.71 1.44
C GLY A 24 17.30 -11.98 0.60
N LYS A 25 17.37 -12.33 -0.68
CA LYS A 25 18.32 -11.71 -1.59
C LYS A 25 17.61 -11.18 -2.84
N LYS A 26 16.28 -11.31 -2.86
CA LYS A 26 15.49 -10.85 -3.99
C LYS A 26 15.05 -9.40 -3.79
N LYS A 27 15.03 -8.64 -4.88
CA LYS A 27 14.63 -7.24 -4.82
C LYS A 27 13.37 -6.99 -5.65
N TYR A 28 12.73 -5.86 -5.44
CA TYR A 28 11.51 -5.51 -6.17
C TYR A 28 11.82 -5.26 -7.64
N ARG A 29 10.89 -5.66 -8.50
CA ARG A 29 11.06 -5.49 -9.94
C ARG A 29 9.70 -5.26 -10.62
N LEU A 30 9.76 -4.85 -11.88
CA LEU A 30 8.53 -4.59 -12.65
C LEU A 30 7.57 -5.78 -12.54
N LYS A 31 8.13 -6.98 -12.45
CA LYS A 31 7.32 -8.19 -12.34
C LYS A 31 6.31 -8.07 -11.21
N HIS A 32 6.76 -7.57 -10.06
CA HIS A 32 5.89 -7.40 -8.91
C HIS A 32 4.85 -6.30 -9.16
N ILE A 33 5.14 -5.31 -10.00
CA ILE A 33 4.19 -4.24 -10.27
C ILE A 33 3.04 -4.75 -11.16
N VAL A 34 3.38 -5.57 -12.14
CA VAL A 34 2.39 -6.11 -13.05
C VAL A 34 1.36 -6.96 -12.30
N TRP A 35 1.83 -7.76 -11.35
CA TRP A 35 0.95 -8.62 -10.56
C TRP A 35 0.08 -7.79 -9.64
N ALA A 36 0.54 -6.58 -9.32
CA ALA A 36 -0.21 -5.68 -8.44
C ALA A 36 -1.29 -4.93 -9.21
N ALA A 37 -0.89 -4.32 -10.33
CA ALA A 37 -1.83 -3.56 -11.15
C ALA A 37 -3.04 -4.42 -11.53
N ASN A 38 -2.80 -5.70 -11.77
CA ASN A 38 -3.86 -6.62 -12.14
C ASN A 38 -4.97 -6.62 -11.11
N LYS A 39 -4.58 -6.47 -9.84
CA LYS A 39 -5.55 -6.45 -8.74
C LYS A 39 -6.36 -5.15 -8.76
N LEU A 40 -5.67 -4.04 -8.97
CA LEU A 40 -6.32 -2.73 -9.00
C LEU A 40 -7.50 -2.74 -9.98
N ASP A 41 -7.41 -3.59 -10.99
CA ASP A 41 -8.46 -3.69 -11.99
C ASP A 41 -9.68 -4.41 -11.43
N ARG A 42 -9.44 -5.57 -10.82
CA ARG A 42 -10.52 -6.36 -10.23
C ARG A 42 -11.38 -5.51 -9.30
N PHE A 43 -10.79 -4.43 -8.78
CA PHE A 43 -11.51 -3.54 -7.88
C PHE A 43 -12.01 -2.30 -8.63
N GLY A 44 -11.16 -1.75 -9.47
CA GLY A 44 -11.53 -0.56 -10.24
C GLY A 44 -10.42 0.47 -10.29
N LEU A 45 -9.78 0.69 -9.15
CA LEU A 45 -8.69 1.66 -9.06
C LEU A 45 -7.78 1.57 -10.29
N ALA A 46 -7.34 2.72 -10.77
CA ALA A 46 -6.46 2.78 -11.94
C ALA A 46 -5.03 2.40 -11.56
N GLU A 47 -4.40 1.57 -12.39
CA GLU A 47 -3.03 1.14 -12.15
C GLU A 47 -2.05 2.30 -12.30
N SER A 48 -2.50 3.35 -12.97
CA SER A 48 -1.66 4.52 -13.20
C SER A 48 -1.42 5.27 -11.90
N LEU A 49 -2.14 4.89 -10.86
CA LEU A 49 -2.01 5.52 -9.55
C LEU A 49 -0.80 4.97 -8.80
N LEU A 50 -0.07 4.06 -9.43
CA LEU A 50 1.10 3.45 -8.83
C LEU A 50 2.32 4.38 -8.96
N GLU A 51 2.10 5.55 -9.53
CA GLU A 51 3.17 6.53 -9.72
C GLU A 51 2.85 7.83 -8.98
N SER A 52 2.23 7.70 -7.81
CA SER A 52 1.86 8.86 -7.02
C SER A 52 1.41 8.44 -5.62
N LYS A 53 1.89 9.15 -4.61
CA LYS A 53 1.54 8.86 -3.23
C LYS A 53 0.03 8.93 -3.02
N GLU A 54 -0.56 10.03 -3.48
CA GLU A 54 -2.00 10.23 -3.34
C GLU A 54 -2.77 9.05 -3.91
N GLY A 55 -2.36 8.60 -5.10
CA GLY A 55 -3.03 7.47 -5.74
C GLY A 55 -2.83 6.18 -4.97
N CYS A 56 -1.59 5.90 -4.58
CA CYS A 56 -1.27 4.68 -3.84
C CYS A 56 -1.96 4.69 -2.48
N GLN A 57 -2.19 5.88 -1.94
CA GLN A 57 -2.84 6.01 -0.64
C GLN A 57 -4.26 5.47 -0.68
N LYS A 58 -4.95 5.73 -1.78
CA LYS A 58 -6.33 5.27 -1.95
C LYS A 58 -6.38 3.75 -2.09
N ILE A 59 -5.25 3.16 -2.43
CA ILE A 59 -5.16 1.71 -2.60
C ILE A 59 -5.09 1.01 -1.25
N LEU A 60 -4.34 1.59 -0.32
CA LEU A 60 -4.19 1.02 1.01
C LEU A 60 -5.53 0.99 1.74
N THR A 61 -6.28 2.08 1.63
CA THR A 61 -7.59 2.17 2.27
C THR A 61 -8.56 1.14 1.71
N VAL A 62 -8.38 0.79 0.44
CA VAL A 62 -9.23 -0.18 -0.22
C VAL A 62 -8.82 -1.61 0.14
N LEU A 63 -7.53 -1.81 0.32
CA LEU A 63 -7.00 -3.14 0.67
C LEU A 63 -7.13 -3.39 2.16
N ASP A 64 -7.23 -2.32 2.94
CA ASP A 64 -7.36 -2.42 4.38
C ASP A 64 -8.48 -3.38 4.77
N PRO A 65 -9.71 -3.03 4.36
CA PRO A 65 -10.89 -3.85 4.64
C PRO A 65 -10.90 -5.17 3.86
N MET A 66 -10.11 -5.21 2.79
CA MET A 66 -10.02 -6.41 1.96
C MET A 66 -9.14 -7.46 2.62
N VAL A 67 -8.24 -7.01 3.50
CA VAL A 67 -7.34 -7.92 4.20
C VAL A 67 -8.11 -9.00 4.95
N PRO A 68 -9.00 -8.57 5.85
CA PRO A 68 -9.82 -9.49 6.65
C PRO A 68 -10.88 -10.20 5.81
N THR A 69 -10.89 -9.91 4.51
CA THR A 69 -11.85 -10.52 3.60
C THR A 69 -11.18 -10.96 2.31
N GLY A 70 -9.91 -11.37 2.41
CA GLY A 70 -9.18 -11.81 1.25
C GLY A 70 -8.26 -12.97 1.54
N SER A 71 -7.49 -13.40 0.54
CA SER A 71 -6.57 -14.51 0.71
C SER A 71 -5.13 -14.07 0.47
N GLU A 72 -4.23 -15.04 0.36
CA GLU A 72 -2.81 -14.75 0.14
C GLU A 72 -2.63 -13.83 -1.07
N ASN A 73 -3.31 -14.17 -2.15
CA ASN A 73 -3.22 -13.38 -3.38
C ASN A 73 -3.59 -11.92 -3.11
N LEU A 74 -4.38 -11.70 -2.06
CA LEU A 74 -4.81 -10.35 -1.71
C LEU A 74 -3.80 -9.70 -0.76
N LYS A 75 -3.48 -10.40 0.32
CA LYS A 75 -2.53 -9.89 1.30
C LYS A 75 -1.19 -9.55 0.65
N SER A 76 -0.84 -10.28 -0.41
CA SER A 76 0.41 -10.05 -1.11
C SER A 76 0.46 -8.62 -1.66
N LEU A 77 -0.67 -8.15 -2.18
CA LEU A 77 -0.75 -6.80 -2.72
C LEU A 77 -0.67 -5.75 -1.62
N PHE A 78 -1.38 -6.00 -0.53
CA PHE A 78 -1.39 -5.08 0.60
C PHE A 78 0.02 -4.75 1.05
N ASN A 79 0.87 -5.77 1.10
CA ASN A 79 2.26 -5.60 1.52
C ASN A 79 3.05 -4.85 0.46
N THR A 80 2.78 -5.16 -0.81
CA THR A 80 3.48 -4.51 -1.92
C THR A 80 3.13 -3.03 -1.99
N VAL A 81 1.86 -2.71 -1.76
CA VAL A 81 1.39 -1.33 -1.79
C VAL A 81 2.08 -0.49 -0.73
N CYS A 82 2.47 -1.13 0.37
CA CYS A 82 3.15 -0.44 1.45
C CYS A 82 4.53 0.04 1.02
N VAL A 83 5.17 -0.73 0.16
CA VAL A 83 6.50 -0.38 -0.34
C VAL A 83 6.43 0.71 -1.40
N ILE A 84 5.49 0.57 -2.33
CA ILE A 84 5.32 1.54 -3.40
C ILE A 84 5.01 2.93 -2.83
N TRP A 85 3.95 3.02 -2.05
CA TRP A 85 3.54 4.28 -1.44
C TRP A 85 4.73 4.95 -0.76
N CYS A 86 5.50 4.17 -0.01
CA CYS A 86 6.67 4.70 0.68
C CYS A 86 7.59 5.46 -0.26
N ILE A 87 7.90 4.83 -1.39
CA ILE A 87 8.77 5.44 -2.39
C ILE A 87 8.27 6.83 -2.77
N HIS A 88 6.95 6.99 -2.85
CA HIS A 88 6.35 8.27 -3.20
C HIS A 88 6.42 9.24 -2.01
N ALA A 89 6.34 8.77 -0.78
CA ALA A 89 6.40 9.66 0.38
C ALA A 89 7.85 9.90 0.81
N GLU A 90 8.79 9.54 -0.05
CA GLU A 90 10.21 9.71 0.25
C GLU A 90 10.65 8.74 1.34
N GLU A 91 9.76 7.83 1.72
CA GLU A 91 10.06 6.85 2.76
C GLU A 91 10.99 5.75 2.22
N LYS A 92 12.04 5.45 2.99
CA LYS A 92 13.00 4.43 2.59
C LYS A 92 12.97 3.25 3.55
N VAL A 93 12.94 2.04 3.01
CA VAL A 93 12.91 0.83 3.82
C VAL A 93 13.91 -0.19 3.31
N LYS A 94 14.59 -0.88 4.24
CA LYS A 94 15.56 -1.89 3.89
C LYS A 94 14.88 -3.14 3.34
N ASP A 95 13.86 -3.60 4.04
CA ASP A 95 13.11 -4.78 3.61
C ASP A 95 11.61 -4.53 3.66
N THR A 96 10.86 -5.24 2.81
CA THR A 96 9.41 -5.10 2.77
C THR A 96 8.81 -5.05 4.16
N GLU A 97 9.38 -5.84 5.07
CA GLU A 97 8.90 -5.89 6.44
C GLU A 97 8.84 -4.49 7.06
N GLY A 98 9.96 -3.78 6.98
CA GLY A 98 10.03 -2.43 7.52
C GLY A 98 9.04 -1.49 6.86
N ALA A 99 8.74 -1.75 5.59
CA ALA A 99 7.80 -0.92 4.84
C ALA A 99 6.40 -1.01 5.43
N LYS A 100 5.98 -2.22 5.78
CA LYS A 100 4.66 -2.44 6.34
C LYS A 100 4.57 -1.85 7.75
N GLN A 101 5.71 -1.80 8.44
CA GLN A 101 5.76 -1.26 9.80
C GLN A 101 5.62 0.25 9.79
N ILE A 102 6.24 0.89 8.80
CA ILE A 102 6.17 2.35 8.68
C ILE A 102 4.82 2.79 8.15
N VAL A 103 4.33 2.11 7.13
CA VAL A 103 3.04 2.43 6.53
C VAL A 103 1.90 2.19 7.51
N ARG A 104 1.91 1.02 8.14
CA ARG A 104 0.88 0.66 9.11
C ARG A 104 0.71 1.75 10.15
N ARG A 105 1.84 2.17 10.74
CA ARG A 105 1.82 3.22 11.76
C ARG A 105 1.13 4.48 11.24
N HIS A 106 1.18 4.68 9.93
CA HIS A 106 0.56 5.85 9.30
C HIS A 106 -0.93 5.60 9.06
N LEU A 107 -1.37 4.36 8.90
CA LEU A 107 -2.78 4.09 8.67
C LEU A 107 -3.55 4.03 9.98
N VAL A 108 -2.96 3.38 10.98
CA VAL A 108 -3.60 3.26 12.29
C VAL A 108 -3.94 4.63 12.87
N ALA A 109 -3.18 5.64 12.46
CA ALA A 109 -3.40 7.00 12.94
C ALA A 109 -4.66 7.59 12.34
N GLU A 110 -4.98 7.20 11.11
CA GLU A 110 -6.16 7.70 10.42
C GLU A 110 -7.36 6.80 10.71
N THR A 111 -7.09 5.53 10.99
CA THR A 111 -8.14 4.56 11.28
C THR A 111 -8.35 4.40 12.79
N GLY A 112 -7.99 5.43 13.54
CA GLY A 112 -8.13 5.38 14.98
C GLY A 112 -9.20 6.34 15.48
N THR A 113 -10.10 6.75 14.59
CA THR A 113 -11.17 7.67 14.95
C THR A 113 -12.49 6.94 15.13
N ALA A 114 -12.63 5.80 14.45
CA ALA A 114 -13.85 5.00 14.52
C ALA A 114 -14.08 4.51 15.94
N GLU A 115 -13.00 4.38 16.71
CA GLU A 115 -13.09 3.91 18.09
C GLU A 115 -13.11 5.08 19.07
N LYS A 116 -13.67 6.21 18.62
CA LYS A 116 -13.76 7.41 19.45
C LYS A 116 -15.09 8.12 19.23
N MET A 117 -16.14 7.35 18.95
CA MET A 117 -17.46 7.91 18.71
C MET A 117 -18.54 7.03 19.34
N PRO A 118 -19.67 7.65 19.71
CA PRO A 118 -20.80 6.94 20.33
C PRO A 118 -21.51 6.02 19.34
N SER A 119 -22.12 4.96 19.85
CA SER A 119 -22.83 4.01 19.01
C SER A 119 -23.90 4.70 18.19
N THR A 120 -24.14 4.18 16.98
CA THR A 120 -25.13 4.76 16.08
C THR A 120 -26.25 3.76 15.80
N SER A 121 -27.27 4.23 15.09
CA SER A 121 -28.41 3.37 14.75
C SER A 121 -27.98 2.27 13.78
N ARG A 122 -28.63 1.11 13.91
CA ARG A 122 -28.32 -0.02 13.04
C ARG A 122 -29.35 -0.16 11.93
N PRO A 123 -28.91 -0.68 10.77
CA PRO A 123 -29.78 -0.87 9.61
C PRO A 123 -30.80 -1.98 9.82
N THR A 124 -31.52 -2.33 8.76
CA THR A 124 -32.53 -3.38 8.83
C THR A 124 -31.97 -4.72 8.38
N ALA A 125 -32.82 -5.75 8.38
CA ALA A 125 -32.41 -7.08 7.98
C ALA A 125 -32.06 -7.11 6.49
N PRO A 126 -31.12 -8.00 6.12
CA PRO A 126 -30.67 -8.15 4.74
C PRO A 126 -31.75 -8.76 3.85
N SER A 127 -31.42 -8.95 2.57
CA SER A 127 -32.35 -9.53 1.61
C SER A 127 -32.56 -11.03 1.87
N SER A 128 -33.80 -11.41 2.14
CA SER A 128 -34.12 -12.80 2.41
C SER A 128 -34.45 -13.54 1.11
N GLU A 129 -34.90 -14.79 1.25
CA GLU A 129 -35.24 -15.60 0.09
C GLU A 129 -36.40 -14.99 -0.68
N LYS A 130 -36.19 -14.74 -1.97
CA LYS A 130 -37.22 -14.16 -2.82
C LYS A 130 -36.96 -14.48 -4.28
N GLY A 131 -38.04 -14.55 -5.07
CA GLY A 131 -37.90 -14.85 -6.49
C GLY A 131 -36.93 -13.93 -7.19
N GLY A 132 -36.35 -14.40 -8.28
CA GLY A 132 -35.39 -13.60 -9.03
C GLY A 132 -33.96 -13.89 -8.64
N ASN A 133 -33.18 -14.39 -9.59
CA ASN A 133 -31.78 -14.71 -9.34
C ASN A 133 -30.87 -13.98 -10.32
N TYR A 134 -29.56 -14.11 -10.11
CA TYR A 134 -28.59 -13.46 -10.98
C TYR A 134 -28.80 -11.95 -11.02
N GLY A 1 1.00 0.97 -19.80
CA GLY A 1 1.37 -0.19 -20.59
C GLY A 1 2.83 -0.56 -20.41
N ALA A 2 3.43 -1.14 -21.45
CA ALA A 2 4.82 -1.55 -21.40
C ALA A 2 5.74 -0.35 -21.24
N ARG A 3 5.83 0.46 -22.28
CA ARG A 3 6.69 1.65 -22.25
C ARG A 3 8.15 1.27 -22.06
N ASN A 4 9.02 2.28 -21.97
CA ASN A 4 10.44 2.04 -21.79
C ASN A 4 10.77 1.82 -20.32
N SER A 5 10.72 2.89 -19.54
CA SER A 5 11.01 2.82 -18.11
C SER A 5 10.19 3.83 -17.33
N VAL A 6 9.21 3.33 -16.56
CA VAL A 6 8.36 4.20 -15.77
C VAL A 6 9.10 4.77 -14.57
N LEU A 7 9.96 3.94 -13.96
CA LEU A 7 10.74 4.36 -12.81
C LEU A 7 11.72 5.46 -13.18
N ARG A 8 12.31 6.09 -12.18
CA ARG A 8 13.27 7.17 -12.40
C ARG A 8 14.70 6.63 -12.39
N GLY A 9 15.67 7.54 -12.37
CA GLY A 9 17.06 7.14 -12.36
C GLY A 9 17.59 6.92 -10.96
N LYS A 10 17.80 8.01 -10.23
CA LYS A 10 18.30 7.94 -8.86
C LYS A 10 17.35 7.17 -7.97
N LYS A 11 16.06 7.25 -8.29
CA LYS A 11 15.03 6.56 -7.51
C LYS A 11 15.08 5.06 -7.78
N ALA A 12 15.33 4.68 -9.03
CA ALA A 12 15.40 3.28 -9.41
C ALA A 12 16.34 2.50 -8.48
N ASP A 13 17.44 3.14 -8.11
CA ASP A 13 18.41 2.51 -7.22
C ASP A 13 17.77 2.10 -5.90
N GLU A 14 17.14 3.05 -5.24
CA GLU A 14 16.47 2.79 -3.96
C GLU A 14 15.39 1.73 -4.13
N LEU A 15 14.74 1.73 -5.27
CA LEU A 15 13.68 0.77 -5.56
C LEU A 15 14.24 -0.64 -5.74
N GLU A 16 15.30 -0.74 -6.53
CA GLU A 16 15.94 -2.03 -6.79
C GLU A 16 16.81 -2.45 -5.60
N ARG A 17 16.93 -1.55 -4.62
CA ARG A 17 17.73 -1.83 -3.44
C ARG A 17 16.91 -2.55 -2.38
N ILE A 18 15.68 -2.07 -2.17
CA ILE A 18 14.80 -2.67 -1.18
C ILE A 18 14.69 -4.18 -1.37
N ARG A 19 14.82 -4.92 -0.28
CA ARG A 19 14.74 -6.37 -0.32
C ARG A 19 13.29 -6.85 -0.21
N LEU A 20 12.90 -7.76 -1.10
CA LEU A 20 11.54 -8.29 -1.10
C LEU A 20 11.19 -8.89 0.26
N ARG A 21 12.20 -9.41 0.95
CA ARG A 21 12.00 -10.02 2.26
C ARG A 21 13.11 -9.62 3.22
N PRO A 22 12.85 -9.77 4.53
CA PRO A 22 13.81 -9.43 5.58
C PRO A 22 15.01 -10.38 5.60
N GLY A 23 14.76 -11.64 5.25
CA GLY A 23 15.82 -12.63 5.24
C GLY A 23 16.36 -12.89 3.85
N GLY A 24 15.45 -12.94 2.87
CA GLY A 24 15.86 -13.18 1.50
C GLY A 24 16.87 -12.16 1.00
N LYS A 25 17.23 -12.27 -0.28
CA LYS A 25 18.19 -11.35 -0.88
C LYS A 25 17.66 -10.81 -2.21
N LYS A 26 16.39 -11.05 -2.48
CA LYS A 26 15.76 -10.59 -3.71
C LYS A 26 15.35 -9.12 -3.60
N LYS A 27 15.29 -8.43 -4.73
CA LYS A 27 14.91 -7.03 -4.76
C LYS A 27 13.66 -6.83 -5.61
N TYR A 28 12.99 -5.70 -5.41
CA TYR A 28 11.79 -5.38 -6.16
C TYR A 28 12.10 -5.14 -7.64
N ARG A 29 11.17 -5.50 -8.51
CA ARG A 29 11.35 -5.32 -9.94
C ARG A 29 10.01 -5.07 -10.64
N LEU A 30 10.08 -4.61 -11.88
CA LEU A 30 8.87 -4.33 -12.66
C LEU A 30 7.89 -5.49 -12.58
N LYS A 31 8.43 -6.70 -12.51
CA LYS A 31 7.60 -7.91 -12.43
C LYS A 31 6.56 -7.78 -11.33
N HIS A 32 6.98 -7.28 -10.16
CA HIS A 32 6.08 -7.10 -9.03
C HIS A 32 5.06 -6.00 -9.31
N ILE A 33 5.38 -5.01 -10.14
CA ILE A 33 4.44 -3.93 -10.43
C ILE A 33 3.31 -4.43 -11.32
N VAL A 34 3.66 -5.31 -12.26
CA VAL A 34 2.66 -5.86 -13.19
C VAL A 34 1.57 -6.61 -12.44
N TRP A 35 1.97 -7.48 -11.52
CA TRP A 35 1.02 -8.26 -10.73
C TRP A 35 0.14 -7.35 -9.90
N ALA A 36 0.68 -6.19 -9.51
CA ALA A 36 -0.07 -5.23 -8.71
C ALA A 36 -1.20 -4.61 -9.52
N ALA A 37 -0.88 -4.10 -10.70
CA ALA A 37 -1.88 -3.48 -11.56
C ALA A 37 -3.04 -4.43 -11.84
N ASN A 38 -2.73 -5.71 -11.96
CA ASN A 38 -3.75 -6.72 -12.22
C ASN A 38 -4.81 -6.72 -11.12
N LYS A 39 -4.39 -6.38 -9.91
CA LYS A 39 -5.30 -6.34 -8.77
C LYS A 39 -6.19 -5.10 -8.82
N LEU A 40 -5.58 -3.94 -9.06
CA LEU A 40 -6.32 -2.69 -9.14
C LEU A 40 -7.44 -2.78 -10.16
N ASP A 41 -7.28 -3.68 -11.14
CA ASP A 41 -8.28 -3.87 -12.17
C ASP A 41 -9.50 -4.59 -11.62
N ARG A 42 -9.27 -5.73 -10.98
CA ARG A 42 -10.36 -6.52 -10.40
C ARG A 42 -11.26 -5.65 -9.53
N PHE A 43 -10.70 -4.55 -9.02
CA PHE A 43 -11.45 -3.63 -8.17
C PHE A 43 -11.99 -2.45 -8.98
N GLY A 44 -11.13 -1.91 -9.85
CA GLY A 44 -11.54 -0.78 -10.67
C GLY A 44 -10.48 0.30 -10.71
N LEU A 45 -9.88 0.58 -9.56
CA LEU A 45 -8.85 1.61 -9.45
C LEU A 45 -7.89 1.54 -10.65
N ALA A 46 -7.45 2.71 -11.10
CA ALA A 46 -6.52 2.78 -12.23
C ALA A 46 -5.12 2.35 -11.82
N GLU A 47 -4.45 1.60 -12.69
CA GLU A 47 -3.09 1.14 -12.41
C GLU A 47 -2.09 2.29 -12.49
N SER A 48 -2.48 3.35 -13.19
CA SER A 48 -1.62 4.52 -13.36
C SER A 48 -1.42 5.24 -12.02
N LEU A 49 -2.21 4.85 -11.03
CA LEU A 49 -2.12 5.46 -9.70
C LEU A 49 -0.94 4.88 -8.91
N LEU A 50 -0.22 3.95 -9.53
CA LEU A 50 0.92 3.32 -8.91
C LEU A 50 2.15 4.22 -8.97
N GLU A 51 1.98 5.40 -9.57
CA GLU A 51 3.08 6.35 -9.70
C GLU A 51 2.74 7.65 -8.98
N SER A 52 2.06 7.54 -7.84
CA SER A 52 1.69 8.71 -7.05
C SER A 52 1.27 8.31 -5.65
N LYS A 53 1.81 9.00 -4.66
CA LYS A 53 1.49 8.72 -3.26
C LYS A 53 -0.02 8.78 -3.02
N GLU A 54 -0.64 9.86 -3.49
CA GLU A 54 -2.08 10.04 -3.32
C GLU A 54 -2.84 8.83 -3.86
N GLY A 55 -2.47 8.39 -5.06
CA GLY A 55 -3.12 7.25 -5.67
C GLY A 55 -2.96 5.98 -4.86
N CYS A 56 -1.74 5.75 -4.35
CA CYS A 56 -1.46 4.56 -3.56
C CYS A 56 -2.16 4.63 -2.20
N GLN A 57 -2.28 5.85 -1.67
CA GLN A 57 -2.94 6.05 -0.38
C GLN A 57 -4.37 5.54 -0.40
N LYS A 58 -5.07 5.83 -1.50
CA LYS A 58 -6.46 5.40 -1.66
C LYS A 58 -6.54 3.89 -1.86
N ILE A 59 -5.42 3.29 -2.26
CA ILE A 59 -5.36 1.85 -2.50
C ILE A 59 -5.11 1.09 -1.20
N LEU A 60 -4.20 1.62 -0.38
CA LEU A 60 -3.86 0.99 0.89
C LEU A 60 -5.06 0.99 1.83
N THR A 61 -5.85 2.06 1.78
CA THR A 61 -7.03 2.17 2.62
C THR A 61 -8.08 1.13 2.26
N VAL A 62 -8.16 0.80 0.97
CA VAL A 62 -9.11 -0.19 0.49
C VAL A 62 -8.60 -1.61 0.72
N LEU A 63 -7.29 -1.77 0.68
CA LEU A 63 -6.67 -3.07 0.89
C LEU A 63 -6.53 -3.39 2.37
N ASP A 64 -6.46 -2.34 3.19
CA ASP A 64 -6.33 -2.50 4.63
C ASP A 64 -7.43 -3.40 5.18
N PRO A 65 -8.69 -2.97 5.01
CA PRO A 65 -9.85 -3.73 5.47
C PRO A 65 -10.08 -5.00 4.67
N MET A 66 -9.40 -5.11 3.54
CA MET A 66 -9.53 -6.29 2.68
C MET A 66 -8.74 -7.46 3.26
N VAL A 67 -7.88 -7.17 4.23
CA VAL A 67 -7.07 -8.20 4.86
C VAL A 67 -7.94 -9.23 5.59
N PRO A 68 -8.74 -8.74 6.55
CA PRO A 68 -9.63 -9.59 7.35
C PRO A 68 -10.79 -10.13 6.52
N THR A 69 -10.87 -9.69 5.26
CA THR A 69 -11.94 -10.14 4.38
C THR A 69 -11.44 -10.29 2.94
N GLY A 70 -10.35 -11.05 2.79
CA GLY A 70 -9.79 -11.26 1.46
C GLY A 70 -9.22 -12.66 1.29
N SER A 71 -8.46 -12.87 0.22
CA SER A 71 -7.87 -14.16 -0.06
C SER A 71 -6.37 -14.16 0.27
N GLU A 72 -5.68 -15.21 -0.12
CA GLU A 72 -4.25 -15.34 0.12
C GLU A 72 -3.46 -14.35 -0.73
N ASN A 73 -3.81 -14.29 -2.02
CA ASN A 73 -3.13 -13.40 -2.95
C ASN A 73 -3.33 -11.93 -2.54
N LEU A 74 -4.57 -11.58 -2.20
CA LEU A 74 -4.89 -10.23 -1.79
C LEU A 74 -3.94 -9.75 -0.69
N LYS A 75 -3.60 -10.65 0.22
CA LYS A 75 -2.69 -10.32 1.32
C LYS A 75 -1.34 -9.83 0.78
N SER A 76 -0.84 -10.52 -0.23
CA SER A 76 0.45 -10.16 -0.84
C SER A 76 0.40 -8.75 -1.41
N LEU A 77 -0.71 -8.42 -2.06
CA LEU A 77 -0.88 -7.09 -2.66
C LEU A 77 -0.77 -6.00 -1.60
N PHE A 78 -1.48 -6.19 -0.48
CA PHE A 78 -1.46 -5.22 0.61
C PHE A 78 -0.04 -4.92 1.04
N ASN A 79 0.84 -5.91 0.94
CA ASN A 79 2.24 -5.76 1.32
C ASN A 79 3.01 -5.00 0.25
N THR A 80 2.70 -5.27 -1.02
CA THR A 80 3.36 -4.62 -2.13
C THR A 80 2.99 -3.14 -2.20
N VAL A 81 1.70 -2.85 -2.09
CA VAL A 81 1.22 -1.47 -2.14
C VAL A 81 1.88 -0.62 -1.06
N CYS A 82 2.30 -1.27 0.02
CA CYS A 82 2.94 -0.57 1.12
C CYS A 82 4.32 -0.06 0.71
N VAL A 83 5.01 -0.82 -0.13
CA VAL A 83 6.34 -0.45 -0.60
C VAL A 83 6.24 0.66 -1.65
N ILE A 84 5.27 0.54 -2.55
CA ILE A 84 5.08 1.53 -3.61
C ILE A 84 4.80 2.91 -3.02
N TRP A 85 3.81 2.97 -2.14
CA TRP A 85 3.43 4.23 -1.51
C TRP A 85 4.64 4.92 -0.88
N CYS A 86 5.45 4.13 -0.18
CA CYS A 86 6.65 4.65 0.48
C CYS A 86 7.52 5.42 -0.52
N ILE A 87 7.86 4.77 -1.62
CA ILE A 87 8.69 5.40 -2.65
C ILE A 87 8.16 6.78 -3.01
N HIS A 88 6.84 6.92 -3.02
CA HIS A 88 6.20 8.18 -3.36
C HIS A 88 6.23 9.14 -2.16
N ALA A 89 6.17 8.65 -0.93
CA ALA A 89 6.20 9.51 0.24
C ALA A 89 7.63 9.77 0.70
N GLU A 90 8.58 9.44 -0.16
CA GLU A 90 10.00 9.62 0.16
C GLU A 90 10.44 8.68 1.27
N GLU A 91 9.57 7.73 1.61
CA GLU A 91 9.87 6.76 2.66
C GLU A 91 10.80 5.67 2.15
N LYS A 92 11.83 5.36 2.93
CA LYS A 92 12.79 4.34 2.55
C LYS A 92 12.80 3.20 3.57
N VAL A 93 12.84 1.97 3.06
CA VAL A 93 12.85 0.79 3.93
C VAL A 93 13.87 -0.23 3.45
N LYS A 94 14.55 -0.86 4.39
CA LYS A 94 15.57 -1.86 4.07
C LYS A 94 14.93 -3.08 3.41
N ASP A 95 13.89 -3.61 4.04
CA ASP A 95 13.19 -4.79 3.51
C ASP A 95 11.68 -4.55 3.50
N THR A 96 10.98 -5.30 2.64
CA THR A 96 9.53 -5.17 2.52
C THR A 96 8.87 -5.20 3.91
N GLU A 97 9.26 -6.18 4.72
CA GLU A 97 8.70 -6.33 6.06
C GLU A 97 8.80 -5.00 6.83
N GLY A 98 9.80 -4.20 6.49
CA GLY A 98 9.98 -2.92 7.15
C GLY A 98 9.00 -1.87 6.68
N ALA A 99 8.60 -1.96 5.41
CA ALA A 99 7.64 -1.01 4.83
C ALA A 99 6.25 -1.25 5.38
N LYS A 100 5.93 -2.50 5.69
CA LYS A 100 4.62 -2.86 6.21
C LYS A 100 4.43 -2.29 7.61
N GLN A 101 5.53 -2.11 8.33
CA GLN A 101 5.47 -1.57 9.69
C GLN A 101 5.34 -0.05 9.66
N ILE A 102 6.03 0.58 8.72
CA ILE A 102 5.99 2.03 8.58
C ILE A 102 4.63 2.50 8.08
N VAL A 103 4.13 1.84 7.04
CA VAL A 103 2.84 2.19 6.45
C VAL A 103 1.70 1.90 7.43
N ARG A 104 1.73 0.71 8.04
CA ARG A 104 0.70 0.32 8.99
C ARG A 104 0.56 1.36 10.09
N ARG A 105 1.69 1.77 10.65
CA ARG A 105 1.70 2.77 11.72
C ARG A 105 1.02 4.06 11.27
N HIS A 106 1.27 4.44 10.02
CA HIS A 106 0.68 5.66 9.47
C HIS A 106 -0.84 5.56 9.42
N LEU A 107 -1.41 4.36 9.26
CA LEU A 107 -2.87 4.21 9.20
C LEU A 107 -3.47 4.26 10.60
N VAL A 108 -2.86 3.53 11.53
CA VAL A 108 -3.33 3.49 12.91
C VAL A 108 -3.17 4.84 13.59
N ALA A 109 -2.14 5.58 13.18
CA ALA A 109 -1.87 6.90 13.76
C ALA A 109 -2.95 7.90 13.35
N GLU A 110 -3.57 7.65 12.20
CA GLU A 110 -4.62 8.54 11.70
C GLU A 110 -5.99 7.86 11.80
N THR A 111 -6.20 7.12 12.87
CA THR A 111 -7.46 6.42 13.09
C THR A 111 -8.29 7.10 14.17
N GLY A 112 -7.64 7.44 15.27
CA GLY A 112 -8.34 8.10 16.37
C GLY A 112 -8.90 9.44 15.98
N THR A 113 -8.12 10.22 15.23
CA THR A 113 -8.54 11.54 14.78
C THR A 113 -9.80 11.46 13.93
N ALA A 114 -9.95 10.34 13.22
CA ALA A 114 -11.12 10.14 12.37
C ALA A 114 -12.03 9.05 12.93
N GLU A 115 -12.14 9.00 14.25
CA GLU A 115 -12.98 8.01 14.92
C GLU A 115 -14.19 8.67 15.56
N LYS A 116 -14.61 9.79 14.99
CA LYS A 116 -15.76 10.52 15.50
C LYS A 116 -17.03 9.67 15.43
N MET A 117 -17.13 8.88 14.37
CA MET A 117 -18.29 8.02 14.17
C MET A 117 -19.55 8.84 13.99
N PRO A 118 -20.59 8.22 13.39
CA PRO A 118 -21.88 8.89 13.15
C PRO A 118 -22.64 9.13 14.44
N SER A 119 -23.69 9.95 14.35
CA SER A 119 -24.51 10.28 15.51
C SER A 119 -25.46 9.13 15.85
N THR A 120 -25.33 8.60 17.06
CA THR A 120 -26.17 7.50 17.50
C THR A 120 -26.72 7.76 18.90
N SER A 121 -26.85 9.03 19.26
CA SER A 121 -27.36 9.41 20.56
C SER A 121 -27.56 10.92 20.65
N ARG A 122 -28.07 11.38 21.79
CA ARG A 122 -28.31 12.81 22.00
C ARG A 122 -27.05 13.50 22.52
N PRO A 123 -26.89 14.77 22.16
CA PRO A 123 -25.73 15.58 22.57
C PRO A 123 -25.76 15.91 24.07
N THR A 124 -24.61 16.26 24.61
CA THR A 124 -24.51 16.60 26.03
C THR A 124 -23.70 17.87 26.23
N ALA A 125 -24.12 18.69 27.20
CA ALA A 125 -23.43 19.93 27.49
C ALA A 125 -23.81 20.45 28.88
N PRO A 126 -22.90 21.23 29.49
CA PRO A 126 -23.12 21.81 30.82
C PRO A 126 -24.20 22.89 30.81
N SER A 127 -24.75 23.17 31.99
CA SER A 127 -25.79 24.19 32.12
C SER A 127 -25.21 25.59 31.99
N SER A 128 -25.63 26.30 30.95
CA SER A 128 -25.15 27.66 30.70
C SER A 128 -26.19 28.48 29.95
N GLU A 129 -26.13 29.79 30.12
CA GLU A 129 -27.07 30.70 29.46
C GLU A 129 -26.56 32.14 29.50
N LYS A 130 -26.97 32.93 28.51
CA LYS A 130 -26.56 34.32 28.43
C LYS A 130 -27.74 35.24 28.70
N GLY A 131 -27.44 36.48 29.11
CA GLY A 131 -28.48 37.45 29.38
C GLY A 131 -29.07 38.05 28.12
N GLY A 132 -29.50 39.31 28.21
CA GLY A 132 -30.07 39.98 27.07
C GLY A 132 -29.02 40.34 26.02
N ASN A 133 -29.31 40.00 24.77
CA ASN A 133 -28.39 40.29 23.68
C ASN A 133 -29.03 39.98 22.32
N TYR A 134 -30.33 40.22 22.23
CA TYR A 134 -31.07 39.97 21.00
C TYR A 134 -30.52 40.80 19.85
N GLY A 1 1.69 3.86 -21.00
CA GLY A 1 2.24 4.04 -22.32
C GLY A 1 3.49 4.91 -22.31
N ALA A 2 4.55 4.44 -22.96
CA ALA A 2 5.80 5.18 -23.02
C ALA A 2 6.78 4.51 -23.98
N ARG A 3 7.09 3.25 -23.73
CA ARG A 3 8.02 2.51 -24.57
C ARG A 3 8.18 1.07 -24.07
N ASN A 4 8.69 0.93 -22.84
CA ASN A 4 8.90 -0.38 -22.25
C ASN A 4 9.07 -0.26 -20.73
N SER A 5 10.11 0.45 -20.32
CA SER A 5 10.39 0.64 -18.90
C SER A 5 9.66 1.86 -18.35
N VAL A 6 9.10 1.72 -17.16
CA VAL A 6 8.37 2.81 -16.53
C VAL A 6 9.17 3.40 -15.36
N LEU A 7 9.86 2.54 -14.63
CA LEU A 7 10.66 2.97 -13.49
C LEU A 7 11.60 4.11 -13.89
N ARG A 8 11.82 5.04 -12.97
CA ARG A 8 12.68 6.18 -13.21
C ARG A 8 14.15 5.79 -13.05
N GLY A 9 15.03 6.77 -13.16
CA GLY A 9 16.47 6.51 -13.03
C GLY A 9 16.91 6.49 -11.58
N LYS A 10 16.88 7.66 -10.94
CA LYS A 10 17.29 7.77 -9.54
C LYS A 10 16.40 6.92 -8.64
N LYS A 11 15.09 7.01 -8.85
CA LYS A 11 14.13 6.25 -8.05
C LYS A 11 14.44 4.75 -8.14
N ALA A 12 14.77 4.28 -9.34
CA ALA A 12 15.09 2.87 -9.54
C ALA A 12 16.16 2.41 -8.59
N ASP A 13 17.15 3.27 -8.34
CA ASP A 13 18.25 2.95 -7.44
C ASP A 13 17.73 2.56 -6.05
N GLU A 14 16.54 3.05 -5.73
CA GLU A 14 15.93 2.77 -4.43
C GLU A 14 15.00 1.56 -4.53
N LEU A 15 14.18 1.54 -5.58
CA LEU A 15 13.24 0.44 -5.78
C LEU A 15 13.98 -0.88 -5.95
N GLU A 16 15.06 -0.86 -6.72
CA GLU A 16 15.85 -2.06 -6.96
C GLU A 16 16.65 -2.45 -5.71
N ARG A 17 16.71 -1.53 -4.75
CA ARG A 17 17.44 -1.77 -3.51
C ARG A 17 16.59 -2.56 -2.52
N ILE A 18 15.34 -2.12 -2.34
CA ILE A 18 14.43 -2.78 -1.42
C ILE A 18 14.35 -4.28 -1.72
N ARG A 19 14.49 -5.09 -0.68
CA ARG A 19 14.41 -6.54 -0.84
C ARG A 19 13.06 -7.07 -0.40
N LEU A 20 12.62 -8.16 -1.03
CA LEU A 20 11.34 -8.77 -0.71
C LEU A 20 11.35 -9.34 0.71
N ARG A 21 12.54 -9.71 1.19
CA ARG A 21 12.68 -10.27 2.52
C ARG A 21 13.76 -9.54 3.31
N PRO A 22 13.72 -9.66 4.64
CA PRO A 22 14.69 -9.02 5.53
C PRO A 22 16.09 -9.65 5.41
N GLY A 23 16.12 -10.94 5.16
CA GLY A 23 17.39 -11.63 5.03
C GLY A 23 17.53 -12.36 3.71
N GLY A 24 16.84 -11.86 2.68
CA GLY A 24 16.90 -12.47 1.37
C GLY A 24 17.74 -11.68 0.39
N LYS A 25 17.82 -12.16 -0.85
CA LYS A 25 18.61 -11.49 -1.88
C LYS A 25 17.73 -11.08 -3.05
N LYS A 26 16.42 -11.19 -2.87
CA LYS A 26 15.47 -10.83 -3.91
C LYS A 26 15.05 -9.37 -3.78
N LYS A 27 15.16 -8.63 -4.88
CA LYS A 27 14.80 -7.21 -4.89
C LYS A 27 13.56 -6.98 -5.76
N TYR A 28 12.73 -6.03 -5.35
CA TYR A 28 11.52 -5.70 -6.08
C TYR A 28 11.82 -5.43 -7.55
N ARG A 29 10.91 -5.85 -8.43
CA ARG A 29 11.09 -5.65 -9.86
C ARG A 29 9.75 -5.56 -10.56
N LEU A 30 9.78 -5.20 -11.84
CA LEU A 30 8.55 -5.07 -12.64
C LEU A 30 7.66 -6.29 -12.46
N LYS A 31 8.27 -7.45 -12.30
CA LYS A 31 7.54 -8.69 -12.11
C LYS A 31 6.50 -8.55 -11.00
N HIS A 32 6.87 -7.83 -9.94
CA HIS A 32 5.97 -7.62 -8.82
C HIS A 32 4.96 -6.52 -9.13
N ILE A 33 5.30 -5.52 -9.93
CA ILE A 33 4.37 -4.45 -10.26
C ILE A 33 3.27 -4.94 -11.19
N VAL A 34 3.64 -5.78 -12.15
CA VAL A 34 2.69 -6.33 -13.09
C VAL A 34 1.59 -7.11 -12.38
N TRP A 35 1.98 -7.87 -11.35
CA TRP A 35 1.03 -8.67 -10.59
C TRP A 35 0.15 -7.77 -9.72
N ALA A 36 0.67 -6.60 -9.35
CA ALA A 36 -0.06 -5.67 -8.52
C ALA A 36 -1.12 -4.93 -9.33
N ALA A 37 -0.71 -4.31 -10.44
CA ALA A 37 -1.62 -3.58 -11.30
C ALA A 37 -2.82 -4.44 -11.69
N ASN A 38 -2.57 -5.73 -11.87
CA ASN A 38 -3.63 -6.66 -12.25
C ASN A 38 -4.76 -6.64 -11.22
N LYS A 39 -4.41 -6.37 -9.97
CA LYS A 39 -5.40 -6.31 -8.90
C LYS A 39 -6.22 -5.04 -8.98
N LEU A 40 -5.54 -3.91 -9.19
CA LEU A 40 -6.22 -2.62 -9.29
C LEU A 40 -7.32 -2.65 -10.34
N ASP A 41 -7.16 -3.54 -11.33
CA ASP A 41 -8.14 -3.68 -12.40
C ASP A 41 -9.38 -4.41 -11.91
N ARG A 42 -9.18 -5.57 -11.30
CA ARG A 42 -10.28 -6.36 -10.78
C ARG A 42 -11.19 -5.52 -9.91
N PHE A 43 -10.65 -4.46 -9.33
CA PHE A 43 -11.41 -3.57 -8.46
C PHE A 43 -11.90 -2.36 -9.23
N GLY A 44 -11.02 -1.77 -10.05
CA GLY A 44 -11.37 -0.60 -10.83
C GLY A 44 -10.30 0.45 -10.82
N LEU A 45 -9.70 0.68 -9.66
CA LEU A 45 -8.64 1.68 -9.52
C LEU A 45 -7.68 1.61 -10.69
N ALA A 46 -7.24 2.78 -11.16
CA ALA A 46 -6.32 2.85 -12.28
C ALA A 46 -4.89 2.52 -11.83
N GLU A 47 -4.23 1.66 -12.60
CA GLU A 47 -2.86 1.25 -12.28
C GLU A 47 -1.91 2.44 -12.39
N SER A 48 -2.34 3.48 -13.09
CA SER A 48 -1.52 4.68 -13.27
C SER A 48 -1.33 5.41 -11.94
N LEU A 49 -2.08 5.00 -10.93
CA LEU A 49 -2.00 5.61 -9.61
C LEU A 49 -0.83 5.04 -8.81
N LEU A 50 -0.08 4.14 -9.45
CA LEU A 50 1.07 3.52 -8.81
C LEU A 50 2.30 4.41 -8.89
N GLU A 51 2.12 5.61 -9.44
CA GLU A 51 3.21 6.56 -9.57
C GLU A 51 2.91 7.85 -8.81
N SER A 52 2.28 7.71 -7.66
CA SER A 52 1.93 8.86 -6.83
C SER A 52 1.46 8.41 -5.45
N LYS A 53 2.00 9.03 -4.41
CA LYS A 53 1.64 8.71 -3.04
C LYS A 53 0.12 8.78 -2.85
N GLU A 54 -0.46 9.90 -3.28
CA GLU A 54 -1.90 10.10 -3.16
C GLU A 54 -2.67 8.91 -3.74
N GLY A 55 -2.31 8.52 -4.95
CA GLY A 55 -2.97 7.40 -5.60
C GLY A 55 -2.84 6.11 -4.81
N CYS A 56 -1.63 5.83 -4.34
CA CYS A 56 -1.37 4.61 -3.56
C CYS A 56 -2.09 4.67 -2.22
N GLN A 57 -2.27 5.89 -1.71
CA GLN A 57 -2.95 6.07 -0.42
C GLN A 57 -4.38 5.57 -0.47
N LYS A 58 -5.08 5.89 -1.56
CA LYS A 58 -6.46 5.47 -1.74
C LYS A 58 -6.55 3.97 -1.99
N ILE A 59 -5.42 3.36 -2.33
CA ILE A 59 -5.36 1.93 -2.59
C ILE A 59 -5.17 1.15 -1.29
N LEU A 60 -4.31 1.66 -0.42
CA LEU A 60 -4.03 1.02 0.86
C LEU A 60 -5.28 0.99 1.74
N THR A 61 -6.06 2.06 1.67
CA THR A 61 -7.27 2.17 2.46
C THR A 61 -8.30 1.11 2.06
N VAL A 62 -8.31 0.78 0.76
CA VAL A 62 -9.23 -0.21 0.24
C VAL A 62 -8.72 -1.63 0.51
N LEU A 63 -7.40 -1.77 0.55
CA LEU A 63 -6.78 -3.07 0.79
C LEU A 63 -6.70 -3.37 2.30
N ASP A 64 -6.76 -2.31 3.10
CA ASP A 64 -6.70 -2.46 4.55
C ASP A 64 -7.81 -3.39 5.05
N PRO A 65 -9.07 -2.99 4.81
CA PRO A 65 -10.24 -3.76 5.22
C PRO A 65 -10.39 -5.05 4.42
N MET A 66 -9.68 -5.13 3.31
CA MET A 66 -9.73 -6.32 2.46
C MET A 66 -8.94 -7.47 3.07
N VAL A 67 -8.12 -7.15 4.06
CA VAL A 67 -7.31 -8.16 4.74
C VAL A 67 -8.19 -9.19 5.45
N PRO A 68 -9.03 -8.71 6.38
CA PRO A 68 -9.94 -9.57 7.14
C PRO A 68 -11.06 -10.14 6.28
N THR A 69 -11.11 -9.71 5.02
CA THR A 69 -12.14 -10.19 4.09
C THR A 69 -11.57 -10.32 2.68
N GLY A 70 -10.52 -11.10 2.54
CA GLY A 70 -9.90 -11.30 1.24
C GLY A 70 -9.28 -12.69 1.10
N SER A 71 -8.47 -12.86 0.06
CA SER A 71 -7.81 -14.13 -0.19
C SER A 71 -6.32 -14.06 0.13
N GLU A 72 -5.64 -15.19 -0.01
CA GLU A 72 -4.21 -15.25 0.27
C GLU A 72 -3.43 -14.36 -0.69
N ASN A 73 -3.95 -14.21 -1.90
CA ASN A 73 -3.30 -13.38 -2.92
C ASN A 73 -3.42 -11.90 -2.57
N LEU A 74 -4.65 -11.46 -2.32
CA LEU A 74 -4.90 -10.06 -1.96
C LEU A 74 -4.00 -9.62 -0.82
N LYS A 75 -3.91 -10.45 0.21
CA LYS A 75 -3.09 -10.14 1.38
C LYS A 75 -1.66 -9.80 0.95
N SER A 76 -1.23 -10.36 -0.18
CA SER A 76 0.11 -10.11 -0.69
C SER A 76 0.23 -8.70 -1.27
N LEU A 77 -0.77 -8.30 -2.04
CA LEU A 77 -0.79 -6.98 -2.65
C LEU A 77 -0.78 -5.88 -1.58
N PHE A 78 -1.57 -6.08 -0.54
CA PHE A 78 -1.65 -5.11 0.55
C PHE A 78 -0.26 -4.77 1.07
N ASN A 79 0.61 -5.77 1.11
CA ASN A 79 1.98 -5.57 1.60
C ASN A 79 2.84 -4.88 0.53
N THR A 80 2.68 -5.32 -0.72
CA THR A 80 3.45 -4.75 -1.82
C THR A 80 3.14 -3.26 -1.99
N VAL A 81 1.86 -2.91 -1.92
CA VAL A 81 1.43 -1.53 -2.07
C VAL A 81 2.23 -0.61 -1.14
N CYS A 82 2.29 -0.97 0.13
CA CYS A 82 3.01 -0.19 1.12
C CYS A 82 4.39 0.20 0.59
N VAL A 83 5.06 -0.75 -0.03
CA VAL A 83 6.40 -0.51 -0.58
C VAL A 83 6.37 0.61 -1.62
N ILE A 84 5.34 0.62 -2.45
CA ILE A 84 5.20 1.64 -3.48
C ILE A 84 4.89 3.00 -2.87
N TRP A 85 3.88 3.03 -2.00
CA TRP A 85 3.48 4.27 -1.35
C TRP A 85 4.66 4.90 -0.62
N CYS A 86 5.39 4.10 0.14
CA CYS A 86 6.54 4.59 0.88
C CYS A 86 7.48 5.37 -0.02
N ILE A 87 7.89 4.75 -1.13
CA ILE A 87 8.79 5.39 -2.08
C ILE A 87 8.25 6.76 -2.51
N HIS A 88 6.93 6.86 -2.63
CA HIS A 88 6.30 8.12 -3.02
C HIS A 88 6.28 9.11 -1.86
N ALA A 89 6.19 8.66 -0.61
CA ALA A 89 6.18 9.57 0.53
C ALA A 89 7.59 9.88 0.99
N GLU A 90 8.57 9.53 0.18
CA GLU A 90 9.98 9.77 0.52
C GLU A 90 10.42 8.88 1.67
N GLU A 91 9.55 7.94 2.05
CA GLU A 91 9.86 7.02 3.15
C GLU A 91 10.93 6.03 2.73
N LYS A 92 12.04 6.02 3.48
CA LYS A 92 13.14 5.11 3.20
C LYS A 92 13.03 3.84 4.05
N VAL A 93 13.07 2.69 3.37
CA VAL A 93 12.98 1.41 4.06
C VAL A 93 14.16 0.51 3.72
N LYS A 94 14.10 -0.73 4.16
CA LYS A 94 15.17 -1.69 3.90
C LYS A 94 14.61 -2.97 3.28
N ASP A 95 13.61 -3.55 3.93
CA ASP A 95 12.99 -4.77 3.44
C ASP A 95 11.48 -4.68 3.51
N THR A 96 10.80 -5.54 2.75
CA THR A 96 9.35 -5.55 2.72
C THR A 96 8.77 -5.50 4.13
N GLU A 97 9.24 -6.39 5.00
CA GLU A 97 8.77 -6.44 6.38
C GLU A 97 8.95 -5.09 7.06
N GLY A 98 10.01 -4.38 6.68
CA GLY A 98 10.27 -3.08 7.28
C GLY A 98 9.37 -1.99 6.72
N ALA A 99 9.12 -2.05 5.41
CA ALA A 99 8.26 -1.07 4.76
C ALA A 99 6.84 -1.13 5.30
N LYS A 100 6.37 -2.35 5.56
CA LYS A 100 5.01 -2.55 6.07
C LYS A 100 4.91 -2.06 7.52
N GLN A 101 6.06 -1.93 8.17
CA GLN A 101 6.10 -1.47 9.57
C GLN A 101 5.94 0.05 9.65
N ILE A 102 6.59 0.75 8.72
CA ILE A 102 6.52 2.20 8.70
C ILE A 102 5.16 2.69 8.23
N VAL A 103 4.61 2.02 7.22
CA VAL A 103 3.30 2.38 6.69
C VAL A 103 2.20 2.09 7.70
N ARG A 104 2.23 0.91 8.29
CA ARG A 104 1.24 0.51 9.28
C ARG A 104 1.16 1.53 10.42
N ARG A 105 2.30 1.81 11.03
CA ARG A 105 2.37 2.76 12.13
C ARG A 105 1.74 4.10 11.73
N HIS A 106 1.95 4.48 10.46
CA HIS A 106 1.41 5.73 9.95
C HIS A 106 -0.11 5.69 9.89
N LEU A 107 -0.73 4.51 9.77
CA LEU A 107 -2.17 4.41 9.70
C LEU A 107 -2.77 4.11 11.07
N VAL A 108 -2.02 3.38 11.89
CA VAL A 108 -2.47 3.02 13.22
C VAL A 108 -2.33 4.20 14.19
N ALA A 109 -1.32 5.03 13.94
CA ALA A 109 -1.08 6.20 14.79
C ALA A 109 -2.22 7.20 14.68
N GLU A 110 -2.71 7.40 13.45
CA GLU A 110 -3.80 8.34 13.22
C GLU A 110 -5.13 7.77 13.73
N THR A 111 -5.25 6.45 13.70
CA THR A 111 -6.46 5.79 14.17
C THR A 111 -6.23 5.09 15.51
N GLY A 112 -5.42 5.71 16.36
CA GLY A 112 -5.14 5.14 17.66
C GLY A 112 -5.03 6.19 18.75
N THR A 113 -5.73 7.31 18.56
CA THR A 113 -5.71 8.40 19.53
C THR A 113 -7.12 8.82 19.92
N ALA A 114 -8.05 7.88 19.86
CA ALA A 114 -9.44 8.15 20.20
C ALA A 114 -9.71 7.83 21.67
N GLU A 115 -8.96 6.87 22.21
CA GLU A 115 -9.13 6.47 23.61
C GLU A 115 -8.01 7.04 24.47
N LYS A 116 -7.57 8.25 24.14
CA LYS A 116 -6.51 8.91 24.88
C LYS A 116 -6.98 10.26 25.43
N MET A 117 -7.77 10.97 24.64
CA MET A 117 -8.29 12.27 25.06
C MET A 117 -9.17 12.14 26.30
N PRO A 118 -9.12 13.16 27.17
CA PRO A 118 -9.90 13.18 28.40
C PRO A 118 -11.40 13.32 28.15
N SER A 119 -11.74 13.78 26.95
CA SER A 119 -13.14 13.97 26.57
C SER A 119 -13.93 12.69 26.77
N THR A 120 -13.27 11.55 26.58
CA THR A 120 -13.91 10.26 26.73
C THR A 120 -13.29 9.46 27.88
N SER A 121 -13.99 8.41 28.32
CA SER A 121 -13.50 7.58 29.41
C SER A 121 -12.38 6.66 28.94
N ARG A 122 -11.34 6.53 29.76
CA ARG A 122 -10.20 5.69 29.43
C ARG A 122 -10.55 4.21 29.61
N PRO A 123 -9.86 3.35 28.86
CA PRO A 123 -10.07 1.89 28.93
C PRO A 123 -9.59 1.30 30.25
N THR A 124 -10.03 0.07 30.53
CA THR A 124 -9.66 -0.60 31.76
C THR A 124 -8.59 -1.66 31.49
N ALA A 125 -7.40 -1.46 32.05
CA ALA A 125 -6.30 -2.39 31.88
C ALA A 125 -5.79 -2.90 33.22
N PRO A 126 -5.33 -4.17 33.24
CA PRO A 126 -4.82 -4.81 34.45
C PRO A 126 -3.48 -4.21 34.90
N SER A 127 -3.19 -4.35 36.19
CA SER A 127 -1.94 -3.83 36.74
C SER A 127 -1.11 -4.94 37.37
N SER A 128 0.20 -4.74 37.40
CA SER A 128 1.11 -5.73 37.97
C SER A 128 2.51 -5.16 38.13
N GLU A 129 3.38 -5.90 38.81
CA GLU A 129 4.75 -5.46 39.04
C GLU A 129 5.75 -6.45 38.43
N LYS A 130 5.63 -7.71 38.83
CA LYS A 130 6.52 -8.76 38.32
C LYS A 130 6.11 -9.18 36.91
N GLY A 131 7.10 -9.56 36.11
CA GLY A 131 6.83 -9.99 34.75
C GLY A 131 6.90 -11.49 34.58
N GLY A 132 8.10 -12.01 34.35
CA GLY A 132 8.28 -13.43 34.17
C GLY A 132 9.67 -13.79 33.71
N ASN A 133 10.17 -13.09 32.70
CA ASN A 133 11.50 -13.34 32.17
C ASN A 133 12.27 -12.03 31.98
N TYR A 134 13.55 -12.05 32.33
CA TYR A 134 14.39 -10.87 32.21
C TYR A 134 15.67 -11.19 31.44
N GLY A 1 6.53 0.99 -21.32
CA GLY A 1 6.59 0.42 -22.66
C GLY A 1 7.98 -0.07 -23.01
N ALA A 2 8.27 -1.31 -22.66
CA ALA A 2 9.56 -1.91 -22.94
C ALA A 2 10.69 -1.08 -22.36
N ARG A 3 10.71 -0.95 -21.03
CA ARG A 3 11.73 -0.18 -20.35
C ARG A 3 12.35 -0.97 -19.21
N ASN A 4 13.38 -0.41 -18.58
CA ASN A 4 14.05 -1.07 -17.47
C ASN A 4 13.55 -0.53 -16.13
N SER A 5 13.62 0.79 -15.97
CA SER A 5 13.18 1.43 -14.73
C SER A 5 12.10 2.47 -15.02
N VAL A 6 10.97 2.34 -14.34
CA VAL A 6 9.85 3.27 -14.52
C VAL A 6 10.09 4.57 -13.75
N LEU A 7 10.68 4.45 -12.57
CA LEU A 7 10.97 5.61 -11.73
C LEU A 7 12.27 6.29 -12.18
N ARG A 8 12.60 7.39 -11.51
CA ARG A 8 13.82 8.13 -11.83
C ARG A 8 15.06 7.24 -11.69
N GLY A 9 16.21 7.79 -12.03
CA GLY A 9 17.45 7.04 -11.93
C GLY A 9 17.88 6.81 -10.50
N LYS A 10 18.11 7.90 -9.77
CA LYS A 10 18.53 7.81 -8.38
C LYS A 10 17.52 7.03 -7.55
N LYS A 11 16.24 7.25 -7.83
CA LYS A 11 15.17 6.56 -7.12
C LYS A 11 15.13 5.08 -7.48
N ALA A 12 15.34 4.78 -8.75
CA ALA A 12 15.34 3.41 -9.23
C ALA A 12 16.29 2.54 -8.40
N ASP A 13 17.44 3.10 -8.04
CA ASP A 13 18.43 2.38 -7.26
C ASP A 13 17.83 1.90 -5.94
N GLU A 14 17.32 2.85 -5.15
CA GLU A 14 16.72 2.52 -3.86
C GLU A 14 15.65 1.45 -4.02
N LEU A 15 14.93 1.50 -5.13
CA LEU A 15 13.87 0.54 -5.41
C LEU A 15 14.45 -0.86 -5.63
N GLU A 16 15.43 -0.95 -6.52
CA GLU A 16 16.07 -2.22 -6.82
C GLU A 16 16.90 -2.72 -5.64
N ARG A 17 17.11 -1.83 -4.66
CA ARG A 17 17.88 -2.18 -3.48
C ARG A 17 17.01 -2.89 -2.44
N ILE A 18 15.80 -2.38 -2.25
CA ILE A 18 14.87 -2.96 -1.30
C ILE A 18 14.72 -4.47 -1.51
N ARG A 19 14.79 -5.23 -0.43
CA ARG A 19 14.66 -6.68 -0.50
C ARG A 19 13.24 -7.12 -0.18
N LEU A 20 12.70 -7.99 -1.01
CA LEU A 20 11.34 -8.50 -0.83
C LEU A 20 11.18 -9.14 0.56
N ARG A 21 12.30 -9.58 1.13
CA ARG A 21 12.29 -10.20 2.45
C ARG A 21 13.37 -9.61 3.34
N PRO A 22 13.22 -9.80 4.66
CA PRO A 22 14.17 -9.29 5.64
C PRO A 22 15.51 -10.03 5.59
N GLY A 23 15.46 -11.31 5.26
CA GLY A 23 16.67 -12.10 5.17
C GLY A 23 16.84 -12.77 3.83
N GLY A 24 16.23 -12.18 2.80
CA GLY A 24 16.33 -12.74 1.46
C GLY A 24 17.28 -11.97 0.58
N LYS A 25 17.40 -12.38 -0.68
CA LYS A 25 18.28 -11.71 -1.63
C LYS A 25 17.49 -11.23 -2.85
N LYS A 26 16.18 -11.34 -2.78
CA LYS A 26 15.31 -10.92 -3.88
C LYS A 26 14.97 -9.44 -3.76
N LYS A 27 15.01 -8.73 -4.88
CA LYS A 27 14.70 -7.30 -4.89
C LYS A 27 13.46 -7.03 -5.74
N TYR A 28 12.79 -5.91 -5.46
CA TYR A 28 11.59 -5.53 -6.20
C TYR A 28 11.92 -5.26 -7.66
N ARG A 29 11.00 -5.64 -8.54
CA ARG A 29 11.18 -5.43 -9.98
C ARG A 29 9.85 -5.13 -10.66
N LEU A 30 9.93 -4.62 -11.89
CA LEU A 30 8.74 -4.28 -12.65
C LEU A 30 7.72 -5.42 -12.59
N LYS A 31 8.21 -6.65 -12.58
CA LYS A 31 7.35 -7.82 -12.52
C LYS A 31 6.34 -7.71 -11.39
N HIS A 32 6.82 -7.30 -10.21
CA HIS A 32 5.97 -7.14 -9.05
C HIS A 32 4.97 -6.01 -9.25
N ILE A 33 5.31 -4.96 -10.01
CA ILE A 33 4.38 -3.86 -10.23
C ILE A 33 3.20 -4.29 -11.09
N VAL A 34 3.46 -5.16 -12.06
CA VAL A 34 2.43 -5.66 -12.95
C VAL A 34 1.40 -6.49 -12.19
N TRP A 35 1.89 -7.47 -11.44
CA TRP A 35 1.02 -8.34 -10.66
C TRP A 35 0.09 -7.53 -9.77
N ALA A 36 0.54 -6.35 -9.36
CA ALA A 36 -0.26 -5.46 -8.52
C ALA A 36 -1.33 -4.74 -9.33
N ALA A 37 -0.91 -4.12 -10.43
CA ALA A 37 -1.83 -3.39 -11.29
C ALA A 37 -3.01 -4.26 -11.69
N ASN A 38 -2.76 -5.55 -11.88
CA ASN A 38 -3.80 -6.50 -12.26
C ASN A 38 -4.92 -6.52 -11.23
N LYS A 39 -4.55 -6.31 -9.96
CA LYS A 39 -5.52 -6.30 -8.87
C LYS A 39 -6.32 -5.01 -8.87
N LEU A 40 -5.62 -3.89 -8.97
CA LEU A 40 -6.28 -2.58 -8.97
C LEU A 40 -7.40 -2.53 -10.01
N ASP A 41 -7.26 -3.34 -11.06
CA ASP A 41 -8.27 -3.39 -12.11
C ASP A 41 -9.52 -4.12 -11.64
N ARG A 42 -9.34 -5.36 -11.18
CA ARG A 42 -10.45 -6.16 -10.70
C ARG A 42 -11.31 -5.36 -9.72
N PHE A 43 -10.69 -4.43 -9.01
CA PHE A 43 -11.40 -3.60 -8.05
C PHE A 43 -11.92 -2.32 -8.70
N GLY A 44 -11.04 -1.64 -9.42
CA GLY A 44 -11.44 -0.41 -10.09
C GLY A 44 -10.30 0.59 -10.18
N LEU A 45 -9.62 0.81 -9.05
CA LEU A 45 -8.52 1.75 -9.01
C LEU A 45 -7.62 1.61 -10.24
N ALA A 46 -7.31 2.74 -10.87
CA ALA A 46 -6.47 2.74 -12.06
C ALA A 46 -5.03 2.46 -11.71
N GLU A 47 -4.35 1.70 -12.57
CA GLU A 47 -2.95 1.35 -12.35
C GLU A 47 -2.05 2.57 -12.50
N SER A 48 -2.55 3.58 -13.22
CA SER A 48 -1.78 4.80 -13.45
C SER A 48 -1.55 5.55 -12.14
N LEU A 49 -2.26 5.14 -11.10
CA LEU A 49 -2.13 5.77 -9.79
C LEU A 49 -0.94 5.20 -9.02
N LEU A 50 -0.18 4.34 -9.67
CA LEU A 50 0.99 3.72 -9.05
C LEU A 50 2.21 4.61 -9.18
N GLU A 51 2.02 5.78 -9.80
CA GLU A 51 3.11 6.72 -10.00
C GLU A 51 2.92 7.95 -9.10
N SER A 52 2.31 7.75 -7.95
CA SER A 52 2.06 8.84 -7.01
C SER A 52 1.74 8.31 -5.62
N LYS A 53 1.61 9.21 -4.66
CA LYS A 53 1.30 8.82 -3.29
C LYS A 53 -0.20 8.90 -3.03
N GLU A 54 -0.82 9.99 -3.47
CA GLU A 54 -2.25 10.19 -3.28
C GLU A 54 -3.04 9.06 -3.93
N GLY A 55 -2.60 8.65 -5.12
CA GLY A 55 -3.28 7.58 -5.83
C GLY A 55 -3.11 6.23 -5.15
N CYS A 56 -1.87 5.93 -4.76
CA CYS A 56 -1.58 4.66 -4.11
C CYS A 56 -2.24 4.59 -2.73
N GLN A 57 -2.35 5.74 -2.08
CA GLN A 57 -2.96 5.81 -0.75
C GLN A 57 -4.37 5.21 -0.77
N LYS A 58 -5.09 5.45 -1.86
CA LYS A 58 -6.45 4.93 -2.01
C LYS A 58 -6.45 3.40 -2.09
N ILE A 59 -5.29 2.84 -2.42
CA ILE A 59 -5.17 1.39 -2.54
C ILE A 59 -5.06 0.74 -1.15
N LEU A 60 -4.30 1.37 -0.26
CA LEU A 60 -4.13 0.87 1.08
C LEU A 60 -5.45 0.81 1.83
N THR A 61 -6.27 1.86 1.66
CA THR A 61 -7.56 1.94 2.32
C THR A 61 -8.51 0.87 1.78
N VAL A 62 -8.32 0.50 0.51
CA VAL A 62 -9.16 -0.51 -0.12
C VAL A 62 -8.73 -1.91 0.29
N LEU A 63 -7.42 -2.14 0.32
CA LEU A 63 -6.88 -3.44 0.69
C LEU A 63 -6.92 -3.64 2.19
N ASP A 64 -6.99 -2.54 2.93
CA ASP A 64 -7.04 -2.58 4.38
C ASP A 64 -8.12 -3.54 4.86
N PRO A 65 -9.38 -3.24 4.51
CA PRO A 65 -10.54 -4.05 4.89
C PRO A 65 -10.56 -5.39 4.16
N MET A 66 -9.80 -5.48 3.08
CA MET A 66 -9.73 -6.72 2.30
C MET A 66 -8.88 -7.76 3.01
N VAL A 67 -8.05 -7.31 3.95
CA VAL A 67 -7.19 -8.21 4.70
C VAL A 67 -8.00 -9.19 5.54
N PRO A 68 -8.83 -8.65 6.45
CA PRO A 68 -9.69 -9.46 7.33
C PRO A 68 -10.82 -10.14 6.57
N THR A 69 -10.95 -9.81 5.29
CA THR A 69 -11.99 -10.38 4.45
C THR A 69 -11.48 -10.65 3.05
N GLY A 70 -10.44 -11.47 2.94
CA GLY A 70 -9.88 -11.80 1.65
C GLY A 70 -9.09 -13.10 1.66
N SER A 71 -8.32 -13.34 0.61
CA SER A 71 -7.52 -14.55 0.51
C SER A 71 -6.04 -14.25 0.76
N GLU A 72 -5.20 -15.24 0.51
CA GLU A 72 -3.76 -15.09 0.70
C GLU A 72 -3.15 -14.22 -0.41
N ASN A 73 -3.74 -14.29 -1.59
CA ASN A 73 -3.25 -13.52 -2.72
C ASN A 73 -3.27 -12.02 -2.42
N LEU A 74 -4.45 -11.51 -2.07
CA LEU A 74 -4.59 -10.10 -1.75
C LEU A 74 -3.61 -9.67 -0.66
N LYS A 75 -3.49 -10.52 0.37
CA LYS A 75 -2.58 -10.24 1.48
C LYS A 75 -1.18 -9.89 0.96
N SER A 76 -0.81 -10.47 -0.17
CA SER A 76 0.49 -10.22 -0.76
C SER A 76 0.55 -8.81 -1.37
N LEU A 77 -0.55 -8.39 -1.98
CA LEU A 77 -0.63 -7.08 -2.60
C LEU A 77 -0.58 -5.97 -1.55
N PHE A 78 -1.36 -6.14 -0.48
CA PHE A 78 -1.39 -5.16 0.59
C PHE A 78 0.01 -4.81 1.06
N ASN A 79 0.90 -5.80 1.07
CA ASN A 79 2.28 -5.60 1.50
C ASN A 79 3.07 -4.87 0.43
N THR A 80 2.80 -5.19 -0.83
CA THR A 80 3.49 -4.56 -1.95
C THR A 80 3.10 -3.10 -2.09
N VAL A 81 1.81 -2.82 -1.89
CA VAL A 81 1.30 -1.46 -2.00
C VAL A 81 1.96 -0.54 -0.98
N CYS A 82 2.41 -1.12 0.12
CA CYS A 82 3.07 -0.35 1.18
C CYS A 82 4.44 0.13 0.73
N VAL A 83 5.12 -0.69 -0.06
CA VAL A 83 6.44 -0.34 -0.57
C VAL A 83 6.36 0.73 -1.64
N ILE A 84 5.37 0.61 -2.51
CA ILE A 84 5.17 1.58 -3.59
C ILE A 84 4.91 2.98 -3.04
N TRP A 85 3.83 3.12 -2.29
CA TRP A 85 3.47 4.40 -1.70
C TRP A 85 4.66 5.04 -1.01
N CYS A 86 5.43 4.22 -0.28
CA CYS A 86 6.61 4.70 0.43
C CYS A 86 7.54 5.45 -0.51
N ILE A 87 7.96 4.78 -1.59
CA ILE A 87 8.85 5.39 -2.56
C ILE A 87 8.36 6.77 -2.98
N HIS A 88 7.04 6.92 -3.08
CA HIS A 88 6.44 8.19 -3.46
C HIS A 88 6.45 9.17 -2.30
N ALA A 89 6.36 8.71 -1.05
CA ALA A 89 6.37 9.62 0.10
C ALA A 89 7.79 9.88 0.58
N GLU A 90 8.77 9.54 -0.26
CA GLU A 90 10.17 9.74 0.08
C GLU A 90 10.60 8.79 1.20
N GLU A 91 9.71 7.85 1.54
CA GLU A 91 10.00 6.89 2.60
C GLU A 91 10.91 5.78 2.10
N LYS A 92 11.89 5.41 2.92
CA LYS A 92 12.84 4.36 2.55
C LYS A 92 12.75 3.19 3.51
N VAL A 93 12.69 1.98 2.96
CA VAL A 93 12.60 0.77 3.77
C VAL A 93 13.63 -0.26 3.35
N LYS A 94 14.32 -0.84 4.33
CA LYS A 94 15.34 -1.84 4.05
C LYS A 94 14.73 -3.10 3.45
N ASP A 95 13.68 -3.62 4.10
CA ASP A 95 13.01 -4.81 3.63
C ASP A 95 11.49 -4.62 3.63
N THR A 96 10.80 -5.38 2.79
CA THR A 96 9.35 -5.29 2.70
C THR A 96 8.71 -5.24 4.09
N GLU A 97 9.30 -5.96 5.04
CA GLU A 97 8.79 -6.00 6.39
C GLU A 97 8.69 -4.59 6.98
N GLY A 98 9.79 -3.86 6.92
CA GLY A 98 9.80 -2.51 7.44
C GLY A 98 8.80 -1.60 6.75
N ALA A 99 8.52 -1.90 5.48
CA ALA A 99 7.57 -1.11 4.70
C ALA A 99 6.16 -1.23 5.28
N LYS A 100 5.81 -2.44 5.72
CA LYS A 100 4.49 -2.68 6.29
C LYS A 100 4.34 -2.00 7.65
N GLN A 101 5.48 -1.75 8.31
CA GLN A 101 5.47 -1.11 9.62
C GLN A 101 5.37 0.41 9.48
N ILE A 102 6.30 1.00 8.74
CA ILE A 102 6.31 2.44 8.53
C ILE A 102 4.96 2.92 8.03
N VAL A 103 4.45 2.28 6.98
CA VAL A 103 3.16 2.64 6.40
C VAL A 103 2.04 2.45 7.41
N ARG A 104 2.02 1.30 8.07
CA ARG A 104 1.00 0.99 9.05
C ARG A 104 0.88 2.12 10.08
N ARG A 105 2.02 2.50 10.66
CA ARG A 105 2.05 3.56 11.66
C ARG A 105 1.39 4.83 11.13
N HIS A 106 1.64 5.13 9.85
CA HIS A 106 1.08 6.31 9.21
C HIS A 106 -0.43 6.17 9.05
N LEU A 107 -0.95 5.01 8.66
CA LEU A 107 -2.38 4.83 8.49
C LEU A 107 -3.12 4.99 9.82
N VAL A 108 -2.58 4.37 10.87
CA VAL A 108 -3.17 4.44 12.19
C VAL A 108 -3.27 5.88 12.68
N ALA A 109 -2.22 6.66 12.39
CA ALA A 109 -2.19 8.05 12.81
C ALA A 109 -3.35 8.84 12.20
N GLU A 110 -3.56 8.67 10.90
CA GLU A 110 -4.64 9.35 10.20
C GLU A 110 -6.00 8.92 10.74
N THR A 111 -6.16 7.60 10.91
CA THR A 111 -7.41 7.06 11.42
C THR A 111 -7.75 7.62 12.80
N GLY A 112 -6.72 8.03 13.53
CA GLY A 112 -6.91 8.58 14.85
C GLY A 112 -6.97 10.10 14.85
N THR A 113 -7.42 10.67 13.73
CA THR A 113 -7.51 12.12 13.61
C THR A 113 -8.27 12.50 12.33
N ALA A 114 -9.36 11.81 12.06
CA ALA A 114 -10.17 12.08 10.89
C ALA A 114 -11.39 12.92 11.24
N GLU A 115 -11.27 13.71 12.30
CA GLU A 115 -12.37 14.57 12.74
C GLU A 115 -11.99 16.04 12.61
N LYS A 116 -11.16 16.35 11.63
CA LYS A 116 -10.72 17.72 11.40
C LYS A 116 -11.85 18.56 10.83
N MET A 117 -12.78 17.90 10.15
CA MET A 117 -13.91 18.60 9.54
C MET A 117 -14.65 19.44 10.59
N PRO A 118 -15.22 20.57 10.14
CA PRO A 118 -15.96 21.49 11.01
C PRO A 118 -17.28 20.89 11.49
N SER A 119 -18.05 21.69 12.22
CA SER A 119 -19.34 21.24 12.74
C SER A 119 -20.31 20.94 11.61
N THR A 120 -21.50 20.48 11.96
CA THR A 120 -22.53 20.15 10.98
C THR A 120 -23.91 20.61 11.44
N SER A 121 -23.93 21.68 12.22
CA SER A 121 -25.18 22.23 12.73
C SER A 121 -25.21 23.75 12.61
N ARG A 122 -24.68 24.26 11.50
CA ARG A 122 -24.65 25.69 11.26
C ARG A 122 -24.96 26.00 9.80
N PRO A 123 -26.20 25.69 9.38
CA PRO A 123 -26.66 25.93 8.00
C PRO A 123 -26.84 27.40 7.71
N THR A 124 -25.96 27.94 6.85
CA THR A 124 -26.01 29.34 6.48
C THR A 124 -27.05 29.58 5.40
N ALA A 125 -27.62 30.79 5.37
CA ALA A 125 -28.63 31.15 4.39
C ALA A 125 -28.04 31.15 2.98
N PRO A 126 -28.86 30.73 2.00
CA PRO A 126 -28.44 30.67 0.60
C PRO A 126 -28.25 32.05 -0.01
N SER A 127 -28.01 32.09 -1.31
CA SER A 127 -27.80 33.36 -2.02
C SER A 127 -27.92 33.16 -3.53
N SER A 128 -29.11 33.41 -4.06
CA SER A 128 -29.36 33.26 -5.49
C SER A 128 -28.42 34.16 -6.30
N GLU A 129 -27.81 33.60 -7.33
CA GLU A 129 -26.89 34.34 -8.19
C GLU A 129 -27.28 34.20 -9.66
N LYS A 130 -26.51 34.84 -10.53
CA LYS A 130 -26.76 34.79 -11.96
C LYS A 130 -26.06 33.60 -12.59
N GLY A 131 -24.72 33.70 -12.70
CA GLY A 131 -23.95 32.63 -13.29
C GLY A 131 -23.89 32.72 -14.80
N GLY A 132 -24.28 31.63 -15.46
CA GLY A 132 -24.26 31.61 -16.92
C GLY A 132 -25.48 32.28 -17.52
N ASN A 133 -26.35 31.48 -18.13
CA ASN A 133 -27.56 32.01 -18.75
C ASN A 133 -28.77 31.12 -18.42
N TYR A 134 -28.69 29.86 -18.82
CA TYR A 134 -29.78 28.92 -18.58
C TYR A 134 -29.23 27.53 -18.28
N GLY A 1 -0.54 3.02 -21.21
CA GLY A 1 -0.48 3.81 -22.42
C GLY A 1 -0.29 5.29 -22.15
N ALA A 2 0.85 5.62 -21.55
CA ALA A 2 1.17 7.02 -21.23
C ALA A 2 2.67 7.24 -21.18
N ARG A 3 3.35 6.52 -20.28
CA ARG A 3 4.80 6.65 -20.14
C ARG A 3 5.45 5.27 -20.09
N ASN A 4 6.37 5.03 -21.02
CA ASN A 4 7.08 3.76 -21.08
C ASN A 4 7.83 3.49 -19.78
N SER A 5 8.93 4.21 -19.58
CA SER A 5 9.75 4.06 -18.38
C SER A 5 9.27 5.00 -17.28
N VAL A 6 8.56 4.44 -16.32
CA VAL A 6 8.05 5.23 -15.20
C VAL A 6 9.11 5.44 -14.14
N LEU A 7 9.88 4.40 -13.87
CA LEU A 7 10.95 4.47 -12.87
C LEU A 7 11.99 5.52 -13.26
N ARG A 8 12.74 5.98 -12.28
CA ARG A 8 13.77 7.00 -12.51
C ARG A 8 15.17 6.38 -12.43
N GLY A 9 16.19 7.23 -12.43
CA GLY A 9 17.56 6.76 -12.35
C GLY A 9 17.99 6.46 -10.93
N LYS A 10 18.24 7.51 -10.16
CA LYS A 10 18.66 7.37 -8.77
C LYS A 10 17.58 6.67 -7.94
N LYS A 11 16.33 6.84 -8.36
CA LYS A 11 15.21 6.23 -7.66
C LYS A 11 15.14 4.73 -7.92
N ALA A 12 15.52 4.33 -9.13
CA ALA A 12 15.52 2.92 -9.50
C ALA A 12 16.37 2.09 -8.54
N ASP A 13 17.52 2.64 -8.16
CA ASP A 13 18.42 1.96 -7.25
C ASP A 13 17.73 1.64 -5.93
N GLU A 14 17.30 2.67 -5.22
CA GLU A 14 16.62 2.50 -3.94
C GLU A 14 15.49 1.50 -4.06
N LEU A 15 14.89 1.42 -5.24
CA LEU A 15 13.79 0.50 -5.50
C LEU A 15 14.29 -0.93 -5.60
N GLU A 16 15.35 -1.13 -6.37
CA GLU A 16 15.92 -2.45 -6.55
C GLU A 16 16.73 -2.87 -5.33
N ARG A 17 16.94 -1.93 -4.42
CA ARG A 17 17.69 -2.19 -3.20
C ARG A 17 16.81 -2.84 -2.14
N ILE A 18 15.51 -2.56 -2.22
CA ILE A 18 14.56 -3.13 -1.26
C ILE A 18 14.38 -4.62 -1.48
N ARG A 19 14.41 -5.38 -0.38
CA ARG A 19 14.26 -6.83 -0.45
C ARG A 19 12.81 -7.24 -0.20
N LEU A 20 12.33 -8.19 -0.98
CA LEU A 20 10.95 -8.67 -0.85
C LEU A 20 10.71 -9.24 0.54
N ARG A 21 11.78 -9.78 1.14
CA ARG A 21 11.68 -10.37 2.48
C ARG A 21 12.75 -9.80 3.40
N PRO A 22 12.54 -9.95 4.71
CA PRO A 22 13.47 -9.45 5.73
C PRO A 22 14.78 -10.24 5.74
N GLY A 23 14.69 -11.53 5.43
CA GLY A 23 15.87 -12.37 5.42
C GLY A 23 16.04 -13.12 4.11
N GLY A 24 15.62 -12.49 3.02
CA GLY A 24 15.72 -13.12 1.71
C GLY A 24 16.82 -12.50 0.87
N LYS A 25 16.89 -12.90 -0.40
CA LYS A 25 17.90 -12.39 -1.32
C LYS A 25 17.26 -11.87 -2.60
N LYS A 26 15.95 -11.67 -2.56
CA LYS A 26 15.21 -11.18 -3.72
C LYS A 26 14.81 -9.72 -3.53
N LYS A 27 15.02 -8.91 -4.57
CA LYS A 27 14.66 -7.50 -4.52
C LYS A 27 13.50 -7.19 -5.44
N TYR A 28 12.80 -6.10 -5.15
CA TYR A 28 11.65 -5.69 -5.97
C TYR A 28 12.08 -5.45 -7.42
N ARG A 29 11.16 -5.73 -8.34
CA ARG A 29 11.44 -5.55 -9.77
C ARG A 29 10.15 -5.25 -10.53
N LEU A 30 10.30 -4.87 -11.79
CA LEU A 30 9.15 -4.55 -12.64
C LEU A 30 8.13 -5.69 -12.61
N LYS A 31 8.61 -6.91 -12.43
CA LYS A 31 7.74 -8.08 -12.38
C LYS A 31 6.62 -7.88 -11.37
N HIS A 32 6.98 -7.41 -10.17
CA HIS A 32 6.00 -7.17 -9.11
C HIS A 32 5.09 -6.01 -9.48
N ILE A 33 5.54 -5.02 -10.25
CA ILE A 33 4.70 -3.89 -10.62
C ILE A 33 3.64 -4.31 -11.63
N VAL A 34 4.02 -5.16 -12.57
CA VAL A 34 3.10 -5.64 -13.60
C VAL A 34 1.91 -6.35 -12.97
N TRP A 35 2.18 -7.22 -12.00
CA TRP A 35 1.13 -7.96 -11.32
C TRP A 35 0.23 -7.02 -10.53
N ALA A 36 0.81 -5.94 -10.01
CA ALA A 36 0.06 -4.97 -9.23
C ALA A 36 -0.93 -4.21 -10.11
N ALA A 37 -0.42 -3.54 -11.14
CA ALA A 37 -1.24 -2.78 -12.06
C ALA A 37 -2.26 -3.68 -12.77
N ASN A 38 -1.82 -4.88 -13.13
CA ASN A 38 -2.68 -5.84 -13.81
C ASN A 38 -3.82 -6.28 -12.90
N LYS A 39 -3.55 -6.37 -11.61
CA LYS A 39 -4.56 -6.77 -10.63
C LYS A 39 -5.56 -5.64 -10.39
N LEU A 40 -5.07 -4.41 -10.40
CA LEU A 40 -5.92 -3.24 -10.19
C LEU A 40 -6.98 -3.13 -11.27
N ASP A 41 -6.54 -2.95 -12.51
CA ASP A 41 -7.46 -2.83 -13.64
C ASP A 41 -8.48 -3.97 -13.63
N ARG A 42 -8.01 -5.18 -13.39
CA ARG A 42 -8.88 -6.35 -13.35
C ARG A 42 -9.90 -6.24 -12.21
N PHE A 43 -9.39 -6.22 -10.98
CA PHE A 43 -10.25 -6.11 -9.81
C PHE A 43 -11.26 -4.99 -9.97
N GLY A 44 -10.83 -3.90 -10.59
CA GLY A 44 -11.72 -2.76 -10.80
C GLY A 44 -11.02 -1.44 -10.58
N LEU A 45 -9.92 -1.45 -9.82
CA LEU A 45 -9.17 -0.25 -9.54
C LEU A 45 -8.34 0.18 -10.74
N ALA A 46 -7.93 1.45 -10.75
CA ALA A 46 -7.13 1.97 -11.84
C ALA A 46 -5.68 2.16 -11.43
N GLU A 47 -4.79 2.28 -12.42
CA GLU A 47 -3.37 2.46 -12.14
C GLU A 47 -3.08 3.89 -11.67
N SER A 48 -4.11 4.72 -11.64
CA SER A 48 -3.97 6.10 -11.22
C SER A 48 -3.37 6.19 -9.81
N LEU A 49 -3.46 5.07 -9.09
CA LEU A 49 -2.93 5.02 -7.72
C LEU A 49 -1.54 4.39 -7.71
N LEU A 50 -0.80 4.58 -8.79
CA LEU A 50 0.56 4.04 -8.90
C LEU A 50 1.57 5.16 -9.18
N GLU A 51 1.13 6.17 -9.93
CA GLU A 51 2.00 7.28 -10.27
C GLU A 51 1.67 8.51 -9.42
N SER A 52 1.08 8.27 -8.25
CA SER A 52 0.71 9.35 -7.34
C SER A 52 0.66 8.85 -5.91
N LYS A 53 1.46 9.49 -5.05
CA LYS A 53 1.51 9.12 -3.64
C LYS A 53 0.11 9.15 -3.01
N GLU A 54 -0.63 10.22 -3.29
CA GLU A 54 -1.98 10.37 -2.75
C GLU A 54 -2.88 9.23 -3.23
N GLY A 55 -2.55 8.66 -4.39
CA GLY A 55 -3.33 7.57 -4.92
C GLY A 55 -3.08 6.26 -4.21
N CYS A 56 -1.81 5.95 -3.99
CA CYS A 56 -1.42 4.72 -3.31
C CYS A 56 -2.11 4.61 -1.95
N GLN A 57 -2.46 5.75 -1.38
CA GLN A 57 -3.11 5.78 -0.08
C GLN A 57 -4.57 5.35 -0.19
N LYS A 58 -5.12 5.47 -1.39
CA LYS A 58 -6.51 5.08 -1.64
C LYS A 58 -6.66 3.57 -1.71
N ILE A 59 -5.54 2.88 -1.94
CA ILE A 59 -5.53 1.43 -2.03
C ILE A 59 -5.37 0.79 -0.65
N LEU A 60 -4.43 1.33 0.13
CA LEU A 60 -4.17 0.82 1.47
C LEU A 60 -5.39 0.97 2.36
N THR A 61 -6.17 2.01 2.11
CA THR A 61 -7.38 2.28 2.89
C THR A 61 -8.41 1.16 2.69
N VAL A 62 -8.38 0.54 1.53
CA VAL A 62 -9.31 -0.54 1.22
C VAL A 62 -8.69 -1.90 1.52
N LEU A 63 -7.40 -2.04 1.23
CA LEU A 63 -6.70 -3.29 1.48
C LEU A 63 -6.51 -3.52 2.97
N ASP A 64 -6.38 -2.43 3.72
CA ASP A 64 -6.21 -2.52 5.17
C ASP A 64 -7.26 -3.41 5.80
N PRO A 65 -8.54 -3.00 5.68
CA PRO A 65 -9.67 -3.74 6.23
C PRO A 65 -9.93 -5.04 5.49
N MET A 66 -9.27 -5.21 4.35
CA MET A 66 -9.43 -6.42 3.54
C MET A 66 -8.48 -7.51 4.01
N VAL A 67 -7.44 -7.11 4.75
CA VAL A 67 -6.46 -8.06 5.26
C VAL A 67 -7.09 -9.01 6.27
N PRO A 68 -7.66 -8.45 7.34
CA PRO A 68 -8.30 -9.23 8.40
C PRO A 68 -9.61 -9.87 7.94
N THR A 69 -9.95 -9.64 6.67
CA THR A 69 -11.17 -10.20 6.10
C THR A 69 -11.03 -10.42 4.61
N GLY A 70 -9.92 -11.06 4.21
CA GLY A 70 -9.69 -11.32 2.80
C GLY A 70 -8.81 -12.54 2.58
N SER A 71 -8.48 -12.80 1.32
CA SER A 71 -7.65 -13.95 0.98
C SER A 71 -6.17 -13.55 0.94
N GLU A 72 -5.31 -14.48 0.57
CA GLU A 72 -3.88 -14.24 0.50
C GLU A 72 -3.53 -13.46 -0.76
N ASN A 73 -4.28 -13.70 -1.83
CA ASN A 73 -4.04 -13.02 -3.10
C ASN A 73 -4.08 -11.50 -2.92
N LEU A 74 -4.77 -11.05 -1.88
CA LEU A 74 -4.88 -9.63 -1.59
C LEU A 74 -3.71 -9.14 -0.75
N LYS A 75 -3.30 -9.97 0.22
CA LYS A 75 -2.19 -9.62 1.09
C LYS A 75 -0.93 -9.31 0.28
N SER A 76 -0.71 -10.08 -0.77
CA SER A 76 0.46 -9.88 -1.63
C SER A 76 0.48 -8.47 -2.21
N LEU A 77 -0.69 -8.00 -2.63
CA LEU A 77 -0.81 -6.66 -3.20
C LEU A 77 -0.75 -5.59 -2.12
N PHE A 78 -1.27 -5.94 -0.94
CA PHE A 78 -1.28 -5.00 0.18
C PHE A 78 0.15 -4.67 0.62
N ASN A 79 1.01 -5.68 0.62
CA ASN A 79 2.40 -5.49 1.02
C ASN A 79 3.18 -4.72 -0.05
N THR A 80 2.71 -4.82 -1.29
CA THR A 80 3.37 -4.13 -2.40
C THR A 80 2.98 -2.65 -2.43
N VAL A 81 1.72 -2.38 -2.13
CA VAL A 81 1.23 -1.00 -2.12
C VAL A 81 2.00 -0.14 -1.12
N CYS A 82 2.39 -0.76 -0.01
CA CYS A 82 3.14 -0.06 1.02
C CYS A 82 4.51 0.38 0.51
N VAL A 83 5.09 -0.44 -0.35
CA VAL A 83 6.40 -0.15 -0.91
C VAL A 83 6.32 0.94 -1.98
N ILE A 84 5.28 0.87 -2.81
CA ILE A 84 5.08 1.85 -3.87
C ILE A 84 4.87 3.25 -3.29
N TRP A 85 4.04 3.33 -2.26
CA TRP A 85 3.76 4.61 -1.60
C TRP A 85 5.03 5.23 -1.06
N CYS A 86 5.86 4.42 -0.41
CA CYS A 86 7.11 4.90 0.16
C CYS A 86 7.97 5.58 -0.89
N ILE A 87 8.27 4.86 -1.97
CA ILE A 87 9.08 5.40 -3.04
C ILE A 87 8.64 6.83 -3.41
N HIS A 88 7.34 7.08 -3.31
CA HIS A 88 6.80 8.40 -3.61
C HIS A 88 6.85 9.31 -2.39
N ALA A 89 6.63 8.80 -1.19
CA ALA A 89 6.67 9.63 0.02
C ALA A 89 8.11 9.87 0.46
N GLU A 90 9.06 9.39 -0.33
CA GLU A 90 10.48 9.55 -0.01
C GLU A 90 10.85 8.72 1.21
N GLU A 91 10.02 7.75 1.55
CA GLU A 91 10.26 6.89 2.70
C GLU A 91 11.24 5.78 2.34
N LYS A 92 12.13 5.47 3.28
CA LYS A 92 13.13 4.42 3.06
C LYS A 92 12.77 3.16 3.84
N VAL A 93 12.78 2.03 3.14
CA VAL A 93 12.46 0.74 3.77
C VAL A 93 13.52 -0.30 3.47
N LYS A 94 13.85 -1.11 4.47
CA LYS A 94 14.86 -2.15 4.32
C LYS A 94 14.26 -3.39 3.63
N ASP A 95 13.10 -3.81 4.09
CA ASP A 95 12.43 -4.97 3.52
C ASP A 95 10.92 -4.72 3.40
N THR A 96 10.25 -5.55 2.61
CA THR A 96 8.82 -5.43 2.40
C THR A 96 8.10 -5.20 3.73
N GLU A 97 8.28 -6.14 4.66
CA GLU A 97 7.64 -6.04 5.97
C GLU A 97 7.87 -4.66 6.58
N GLY A 98 9.13 -4.26 6.68
CA GLY A 98 9.46 -2.96 7.26
C GLY A 98 8.68 -1.83 6.61
N ALA A 99 8.35 -2.00 5.33
CA ALA A 99 7.60 -0.99 4.61
C ALA A 99 6.20 -0.81 5.19
N LYS A 100 5.57 -1.92 5.56
CA LYS A 100 4.24 -1.90 6.13
C LYS A 100 4.26 -1.34 7.54
N GLN A 101 5.46 -1.26 8.13
CA GLN A 101 5.62 -0.74 9.48
C GLN A 101 5.69 0.79 9.48
N ILE A 102 6.43 1.34 8.52
CA ILE A 102 6.57 2.78 8.41
C ILE A 102 5.27 3.44 7.98
N VAL A 103 4.55 2.77 7.08
CA VAL A 103 3.28 3.29 6.59
C VAL A 103 2.22 3.32 7.71
N ARG A 104 2.02 2.18 8.35
CA ARG A 104 1.05 2.08 9.43
C ARG A 104 1.40 3.03 10.56
N ARG A 105 2.65 3.46 10.60
CA ARG A 105 3.12 4.39 11.64
C ARG A 105 2.58 5.80 11.40
N HIS A 106 2.38 6.13 10.12
CA HIS A 106 1.88 7.45 9.76
C HIS A 106 0.35 7.49 9.86
N LEU A 107 -0.35 6.38 9.65
CA LEU A 107 -1.81 6.38 9.73
C LEU A 107 -2.27 6.48 11.19
N VAL A 108 -1.58 5.76 12.07
CA VAL A 108 -1.92 5.75 13.49
C VAL A 108 -1.69 7.13 14.10
N ALA A 109 -0.68 7.84 13.58
CA ALA A 109 -0.36 9.18 14.08
C ALA A 109 -1.43 10.18 13.68
N GLU A 110 -2.02 9.97 12.52
CA GLU A 110 -3.06 10.87 12.01
C GLU A 110 -4.40 10.59 12.69
N THR A 111 -4.60 9.33 13.09
CA THR A 111 -5.83 8.93 13.75
C THR A 111 -6.16 9.84 14.93
N GLY A 112 -5.11 10.31 15.61
CA GLY A 112 -5.30 11.19 16.74
C GLY A 112 -6.09 12.43 16.40
N THR A 113 -6.06 12.81 15.12
CA THR A 113 -6.79 13.98 14.66
C THR A 113 -7.74 13.64 13.52
N ALA A 114 -8.17 12.38 13.48
CA ALA A 114 -9.09 11.93 12.44
C ALA A 114 -10.43 11.50 13.04
N GLU A 115 -10.40 11.06 14.29
CA GLU A 115 -11.61 10.62 14.97
C GLU A 115 -12.11 11.70 15.94
N LYS A 116 -11.88 12.96 15.57
CA LYS A 116 -12.31 14.09 16.40
C LYS A 116 -13.80 14.03 16.67
N MET A 117 -14.54 13.42 15.75
CA MET A 117 -15.99 13.30 15.89
C MET A 117 -16.65 14.67 15.90
N PRO A 118 -16.78 15.28 14.72
CA PRO A 118 -17.40 16.60 14.57
C PRO A 118 -18.90 16.58 14.83
N SER A 119 -19.54 17.73 14.68
CA SER A 119 -20.98 17.83 14.90
C SER A 119 -21.75 17.44 13.65
N THR A 120 -22.11 16.16 13.56
CA THR A 120 -22.84 15.65 12.41
C THR A 120 -23.58 14.37 12.76
N SER A 121 -24.87 14.31 12.41
CA SER A 121 -25.68 13.13 12.69
C SER A 121 -26.16 12.49 11.40
N ARG A 122 -26.28 11.16 11.41
CA ARG A 122 -26.73 10.41 10.24
C ARG A 122 -27.55 9.20 10.65
N PRO A 123 -28.69 9.44 11.30
CA PRO A 123 -29.59 8.38 11.76
C PRO A 123 -30.29 7.66 10.59
N THR A 124 -29.82 6.45 10.30
CA THR A 124 -30.40 5.67 9.22
C THR A 124 -29.78 4.27 9.17
N ALA A 125 -30.63 3.25 9.26
CA ALA A 125 -30.17 1.86 9.22
C ALA A 125 -30.89 1.08 8.13
N PRO A 126 -30.21 0.07 7.58
CA PRO A 126 -30.77 -0.79 6.53
C PRO A 126 -31.87 -1.70 7.04
N SER A 127 -32.62 -2.29 6.11
CA SER A 127 -33.72 -3.17 6.47
C SER A 127 -33.87 -4.30 5.45
N SER A 128 -32.75 -4.71 4.86
CA SER A 128 -32.75 -5.77 3.86
C SER A 128 -31.70 -6.82 4.19
N GLU A 129 -32.00 -8.07 3.86
CA GLU A 129 -31.08 -9.18 4.13
C GLU A 129 -31.53 -10.45 3.41
N LYS A 130 -31.09 -10.61 2.16
CA LYS A 130 -31.44 -11.78 1.37
C LYS A 130 -30.52 -12.95 1.69
N GLY A 131 -31.12 -14.13 1.92
CA GLY A 131 -30.34 -15.30 2.23
C GLY A 131 -29.84 -16.00 0.99
N GLY A 132 -30.47 -17.12 0.64
CA GLY A 132 -30.06 -17.87 -0.54
C GLY A 132 -30.98 -17.63 -1.72
N ASN A 133 -31.28 -18.69 -2.46
CA ASN A 133 -32.15 -18.59 -3.63
C ASN A 133 -32.99 -19.84 -3.80
N TYR A 134 -34.28 -19.71 -3.53
CA TYR A 134 -35.21 -20.84 -3.64
C TYR A 134 -35.80 -20.92 -5.05
N GLY A 1 2.48 2.99 -21.18
CA GLY A 1 3.64 3.37 -21.96
C GLY A 1 3.72 2.63 -23.28
N ALA A 2 4.90 2.64 -23.90
CA ALA A 2 5.09 1.97 -25.17
C ALA A 2 6.06 0.79 -25.02
N ARG A 3 6.00 0.12 -23.88
CA ARG A 3 6.87 -1.01 -23.61
C ARG A 3 8.33 -0.63 -23.78
N ASN A 4 8.90 0.00 -22.75
CA ASN A 4 10.30 0.43 -22.78
C ASN A 4 10.91 0.38 -21.39
N SER A 5 10.41 1.25 -20.51
CA SER A 5 10.91 1.31 -19.14
C SER A 5 10.09 2.29 -18.30
N VAL A 6 9.05 1.77 -17.67
CA VAL A 6 8.18 2.60 -16.83
C VAL A 6 8.93 3.15 -15.63
N LEU A 7 9.72 2.30 -14.98
CA LEU A 7 10.49 2.70 -13.81
C LEU A 7 11.45 3.84 -14.17
N ARG A 8 11.52 4.84 -13.30
CA ARG A 8 12.39 5.98 -13.52
C ARG A 8 13.87 5.57 -13.44
N GLY A 9 14.75 6.56 -13.44
CA GLY A 9 16.17 6.27 -13.38
C GLY A 9 16.68 6.21 -11.96
N LYS A 10 16.76 7.36 -11.30
CA LYS A 10 17.25 7.43 -9.92
C LYS A 10 16.32 6.65 -8.99
N LYS A 11 15.03 6.63 -9.32
CA LYS A 11 14.04 5.92 -8.52
C LYS A 11 14.21 4.42 -8.65
N ALA A 12 14.48 3.96 -9.88
CA ALA A 12 14.66 2.54 -10.15
C ALA A 12 15.65 1.93 -9.16
N ASP A 13 16.71 2.66 -8.85
CA ASP A 13 17.73 2.18 -7.93
C ASP A 13 17.12 1.87 -6.56
N GLU A 14 16.49 2.88 -5.97
CA GLU A 14 15.87 2.71 -4.66
C GLU A 14 14.86 1.57 -4.67
N LEU A 15 14.17 1.41 -5.80
CA LEU A 15 13.17 0.36 -5.94
C LEU A 15 13.84 -1.02 -5.97
N GLU A 16 14.87 -1.16 -6.81
CA GLU A 16 15.58 -2.42 -6.93
C GLU A 16 16.51 -2.63 -5.73
N ARG A 17 16.60 -1.63 -4.88
CA ARG A 17 17.45 -1.70 -3.70
C ARG A 17 16.72 -2.41 -2.55
N ILE A 18 15.49 -1.99 -2.29
CA ILE A 18 14.69 -2.58 -1.22
C ILE A 18 14.55 -4.09 -1.41
N ARG A 19 14.69 -4.83 -0.32
CA ARG A 19 14.57 -6.28 -0.36
C ARG A 19 13.13 -6.72 -0.19
N LEU A 20 12.79 -7.87 -0.76
CA LEU A 20 11.44 -8.40 -0.68
C LEU A 20 11.18 -9.03 0.69
N ARG A 21 12.24 -9.52 1.32
CA ARG A 21 12.13 -10.14 2.64
C ARG A 21 13.21 -9.61 3.58
N PRO A 22 12.98 -9.77 4.89
CA PRO A 22 13.91 -9.32 5.92
C PRO A 22 15.20 -10.16 5.94
N GLY A 23 15.06 -11.44 5.63
CA GLY A 23 16.21 -12.32 5.61
C GLY A 23 16.70 -12.63 4.22
N GLY A 24 15.76 -12.79 3.29
CA GLY A 24 16.13 -13.09 1.91
C GLY A 24 17.05 -12.04 1.32
N LYS A 25 17.38 -12.20 0.04
CA LYS A 25 18.25 -11.26 -0.65
C LYS A 25 17.65 -10.83 -1.98
N LYS A 26 16.35 -11.08 -2.14
CA LYS A 26 15.65 -10.71 -3.37
C LYS A 26 15.20 -9.25 -3.32
N LYS A 27 15.11 -8.64 -4.49
CA LYS A 27 14.68 -7.24 -4.58
C LYS A 27 13.43 -7.11 -5.45
N TYR A 28 12.75 -5.97 -5.33
CA TYR A 28 11.54 -5.73 -6.10
C TYR A 28 11.86 -5.58 -7.60
N ARG A 29 10.90 -5.95 -8.43
CA ARG A 29 11.08 -5.86 -9.88
C ARG A 29 9.75 -5.55 -10.58
N LEU A 30 9.84 -5.06 -11.80
CA LEU A 30 8.65 -4.72 -12.57
C LEU A 30 7.61 -5.84 -12.49
N LYS A 31 8.10 -7.08 -12.44
CA LYS A 31 7.22 -8.24 -12.35
C LYS A 31 6.20 -8.07 -11.22
N HIS A 32 6.67 -7.59 -10.08
CA HIS A 32 5.81 -7.39 -8.92
C HIS A 32 4.81 -6.27 -9.18
N ILE A 33 5.17 -5.23 -9.94
CA ILE A 33 4.25 -4.13 -10.22
C ILE A 33 3.08 -4.60 -11.08
N VAL A 34 3.38 -5.50 -12.02
CA VAL A 34 2.35 -6.03 -12.92
C VAL A 34 1.29 -6.82 -12.14
N TRP A 35 1.75 -7.79 -11.36
CA TRP A 35 0.85 -8.63 -10.57
C TRP A 35 0.00 -7.77 -9.64
N ALA A 36 0.51 -6.59 -9.29
CA ALA A 36 -0.20 -5.68 -8.41
C ALA A 36 -1.26 -4.88 -9.18
N ALA A 37 -0.82 -4.18 -10.21
CA ALA A 37 -1.73 -3.38 -11.03
C ALA A 37 -2.93 -4.20 -11.49
N ASN A 38 -2.69 -5.48 -11.76
CA ASN A 38 -3.76 -6.38 -12.20
C ASN A 38 -4.91 -6.38 -11.21
N LYS A 39 -4.59 -6.29 -9.92
CA LYS A 39 -5.60 -6.28 -8.87
C LYS A 39 -6.38 -4.97 -8.88
N LEU A 40 -5.66 -3.86 -9.03
CA LEU A 40 -6.28 -2.54 -9.07
C LEU A 40 -7.42 -2.50 -10.07
N ASP A 41 -7.32 -3.33 -11.11
CA ASP A 41 -8.34 -3.39 -12.14
C ASP A 41 -9.59 -4.12 -11.64
N ARG A 42 -9.38 -5.31 -11.08
CA ARG A 42 -10.48 -6.11 -10.56
C ARG A 42 -11.36 -5.28 -9.61
N PHE A 43 -10.76 -4.25 -9.02
CA PHE A 43 -11.49 -3.39 -8.10
C PHE A 43 -11.96 -2.11 -8.80
N GLY A 44 -11.08 -1.51 -9.58
CA GLY A 44 -11.43 -0.29 -10.30
C GLY A 44 -10.29 0.72 -10.32
N LEU A 45 -9.66 0.90 -9.16
CA LEU A 45 -8.55 1.84 -9.05
C LEU A 45 -7.63 1.76 -10.26
N ALA A 46 -7.20 2.91 -10.76
CA ALA A 46 -6.31 2.97 -11.91
C ALA A 46 -4.90 2.51 -11.54
N GLU A 47 -4.27 1.78 -12.44
CA GLU A 47 -2.91 1.28 -12.21
C GLU A 47 -1.90 2.41 -12.28
N SER A 48 -2.29 3.51 -12.94
CA SER A 48 -1.40 4.66 -13.07
C SER A 48 -1.25 5.39 -11.74
N LEU A 49 -2.07 5.01 -10.77
CA LEU A 49 -2.02 5.62 -9.45
C LEU A 49 -0.83 5.10 -8.64
N LEU A 50 -0.10 4.15 -9.21
CA LEU A 50 1.06 3.57 -8.56
C LEU A 50 2.30 4.40 -8.81
N GLU A 51 2.12 5.58 -9.40
CA GLU A 51 3.23 6.47 -9.69
C GLU A 51 3.26 7.63 -8.71
N SER A 52 2.14 7.88 -8.05
CA SER A 52 2.04 8.96 -7.07
C SER A 52 1.80 8.42 -5.67
N LYS A 53 1.84 9.30 -4.68
CA LYS A 53 1.62 8.91 -3.30
C LYS A 53 0.14 8.92 -2.95
N GLU A 54 -0.56 9.97 -3.37
CA GLU A 54 -1.99 10.10 -3.11
C GLU A 54 -2.76 8.92 -3.70
N GLY A 55 -2.35 8.50 -4.89
CA GLY A 55 -3.02 7.39 -5.56
C GLY A 55 -2.86 6.09 -4.80
N CYS A 56 -1.64 5.83 -4.33
CA CYS A 56 -1.36 4.61 -3.58
C CYS A 56 -2.07 4.61 -2.24
N GLN A 57 -2.26 5.80 -1.67
CA GLN A 57 -2.92 5.94 -0.38
C GLN A 57 -4.36 5.41 -0.45
N LYS A 58 -5.03 5.67 -1.56
CA LYS A 58 -6.41 5.22 -1.74
C LYS A 58 -6.46 3.71 -1.90
N ILE A 59 -5.33 3.12 -2.25
CA ILE A 59 -5.24 1.67 -2.43
C ILE A 59 -5.18 0.95 -1.09
N LEU A 60 -4.43 1.51 -0.16
CA LEU A 60 -4.29 0.92 1.17
C LEU A 60 -5.62 0.87 1.89
N THR A 61 -6.39 1.96 1.77
CA THR A 61 -7.69 2.05 2.42
C THR A 61 -8.66 1.04 1.83
N VAL A 62 -8.48 0.71 0.56
CA VAL A 62 -9.34 -0.26 -0.12
C VAL A 62 -8.92 -1.69 0.20
N LEU A 63 -7.62 -1.92 0.28
CA LEU A 63 -7.09 -3.25 0.58
C LEU A 63 -7.18 -3.54 2.07
N ASP A 64 -7.28 -2.48 2.87
CA ASP A 64 -7.38 -2.62 4.32
C ASP A 64 -8.46 -3.62 4.70
N PRO A 65 -9.71 -3.31 4.30
CA PRO A 65 -10.86 -4.17 4.60
C PRO A 65 -10.83 -5.48 3.80
N MET A 66 -10.02 -5.50 2.74
CA MET A 66 -9.90 -6.69 1.91
C MET A 66 -9.03 -7.75 2.60
N VAL A 67 -8.16 -7.30 3.49
CA VAL A 67 -7.27 -8.20 4.22
C VAL A 67 -8.07 -9.29 4.94
N PRO A 68 -8.97 -8.86 5.83
CA PRO A 68 -9.82 -9.78 6.60
C PRO A 68 -10.86 -10.49 5.74
N THR A 69 -10.83 -10.20 4.44
CA THR A 69 -11.77 -10.80 3.50
C THR A 69 -11.06 -11.22 2.22
N GLY A 70 -9.81 -11.65 2.35
CA GLY A 70 -9.05 -12.08 1.18
C GLY A 70 -7.99 -13.10 1.53
N SER A 71 -7.29 -13.59 0.52
CA SER A 71 -6.25 -14.59 0.72
C SER A 71 -4.87 -14.02 0.36
N GLU A 72 -3.88 -14.91 0.28
CA GLU A 72 -2.52 -14.49 -0.06
C GLU A 72 -2.50 -13.67 -1.34
N ASN A 73 -3.30 -14.08 -2.32
CA ASN A 73 -3.38 -13.38 -3.59
C ASN A 73 -3.76 -11.92 -3.39
N LEU A 74 -4.39 -11.63 -2.26
CA LEU A 74 -4.82 -10.27 -1.94
C LEU A 74 -3.84 -9.61 -0.96
N LYS A 75 -3.52 -10.33 0.10
CA LYS A 75 -2.60 -9.82 1.12
C LYS A 75 -1.26 -9.43 0.49
N SER A 76 -0.81 -10.23 -0.47
CA SER A 76 0.46 -9.97 -1.14
C SER A 76 0.51 -8.54 -1.67
N LEU A 77 -0.59 -8.11 -2.28
CA LEU A 77 -0.67 -6.76 -2.83
C LEU A 77 -0.65 -5.72 -1.72
N PHE A 78 -1.41 -5.96 -0.66
CA PHE A 78 -1.48 -5.04 0.46
C PHE A 78 -0.08 -4.69 0.96
N ASN A 79 0.78 -5.70 1.07
CA ASN A 79 2.15 -5.50 1.53
C ASN A 79 2.97 -4.74 0.49
N THR A 80 2.73 -5.05 -0.78
CA THR A 80 3.44 -4.39 -1.88
C THR A 80 3.07 -2.92 -1.97
N VAL A 81 1.80 -2.62 -1.74
CA VAL A 81 1.32 -1.24 -1.79
C VAL A 81 2.04 -0.36 -0.78
N CYS A 82 2.49 -0.97 0.31
CA CYS A 82 3.19 -0.25 1.36
C CYS A 82 4.55 0.22 0.88
N VAL A 83 5.25 -0.66 0.14
CA VAL A 83 6.57 -0.33 -0.39
C VAL A 83 6.50 0.77 -1.43
N ILE A 84 5.56 0.64 -2.36
CA ILE A 84 5.38 1.62 -3.42
C ILE A 84 5.08 3.00 -2.84
N TRP A 85 4.00 3.09 -2.07
CA TRP A 85 3.61 4.36 -1.45
C TRP A 85 4.80 5.00 -0.75
N CYS A 86 5.54 4.21 0.01
CA CYS A 86 6.70 4.71 0.75
C CYS A 86 7.64 5.47 -0.19
N ILE A 87 8.02 4.84 -1.29
CA ILE A 87 8.90 5.46 -2.27
C ILE A 87 8.40 6.83 -2.67
N HIS A 88 7.08 6.98 -2.78
CA HIS A 88 6.48 8.25 -3.16
C HIS A 88 6.50 9.23 -2.00
N ALA A 89 6.40 8.77 -0.74
CA ALA A 89 6.42 9.68 0.40
C ALA A 89 7.85 9.91 0.89
N GLU A 90 8.82 9.64 0.01
CA GLU A 90 10.22 9.84 0.34
C GLU A 90 10.67 8.83 1.41
N GLU A 91 9.79 7.89 1.71
CA GLU A 91 10.09 6.87 2.71
C GLU A 91 10.95 5.76 2.11
N LYS A 92 12.00 5.35 2.84
CA LYS A 92 12.89 4.30 2.39
C LYS A 92 13.02 3.20 3.43
N VAL A 93 13.05 1.96 2.98
CA VAL A 93 13.17 0.82 3.87
C VAL A 93 14.19 -0.19 3.36
N LYS A 94 14.82 -0.92 4.27
CA LYS A 94 15.82 -1.92 3.90
C LYS A 94 15.15 -3.19 3.39
N ASP A 95 14.08 -3.61 4.06
CA ASP A 95 13.35 -4.81 3.67
C ASP A 95 11.85 -4.57 3.73
N THR A 96 11.11 -5.27 2.86
CA THR A 96 9.66 -5.13 2.82
C THR A 96 9.06 -5.07 4.21
N GLU A 97 9.62 -5.86 5.13
CA GLU A 97 9.15 -5.89 6.51
C GLU A 97 9.07 -4.49 7.09
N GLY A 98 10.17 -3.76 6.99
CA GLY A 98 10.22 -2.40 7.51
C GLY A 98 9.22 -1.49 6.83
N ALA A 99 8.93 -1.76 5.56
CA ALA A 99 7.99 -0.96 4.80
C ALA A 99 6.59 -1.02 5.41
N LYS A 100 6.19 -2.21 5.83
CA LYS A 100 4.88 -2.40 6.43
C LYS A 100 4.80 -1.75 7.81
N GLN A 101 5.94 -1.70 8.50
CA GLN A 101 6.01 -1.10 9.82
C GLN A 101 5.86 0.42 9.73
N ILE A 102 6.53 1.03 8.76
CA ILE A 102 6.47 2.47 8.57
C ILE A 102 5.06 2.91 8.18
N VAL A 103 4.48 2.21 7.21
CA VAL A 103 3.14 2.54 6.74
C VAL A 103 2.10 2.27 7.83
N ARG A 104 2.18 1.10 8.43
CA ARG A 104 1.25 0.73 9.49
C ARG A 104 1.43 1.60 10.72
N ARG A 105 2.53 2.34 10.75
CA ARG A 105 2.84 3.23 11.88
C ARG A 105 2.22 4.61 11.66
N HIS A 106 2.18 5.04 10.40
CA HIS A 106 1.60 6.33 10.06
C HIS A 106 0.08 6.28 10.05
N LEU A 107 -0.53 5.14 9.75
CA LEU A 107 -1.99 5.04 9.73
C LEU A 107 -2.55 5.06 11.14
N VAL A 108 -1.91 4.31 12.04
CA VAL A 108 -2.36 4.25 13.43
C VAL A 108 -2.23 5.61 14.11
N ALA A 109 -1.29 6.41 13.64
CA ALA A 109 -1.06 7.74 14.20
C ALA A 109 -2.18 8.70 13.79
N GLU A 110 -2.79 8.45 12.63
CA GLU A 110 -3.86 9.28 12.13
C GLU A 110 -5.21 8.56 12.23
N THR A 111 -5.36 7.76 13.27
CA THR A 111 -6.60 7.02 13.48
C THR A 111 -7.48 7.68 14.54
N GLY A 112 -6.85 8.40 15.45
CA GLY A 112 -7.59 9.08 16.51
C GLY A 112 -8.43 10.21 15.98
N THR A 113 -7.99 10.84 14.89
CA THR A 113 -8.70 11.94 14.29
C THR A 113 -10.14 11.55 13.95
N ALA A 114 -10.35 10.26 13.72
CA ALA A 114 -11.68 9.75 13.40
C ALA A 114 -12.09 8.63 14.34
N GLU A 115 -11.90 8.86 15.64
CA GLU A 115 -12.24 7.87 16.65
C GLU A 115 -12.24 8.48 18.04
N LYS A 116 -12.63 9.75 18.13
CA LYS A 116 -12.67 10.46 19.40
C LYS A 116 -13.59 9.74 20.39
N MET A 117 -14.59 9.04 19.87
CA MET A 117 -15.53 8.31 20.70
C MET A 117 -16.18 9.23 21.73
N PRO A 118 -17.20 9.99 21.30
CA PRO A 118 -17.92 10.92 22.17
C PRO A 118 -18.76 10.21 23.22
N SER A 119 -19.51 10.98 23.99
CA SER A 119 -20.37 10.43 25.04
C SER A 119 -21.38 9.45 24.45
N THR A 120 -21.22 8.17 24.75
CA THR A 120 -22.12 7.15 24.25
C THR A 120 -22.48 6.14 25.34
N SER A 121 -23.47 5.30 25.07
CA SER A 121 -23.90 4.29 26.03
C SER A 121 -22.73 3.42 26.46
N ARG A 122 -22.32 3.57 27.71
CA ARG A 122 -21.21 2.79 28.25
C ARG A 122 -21.20 2.82 29.77
N PRO A 123 -20.80 1.70 30.39
CA PRO A 123 -20.75 1.56 31.84
C PRO A 123 -19.64 2.41 32.46
N THR A 124 -19.43 2.24 33.76
CA THR A 124 -18.40 2.99 34.48
C THR A 124 -17.03 2.38 34.24
N ALA A 125 -15.98 3.14 34.59
CA ALA A 125 -14.61 2.68 34.43
C ALA A 125 -13.62 3.62 35.10
N PRO A 126 -12.52 3.06 35.61
CA PRO A 126 -11.47 3.84 36.28
C PRO A 126 -10.70 4.72 35.32
N SER A 127 -10.69 6.02 35.58
CA SER A 127 -9.98 6.98 34.73
C SER A 127 -9.12 7.92 35.57
N SER A 128 -7.81 7.82 35.40
CA SER A 128 -6.88 8.67 36.14
C SER A 128 -6.67 10.00 35.43
N GLU A 129 -6.08 10.96 36.14
CA GLU A 129 -5.83 12.28 35.57
C GLU A 129 -4.34 12.62 35.65
N LYS A 130 -3.89 13.48 34.74
CA LYS A 130 -2.49 13.89 34.71
C LYS A 130 -2.27 14.99 33.67
N GLY A 131 -1.94 16.18 34.15
CA GLY A 131 -1.71 17.29 33.24
C GLY A 131 -0.24 17.68 33.15
N GLY A 132 0.52 17.36 34.21
CA GLY A 132 1.93 17.69 34.24
C GLY A 132 2.77 16.64 33.55
N ASN A 133 3.69 17.08 32.70
CA ASN A 133 4.57 16.17 31.97
C ASN A 133 5.56 16.94 31.10
N TYR A 134 6.65 16.28 30.74
CA TYR A 134 7.68 16.90 29.92
C TYR A 134 8.25 18.15 30.59
N GLY A 1 1.46 2.14 -22.03
CA GLY A 1 0.99 3.30 -22.78
C GLY A 1 2.05 3.84 -23.72
N ALA A 2 3.31 3.71 -23.32
CA ALA A 2 4.42 4.20 -24.12
C ALA A 2 5.75 3.65 -23.62
N ARG A 3 6.42 2.87 -24.46
CA ARG A 3 7.71 2.28 -24.11
C ARG A 3 7.56 1.34 -22.91
N ASN A 4 8.66 0.73 -22.50
CA ASN A 4 8.65 -0.20 -21.38
C ASN A 4 9.57 0.30 -20.26
N SER A 5 9.34 1.52 -19.81
CA SER A 5 10.14 2.11 -18.75
C SER A 5 9.35 3.20 -18.01
N VAL A 6 8.91 2.89 -16.80
CA VAL A 6 8.15 3.83 -15.99
C VAL A 6 8.98 4.34 -14.82
N LEU A 7 9.80 3.46 -14.25
CA LEU A 7 10.63 3.82 -13.11
C LEU A 7 11.54 5.00 -13.46
N ARG A 8 12.22 5.53 -12.46
CA ARG A 8 13.12 6.66 -12.65
C ARG A 8 14.59 6.22 -12.57
N GLY A 9 15.49 7.19 -12.51
CA GLY A 9 16.90 6.89 -12.43
C GLY A 9 17.36 6.66 -11.00
N LYS A 10 17.40 7.72 -10.21
CA LYS A 10 17.83 7.63 -8.82
C LYS A 10 16.84 6.80 -8.00
N LYS A 11 15.58 6.83 -8.42
CA LYS A 11 14.53 6.08 -7.72
C LYS A 11 14.68 4.59 -7.99
N ALA A 12 15.02 4.24 -9.22
CA ALA A 12 15.19 2.83 -9.60
C ALA A 12 16.15 2.12 -8.65
N ASP A 13 17.18 2.84 -8.22
CA ASP A 13 18.16 2.27 -7.30
C ASP A 13 17.51 1.84 -6.00
N GLU A 14 16.95 2.79 -5.27
CA GLU A 14 16.30 2.51 -4.00
C GLU A 14 15.16 1.50 -4.19
N LEU A 15 14.50 1.59 -5.34
CA LEU A 15 13.38 0.69 -5.64
C LEU A 15 13.87 -0.73 -5.81
N GLU A 16 14.92 -0.91 -6.61
CA GLU A 16 15.48 -2.23 -6.86
C GLU A 16 16.37 -2.67 -5.71
N ARG A 17 16.57 -1.77 -4.75
CA ARG A 17 17.41 -2.06 -3.58
C ARG A 17 16.61 -2.81 -2.51
N ILE A 18 15.40 -2.33 -2.24
CA ILE A 18 14.54 -2.95 -1.25
C ILE A 18 14.38 -4.45 -1.51
N ARG A 19 14.47 -5.24 -0.45
CA ARG A 19 14.33 -6.69 -0.58
C ARG A 19 12.92 -7.14 -0.17
N LEU A 20 12.35 -8.03 -0.97
CA LEU A 20 11.01 -8.54 -0.71
C LEU A 20 10.93 -9.15 0.69
N ARG A 21 12.07 -9.57 1.21
CA ARG A 21 12.14 -10.18 2.54
C ARG A 21 13.29 -9.59 3.35
N PRO A 22 13.22 -9.74 4.68
CA PRO A 22 14.25 -9.24 5.59
C PRO A 22 15.55 -10.01 5.48
N GLY A 23 15.44 -11.30 5.18
CA GLY A 23 16.62 -12.13 5.06
C GLY A 23 16.73 -12.78 3.69
N GLY A 24 16.08 -12.18 2.69
CA GLY A 24 16.12 -12.71 1.35
C GLY A 24 17.07 -11.95 0.44
N LYS A 25 17.13 -12.37 -0.82
CA LYS A 25 18.01 -11.72 -1.80
C LYS A 25 17.21 -11.22 -2.99
N LYS A 26 15.88 -11.34 -2.92
CA LYS A 26 15.00 -10.90 -3.99
C LYS A 26 14.65 -9.42 -3.83
N LYS A 27 14.73 -8.69 -4.93
CA LYS A 27 14.42 -7.26 -4.93
C LYS A 27 13.18 -6.97 -5.77
N TYR A 28 12.54 -5.83 -5.51
CA TYR A 28 11.35 -5.43 -6.24
C TYR A 28 11.67 -5.20 -7.72
N ARG A 29 10.76 -5.61 -8.58
CA ARG A 29 10.94 -5.45 -10.02
C ARG A 29 9.60 -5.28 -10.72
N LEU A 30 9.64 -4.91 -12.00
CA LEU A 30 8.43 -4.70 -12.78
C LEU A 30 7.47 -5.89 -12.61
N LYS A 31 8.04 -7.08 -12.46
CA LYS A 31 7.24 -8.28 -12.29
C LYS A 31 6.21 -8.11 -11.19
N HIS A 32 6.66 -7.58 -10.05
CA HIS A 32 5.78 -7.36 -8.91
C HIS A 32 4.78 -6.24 -9.21
N ILE A 33 5.13 -5.26 -10.02
CA ILE A 33 4.21 -4.17 -10.34
C ILE A 33 3.05 -4.66 -11.20
N VAL A 34 3.34 -5.58 -12.12
CA VAL A 34 2.32 -6.13 -13.00
C VAL A 34 1.30 -6.96 -12.21
N TRP A 35 1.80 -7.90 -11.43
CA TRP A 35 0.93 -8.75 -10.62
C TRP A 35 0.04 -7.92 -9.71
N ALA A 36 0.51 -6.74 -9.36
CA ALA A 36 -0.25 -5.84 -8.49
C ALA A 36 -1.30 -5.07 -9.29
N ALA A 37 -0.88 -4.49 -10.40
CA ALA A 37 -1.79 -3.73 -11.25
C ALA A 37 -3.01 -4.56 -11.65
N ASN A 38 -2.79 -5.85 -11.88
CA ASN A 38 -3.87 -6.75 -12.26
C ASN A 38 -4.97 -6.76 -11.22
N LYS A 39 -4.59 -6.57 -9.95
CA LYS A 39 -5.55 -6.55 -8.85
C LYS A 39 -6.35 -5.25 -8.87
N LEU A 40 -5.67 -4.12 -9.06
CA LEU A 40 -6.33 -2.83 -9.09
C LEU A 40 -7.49 -2.83 -10.08
N ASP A 41 -7.40 -3.69 -11.10
CA ASP A 41 -8.44 -3.79 -12.10
C ASP A 41 -9.67 -4.52 -11.55
N ARG A 42 -9.43 -5.68 -10.94
CA ARG A 42 -10.51 -6.47 -10.38
C ARG A 42 -11.38 -5.62 -9.46
N PHE A 43 -10.81 -4.55 -8.92
CA PHE A 43 -11.54 -3.66 -8.03
C PHE A 43 -12.02 -2.42 -8.78
N GLY A 44 -11.15 -1.86 -9.62
CA GLY A 44 -11.51 -0.67 -10.38
C GLY A 44 -10.41 0.37 -10.38
N LEU A 45 -9.80 0.57 -9.21
CA LEU A 45 -8.73 1.56 -9.08
C LEU A 45 -7.78 1.49 -10.28
N ALA A 46 -7.29 2.65 -10.70
CA ALA A 46 -6.37 2.72 -11.82
C ALA A 46 -4.99 2.19 -11.45
N GLU A 47 -4.30 1.60 -12.42
CA GLU A 47 -2.98 1.05 -12.19
C GLU A 47 -1.91 2.13 -12.27
N SER A 48 -2.23 3.23 -12.95
CA SER A 48 -1.30 4.33 -13.11
C SER A 48 -1.08 5.05 -11.78
N LEU A 49 -1.89 4.72 -10.79
CA LEU A 49 -1.79 5.32 -9.46
C LEU A 49 -0.64 4.72 -8.68
N LEU A 50 0.05 3.76 -9.29
CA LEU A 50 1.18 3.10 -8.63
C LEU A 50 2.42 3.98 -8.71
N GLU A 51 2.28 5.16 -9.28
CA GLU A 51 3.40 6.09 -9.41
C GLU A 51 3.06 7.44 -8.78
N SER A 52 2.19 7.42 -7.77
CA SER A 52 1.78 8.64 -7.09
C SER A 52 1.33 8.34 -5.66
N LYS A 53 1.71 9.21 -4.73
CA LYS A 53 1.35 9.04 -3.33
C LYS A 53 -0.16 9.10 -3.14
N GLU A 54 -0.76 10.20 -3.61
CA GLU A 54 -2.20 10.39 -3.50
C GLU A 54 -2.96 9.17 -4.02
N GLY A 55 -2.47 8.61 -5.13
CA GLY A 55 -3.10 7.45 -5.72
C GLY A 55 -2.87 6.19 -4.91
N CYS A 56 -1.63 5.97 -4.50
CA CYS A 56 -1.29 4.80 -3.71
C CYS A 56 -2.01 4.80 -2.37
N GLN A 57 -2.21 6.01 -1.82
CA GLN A 57 -2.88 6.15 -0.54
C GLN A 57 -4.30 5.58 -0.60
N LYS A 58 -4.99 5.83 -1.72
CA LYS A 58 -6.35 5.36 -1.90
C LYS A 58 -6.38 3.84 -2.04
N ILE A 59 -5.23 3.26 -2.41
CA ILE A 59 -5.12 1.82 -2.58
C ILE A 59 -5.05 1.10 -1.23
N LEU A 60 -4.30 1.69 -0.30
CA LEU A 60 -4.15 1.12 1.03
C LEU A 60 -5.48 1.08 1.76
N THR A 61 -6.25 2.16 1.65
CA THR A 61 -7.55 2.25 2.30
C THR A 61 -8.53 1.23 1.72
N VAL A 62 -8.34 0.90 0.45
CA VAL A 62 -9.20 -0.06 -0.23
C VAL A 62 -8.80 -1.49 0.12
N LEU A 63 -7.50 -1.73 0.23
CA LEU A 63 -6.98 -3.05 0.55
C LEU A 63 -7.05 -3.31 2.05
N ASP A 64 -7.18 -2.23 2.82
CA ASP A 64 -7.25 -2.34 4.27
C ASP A 64 -8.31 -3.36 4.69
N PRO A 65 -9.58 -3.09 4.33
CA PRO A 65 -10.71 -3.96 4.65
C PRO A 65 -10.65 -5.27 3.87
N MET A 66 -9.84 -5.30 2.82
CA MET A 66 -9.71 -6.50 2.01
C MET A 66 -8.83 -7.53 2.69
N VAL A 67 -7.96 -7.07 3.58
CA VAL A 67 -7.06 -7.96 4.31
C VAL A 67 -7.84 -9.03 5.07
N PRO A 68 -8.74 -8.59 5.96
CA PRO A 68 -9.56 -9.49 6.77
C PRO A 68 -10.60 -10.23 5.93
N THR A 69 -10.61 -9.94 4.63
CA THR A 69 -11.57 -10.57 3.72
C THR A 69 -10.89 -10.98 2.42
N GLY A 70 -9.65 -11.43 2.52
CA GLY A 70 -8.91 -11.84 1.34
C GLY A 70 -7.93 -12.96 1.62
N SER A 71 -7.20 -13.39 0.60
CA SER A 71 -6.22 -14.47 0.75
C SER A 71 -4.82 -13.97 0.43
N GLU A 72 -3.88 -14.90 0.31
CA GLU A 72 -2.50 -14.56 0.00
C GLU A 72 -2.41 -13.72 -1.26
N ASN A 73 -3.21 -14.07 -2.26
CA ASN A 73 -3.23 -13.33 -3.52
C ASN A 73 -3.62 -11.88 -3.31
N LEU A 74 -4.24 -11.60 -2.16
CA LEU A 74 -4.67 -10.25 -1.83
C LEU A 74 -3.68 -9.59 -0.88
N LYS A 75 -3.39 -10.28 0.23
CA LYS A 75 -2.47 -9.76 1.22
C LYS A 75 -1.13 -9.40 0.59
N SER A 76 -0.72 -10.18 -0.40
CA SER A 76 0.55 -9.95 -1.09
C SER A 76 0.61 -8.53 -1.63
N LEU A 77 -0.49 -8.07 -2.23
CA LEU A 77 -0.56 -6.72 -2.78
C LEU A 77 -0.49 -5.67 -1.68
N PHE A 78 -1.23 -5.91 -0.61
CA PHE A 78 -1.24 -4.97 0.51
C PHE A 78 0.17 -4.64 0.97
N ASN A 79 1.03 -5.65 1.00
CA ASN A 79 2.41 -5.46 1.42
C ASN A 79 3.19 -4.67 0.38
N THR A 80 2.89 -4.92 -0.89
CA THR A 80 3.56 -4.23 -1.99
C THR A 80 3.16 -2.76 -2.05
N VAL A 81 1.88 -2.50 -1.78
CA VAL A 81 1.36 -1.13 -1.81
C VAL A 81 2.06 -0.27 -0.76
N CYS A 82 2.49 -0.89 0.34
CA CYS A 82 3.17 -0.17 1.41
C CYS A 82 4.52 0.36 0.93
N VAL A 83 5.20 -0.43 0.10
CA VAL A 83 6.50 -0.03 -0.44
C VAL A 83 6.37 1.11 -1.44
N ILE A 84 5.67 0.84 -2.54
CA ILE A 84 5.47 1.83 -3.58
C ILE A 84 5.11 3.19 -2.98
N TRP A 85 4.14 3.19 -2.07
CA TRP A 85 3.70 4.41 -1.41
C TRP A 85 4.88 5.10 -0.71
N CYS A 86 5.63 4.33 0.06
CA CYS A 86 6.78 4.87 0.79
C CYS A 86 7.69 5.65 -0.15
N ILE A 87 8.00 5.07 -1.30
CA ILE A 87 8.88 5.72 -2.28
C ILE A 87 8.39 7.13 -2.59
N HIS A 88 7.07 7.30 -2.62
CA HIS A 88 6.48 8.61 -2.91
C HIS A 88 6.53 9.51 -1.67
N ALA A 89 6.41 8.98 -0.46
CA ALA A 89 6.46 9.79 0.74
C ALA A 89 7.90 10.00 1.21
N GLU A 90 8.85 9.68 0.33
CA GLU A 90 10.26 9.85 0.66
C GLU A 90 10.69 8.85 1.74
N GLU A 91 9.79 7.92 2.06
CA GLU A 91 10.07 6.91 3.08
C GLU A 91 10.95 5.79 2.50
N LYS A 92 12.04 5.49 3.20
CA LYS A 92 12.96 4.45 2.76
C LYS A 92 12.93 3.26 3.72
N VAL A 93 12.79 2.06 3.17
CA VAL A 93 12.74 0.84 3.97
C VAL A 93 13.74 -0.20 3.46
N LYS A 94 14.40 -0.87 4.38
CA LYS A 94 15.38 -1.89 4.03
C LYS A 94 14.70 -3.13 3.45
N ASP A 95 13.72 -3.65 4.17
CA ASP A 95 12.99 -4.83 3.73
C ASP A 95 11.48 -4.56 3.71
N THR A 96 10.78 -5.27 2.84
CA THR A 96 9.33 -5.10 2.72
C THR A 96 8.67 -5.09 4.09
N GLU A 97 9.11 -5.97 4.98
CA GLU A 97 8.56 -6.05 6.32
C GLU A 97 8.59 -4.69 7.00
N GLY A 98 9.76 -4.05 7.01
CA GLY A 98 9.89 -2.75 7.63
C GLY A 98 8.93 -1.73 7.05
N ALA A 99 8.60 -1.89 5.77
CA ALA A 99 7.69 -0.97 5.10
C ALA A 99 6.28 -1.07 5.69
N LYS A 100 5.84 -2.30 5.95
CA LYS A 100 4.52 -2.53 6.51
C LYS A 100 4.41 -1.95 7.92
N GLN A 101 5.54 -1.87 8.61
CA GLN A 101 5.58 -1.32 9.96
C GLN A 101 5.47 0.20 9.94
N ILE A 102 6.16 0.82 9.00
CA ILE A 102 6.14 2.27 8.87
C ILE A 102 4.79 2.77 8.37
N VAL A 103 4.28 2.12 7.32
CA VAL A 103 2.99 2.49 6.76
C VAL A 103 1.86 2.27 7.75
N ARG A 104 1.87 1.09 8.39
CA ARG A 104 0.85 0.75 9.36
C ARG A 104 0.70 1.85 10.41
N ARG A 105 1.83 2.27 10.98
CA ARG A 105 1.82 3.32 11.99
C ARG A 105 1.14 4.57 11.47
N HIS A 106 1.22 4.79 10.17
CA HIS A 106 0.60 5.96 9.55
C HIS A 106 -0.89 5.73 9.32
N LEU A 107 -1.34 4.51 9.10
CA LEU A 107 -2.77 4.25 8.88
C LEU A 107 -3.51 4.17 10.20
N VAL A 108 -2.95 3.42 11.16
CA VAL A 108 -3.55 3.26 12.47
C VAL A 108 -3.78 4.63 13.13
N ALA A 109 -2.86 5.55 12.91
CA ALA A 109 -2.96 6.88 13.48
C ALA A 109 -4.15 7.65 12.90
N GLU A 110 -4.51 7.32 11.67
CA GLU A 110 -5.63 7.97 11.00
C GLU A 110 -6.94 7.25 11.31
N THR A 111 -7.00 5.96 10.97
CA THR A 111 -8.19 5.16 11.21
C THR A 111 -8.57 5.16 12.69
N GLY A 112 -7.56 5.30 13.55
CA GLY A 112 -7.80 5.31 14.98
C GLY A 112 -8.84 6.36 15.37
N THR A 113 -8.96 7.41 14.58
CA THR A 113 -9.91 8.48 14.86
C THR A 113 -11.32 7.92 15.06
N ALA A 114 -11.59 6.79 14.42
CA ALA A 114 -12.90 6.16 14.52
C ALA A 114 -12.77 4.64 14.62
N GLU A 115 -11.82 4.19 15.43
CA GLU A 115 -11.58 2.76 15.61
C GLU A 115 -11.26 2.44 17.07
N LYS A 116 -11.93 3.12 17.99
CA LYS A 116 -11.71 2.92 19.41
C LYS A 116 -12.79 2.01 20.00
N MET A 117 -13.34 1.14 19.17
CA MET A 117 -14.39 0.21 19.60
C MET A 117 -13.85 -0.73 20.68
N PRO A 118 -14.76 -1.24 21.52
CA PRO A 118 -14.41 -2.17 22.61
C PRO A 118 -13.97 -3.53 22.09
N SER A 119 -12.76 -3.95 22.45
CA SER A 119 -12.23 -5.23 22.01
C SER A 119 -10.93 -5.55 22.74
N THR A 120 -10.67 -6.83 22.93
CA THR A 120 -9.46 -7.28 23.61
C THR A 120 -8.77 -8.41 22.84
N SER A 121 -7.47 -8.56 23.04
CA SER A 121 -6.70 -9.59 22.37
C SER A 121 -5.93 -10.43 23.38
N ARG A 122 -5.20 -11.43 22.88
CA ARG A 122 -4.41 -12.31 23.74
C ARG A 122 -2.93 -12.24 23.37
N PRO A 123 -2.29 -11.11 23.68
CA PRO A 123 -0.87 -10.89 23.40
C PRO A 123 0.03 -11.76 24.27
N THR A 124 1.34 -11.55 24.15
CA THR A 124 2.31 -12.31 24.93
C THR A 124 3.65 -11.59 25.00
N ALA A 125 4.61 -12.20 25.67
CA ALA A 125 5.94 -11.62 25.81
C ALA A 125 7.00 -12.69 25.91
N PRO A 126 8.20 -12.41 25.36
CA PRO A 126 9.32 -13.35 25.37
C PRO A 126 9.92 -13.52 26.76
N SER A 127 10.68 -14.58 26.95
CA SER A 127 11.31 -14.87 28.24
C SER A 127 12.79 -14.53 28.21
N SER A 128 13.45 -14.66 29.36
CA SER A 128 14.87 -14.37 29.47
C SER A 128 15.60 -15.46 30.25
N GLU A 129 15.81 -16.60 29.60
CA GLU A 129 16.49 -17.73 30.23
C GLU A 129 17.56 -18.31 29.30
N LYS A 130 18.69 -18.67 29.88
CA LYS A 130 19.79 -19.23 29.11
C LYS A 130 20.93 -19.68 30.03
N GLY A 131 20.71 -20.78 30.74
CA GLY A 131 21.73 -21.29 31.65
C GLY A 131 22.34 -22.59 31.17
N GLY A 132 22.77 -23.42 32.10
CA GLY A 132 23.36 -24.70 31.75
C GLY A 132 24.88 -24.64 31.74
N ASN A 133 25.51 -25.80 31.94
CA ASN A 133 26.96 -25.88 31.96
C ASN A 133 27.43 -27.33 31.97
N TYR A 134 28.35 -27.65 31.07
CA TYR A 134 28.89 -29.01 30.97
C TYR A 134 30.28 -29.09 31.56
N GLY A 1 2.00 5.10 -19.31
CA GLY A 1 2.42 6.36 -19.89
C GLY A 1 3.21 6.17 -21.17
N ALA A 2 4.02 5.13 -21.21
CA ALA A 2 4.85 4.83 -22.38
C ALA A 2 5.86 5.94 -22.64
N ARG A 3 6.28 6.60 -21.56
CA ARG A 3 7.25 7.69 -21.66
C ARG A 3 8.57 7.30 -21.01
N ASN A 4 9.35 6.48 -21.70
CA ASN A 4 10.64 6.03 -21.20
C ASN A 4 10.48 5.34 -19.85
N SER A 5 9.52 4.41 -19.79
CA SER A 5 9.26 3.67 -18.55
C SER A 5 8.84 4.60 -17.43
N VAL A 6 8.35 4.03 -16.35
CA VAL A 6 7.91 4.81 -15.19
C VAL A 6 9.04 4.98 -14.18
N LEU A 7 9.82 3.92 -13.98
CA LEU A 7 10.93 3.96 -13.04
C LEU A 7 11.92 5.06 -13.41
N ARG A 8 12.47 5.72 -12.39
CA ARG A 8 13.43 6.79 -12.60
C ARG A 8 14.86 6.28 -12.43
N GLY A 9 15.81 7.21 -12.48
CA GLY A 9 17.22 6.84 -12.33
C GLY A 9 17.60 6.65 -10.87
N LYS A 10 17.68 7.75 -10.13
CA LYS A 10 18.05 7.70 -8.72
C LYS A 10 17.03 6.89 -7.92
N LYS A 11 15.76 7.05 -8.26
CA LYS A 11 14.69 6.34 -7.58
C LYS A 11 14.86 4.83 -7.72
N ALA A 12 15.12 4.38 -8.94
CA ALA A 12 15.32 2.96 -9.21
C ALA A 12 16.35 2.36 -8.27
N ASP A 13 17.37 3.15 -7.94
CA ASP A 13 18.42 2.70 -7.06
C ASP A 13 17.87 2.33 -5.68
N GLU A 14 16.81 3.03 -5.27
CA GLU A 14 16.18 2.77 -3.98
C GLU A 14 15.15 1.66 -4.10
N LEU A 15 14.45 1.61 -5.23
CA LEU A 15 13.44 0.59 -5.46
C LEU A 15 14.06 -0.78 -5.63
N GLU A 16 15.14 -0.85 -6.40
CA GLU A 16 15.83 -2.11 -6.64
C GLU A 16 16.68 -2.50 -5.42
N ARG A 17 16.77 -1.59 -4.46
CA ARG A 17 17.55 -1.84 -3.26
C ARG A 17 16.73 -2.59 -2.22
N ILE A 18 15.50 -2.14 -2.01
CA ILE A 18 14.60 -2.77 -1.04
C ILE A 18 14.53 -4.28 -1.26
N ARG A 19 14.73 -5.04 -0.20
CA ARG A 19 14.68 -6.49 -0.27
C ARG A 19 13.26 -7.01 -0.04
N LEU A 20 12.81 -7.90 -0.92
CA LEU A 20 11.47 -8.47 -0.80
C LEU A 20 11.27 -9.12 0.56
N ARG A 21 12.35 -9.65 1.12
CA ARG A 21 12.29 -10.31 2.42
C ARG A 21 13.35 -9.73 3.37
N PRO A 22 13.14 -9.94 4.67
CA PRO A 22 14.07 -9.46 5.70
C PRO A 22 15.40 -10.21 5.69
N GLY A 23 15.35 -11.48 5.33
CA GLY A 23 16.55 -12.29 5.30
C GLY A 23 16.98 -12.62 3.88
N GLY A 24 16.00 -12.82 3.00
CA GLY A 24 16.30 -13.13 1.61
C GLY A 24 17.21 -12.11 0.97
N LYS A 25 17.58 -12.34 -0.29
CA LYS A 25 18.45 -11.44 -1.02
C LYS A 25 17.78 -10.96 -2.31
N LYS A 26 16.48 -11.15 -2.39
CA LYS A 26 15.72 -10.74 -3.57
C LYS A 26 15.24 -9.29 -3.43
N LYS A 27 15.12 -8.60 -4.56
CA LYS A 27 14.68 -7.22 -4.56
C LYS A 27 13.42 -7.06 -5.42
N TYR A 28 12.78 -5.89 -5.30
CA TYR A 28 11.57 -5.62 -6.07
C TYR A 28 11.89 -5.42 -7.55
N ARG A 29 10.97 -5.85 -8.41
CA ARG A 29 11.15 -5.71 -9.85
C ARG A 29 9.84 -5.37 -10.54
N LEU A 30 9.93 -4.88 -11.77
CA LEU A 30 8.74 -4.51 -12.53
C LEU A 30 7.70 -5.62 -12.49
N LYS A 31 8.17 -6.86 -12.45
CA LYS A 31 7.28 -8.01 -12.41
C LYS A 31 6.27 -7.87 -11.28
N HIS A 32 6.73 -7.42 -10.12
CA HIS A 32 5.87 -7.23 -8.96
C HIS A 32 4.91 -6.07 -9.18
N ILE A 33 5.28 -5.05 -9.95
CA ILE A 33 4.40 -3.91 -10.19
C ILE A 33 3.24 -4.29 -11.11
N VAL A 34 3.54 -5.12 -12.11
CA VAL A 34 2.53 -5.57 -13.06
C VAL A 34 1.43 -6.35 -12.36
N TRP A 35 1.83 -7.33 -11.56
CA TRP A 35 0.87 -8.16 -10.83
C TRP A 35 -0.04 -7.30 -9.95
N ALA A 36 0.49 -6.15 -9.52
CA ALA A 36 -0.27 -5.25 -8.66
C ALA A 36 -1.36 -4.54 -9.46
N ALA A 37 -1.01 -4.04 -10.63
CA ALA A 37 -1.96 -3.34 -11.48
C ALA A 37 -3.14 -4.25 -11.85
N ASN A 38 -2.84 -5.52 -12.13
CA ASN A 38 -3.86 -6.49 -12.49
C ASN A 38 -4.96 -6.55 -11.42
N LYS A 39 -4.57 -6.31 -10.18
CA LYS A 39 -5.52 -6.33 -9.07
C LYS A 39 -6.35 -5.06 -9.04
N LEU A 40 -5.69 -3.92 -9.21
CA LEU A 40 -6.38 -2.63 -9.20
C LEU A 40 -7.57 -2.63 -10.15
N ASP A 41 -7.49 -3.48 -11.17
CA ASP A 41 -8.57 -3.58 -12.15
C ASP A 41 -9.76 -4.33 -11.58
N ARG A 42 -9.50 -5.50 -11.01
CA ARG A 42 -10.56 -6.31 -10.43
C ARG A 42 -11.40 -5.49 -9.45
N PHE A 43 -10.80 -4.43 -8.91
CA PHE A 43 -11.49 -3.56 -7.96
C PHE A 43 -12.05 -2.32 -8.67
N GLY A 44 -11.22 -1.71 -9.50
CA GLY A 44 -11.64 -0.51 -10.23
C GLY A 44 -10.53 0.52 -10.32
N LEU A 45 -9.86 0.77 -9.20
CA LEU A 45 -8.77 1.75 -9.16
C LEU A 45 -7.91 1.65 -10.41
N ALA A 46 -7.49 2.80 -10.93
CA ALA A 46 -6.65 2.84 -12.12
C ALA A 46 -5.21 2.46 -11.78
N GLU A 47 -4.59 1.68 -12.66
CA GLU A 47 -3.21 1.25 -12.45
C GLU A 47 -2.25 2.42 -12.58
N SER A 48 -2.71 3.49 -13.22
CA SER A 48 -1.89 4.68 -13.42
C SER A 48 -1.68 5.42 -12.10
N LEU A 49 -2.42 5.02 -11.08
CA LEU A 49 -2.32 5.63 -9.76
C LEU A 49 -1.13 5.07 -8.98
N LEU A 50 -0.43 4.12 -9.60
CA LEU A 50 0.74 3.50 -8.98
C LEU A 50 1.96 4.39 -9.11
N GLU A 51 1.77 5.56 -9.70
CA GLU A 51 2.87 6.51 -9.88
C GLU A 51 2.59 7.82 -9.14
N SER A 52 1.97 7.71 -7.97
CA SER A 52 1.64 8.88 -7.16
C SER A 52 1.20 8.47 -5.77
N LYS A 53 1.80 9.09 -4.76
CA LYS A 53 1.46 8.80 -3.37
C LYS A 53 -0.05 8.88 -3.13
N GLU A 54 -0.65 9.97 -3.58
CA GLU A 54 -2.09 10.16 -3.43
C GLU A 54 -2.86 8.95 -3.93
N GLY A 55 -2.49 8.47 -5.12
CA GLY A 55 -3.15 7.31 -5.70
C GLY A 55 -2.89 6.04 -4.91
N CYS A 56 -1.64 5.85 -4.49
CA CYS A 56 -1.27 4.67 -3.73
C CYS A 56 -1.96 4.65 -2.37
N GLN A 57 -2.22 5.85 -1.83
CA GLN A 57 -2.86 5.97 -0.53
C GLN A 57 -4.30 5.44 -0.58
N LYS A 58 -4.98 5.72 -1.68
CA LYS A 58 -6.36 5.27 -1.85
C LYS A 58 -6.42 3.75 -2.00
N ILE A 59 -5.30 3.15 -2.36
CA ILE A 59 -5.22 1.70 -2.53
C ILE A 59 -5.15 1.00 -1.18
N LEU A 60 -4.40 1.57 -0.25
CA LEU A 60 -4.24 0.99 1.08
C LEU A 60 -5.59 0.97 1.82
N THR A 61 -6.33 2.06 1.71
CA THR A 61 -7.63 2.17 2.37
C THR A 61 -8.60 1.14 1.81
N VAL A 62 -8.43 0.79 0.54
CA VAL A 62 -9.29 -0.20 -0.11
C VAL A 62 -8.90 -1.62 0.27
N LEU A 63 -7.61 -1.85 0.42
CA LEU A 63 -7.10 -3.17 0.78
C LEU A 63 -7.22 -3.40 2.29
N ASP A 64 -7.31 -2.31 3.04
CA ASP A 64 -7.42 -2.39 4.49
C ASP A 64 -8.54 -3.36 4.88
N PRO A 65 -9.78 -3.04 4.49
CA PRO A 65 -10.94 -3.87 4.79
C PRO A 65 -10.93 -5.19 4.04
N MET A 66 -10.15 -5.25 2.97
CA MET A 66 -10.04 -6.47 2.16
C MET A 66 -9.13 -7.49 2.83
N VAL A 67 -8.22 -7.00 3.68
CA VAL A 67 -7.30 -7.88 4.38
C VAL A 67 -8.05 -8.96 5.15
N PRO A 68 -8.94 -8.54 6.06
CA PRO A 68 -9.73 -9.46 6.87
C PRO A 68 -10.78 -10.21 6.06
N THR A 69 -10.80 -9.95 4.76
CA THR A 69 -11.74 -10.60 3.86
C THR A 69 -11.07 -11.05 2.58
N GLY A 70 -9.79 -11.41 2.67
CA GLY A 70 -9.05 -11.85 1.51
C GLY A 70 -8.08 -12.97 1.82
N SER A 71 -7.38 -13.46 0.80
CA SER A 71 -6.43 -14.55 0.98
C SER A 71 -5.01 -14.09 0.67
N GLU A 72 -4.09 -15.03 0.57
CA GLU A 72 -2.70 -14.72 0.29
C GLU A 72 -2.59 -13.82 -0.94
N ASN A 73 -3.26 -14.21 -2.02
CA ASN A 73 -3.24 -13.45 -3.26
C ASN A 73 -3.63 -11.99 -3.01
N LEU A 74 -4.42 -11.76 -1.97
CA LEU A 74 -4.86 -10.42 -1.62
C LEU A 74 -3.85 -9.74 -0.69
N LYS A 75 -3.46 -10.44 0.37
CA LYS A 75 -2.50 -9.91 1.32
C LYS A 75 -1.19 -9.55 0.63
N SER A 76 -0.82 -10.32 -0.39
CA SER A 76 0.41 -10.07 -1.12
C SER A 76 0.44 -8.64 -1.66
N LEU A 77 -0.69 -8.19 -2.20
CA LEU A 77 -0.80 -6.85 -2.75
C LEU A 77 -0.72 -5.80 -1.64
N PHE A 78 -1.46 -6.03 -0.56
CA PHE A 78 -1.48 -5.11 0.56
C PHE A 78 -0.06 -4.76 1.00
N ASN A 79 0.79 -5.77 1.09
CA ASN A 79 2.17 -5.58 1.51
C ASN A 79 2.96 -4.84 0.43
N THR A 80 2.68 -5.18 -0.83
CA THR A 80 3.37 -4.54 -1.95
C THR A 80 3.04 -3.06 -2.05
N VAL A 81 1.76 -2.74 -1.80
CA VAL A 81 1.31 -1.35 -1.86
C VAL A 81 2.03 -0.50 -0.82
N CYS A 82 2.43 -1.13 0.27
CA CYS A 82 3.13 -0.42 1.35
C CYS A 82 4.51 0.02 0.89
N VAL A 83 5.12 -0.76 0.00
CA VAL A 83 6.45 -0.44 -0.51
C VAL A 83 6.38 0.66 -1.57
N ILE A 84 5.45 0.52 -2.51
CA ILE A 84 5.27 1.50 -3.57
C ILE A 84 4.98 2.89 -3.00
N TRP A 85 3.90 2.98 -2.22
CA TRP A 85 3.52 4.25 -1.61
C TRP A 85 4.70 4.92 -0.95
N CYS A 86 5.47 4.14 -0.19
CA CYS A 86 6.64 4.67 0.51
C CYS A 86 7.56 5.42 -0.46
N ILE A 87 7.85 4.79 -1.60
CA ILE A 87 8.71 5.39 -2.61
C ILE A 87 8.22 6.79 -2.98
N HIS A 88 6.91 6.96 -3.04
CA HIS A 88 6.31 8.25 -3.37
C HIS A 88 6.39 9.21 -2.19
N ALA A 89 6.31 8.74 -0.96
CA ALA A 89 6.38 9.62 0.20
C ALA A 89 7.83 9.85 0.62
N GLU A 90 8.77 9.41 -0.21
CA GLU A 90 10.18 9.57 0.07
C GLU A 90 10.58 8.78 1.32
N GLU A 91 10.29 7.49 1.31
CA GLU A 91 10.61 6.61 2.43
C GLU A 91 11.47 5.44 1.98
N LYS A 92 12.61 5.26 2.65
CA LYS A 92 13.52 4.17 2.33
C LYS A 92 13.39 3.02 3.32
N VAL A 93 13.20 1.81 2.80
CA VAL A 93 13.06 0.63 3.64
C VAL A 93 14.03 -0.46 3.22
N LYS A 94 14.73 -1.03 4.20
CA LYS A 94 15.70 -2.08 3.94
C LYS A 94 15.01 -3.31 3.36
N ASP A 95 13.97 -3.78 4.05
CA ASP A 95 13.21 -4.95 3.61
C ASP A 95 11.72 -4.69 3.69
N THR A 96 10.95 -5.39 2.86
CA THR A 96 9.50 -5.25 2.82
C THR A 96 8.93 -5.26 4.24
N GLU A 97 9.31 -6.26 5.03
CA GLU A 97 8.82 -6.38 6.39
C GLU A 97 8.99 -5.07 7.15
N GLY A 98 10.01 -4.30 6.77
CA GLY A 98 10.27 -3.02 7.42
C GLY A 98 9.35 -1.93 6.92
N ALA A 99 9.00 -1.99 5.63
CA ALA A 99 8.12 -1.00 5.03
C ALA A 99 6.71 -1.09 5.59
N LYS A 100 6.27 -2.31 5.87
CA LYS A 100 4.94 -2.54 6.42
C LYS A 100 4.82 -1.95 7.82
N GLN A 101 5.96 -1.78 8.49
CA GLN A 101 5.96 -1.23 9.84
C GLN A 101 5.93 0.30 9.80
N ILE A 102 6.56 0.87 8.79
CA ILE A 102 6.60 2.32 8.63
C ILE A 102 5.26 2.87 8.16
N VAL A 103 4.71 2.24 7.11
CA VAL A 103 3.43 2.67 6.56
C VAL A 103 2.31 2.49 7.58
N ARG A 104 2.26 1.31 8.21
CA ARG A 104 1.24 1.02 9.20
C ARG A 104 1.19 2.11 10.27
N ARG A 105 2.36 2.49 10.78
CA ARG A 105 2.44 3.53 11.80
C ARG A 105 2.07 4.89 11.23
N HIS A 106 2.48 5.15 9.99
CA HIS A 106 2.19 6.42 9.33
C HIS A 106 0.69 6.58 9.13
N LEU A 107 -0.09 5.52 8.99
CA LEU A 107 -1.52 5.63 8.80
C LEU A 107 -2.22 5.94 10.11
N VAL A 108 -1.79 5.30 11.19
CA VAL A 108 -2.37 5.51 12.50
C VAL A 108 -2.19 6.96 12.96
N ALA A 109 -1.08 7.56 12.55
CA ALA A 109 -0.78 8.95 12.90
C ALA A 109 -1.78 9.90 12.26
N GLU A 110 -2.30 9.51 11.09
CA GLU A 110 -3.25 10.34 10.37
C GLU A 110 -4.69 10.04 10.82
N THR A 111 -4.91 8.80 11.28
CA THR A 111 -6.23 8.38 11.73
C THR A 111 -6.76 9.31 12.81
N GLY A 112 -5.85 9.95 13.53
CA GLY A 112 -6.25 10.86 14.60
C GLY A 112 -6.29 12.30 14.14
N THR A 113 -6.43 12.50 12.83
CA THR A 113 -6.47 13.84 12.26
C THR A 113 -6.91 13.81 10.79
N ALA A 114 -7.85 12.93 10.48
CA ALA A 114 -8.34 12.80 9.12
C ALA A 114 -9.84 12.48 9.11
N GLU A 115 -10.60 13.19 9.93
CA GLU A 115 -12.04 12.97 10.01
C GLU A 115 -12.74 14.21 10.59
N LYS A 116 -12.23 15.38 10.24
CA LYS A 116 -12.80 16.63 10.72
C LYS A 116 -14.14 16.92 10.04
N MET A 117 -14.12 16.97 8.71
CA MET A 117 -15.33 17.23 7.94
C MET A 117 -15.67 16.05 7.04
N PRO A 118 -16.98 15.80 6.85
CA PRO A 118 -17.46 14.70 6.01
C PRO A 118 -17.19 14.93 4.54
N SER A 119 -17.66 14.02 3.70
CA SER A 119 -17.47 14.11 2.26
C SER A 119 -18.33 13.09 1.51
N THR A 120 -19.24 13.59 0.70
CA THR A 120 -20.13 12.73 -0.07
C THR A 120 -21.02 13.53 -1.01
N SER A 121 -21.39 12.93 -2.13
CA SER A 121 -22.24 13.59 -3.11
C SER A 121 -22.60 12.64 -4.25
N ARG A 122 -23.89 12.33 -4.37
CA ARG A 122 -24.37 11.42 -5.41
C ARG A 122 -25.88 11.34 -5.40
N PRO A 123 -26.55 12.48 -5.64
CA PRO A 123 -28.01 12.56 -5.65
C PRO A 123 -28.61 11.85 -6.86
N THR A 124 -29.94 11.72 -6.87
CA THR A 124 -30.63 11.06 -7.96
C THR A 124 -31.69 11.98 -8.58
N ALA A 125 -31.95 11.80 -9.87
CA ALA A 125 -32.94 12.61 -10.57
C ALA A 125 -34.34 12.06 -10.36
N PRO A 126 -35.36 12.92 -10.55
CA PRO A 126 -36.76 12.54 -10.38
C PRO A 126 -37.24 11.60 -11.49
N SER A 127 -38.04 10.61 -11.11
CA SER A 127 -38.55 9.64 -12.07
C SER A 127 -39.98 9.25 -11.72
N SER A 128 -40.62 8.49 -12.62
CA SER A 128 -41.99 8.05 -12.41
C SER A 128 -42.94 9.23 -12.32
N GLU A 129 -43.67 9.47 -13.42
CA GLU A 129 -44.61 10.59 -13.46
C GLU A 129 -45.82 10.23 -14.33
N LYS A 130 -46.75 11.16 -14.46
CA LYS A 130 -47.95 10.95 -15.25
C LYS A 130 -47.63 10.97 -16.74
N GLY A 131 -48.57 10.51 -17.56
CA GLY A 131 -48.36 10.49 -19.00
C GLY A 131 -49.53 11.07 -19.77
N GLY A 132 -49.38 11.17 -21.08
CA GLY A 132 -50.44 11.71 -21.91
C GLY A 132 -50.41 11.15 -23.32
N ASN A 133 -51.46 10.41 -23.67
CA ASN A 133 -51.56 9.81 -25.00
C ASN A 133 -52.50 10.62 -25.89
N TYR A 134 -53.76 10.71 -25.49
CA TYR A 134 -54.76 11.46 -26.26
C TYR A 134 -54.30 12.89 -26.50
N GLY A 1 3.22 -4.51 -20.43
CA GLY A 1 3.42 -5.91 -20.76
C GLY A 1 4.78 -6.18 -21.36
N ALA A 2 5.24 -5.28 -22.23
CA ALA A 2 6.53 -5.43 -22.87
C ALA A 2 7.42 -4.21 -22.62
N ARG A 3 7.01 -3.07 -23.18
CA ARG A 3 7.76 -1.84 -23.02
C ARG A 3 7.30 -1.07 -21.79
N ASN A 4 8.25 -0.48 -21.07
CA ASN A 4 7.93 0.28 -19.86
C ASN A 4 8.74 1.57 -19.80
N SER A 5 8.12 2.64 -19.34
CA SER A 5 8.78 3.93 -19.24
C SER A 5 8.23 4.74 -18.06
N VAL A 6 8.02 4.06 -16.94
CA VAL A 6 7.50 4.71 -15.73
C VAL A 6 8.57 4.82 -14.66
N LEU A 7 9.42 3.80 -14.56
CA LEU A 7 10.49 3.78 -13.58
C LEU A 7 11.44 4.96 -13.78
N ARG A 8 11.77 5.62 -12.68
CA ARG A 8 12.67 6.78 -12.73
C ARG A 8 14.12 6.34 -12.65
N GLY A 9 15.03 7.31 -12.52
CA GLY A 9 16.44 6.99 -12.44
C GLY A 9 16.88 6.68 -11.03
N LYS A 10 16.96 7.72 -10.19
CA LYS A 10 17.38 7.55 -8.81
C LYS A 10 16.37 6.71 -8.04
N LYS A 11 15.11 6.80 -8.43
CA LYS A 11 14.03 6.05 -7.78
C LYS A 11 14.18 4.55 -8.05
N ALA A 12 14.54 4.22 -9.29
CA ALA A 12 14.71 2.82 -9.68
C ALA A 12 15.68 2.10 -8.75
N ASP A 13 16.75 2.80 -8.37
CA ASP A 13 17.76 2.23 -7.50
C ASP A 13 17.15 1.83 -6.15
N GLU A 14 16.62 2.83 -5.43
CA GLU A 14 16.00 2.58 -4.14
C GLU A 14 14.93 1.51 -4.24
N LEU A 15 14.24 1.47 -5.37
CA LEU A 15 13.18 0.50 -5.60
C LEU A 15 13.76 -0.91 -5.74
N GLU A 16 14.77 -1.05 -6.58
CA GLU A 16 15.42 -2.34 -6.80
C GLU A 16 16.35 -2.70 -5.65
N ARG A 17 16.50 -1.76 -4.72
CA ARG A 17 17.36 -1.97 -3.56
C ARG A 17 16.62 -2.71 -2.46
N ILE A 18 15.41 -2.25 -2.15
CA ILE A 18 14.59 -2.88 -1.11
C ILE A 18 14.46 -4.38 -1.35
N ARG A 19 14.65 -5.16 -0.30
CA ARG A 19 14.55 -6.61 -0.39
C ARG A 19 13.11 -7.07 -0.14
N LEU A 20 12.64 -7.99 -0.97
CA LEU A 20 11.29 -8.51 -0.84
C LEU A 20 11.06 -9.11 0.55
N ARG A 21 12.14 -9.59 1.16
CA ARG A 21 12.07 -10.19 2.49
C ARG A 21 13.23 -9.72 3.36
N PRO A 22 13.07 -9.85 4.68
CA PRO A 22 14.10 -9.45 5.66
C PRO A 22 15.32 -10.37 5.61
N GLY A 23 15.09 -11.65 5.31
CA GLY A 23 16.18 -12.60 5.24
C GLY A 23 16.38 -13.16 3.86
N GLY A 24 15.83 -12.46 2.85
CA GLY A 24 15.96 -12.92 1.48
C GLY A 24 17.04 -12.18 0.73
N LYS A 25 17.14 -12.45 -0.57
CA LYS A 25 18.14 -11.81 -1.41
C LYS A 25 17.51 -11.22 -2.67
N LYS A 26 16.19 -11.34 -2.77
CA LYS A 26 15.46 -10.82 -3.92
C LYS A 26 15.00 -9.38 -3.68
N LYS A 27 14.88 -8.61 -4.76
CA LYS A 27 14.46 -7.22 -4.66
C LYS A 27 13.23 -6.98 -5.52
N TYR A 28 12.59 -5.82 -5.33
CA TYR A 28 11.41 -5.46 -6.09
C TYR A 28 11.73 -5.27 -7.57
N ARG A 29 10.82 -5.68 -8.43
CA ARG A 29 11.02 -5.55 -9.88
C ARG A 29 9.69 -5.32 -10.58
N LEU A 30 9.75 -4.91 -11.84
CA LEU A 30 8.56 -4.66 -12.63
C LEU A 30 7.56 -5.81 -12.52
N LYS A 31 8.10 -7.02 -12.40
CA LYS A 31 7.26 -8.21 -12.27
C LYS A 31 6.24 -8.05 -11.16
N HIS A 32 6.67 -7.44 -10.05
CA HIS A 32 5.79 -7.23 -8.90
C HIS A 32 4.82 -6.08 -9.18
N ILE A 33 5.20 -5.07 -9.95
CA ILE A 33 4.31 -3.95 -10.25
C ILE A 33 3.16 -4.39 -11.15
N VAL A 34 3.49 -5.24 -12.13
CA VAL A 34 2.48 -5.73 -13.06
C VAL A 34 1.41 -6.54 -12.35
N TRP A 35 1.84 -7.48 -11.52
CA TRP A 35 0.92 -8.32 -10.77
C TRP A 35 0.00 -7.48 -9.89
N ALA A 36 0.48 -6.31 -9.49
CA ALA A 36 -0.29 -5.40 -8.65
C ALA A 36 -1.40 -4.73 -9.45
N ALA A 37 -1.06 -4.25 -10.64
CA ALA A 37 -2.02 -3.59 -11.50
C ALA A 37 -3.19 -4.51 -11.85
N ASN A 38 -2.88 -5.79 -12.06
CA ASN A 38 -3.91 -6.77 -12.40
C ASN A 38 -4.99 -6.82 -11.31
N LYS A 39 -4.58 -6.60 -10.07
CA LYS A 39 -5.51 -6.61 -8.95
C LYS A 39 -6.36 -5.34 -8.93
N LEU A 40 -5.72 -4.20 -9.14
CA LEU A 40 -6.43 -2.92 -9.15
C LEU A 40 -7.61 -2.95 -10.12
N ASP A 41 -7.52 -3.81 -11.13
CA ASP A 41 -8.57 -3.95 -12.12
C ASP A 41 -9.78 -4.67 -11.53
N ARG A 42 -9.52 -5.81 -10.89
CA ARG A 42 -10.58 -6.60 -10.28
C ARG A 42 -11.46 -5.74 -9.38
N PHE A 43 -10.89 -4.65 -8.89
CA PHE A 43 -11.62 -3.74 -8.02
C PHE A 43 -12.13 -2.52 -8.79
N GLY A 44 -11.27 -1.99 -9.67
CA GLY A 44 -11.65 -0.84 -10.45
C GLY A 44 -10.57 0.23 -10.47
N LEU A 45 -9.95 0.47 -9.32
CA LEU A 45 -8.89 1.46 -9.22
C LEU A 45 -7.95 1.40 -10.41
N ALA A 46 -7.45 2.55 -10.83
CA ALA A 46 -6.54 2.63 -11.96
C ALA A 46 -5.16 2.09 -11.59
N GLU A 47 -4.50 1.47 -12.55
CA GLU A 47 -3.17 0.92 -12.33
C GLU A 47 -2.10 2.00 -12.40
N SER A 48 -2.43 3.10 -13.06
CA SER A 48 -1.51 4.22 -13.20
C SER A 48 -1.30 4.92 -11.87
N LEU A 49 -2.11 4.57 -10.88
CA LEU A 49 -2.02 5.17 -9.55
C LEU A 49 -0.86 4.57 -8.77
N LEU A 50 -0.17 3.60 -9.37
CA LEU A 50 0.96 2.95 -8.73
C LEU A 50 2.22 3.82 -8.82
N GLU A 51 2.07 5.00 -9.40
CA GLU A 51 3.19 5.92 -9.55
C GLU A 51 2.84 7.29 -8.97
N SER A 52 1.97 7.30 -7.97
CA SER A 52 1.55 8.55 -7.34
C SER A 52 1.21 8.31 -5.87
N LYS A 53 1.66 9.24 -5.01
CA LYS A 53 1.40 9.13 -3.58
C LYS A 53 -0.10 9.14 -3.29
N GLU A 54 -0.76 10.22 -3.70
CA GLU A 54 -2.20 10.35 -3.49
C GLU A 54 -2.94 9.10 -3.98
N GLY A 55 -2.52 8.60 -5.13
CA GLY A 55 -3.16 7.42 -5.70
C GLY A 55 -2.91 6.17 -4.87
N CYS A 56 -1.67 6.01 -4.40
CA CYS A 56 -1.31 4.85 -3.59
C CYS A 56 -2.08 4.84 -2.28
N GLN A 57 -2.25 6.02 -1.68
CA GLN A 57 -2.98 6.14 -0.42
C GLN A 57 -4.40 5.61 -0.56
N LYS A 58 -5.03 5.90 -1.69
CA LYS A 58 -6.39 5.44 -1.94
C LYS A 58 -6.45 3.93 -2.10
N ILE A 59 -5.31 3.33 -2.46
CA ILE A 59 -5.23 1.89 -2.65
C ILE A 59 -5.15 1.18 -1.31
N LEU A 60 -4.39 1.74 -0.37
CA LEU A 60 -4.25 1.15 0.95
C LEU A 60 -5.58 1.10 1.68
N THR A 61 -6.37 2.15 1.54
CA THR A 61 -7.68 2.23 2.18
C THR A 61 -8.64 1.19 1.60
N VAL A 62 -8.41 0.83 0.33
CA VAL A 62 -9.25 -0.15 -0.34
C VAL A 62 -8.83 -1.57 0.02
N LEU A 63 -7.52 -1.77 0.18
CA LEU A 63 -6.99 -3.08 0.52
C LEU A 63 -7.08 -3.34 2.03
N ASP A 64 -7.21 -2.26 2.78
CA ASP A 64 -7.31 -2.36 4.24
C ASP A 64 -8.40 -3.35 4.64
N PRO A 65 -9.64 -3.06 4.24
CA PRO A 65 -10.79 -3.92 4.55
C PRO A 65 -10.75 -5.24 3.79
N MET A 66 -9.95 -5.29 2.72
CA MET A 66 -9.82 -6.49 1.93
C MET A 66 -8.91 -7.51 2.61
N VAL A 67 -8.01 -7.01 3.47
CA VAL A 67 -7.09 -7.87 4.20
C VAL A 67 -7.83 -8.95 4.97
N PRO A 68 -8.74 -8.53 5.86
CA PRO A 68 -9.53 -9.44 6.69
C PRO A 68 -10.56 -10.21 5.87
N THR A 69 -10.59 -9.95 4.56
CA THR A 69 -11.52 -10.62 3.67
C THR A 69 -10.84 -11.06 2.38
N GLY A 70 -9.57 -11.43 2.49
CA GLY A 70 -8.83 -11.87 1.33
C GLY A 70 -7.81 -12.95 1.66
N SER A 71 -7.07 -13.40 0.65
CA SER A 71 -6.06 -14.43 0.85
C SER A 71 -4.68 -13.91 0.51
N GLU A 72 -3.72 -14.81 0.41
CA GLU A 72 -2.33 -14.44 0.09
C GLU A 72 -2.28 -13.56 -1.16
N ASN A 73 -3.02 -13.97 -2.18
CA ASN A 73 -3.06 -13.23 -3.43
C ASN A 73 -3.44 -11.77 -3.19
N LEU A 74 -4.18 -11.53 -2.11
CA LEU A 74 -4.60 -10.18 -1.76
C LEU A 74 -3.60 -9.51 -0.81
N LYS A 75 -3.21 -10.24 0.23
CA LYS A 75 -2.26 -9.73 1.21
C LYS A 75 -0.95 -9.33 0.53
N SER A 76 -0.57 -10.08 -0.51
CA SER A 76 0.66 -9.80 -1.24
C SER A 76 0.67 -8.37 -1.76
N LEU A 77 -0.44 -7.93 -2.31
CA LEU A 77 -0.56 -6.57 -2.85
C LEU A 77 -0.48 -5.54 -1.73
N PHE A 78 -1.18 -5.80 -0.64
CA PHE A 78 -1.19 -4.89 0.50
C PHE A 78 0.23 -4.60 0.97
N ASN A 79 1.07 -5.63 0.97
CA ASN A 79 2.47 -5.50 1.39
C ASN A 79 3.29 -4.80 0.33
N THR A 80 2.77 -4.77 -0.90
CA THR A 80 3.46 -4.14 -2.01
C THR A 80 3.10 -2.65 -2.10
N VAL A 81 1.84 -2.34 -1.86
CA VAL A 81 1.37 -0.96 -1.92
C VAL A 81 2.00 -0.12 -0.82
N CYS A 82 2.33 -0.76 0.29
CA CYS A 82 2.95 -0.07 1.42
C CYS A 82 4.37 0.36 1.08
N VAL A 83 4.99 -0.33 0.14
CA VAL A 83 6.35 -0.02 -0.28
C VAL A 83 6.36 1.10 -1.31
N ILE A 84 5.44 1.04 -2.26
CA ILE A 84 5.35 2.06 -3.31
C ILE A 84 5.08 3.44 -2.70
N TRP A 85 4.01 3.53 -1.92
CA TRP A 85 3.65 4.79 -1.29
C TRP A 85 4.84 5.41 -0.57
N CYS A 86 5.56 4.60 0.19
CA CYS A 86 6.73 5.07 0.93
C CYS A 86 7.69 5.81 0.01
N ILE A 87 8.03 5.18 -1.11
CA ILE A 87 8.94 5.78 -2.08
C ILE A 87 8.52 7.21 -2.42
N HIS A 88 7.21 7.44 -2.48
CA HIS A 88 6.69 8.76 -2.79
C HIS A 88 6.74 9.67 -1.56
N ALA A 89 6.62 9.15 -0.36
CA ALA A 89 6.68 9.97 0.85
C ALA A 89 8.12 10.18 1.30
N GLU A 90 9.07 9.83 0.44
CA GLU A 90 10.48 9.97 0.76
C GLU A 90 10.86 9.09 1.96
N GLU A 91 10.58 7.79 1.84
CA GLU A 91 10.89 6.85 2.90
C GLU A 91 11.67 5.66 2.36
N LYS A 92 12.73 5.29 3.07
CA LYS A 92 13.56 4.16 2.67
C LYS A 92 13.44 3.01 3.66
N VAL A 93 13.20 1.81 3.14
CA VAL A 93 13.06 0.62 3.97
C VAL A 93 14.03 -0.47 3.54
N LYS A 94 14.70 -1.07 4.51
CA LYS A 94 15.67 -2.13 4.24
C LYS A 94 14.97 -3.34 3.61
N ASP A 95 13.92 -3.81 4.26
CA ASP A 95 13.16 -4.95 3.77
C ASP A 95 11.66 -4.68 3.81
N THR A 96 10.92 -5.36 2.94
CA THR A 96 9.48 -5.18 2.86
C THR A 96 8.85 -5.23 4.25
N GLU A 97 9.19 -6.26 5.02
CA GLU A 97 8.66 -6.42 6.37
C GLU A 97 8.82 -5.13 7.17
N GLY A 98 9.86 -4.36 6.84
CA GLY A 98 10.11 -3.12 7.54
C GLY A 98 9.24 -1.99 7.05
N ALA A 99 8.92 -2.00 5.75
CA ALA A 99 8.09 -0.98 5.16
C ALA A 99 6.65 -1.07 5.66
N LYS A 100 6.21 -2.29 5.94
CA LYS A 100 4.86 -2.52 6.43
C LYS A 100 4.68 -1.95 7.83
N GLN A 101 5.78 -1.85 8.56
CA GLN A 101 5.74 -1.32 9.92
C GLN A 101 5.71 0.20 9.91
N ILE A 102 6.42 0.80 8.95
CA ILE A 102 6.46 2.26 8.84
C ILE A 102 5.11 2.82 8.40
N VAL A 103 4.54 2.23 7.37
CA VAL A 103 3.25 2.66 6.85
C VAL A 103 2.14 2.44 7.88
N ARG A 104 2.13 1.25 8.47
CA ARG A 104 1.13 0.90 9.47
C ARG A 104 1.08 1.96 10.58
N ARG A 105 2.25 2.28 11.13
CA ARG A 105 2.34 3.26 12.20
C ARG A 105 1.82 4.62 11.72
N HIS A 106 2.20 5.00 10.50
CA HIS A 106 1.78 6.28 9.94
C HIS A 106 0.26 6.36 9.86
N LEU A 107 -0.45 5.25 9.72
CA LEU A 107 -1.91 5.28 9.64
C LEU A 107 -2.53 5.33 11.03
N VAL A 108 -2.07 4.45 11.92
CA VAL A 108 -2.58 4.41 13.28
C VAL A 108 -2.45 5.75 13.96
N ALA A 109 -1.34 6.44 13.70
CA ALA A 109 -1.09 7.75 14.29
C ALA A 109 -2.20 8.73 13.93
N GLU A 110 -2.84 8.50 12.79
CA GLU A 110 -3.92 9.37 12.33
C GLU A 110 -5.28 8.78 12.69
N THR A 111 -5.32 7.99 13.77
CA THR A 111 -6.55 7.37 14.21
C THR A 111 -6.50 7.07 15.71
N GLY A 112 -5.71 7.84 16.43
CA GLY A 112 -5.59 7.64 17.87
C GLY A 112 -5.69 8.94 18.64
N THR A 113 -6.29 9.95 18.03
CA THR A 113 -6.44 11.25 18.67
C THR A 113 -7.86 11.45 19.18
N ALA A 114 -8.52 10.34 19.52
CA ALA A 114 -9.88 10.40 20.04
C ALA A 114 -10.06 9.48 21.25
N GLU A 115 -8.95 9.23 21.94
CA GLU A 115 -8.97 8.36 23.12
C GLU A 115 -7.58 8.25 23.74
N LYS A 116 -7.10 9.35 24.30
CA LYS A 116 -5.78 9.38 24.93
C LYS A 116 -5.91 9.38 26.44
N MET A 117 -6.91 8.68 26.96
CA MET A 117 -7.14 8.60 28.39
C MET A 117 -5.87 8.17 29.12
N PRO A 118 -5.70 8.67 30.35
CA PRO A 118 -4.53 8.35 31.18
C PRO A 118 -4.54 6.91 31.67
N SER A 119 -3.36 6.30 31.73
CA SER A 119 -3.23 4.92 32.19
C SER A 119 -1.81 4.62 32.61
N THR A 120 -1.66 3.87 33.71
CA THR A 120 -0.35 3.51 34.22
C THR A 120 -0.21 2.00 34.35
N SER A 121 0.67 1.42 33.53
CA SER A 121 0.91 -0.02 33.55
C SER A 121 2.24 -0.36 32.90
N ARG A 122 3.31 -0.26 33.68
CA ARG A 122 4.65 -0.56 33.19
C ARG A 122 4.96 -2.05 33.31
N PRO A 123 5.70 -2.58 32.33
CA PRO A 123 6.08 -4.01 32.29
C PRO A 123 7.08 -4.36 33.39
N THR A 124 7.03 -5.61 33.85
CA THR A 124 7.94 -6.07 34.90
C THR A 124 9.13 -6.81 34.30
N ALA A 125 10.16 -7.01 35.11
CA ALA A 125 11.36 -7.72 34.66
C ALA A 125 12.06 -8.39 35.83
N PRO A 126 12.68 -9.56 35.56
CA PRO A 126 13.39 -10.33 36.56
C PRO A 126 14.68 -9.64 37.02
N SER A 127 15.33 -10.21 38.03
CA SER A 127 16.57 -9.66 38.56
C SER A 127 17.46 -10.76 39.13
N SER A 128 18.68 -10.38 39.53
CA SER A 128 19.62 -11.33 40.09
C SER A 128 20.00 -10.93 41.51
N GLU A 129 20.43 -11.92 42.30
CA GLU A 129 20.83 -11.68 43.68
C GLU A 129 22.27 -12.12 43.92
N LYS A 130 23.11 -11.17 44.32
CA LYS A 130 24.52 -11.45 44.58
C LYS A 130 24.71 -11.97 46.00
N GLY A 131 24.79 -13.29 46.14
CA GLY A 131 24.98 -13.88 47.45
C GLY A 131 25.23 -15.38 47.38
N GLY A 132 26.28 -15.83 48.07
CA GLY A 132 26.61 -17.25 48.07
C GLY A 132 28.10 -17.49 48.15
N ASN A 133 28.82 -17.10 47.09
CA ASN A 133 30.26 -17.29 47.05
C ASN A 133 30.95 -16.57 48.21
N TYR A 134 30.48 -15.37 48.51
CA TYR A 134 31.05 -14.57 49.59
C TYR A 134 30.12 -14.59 50.81
N GLY A 1 1.42 0.64 -19.87
CA GLY A 1 1.72 0.17 -21.21
C GLY A 1 3.18 -0.22 -21.39
N ALA A 2 3.52 -0.73 -22.56
CA ALA A 2 4.89 -1.13 -22.86
C ALA A 2 5.78 0.08 -23.11
N ARG A 3 6.07 0.83 -22.05
CA ARG A 3 6.90 2.02 -22.16
C ARG A 3 8.38 1.65 -22.03
N ASN A 4 9.24 2.67 -22.08
CA ASN A 4 10.67 2.45 -21.97
C ASN A 4 11.08 2.23 -20.52
N SER A 5 10.89 3.26 -19.69
CA SER A 5 11.24 3.17 -18.27
C SER A 5 10.48 4.21 -17.45
N VAL A 6 10.01 3.82 -16.28
CA VAL A 6 9.27 4.71 -15.41
C VAL A 6 10.14 5.19 -14.25
N LEU A 7 10.90 4.28 -13.67
CA LEU A 7 11.76 4.60 -12.54
C LEU A 7 12.89 5.53 -12.99
N ARG A 8 13.45 6.28 -12.03
CA ARG A 8 14.53 7.21 -12.33
C ARG A 8 15.89 6.53 -12.20
N GLY A 9 16.96 7.31 -12.25
CA GLY A 9 18.29 6.78 -12.13
C GLY A 9 18.64 6.39 -10.70
N LYS A 10 18.62 7.38 -9.81
CA LYS A 10 18.93 7.15 -8.41
C LYS A 10 17.79 6.44 -7.70
N LYS A 11 16.56 6.73 -8.13
CA LYS A 11 15.37 6.14 -7.54
C LYS A 11 15.33 4.63 -7.81
N ALA A 12 15.63 4.25 -9.04
CA ALA A 12 15.64 2.84 -9.43
C ALA A 12 16.48 2.01 -8.48
N ASP A 13 17.62 2.57 -8.07
CA ASP A 13 18.53 1.88 -7.16
C ASP A 13 17.81 1.54 -5.85
N GLU A 14 17.39 2.56 -5.12
CA GLU A 14 16.70 2.36 -3.86
C GLU A 14 15.55 1.38 -4.01
N LEU A 15 14.93 1.37 -5.18
CA LEU A 15 13.82 0.46 -5.46
C LEU A 15 14.31 -0.98 -5.58
N GLU A 16 15.37 -1.18 -6.35
CA GLU A 16 15.93 -2.51 -6.56
C GLU A 16 16.72 -2.95 -5.32
N ARG A 17 16.93 -2.02 -4.39
CA ARG A 17 17.67 -2.31 -3.17
C ARG A 17 16.76 -2.96 -2.13
N ILE A 18 15.47 -2.65 -2.20
CA ILE A 18 14.50 -3.20 -1.26
C ILE A 18 14.30 -4.70 -1.49
N ARG A 19 14.26 -5.46 -0.41
CA ARG A 19 14.07 -6.90 -0.49
C ARG A 19 12.60 -7.27 -0.28
N LEU A 20 12.13 -8.28 -1.01
CA LEU A 20 10.76 -8.73 -0.90
C LEU A 20 10.44 -9.19 0.52
N ARG A 21 11.46 -9.64 1.23
CA ARG A 21 11.30 -10.10 2.60
C ARG A 21 12.48 -9.68 3.47
N PRO A 22 12.29 -9.73 4.79
CA PRO A 22 13.33 -9.36 5.75
C PRO A 22 14.47 -10.38 5.80
N GLY A 23 14.12 -11.65 5.57
CA GLY A 23 15.12 -12.70 5.59
C GLY A 23 15.32 -13.33 4.22
N GLY A 24 14.81 -12.67 3.19
CA GLY A 24 14.95 -13.18 1.84
C GLY A 24 16.13 -12.59 1.11
N LYS A 25 16.25 -12.90 -0.18
CA LYS A 25 17.34 -12.40 -1.00
C LYS A 25 16.83 -11.86 -2.33
N LYS A 26 15.52 -11.77 -2.45
CA LYS A 26 14.90 -11.27 -3.67
C LYS A 26 14.64 -9.76 -3.58
N LYS A 27 14.93 -9.05 -4.67
CA LYS A 27 14.72 -7.61 -4.71
C LYS A 27 13.57 -7.25 -5.63
N TYR A 28 12.84 -6.19 -5.29
CA TYR A 28 11.70 -5.75 -6.08
C TYR A 28 12.11 -5.51 -7.53
N ARG A 29 11.20 -5.80 -8.45
CA ARG A 29 11.46 -5.62 -9.87
C ARG A 29 10.16 -5.35 -10.63
N LEU A 30 10.29 -4.98 -11.90
CA LEU A 30 9.14 -4.70 -12.74
C LEU A 30 8.12 -5.83 -12.67
N LYS A 31 8.61 -7.05 -12.46
CA LYS A 31 7.74 -8.21 -12.36
C LYS A 31 6.62 -7.97 -11.36
N HIS A 32 6.97 -7.38 -10.22
CA HIS A 32 5.99 -7.10 -9.17
C HIS A 32 5.12 -5.90 -9.57
N ILE A 33 5.65 -4.88 -10.23
CA ILE A 33 4.85 -3.73 -10.63
C ILE A 33 3.79 -4.11 -11.65
N VAL A 34 4.14 -5.02 -12.55
CA VAL A 34 3.21 -5.49 -13.57
C VAL A 34 2.04 -6.23 -12.96
N TRP A 35 2.32 -7.01 -11.92
CA TRP A 35 1.28 -7.78 -11.24
C TRP A 35 0.35 -6.86 -10.45
N ALA A 36 0.91 -5.78 -9.92
CA ALA A 36 0.12 -4.82 -9.14
C ALA A 36 -0.86 -4.07 -10.03
N ALA A 37 -0.34 -3.42 -11.06
CA ALA A 37 -1.18 -2.66 -11.99
C ALA A 37 -2.18 -3.58 -12.70
N ASN A 38 -1.72 -4.77 -13.05
CA ASN A 38 -2.58 -5.74 -13.73
C ASN A 38 -3.72 -6.19 -12.84
N LYS A 39 -3.42 -6.35 -11.55
CA LYS A 39 -4.43 -6.78 -10.58
C LYS A 39 -5.45 -5.67 -10.33
N LEU A 40 -4.98 -4.43 -10.34
CA LEU A 40 -5.84 -3.28 -10.12
C LEU A 40 -6.93 -3.19 -11.20
N ASP A 41 -6.50 -3.02 -12.44
CA ASP A 41 -7.43 -2.94 -13.57
C ASP A 41 -8.42 -4.10 -13.54
N ARG A 42 -7.91 -5.30 -13.31
CA ARG A 42 -8.76 -6.49 -13.27
C ARG A 42 -9.75 -6.41 -12.12
N PHE A 43 -9.24 -6.38 -10.89
CA PHE A 43 -10.09 -6.30 -9.71
C PHE A 43 -11.14 -5.21 -9.86
N GLY A 44 -10.76 -4.13 -10.54
CA GLY A 44 -11.69 -3.02 -10.74
C GLY A 44 -11.04 -1.67 -10.52
N LEU A 45 -9.96 -1.66 -9.74
CA LEU A 45 -9.23 -0.42 -9.44
C LEU A 45 -8.43 0.03 -10.64
N ALA A 46 -8.02 1.31 -10.63
CA ALA A 46 -7.23 1.86 -11.72
C ALA A 46 -5.79 2.10 -11.29
N GLU A 47 -4.90 2.29 -12.26
CA GLU A 47 -3.49 2.52 -11.97
C GLU A 47 -3.25 3.96 -11.55
N SER A 48 -4.33 4.74 -11.47
CA SER A 48 -4.23 6.14 -11.08
C SER A 48 -3.60 6.26 -9.69
N LEU A 49 -3.60 5.16 -8.94
CA LEU A 49 -3.03 5.16 -7.60
C LEU A 49 -1.65 4.53 -7.60
N LEU A 50 -0.93 4.70 -8.70
CA LEU A 50 0.42 4.15 -8.84
C LEU A 50 1.43 5.25 -9.14
N GLU A 51 0.98 6.28 -9.87
CA GLU A 51 1.85 7.39 -10.22
C GLU A 51 1.57 8.60 -9.34
N SER A 52 0.98 8.35 -8.17
CA SER A 52 0.66 9.42 -7.23
C SER A 52 0.70 8.90 -5.80
N LYS A 53 1.55 9.54 -4.98
CA LYS A 53 1.69 9.15 -3.58
C LYS A 53 0.35 9.22 -2.86
N GLU A 54 -0.38 10.31 -3.07
CA GLU A 54 -1.68 10.49 -2.43
C GLU A 54 -2.67 9.44 -2.91
N GLY A 55 -2.44 8.92 -4.11
CA GLY A 55 -3.33 7.90 -4.66
C GLY A 55 -3.07 6.53 -4.06
N CYS A 56 -1.80 6.18 -3.90
CA CYS A 56 -1.43 4.89 -3.33
C CYS A 56 -2.06 4.70 -1.96
N GLN A 57 -2.36 5.81 -1.30
CA GLN A 57 -2.95 5.77 0.04
C GLN A 57 -4.41 5.35 -0.04
N LYS A 58 -5.00 5.48 -1.22
CA LYS A 58 -6.40 5.12 -1.43
C LYS A 58 -6.56 3.61 -1.57
N ILE A 59 -5.46 2.92 -1.82
CA ILE A 59 -5.47 1.48 -1.97
C ILE A 59 -5.30 0.78 -0.62
N LEU A 60 -4.35 1.26 0.17
CA LEU A 60 -4.08 0.68 1.48
C LEU A 60 -5.30 0.83 2.40
N THR A 61 -6.07 1.89 2.19
CA THR A 61 -7.26 2.15 2.98
C THR A 61 -8.30 1.05 2.75
N VAL A 62 -8.29 0.46 1.57
CA VAL A 62 -9.24 -0.59 1.22
C VAL A 62 -8.65 -1.97 1.47
N LEU A 63 -7.36 -2.12 1.19
CA LEU A 63 -6.67 -3.38 1.39
C LEU A 63 -6.47 -3.67 2.87
N ASP A 64 -6.29 -2.61 3.66
CA ASP A 64 -6.08 -2.75 5.09
C ASP A 64 -7.19 -3.61 5.71
N PRO A 65 -8.44 -3.14 5.59
CA PRO A 65 -9.60 -3.85 6.15
C PRO A 65 -9.90 -5.14 5.38
N MET A 66 -9.22 -5.32 4.26
CA MET A 66 -9.42 -6.52 3.44
C MET A 66 -8.48 -7.64 3.87
N VAL A 67 -7.46 -7.29 4.64
CA VAL A 67 -6.49 -8.26 5.13
C VAL A 67 -7.13 -9.23 6.10
N PRO A 68 -7.70 -8.69 7.20
CA PRO A 68 -8.36 -9.49 8.24
C PRO A 68 -9.67 -10.09 7.75
N THR A 69 -10.01 -9.83 6.50
CA THR A 69 -11.24 -10.34 5.91
C THR A 69 -11.08 -10.55 4.41
N GLY A 70 -9.98 -11.17 4.00
CA GLY A 70 -9.73 -11.42 2.60
C GLY A 70 -8.84 -12.62 2.38
N SER A 71 -8.47 -12.86 1.11
CA SER A 71 -7.63 -13.99 0.76
C SER A 71 -6.16 -13.59 0.79
N GLU A 72 -5.28 -14.56 0.52
CA GLU A 72 -3.85 -14.30 0.52
C GLU A 72 -3.43 -13.52 -0.73
N ASN A 73 -4.17 -13.74 -1.82
CA ASN A 73 -3.87 -13.06 -3.08
C ASN A 73 -3.90 -11.54 -2.89
N LEU A 74 -4.60 -11.09 -1.86
CA LEU A 74 -4.71 -9.66 -1.57
C LEU A 74 -3.55 -9.19 -0.70
N LYS A 75 -3.18 -10.03 0.27
CA LYS A 75 -2.08 -9.71 1.17
C LYS A 75 -0.82 -9.35 0.39
N SER A 76 -0.57 -10.08 -0.69
CA SER A 76 0.60 -9.84 -1.52
C SER A 76 0.59 -8.43 -2.09
N LEU A 77 -0.57 -7.98 -2.53
CA LEU A 77 -0.72 -6.65 -3.10
C LEU A 77 -0.65 -5.58 -2.01
N PHE A 78 -1.23 -5.89 -0.86
CA PHE A 78 -1.24 -4.97 0.27
C PHE A 78 0.18 -4.57 0.65
N ASN A 79 1.06 -5.56 0.74
CA ASN A 79 2.46 -5.30 1.10
C ASN A 79 3.19 -4.56 -0.02
N THR A 80 2.77 -4.82 -1.26
CA THR A 80 3.38 -4.18 -2.41
C THR A 80 3.01 -2.70 -2.49
N VAL A 81 1.76 -2.39 -2.15
CA VAL A 81 1.28 -1.01 -2.18
C VAL A 81 2.06 -0.15 -1.21
N CYS A 82 2.50 -0.73 -0.10
CA CYS A 82 3.26 -0.01 0.91
C CYS A 82 4.60 0.43 0.35
N VAL A 83 5.21 -0.40 -0.48
CA VAL A 83 6.50 -0.09 -1.08
C VAL A 83 6.36 0.98 -2.14
N ILE A 84 5.31 0.89 -2.95
CA ILE A 84 5.07 1.87 -4.01
C ILE A 84 4.85 3.26 -3.42
N TRP A 85 4.03 3.33 -2.37
CA TRP A 85 3.74 4.60 -1.72
C TRP A 85 5.01 5.25 -1.18
N CYS A 86 5.84 4.44 -0.52
CA CYS A 86 7.09 4.93 0.05
C CYS A 86 7.94 5.63 -1.01
N ILE A 87 8.23 4.90 -2.10
CA ILE A 87 9.03 5.45 -3.18
C ILE A 87 8.57 6.85 -3.55
N HIS A 88 7.26 7.09 -3.46
CA HIS A 88 6.70 8.39 -3.78
C HIS A 88 6.75 9.32 -2.58
N ALA A 89 6.53 8.83 -1.36
CA ALA A 89 6.57 9.68 -0.18
C ALA A 89 8.00 9.96 0.26
N GLU A 90 8.96 9.49 -0.54
CA GLU A 90 10.37 9.68 -0.24
C GLU A 90 10.78 8.87 0.99
N GLU A 91 9.97 7.88 1.34
CA GLU A 91 10.24 7.02 2.49
C GLU A 91 11.26 5.94 2.13
N LYS A 92 12.17 5.66 3.05
CA LYS A 92 13.19 4.66 2.84
C LYS A 92 12.87 3.38 3.62
N VAL A 93 12.86 2.25 2.92
CA VAL A 93 12.57 0.97 3.54
C VAL A 93 13.66 -0.06 3.24
N LYS A 94 13.94 -0.93 4.19
CA LYS A 94 14.96 -1.96 4.03
C LYS A 94 14.35 -3.23 3.46
N ASP A 95 13.20 -3.63 3.99
CA ASP A 95 12.51 -4.83 3.54
C ASP A 95 11.01 -4.58 3.39
N THR A 96 10.36 -5.41 2.59
CA THR A 96 8.92 -5.28 2.36
C THR A 96 8.17 -5.05 3.67
N GLU A 97 8.36 -5.97 4.62
CA GLU A 97 7.70 -5.87 5.92
C GLU A 97 7.93 -4.50 6.54
N GLY A 98 9.20 -4.10 6.64
CA GLY A 98 9.53 -2.81 7.22
C GLY A 98 8.77 -1.67 6.56
N ALA A 99 8.48 -1.81 5.27
CA ALA A 99 7.76 -0.79 4.54
C ALA A 99 6.34 -0.62 5.08
N LYS A 100 5.70 -1.74 5.42
CA LYS A 100 4.35 -1.72 5.95
C LYS A 100 4.33 -1.19 7.38
N GLN A 101 5.52 -1.11 7.99
CA GLN A 101 5.63 -0.62 9.36
C GLN A 101 5.68 0.91 9.37
N ILE A 102 6.42 1.48 8.43
CA ILE A 102 6.55 2.94 8.34
C ILE A 102 5.24 3.58 7.90
N VAL A 103 4.52 2.91 7.00
CA VAL A 103 3.25 3.41 6.51
C VAL A 103 2.20 3.45 7.62
N ARG A 104 1.99 2.31 8.27
CA ARG A 104 1.02 2.22 9.36
C ARG A 104 1.38 3.18 10.50
N ARG A 105 2.63 3.61 10.53
CA ARG A 105 3.10 4.53 11.56
C ARG A 105 2.55 5.93 11.33
N HIS A 106 2.47 6.33 10.07
CA HIS A 106 1.95 7.66 9.72
C HIS A 106 0.44 7.69 9.82
N LEU A 107 -0.26 6.56 9.70
CA LEU A 107 -1.71 6.54 9.80
C LEU A 107 -2.17 6.59 11.26
N VAL A 108 -1.57 5.73 12.08
CA VAL A 108 -1.91 5.67 13.49
C VAL A 108 -1.63 7.00 14.19
N ALA A 109 -0.63 7.72 13.67
CA ALA A 109 -0.26 9.01 14.24
C ALA A 109 -1.35 10.06 13.99
N GLU A 110 -2.12 9.86 12.93
CA GLU A 110 -3.20 10.78 12.57
C GLU A 110 -4.56 10.12 12.70
N THR A 111 -4.72 9.32 13.75
CA THR A 111 -5.98 8.61 13.99
C THR A 111 -6.76 9.24 15.14
N GLY A 112 -6.02 9.70 16.16
CA GLY A 112 -6.66 10.33 17.30
C GLY A 112 -7.52 11.51 16.93
N THR A 113 -7.24 12.11 15.77
CA THR A 113 -7.98 13.25 15.30
C THR A 113 -8.95 12.86 14.19
N ALA A 114 -9.41 11.61 14.22
CA ALA A 114 -10.34 11.11 13.23
C ALA A 114 -11.33 10.13 13.84
N GLU A 115 -11.75 10.41 15.08
CA GLU A 115 -12.70 9.55 15.78
C GLU A 115 -13.84 10.37 16.36
N LYS A 116 -14.41 11.24 15.54
CA LYS A 116 -15.51 12.09 15.98
C LYS A 116 -16.67 12.02 14.99
N MET A 117 -16.77 10.90 14.28
CA MET A 117 -17.84 10.72 13.30
C MET A 117 -17.78 11.79 12.23
N PRO A 118 -16.78 11.68 11.34
CA PRO A 118 -16.59 12.62 10.24
C PRO A 118 -17.67 12.51 9.17
N SER A 119 -18.16 11.29 8.96
CA SER A 119 -19.19 11.04 7.97
C SER A 119 -20.30 10.15 8.55
N THR A 120 -21.45 10.14 7.87
CA THR A 120 -22.58 9.33 8.31
C THR A 120 -23.61 9.17 7.21
N SER A 121 -24.03 7.93 6.97
CA SER A 121 -25.01 7.64 5.93
C SER A 121 -26.41 8.06 6.37
N ARG A 122 -27.30 8.23 5.40
CA ARG A 122 -28.67 8.62 5.69
C ARG A 122 -29.61 7.42 5.68
N PRO A 123 -30.71 7.52 6.43
CA PRO A 123 -31.70 6.45 6.53
C PRO A 123 -32.48 6.25 5.23
N THR A 124 -32.29 5.09 4.60
CA THR A 124 -32.98 4.79 3.35
C THR A 124 -33.73 3.46 3.44
N ALA A 125 -34.97 3.45 2.99
CA ALA A 125 -35.79 2.24 3.01
C ALA A 125 -36.41 1.98 1.65
N PRO A 126 -36.68 0.70 1.37
CA PRO A 126 -37.27 0.26 0.09
C PRO A 126 -38.73 0.70 -0.03
N SER A 127 -39.35 0.35 -1.16
CA SER A 127 -40.74 0.71 -1.40
C SER A 127 -41.64 0.17 -0.29
N SER A 128 -42.85 0.73 -0.20
CA SER A 128 -43.81 0.31 0.81
C SER A 128 -45.24 0.61 0.37
N GLU A 129 -46.20 0.27 1.23
CA GLU A 129 -47.61 0.51 0.93
C GLU A 129 -47.97 1.97 1.15
N LYS A 130 -49.22 2.32 0.84
CA LYS A 130 -49.69 3.68 1.01
C LYS A 130 -51.06 3.71 1.68
N GLY A 131 -51.47 4.89 2.15
CA GLY A 131 -52.75 5.02 2.80
C GLY A 131 -53.26 6.45 2.81
N GLY A 132 -53.07 7.13 3.94
CA GLY A 132 -53.51 8.51 4.04
C GLY A 132 -52.71 9.30 5.05
N ASN A 133 -52.91 10.62 5.08
CA ASN A 133 -52.19 11.49 6.00
C ASN A 133 -52.79 12.89 6.01
N TYR A 134 -53.12 13.39 7.19
CA TYR A 134 -53.69 14.72 7.34
C TYR A 134 -54.97 14.84 6.51
N GLY A 1 -0.18 -1.36 -21.76
CA GLY A 1 0.00 -0.96 -23.14
C GLY A 1 0.40 0.49 -23.28
N ALA A 2 0.12 1.28 -22.25
CA ALA A 2 0.46 2.70 -22.25
C ALA A 2 1.96 2.89 -22.45
N ARG A 3 2.75 2.32 -21.54
CA ARG A 3 4.20 2.44 -21.61
C ARG A 3 4.88 1.25 -20.93
N ASN A 4 6.18 1.13 -21.14
CA ASN A 4 6.94 0.03 -20.56
C ASN A 4 7.98 0.56 -19.56
N SER A 5 8.57 1.70 -19.89
CA SER A 5 9.58 2.31 -19.02
C SER A 5 8.96 3.39 -18.14
N VAL A 6 8.47 3.00 -16.97
CA VAL A 6 7.86 3.94 -16.04
C VAL A 6 8.81 4.28 -14.89
N LEU A 7 9.55 3.28 -14.43
CA LEU A 7 10.50 3.48 -13.35
C LEU A 7 11.50 4.58 -13.67
N ARG A 8 12.04 5.21 -12.64
CA ARG A 8 13.00 6.29 -12.82
C ARG A 8 14.44 5.75 -12.72
N GLY A 9 15.40 6.65 -12.85
CA GLY A 9 16.80 6.26 -12.78
C GLY A 9 17.34 6.30 -11.36
N LYS A 10 17.39 7.50 -10.78
CA LYS A 10 17.89 7.67 -9.42
C LYS A 10 17.03 6.90 -8.42
N LYS A 11 15.72 6.98 -8.60
CA LYS A 11 14.78 6.29 -7.72
C LYS A 11 14.97 4.78 -7.81
N ALA A 12 15.18 4.29 -9.02
CA ALA A 12 15.38 2.86 -9.23
C ALA A 12 16.49 2.31 -8.34
N ASP A 13 17.48 3.14 -8.06
CA ASP A 13 18.60 2.74 -7.22
C ASP A 13 18.12 2.40 -5.81
N GLU A 14 17.00 2.98 -5.41
CA GLU A 14 16.43 2.74 -4.09
C GLU A 14 15.34 1.67 -4.15
N LEU A 15 14.61 1.65 -5.26
CA LEU A 15 13.54 0.67 -5.45
C LEU A 15 14.09 -0.71 -5.72
N GLU A 16 15.22 -0.77 -6.43
CA GLU A 16 15.87 -2.03 -6.76
C GLU A 16 16.73 -2.52 -5.59
N ARG A 17 16.96 -1.64 -4.62
CA ARG A 17 17.78 -1.97 -3.47
C ARG A 17 16.95 -2.71 -2.42
N ILE A 18 15.74 -2.22 -2.16
CA ILE A 18 14.85 -2.83 -1.19
C ILE A 18 14.68 -4.32 -1.46
N ARG A 19 14.72 -5.12 -0.40
CA ARG A 19 14.55 -6.57 -0.53
C ARG A 19 13.14 -7.00 -0.18
N LEU A 20 12.60 -7.95 -0.93
CA LEU A 20 11.25 -8.44 -0.68
C LEU A 20 11.15 -9.08 0.70
N ARG A 21 12.28 -9.51 1.23
CA ARG A 21 12.31 -10.14 2.55
C ARG A 21 13.46 -9.59 3.39
N PRO A 22 13.36 -9.75 4.71
CA PRO A 22 14.38 -9.29 5.65
C PRO A 22 15.68 -10.09 5.55
N GLY A 23 15.55 -11.37 5.24
CA GLY A 23 16.72 -12.23 5.12
C GLY A 23 16.86 -12.82 3.74
N GLY A 24 16.27 -12.16 2.74
CA GLY A 24 16.34 -12.65 1.38
C GLY A 24 17.24 -11.81 0.51
N LYS A 25 17.39 -12.19 -0.75
CA LYS A 25 18.23 -11.47 -1.69
C LYS A 25 17.42 -11.02 -2.91
N LYS A 26 16.11 -11.17 -2.83
CA LYS A 26 15.23 -10.77 -3.92
C LYS A 26 14.92 -9.28 -3.85
N LYS A 27 15.07 -8.59 -4.98
CA LYS A 27 14.80 -7.16 -5.05
C LYS A 27 13.52 -6.89 -5.84
N TYR A 28 12.84 -5.80 -5.50
CA TYR A 28 11.61 -5.43 -6.18
C TYR A 28 11.86 -5.15 -7.65
N ARG A 29 10.93 -5.56 -8.50
CA ARG A 29 11.04 -5.36 -9.94
C ARG A 29 9.67 -5.24 -10.59
N LEU A 30 9.66 -4.86 -11.87
CA LEU A 30 8.41 -4.71 -12.60
C LEU A 30 7.51 -5.94 -12.42
N LYS A 31 8.15 -7.10 -12.29
CA LYS A 31 7.41 -8.35 -12.11
C LYS A 31 6.39 -8.22 -10.98
N HIS A 32 6.75 -7.47 -9.94
CA HIS A 32 5.86 -7.26 -8.80
C HIS A 32 4.85 -6.16 -9.09
N ILE A 33 5.19 -5.15 -9.89
CA ILE A 33 4.26 -4.08 -10.21
C ILE A 33 3.15 -4.55 -11.12
N VAL A 34 3.51 -5.39 -12.10
CA VAL A 34 2.54 -5.92 -13.05
C VAL A 34 1.48 -6.74 -12.35
N TRP A 35 1.91 -7.67 -11.49
CA TRP A 35 1.00 -8.52 -10.75
C TRP A 35 0.06 -7.68 -9.88
N ALA A 36 0.56 -6.53 -9.42
CA ALA A 36 -0.22 -5.65 -8.58
C ALA A 36 -1.28 -4.90 -9.40
N ALA A 37 -0.86 -4.34 -10.52
CA ALA A 37 -1.76 -3.59 -11.40
C ALA A 37 -2.96 -4.44 -11.80
N ASN A 38 -2.72 -5.74 -12.01
CA ASN A 38 -3.79 -6.65 -12.40
C ASN A 38 -4.89 -6.67 -11.35
N LYS A 39 -4.52 -6.46 -10.09
CA LYS A 39 -5.47 -6.45 -9.00
C LYS A 39 -6.32 -5.19 -9.03
N LEU A 40 -5.67 -4.05 -9.24
CA LEU A 40 -6.37 -2.77 -9.29
C LEU A 40 -7.52 -2.81 -10.29
N ASP A 41 -7.39 -3.67 -11.29
CA ASP A 41 -8.43 -3.82 -12.31
C ASP A 41 -9.63 -4.57 -11.76
N ARG A 42 -9.38 -5.72 -11.13
CA ARG A 42 -10.45 -6.52 -10.56
C ARG A 42 -11.36 -5.68 -9.67
N PHE A 43 -10.81 -4.59 -9.14
CA PHE A 43 -11.56 -3.69 -8.27
C PHE A 43 -12.07 -2.48 -9.04
N GLY A 44 -11.21 -1.92 -9.89
CA GLY A 44 -11.60 -0.76 -10.67
C GLY A 44 -10.51 0.31 -10.68
N LEU A 45 -9.91 0.56 -9.52
CA LEU A 45 -8.86 1.56 -9.41
C LEU A 45 -7.90 1.49 -10.60
N ALA A 46 -7.46 2.66 -11.06
CA ALA A 46 -6.54 2.73 -12.19
C ALA A 46 -5.12 2.33 -11.78
N GLU A 47 -4.45 1.57 -12.64
CA GLU A 47 -3.10 1.13 -12.36
C GLU A 47 -2.11 2.29 -12.47
N SER A 48 -2.52 3.35 -13.16
CA SER A 48 -1.67 4.52 -13.34
C SER A 48 -1.49 5.26 -12.02
N LEU A 49 -2.25 4.86 -11.01
CA LEU A 49 -2.17 5.50 -9.70
C LEU A 49 -0.99 4.94 -8.91
N LEU A 50 -0.24 4.02 -9.51
CA LEU A 50 0.92 3.42 -8.87
C LEU A 50 2.14 4.33 -8.98
N GLU A 51 1.95 5.49 -9.60
CA GLU A 51 3.03 6.45 -9.77
C GLU A 51 2.74 7.75 -9.02
N SER A 52 2.08 7.63 -7.87
CA SER A 52 1.73 8.79 -7.07
C SER A 52 1.30 8.37 -5.66
N LYS A 53 1.79 9.09 -4.66
CA LYS A 53 1.47 8.79 -3.27
C LYS A 53 -0.04 8.83 -3.05
N GLU A 54 -0.67 9.92 -3.50
CA GLU A 54 -2.12 10.08 -3.35
C GLU A 54 -2.86 8.85 -3.87
N GLY A 55 -2.50 8.42 -5.07
CA GLY A 55 -3.15 7.26 -5.67
C GLY A 55 -2.94 6.00 -4.85
N CYS A 56 -1.73 5.82 -4.33
CA CYS A 56 -1.40 4.65 -3.53
C CYS A 56 -2.09 4.71 -2.17
N GLN A 57 -2.34 5.92 -1.69
CA GLN A 57 -2.99 6.12 -0.40
C GLN A 57 -4.40 5.55 -0.42
N LYS A 58 -5.12 5.81 -1.51
CA LYS A 58 -6.49 5.31 -1.64
C LYS A 58 -6.50 3.80 -1.83
N ILE A 59 -5.38 3.25 -2.25
CA ILE A 59 -5.26 1.82 -2.47
C ILE A 59 -5.01 1.08 -1.15
N LEU A 60 -4.19 1.67 -0.29
CA LEU A 60 -3.87 1.07 1.00
C LEU A 60 -5.11 1.02 1.89
N THR A 61 -5.94 2.05 1.80
CA THR A 61 -7.16 2.13 2.59
C THR A 61 -8.19 1.10 2.13
N VAL A 62 -8.16 0.80 0.83
CA VAL A 62 -9.10 -0.16 0.25
C VAL A 62 -8.61 -1.59 0.47
N LEU A 63 -7.30 -1.76 0.49
CA LEU A 63 -6.70 -3.08 0.69
C LEU A 63 -6.56 -3.40 2.18
N ASP A 64 -6.51 -2.35 3.00
CA ASP A 64 -6.38 -2.53 4.44
C ASP A 64 -7.48 -3.44 4.97
N PRO A 65 -8.74 -3.00 4.81
CA PRO A 65 -9.91 -3.77 5.28
C PRO A 65 -10.13 -5.04 4.46
N MET A 66 -9.43 -5.15 3.34
CA MET A 66 -9.55 -6.31 2.47
C MET A 66 -8.79 -7.50 3.05
N VAL A 67 -7.95 -7.23 4.05
CA VAL A 67 -7.17 -8.28 4.69
C VAL A 67 -8.07 -9.30 5.37
N PRO A 68 -8.89 -8.82 6.31
CA PRO A 68 -9.82 -9.68 7.07
C PRO A 68 -10.96 -10.19 6.20
N THR A 69 -11.01 -9.72 4.96
CA THR A 69 -12.06 -10.13 4.03
C THR A 69 -11.51 -10.25 2.61
N GLY A 70 -10.50 -11.09 2.43
CA GLY A 70 -9.91 -11.27 1.12
C GLY A 70 -9.31 -12.66 0.94
N SER A 71 -8.49 -12.82 -0.10
CA SER A 71 -7.86 -14.10 -0.37
C SER A 71 -6.38 -14.07 -0.01
N GLU A 72 -5.68 -15.16 -0.30
CA GLU A 72 -4.25 -15.26 0.00
C GLU A 72 -3.44 -14.35 -0.91
N ASN A 73 -3.88 -14.24 -2.16
CA ASN A 73 -3.18 -13.40 -3.14
C ASN A 73 -3.27 -11.93 -2.74
N LEU A 74 -4.49 -11.46 -2.50
CA LEU A 74 -4.70 -10.07 -2.12
C LEU A 74 -3.80 -9.68 -0.95
N LYS A 75 -3.68 -10.56 0.03
CA LYS A 75 -2.85 -10.32 1.20
C LYS A 75 -1.44 -9.90 0.78
N SER A 76 -1.00 -10.40 -0.37
CA SER A 76 0.32 -10.08 -0.89
C SER A 76 0.37 -8.66 -1.43
N LEU A 77 -0.66 -8.27 -2.16
CA LEU A 77 -0.74 -6.94 -2.73
C LEU A 77 -0.72 -5.87 -1.64
N PHE A 78 -1.51 -6.09 -0.61
CA PHE A 78 -1.57 -5.15 0.51
C PHE A 78 -0.19 -4.79 1.02
N ASN A 79 0.68 -5.80 1.11
CA ASN A 79 2.04 -5.60 1.58
C ASN A 79 2.88 -4.87 0.53
N THR A 80 2.76 -5.32 -0.72
CA THR A 80 3.51 -4.72 -1.82
C THR A 80 3.18 -3.24 -1.96
N VAL A 81 1.91 -2.90 -1.82
CA VAL A 81 1.47 -1.51 -1.94
C VAL A 81 2.26 -0.61 -1.00
N CYS A 82 2.32 -0.99 0.27
CA CYS A 82 3.05 -0.22 1.27
C CYS A 82 4.41 0.22 0.73
N VAL A 83 5.09 -0.70 0.06
CA VAL A 83 6.40 -0.42 -0.51
C VAL A 83 6.33 0.70 -1.54
N ILE A 84 5.32 0.64 -2.40
CA ILE A 84 5.14 1.65 -3.44
C ILE A 84 4.85 3.02 -2.82
N TRP A 85 3.79 3.10 -2.03
CA TRP A 85 3.41 4.35 -1.39
C TRP A 85 4.61 4.99 -0.70
N CYS A 86 5.39 4.19 0.01
CA CYS A 86 6.56 4.68 0.72
C CYS A 86 7.47 5.46 -0.23
N ILE A 87 7.81 4.85 -1.35
CA ILE A 87 8.68 5.48 -2.34
C ILE A 87 8.15 6.85 -2.72
N HIS A 88 6.83 6.97 -2.82
CA HIS A 88 6.19 8.23 -3.19
C HIS A 88 6.21 9.20 -2.01
N ALA A 89 6.10 8.73 -0.77
CA ALA A 89 6.11 9.62 0.38
C ALA A 89 7.53 9.85 0.88
N GLU A 90 8.51 9.63 0.01
CA GLU A 90 9.91 9.81 0.37
C GLU A 90 10.28 8.96 1.59
N GLU A 91 10.01 7.66 1.50
CA GLU A 91 10.32 6.74 2.59
C GLU A 91 11.18 5.59 2.10
N LYS A 92 12.28 5.35 2.81
CA LYS A 92 13.20 4.27 2.46
C LYS A 92 13.22 3.19 3.54
N VAL A 93 13.10 1.94 3.12
CA VAL A 93 13.11 0.81 4.04
C VAL A 93 14.12 -0.25 3.61
N LYS A 94 14.77 -0.86 4.59
CA LYS A 94 15.76 -1.90 4.32
C LYS A 94 15.10 -3.12 3.67
N ASP A 95 14.03 -3.61 4.29
CA ASP A 95 13.31 -4.77 3.78
C ASP A 95 11.81 -4.52 3.80
N THR A 96 11.08 -5.22 2.93
CA THR A 96 9.64 -5.08 2.86
C THR A 96 9.02 -5.02 4.24
N GLU A 97 9.55 -5.83 5.15
CA GLU A 97 9.04 -5.87 6.52
C GLU A 97 8.98 -4.47 7.12
N GLY A 98 10.10 -3.75 7.05
CA GLY A 98 10.14 -2.41 7.59
C GLY A 98 9.16 -1.47 6.91
N ALA A 99 8.91 -1.72 5.63
CA ALA A 99 7.99 -0.89 4.85
C ALA A 99 6.58 -0.98 5.41
N LYS A 100 6.16 -2.18 5.77
CA LYS A 100 4.82 -2.39 6.33
C LYS A 100 4.69 -1.76 7.70
N GLN A 101 5.83 -1.57 8.36
CA GLN A 101 5.85 -0.96 9.69
C GLN A 101 5.66 0.54 9.62
N ILE A 102 6.30 1.17 8.63
CA ILE A 102 6.20 2.60 8.44
C ILE A 102 4.80 3.01 7.99
N VAL A 103 4.28 2.29 7.01
CA VAL A 103 2.94 2.56 6.49
C VAL A 103 1.88 2.40 7.57
N ARG A 104 1.95 1.30 8.30
CA ARG A 104 1.00 1.02 9.37
C ARG A 104 1.02 2.14 10.41
N ARG A 105 2.21 2.41 10.95
CA ARG A 105 2.36 3.45 11.96
C ARG A 105 1.78 4.78 11.47
N HIS A 106 1.86 5.01 10.17
CA HIS A 106 1.34 6.24 9.58
C HIS A 106 -0.17 6.17 9.42
N LEU A 107 -0.76 5.00 9.17
CA LEU A 107 -2.20 4.89 9.02
C LEU A 107 -2.91 5.01 10.37
N VAL A 108 -2.24 4.54 11.42
CA VAL A 108 -2.80 4.60 12.77
C VAL A 108 -2.92 6.04 13.24
N ALA A 109 -2.07 6.91 12.71
CA ALA A 109 -2.08 8.32 13.08
C ALA A 109 -3.08 9.10 12.23
N GLU A 110 -3.27 8.65 10.99
CA GLU A 110 -4.19 9.31 10.07
C GLU A 110 -5.64 8.94 10.38
N THR A 111 -5.82 7.75 10.96
CA THR A 111 -7.15 7.27 11.32
C THR A 111 -7.87 8.27 12.21
N GLY A 112 -7.10 9.06 12.95
CA GLY A 112 -7.69 10.04 13.85
C GLY A 112 -8.69 10.94 13.14
N THR A 113 -8.49 11.13 11.84
CA THR A 113 -9.39 11.97 11.05
C THR A 113 -10.81 11.41 11.04
N ALA A 114 -10.92 10.10 11.19
CA ALA A 114 -12.23 9.44 11.20
C ALA A 114 -12.68 9.15 12.63
N GLU A 115 -12.29 10.01 13.56
CA GLU A 115 -12.65 9.84 14.96
C GLU A 115 -13.88 10.67 15.31
N LYS A 116 -14.72 10.92 14.31
CA LYS A 116 -15.93 11.71 14.51
C LYS A 116 -17.16 10.81 14.58
N MET A 117 -17.07 9.65 13.95
CA MET A 117 -18.18 8.69 13.94
C MET A 117 -18.61 8.36 15.37
N PRO A 118 -19.88 7.94 15.51
CA PRO A 118 -20.45 7.59 16.82
C PRO A 118 -19.86 6.30 17.37
N SER A 119 -19.91 6.15 18.69
CA SER A 119 -19.37 4.95 19.35
C SER A 119 -19.92 4.82 20.77
N THR A 120 -19.56 3.73 21.43
CA THR A 120 -20.01 3.49 22.80
C THR A 120 -19.72 4.68 23.70
N SER A 121 -20.75 5.47 23.99
CA SER A 121 -20.60 6.65 24.83
C SER A 121 -21.95 7.33 25.06
N ARG A 122 -21.91 8.47 25.73
CA ARG A 122 -23.12 9.23 26.01
C ARG A 122 -23.76 9.74 24.72
N PRO A 123 -25.10 9.83 24.71
CA PRO A 123 -25.85 10.30 23.55
C PRO A 123 -25.65 11.80 23.29
N THR A 124 -25.84 12.21 22.04
CA THR A 124 -25.68 13.60 21.67
C THR A 124 -27.01 14.34 21.69
N ALA A 125 -26.96 15.67 21.87
CA ALA A 125 -28.17 16.48 21.91
C ALA A 125 -28.49 17.06 20.54
N PRO A 126 -29.78 17.28 20.28
CA PRO A 126 -30.25 17.82 19.00
C PRO A 126 -29.86 19.28 18.82
N SER A 127 -30.19 19.84 17.65
CA SER A 127 -29.88 21.23 17.36
C SER A 127 -31.08 21.95 16.76
N SER A 128 -31.14 23.26 16.96
CA SER A 128 -32.24 24.07 16.44
C SER A 128 -31.97 24.52 15.01
N GLU A 129 -33.03 24.80 14.27
CA GLU A 129 -32.89 25.24 12.88
C GLU A 129 -34.23 25.77 12.35
N LYS A 130 -34.25 27.05 11.99
CA LYS A 130 -35.46 27.68 11.47
C LYS A 130 -35.11 28.76 10.46
N GLY A 131 -35.77 28.71 9.30
CA GLY A 131 -35.52 29.70 8.27
C GLY A 131 -36.69 29.86 7.32
N GLY A 132 -36.44 30.50 6.18
CA GLY A 132 -37.50 30.71 5.21
C GLY A 132 -37.01 30.57 3.78
N ASN A 133 -35.92 29.83 3.60
CA ASN A 133 -35.35 29.63 2.27
C ASN A 133 -34.38 28.45 2.27
N TYR A 134 -34.37 27.70 1.18
CA TYR A 134 -33.50 26.54 1.04
C TYR A 134 -32.04 26.97 0.88
N GLY A 1 0.98 -1.96 -21.71
CA GLY A 1 0.87 -3.01 -22.71
C GLY A 1 2.17 -3.27 -23.42
N ALA A 2 2.86 -2.20 -23.82
CA ALA A 2 4.13 -2.32 -24.53
C ALA A 2 5.29 -2.04 -23.59
N ARG A 3 6.50 -2.42 -24.02
CA ARG A 3 7.70 -2.20 -23.21
C ARG A 3 7.85 -0.73 -22.86
N ASN A 4 7.50 -0.38 -21.63
CA ASN A 4 7.61 1.01 -21.18
C ASN A 4 8.59 1.12 -20.01
N SER A 5 9.03 2.34 -19.73
CA SER A 5 9.97 2.58 -18.64
C SER A 5 9.40 3.59 -17.65
N VAL A 6 8.85 3.08 -16.55
CA VAL A 6 8.27 3.93 -15.52
C VAL A 6 9.28 4.21 -14.40
N LEU A 7 10.04 3.18 -14.04
CA LEU A 7 11.04 3.31 -12.98
C LEU A 7 12.06 4.38 -13.33
N ARG A 8 12.17 5.40 -12.49
CA ARG A 8 13.11 6.49 -12.70
C ARG A 8 14.55 6.00 -12.59
N GLY A 9 15.49 6.94 -12.64
CA GLY A 9 16.89 6.58 -12.55
C GLY A 9 17.38 6.55 -11.12
N LYS A 10 17.22 7.67 -10.42
CA LYS A 10 17.65 7.77 -9.03
C LYS A 10 16.72 6.97 -8.10
N LYS A 11 15.44 6.97 -8.43
CA LYS A 11 14.45 6.25 -7.63
C LYS A 11 14.67 4.74 -7.74
N ALA A 12 14.96 4.28 -8.95
CA ALA A 12 15.19 2.86 -9.19
C ALA A 12 16.25 2.31 -8.23
N ASP A 13 17.24 3.13 -7.92
CA ASP A 13 18.31 2.73 -7.02
C ASP A 13 17.76 2.32 -5.66
N GLU A 14 16.63 2.90 -5.29
CA GLU A 14 15.98 2.60 -4.02
C GLU A 14 15.05 1.40 -4.14
N LEU A 15 14.26 1.38 -5.21
CA LEU A 15 13.32 0.29 -5.43
C LEU A 15 14.06 -1.03 -5.64
N GLU A 16 15.03 -1.03 -6.56
CA GLU A 16 15.81 -2.22 -6.84
C GLU A 16 16.65 -2.63 -5.64
N ARG A 17 16.78 -1.71 -4.68
CA ARG A 17 17.57 -1.96 -3.48
C ARG A 17 16.74 -2.72 -2.44
N ILE A 18 15.53 -2.22 -2.19
CA ILE A 18 14.64 -2.84 -1.22
C ILE A 18 14.49 -4.34 -1.49
N ARG A 19 14.63 -5.14 -0.44
CA ARG A 19 14.50 -6.59 -0.55
C ARG A 19 13.09 -7.05 -0.23
N LEU A 20 12.59 -8.00 -1.01
CA LEU A 20 11.24 -8.53 -0.80
C LEU A 20 11.08 -9.05 0.63
N ARG A 21 12.19 -9.45 1.23
CA ARG A 21 12.17 -9.97 2.60
C ARG A 21 13.39 -9.49 3.38
N PRO A 22 13.29 -9.54 4.72
CA PRO A 22 14.37 -9.11 5.61
C PRO A 22 15.57 -10.06 5.57
N GLY A 23 15.30 -11.35 5.36
CA GLY A 23 16.37 -12.32 5.29
C GLY A 23 16.52 -12.92 3.91
N GLY A 24 15.90 -12.29 2.91
CA GLY A 24 15.98 -12.77 1.55
C GLY A 24 17.03 -12.03 0.74
N LYS A 25 17.16 -12.42 -0.53
CA LYS A 25 18.13 -11.79 -1.42
C LYS A 25 17.45 -11.24 -2.67
N LYS A 26 16.13 -11.42 -2.75
CA LYS A 26 15.36 -10.95 -3.90
C LYS A 26 14.97 -9.49 -3.72
N LYS A 27 14.93 -8.76 -4.83
CA LYS A 27 14.56 -7.34 -4.79
C LYS A 27 13.31 -7.09 -5.62
N TYR A 28 12.67 -5.94 -5.39
CA TYR A 28 11.46 -5.58 -6.13
C TYR A 28 11.76 -5.36 -7.60
N ARG A 29 10.83 -5.79 -8.46
CA ARG A 29 10.99 -5.65 -9.90
C ARG A 29 9.65 -5.38 -10.58
N LEU A 30 9.71 -4.94 -11.83
CA LEU A 30 8.50 -4.64 -12.59
C LEU A 30 7.51 -5.79 -12.49
N LYS A 31 8.03 -7.02 -12.40
CA LYS A 31 7.18 -8.20 -12.31
C LYS A 31 6.17 -8.06 -11.17
N HIS A 32 6.63 -7.53 -10.04
CA HIS A 32 5.77 -7.33 -8.89
C HIS A 32 4.77 -6.21 -9.14
N ILE A 33 5.08 -5.22 -9.95
CA ILE A 33 4.15 -4.12 -10.22
C ILE A 33 3.00 -4.59 -11.11
N VAL A 34 3.33 -5.44 -12.08
CA VAL A 34 2.32 -5.97 -13.00
C VAL A 34 1.25 -6.74 -12.26
N TRP A 35 1.67 -7.77 -11.53
CA TRP A 35 0.74 -8.60 -10.77
C TRP A 35 -0.14 -7.75 -9.86
N ALA A 36 0.39 -6.60 -9.44
CA ALA A 36 -0.34 -5.69 -8.57
C ALA A 36 -1.38 -4.91 -9.36
N ALA A 37 -0.96 -4.34 -10.49
CA ALA A 37 -1.86 -3.56 -11.33
C ALA A 37 -3.08 -4.38 -11.74
N ASN A 38 -2.87 -5.67 -11.99
CA ASN A 38 -3.96 -6.55 -12.37
C ASN A 38 -5.07 -6.56 -11.33
N LYS A 39 -4.69 -6.42 -10.06
CA LYS A 39 -5.65 -6.40 -8.97
C LYS A 39 -6.43 -5.09 -8.95
N LEU A 40 -5.71 -3.98 -9.10
CA LEU A 40 -6.34 -2.66 -9.10
C LEU A 40 -7.49 -2.61 -10.10
N ASP A 41 -7.40 -3.43 -11.14
CA ASP A 41 -8.44 -3.48 -12.16
C ASP A 41 -9.69 -4.19 -11.64
N ARG A 42 -9.51 -5.40 -11.14
CA ARG A 42 -10.62 -6.19 -10.61
C ARG A 42 -11.45 -5.37 -9.64
N PHE A 43 -10.82 -4.37 -9.02
CA PHE A 43 -11.50 -3.50 -8.06
C PHE A 43 -11.98 -2.23 -8.73
N GLY A 44 -11.11 -1.60 -9.51
CA GLY A 44 -11.47 -0.37 -10.20
C GLY A 44 -10.32 0.61 -10.26
N LEU A 45 -9.64 0.80 -9.13
CA LEU A 45 -8.52 1.73 -9.06
C LEU A 45 -7.63 1.60 -10.30
N ALA A 46 -7.23 2.74 -10.85
CA ALA A 46 -6.37 2.76 -12.02
C ALA A 46 -4.94 2.37 -11.66
N GLU A 47 -4.33 1.56 -12.52
CA GLU A 47 -2.96 1.11 -12.29
C GLU A 47 -1.98 2.28 -12.41
N SER A 48 -2.42 3.35 -13.05
CA SER A 48 -1.59 4.54 -13.23
C SER A 48 -1.36 5.25 -11.90
N LEU A 49 -2.11 4.83 -10.88
CA LEU A 49 -1.99 5.43 -9.55
C LEU A 49 -0.79 4.86 -8.80
N LEU A 50 -0.07 3.96 -9.45
CA LEU A 50 1.10 3.34 -8.84
C LEU A 50 2.31 4.26 -8.93
N GLU A 51 2.10 5.47 -9.46
CA GLU A 51 3.17 6.44 -9.60
C GLU A 51 2.81 7.75 -8.91
N SER A 52 2.19 7.65 -7.75
CA SER A 52 1.78 8.83 -6.99
C SER A 52 1.28 8.44 -5.60
N LYS A 53 1.81 9.12 -4.59
CA LYS A 53 1.43 8.85 -3.20
C LYS A 53 -0.08 8.93 -3.04
N GLU A 54 -0.67 10.02 -3.52
CA GLU A 54 -2.11 10.21 -3.42
C GLU A 54 -2.87 8.99 -3.93
N GLY A 55 -2.41 8.45 -5.07
CA GLY A 55 -3.06 7.28 -5.64
C GLY A 55 -2.82 6.03 -4.82
N CYS A 56 -1.58 5.81 -4.42
CA CYS A 56 -1.22 4.63 -3.63
C CYS A 56 -1.97 4.62 -2.31
N GLN A 57 -2.12 5.80 -1.71
CA GLN A 57 -2.84 5.92 -0.44
C GLN A 57 -4.27 5.41 -0.56
N LYS A 58 -4.90 5.69 -1.69
CA LYS A 58 -6.27 5.27 -1.93
C LYS A 58 -6.35 3.75 -2.08
N ILE A 59 -5.22 3.13 -2.42
CA ILE A 59 -5.17 1.68 -2.59
C ILE A 59 -5.12 0.98 -1.23
N LEU A 60 -4.34 1.54 -0.31
CA LEU A 60 -4.22 0.97 1.03
C LEU A 60 -5.56 0.94 1.74
N THR A 61 -6.32 2.01 1.59
CA THR A 61 -7.64 2.11 2.23
C THR A 61 -8.60 1.08 1.65
N VAL A 62 -8.38 0.71 0.40
CA VAL A 62 -9.24 -0.27 -0.28
C VAL A 62 -8.82 -1.70 0.10
N LEU A 63 -7.53 -1.91 0.28
CA LEU A 63 -7.01 -3.22 0.63
C LEU A 63 -7.12 -3.45 2.14
N ASP A 64 -7.19 -2.37 2.90
CA ASP A 64 -7.30 -2.45 4.35
C ASP A 64 -8.42 -3.41 4.76
N PRO A 65 -9.66 -3.07 4.35
CA PRO A 65 -10.83 -3.89 4.66
C PRO A 65 -10.84 -5.22 3.92
N MET A 66 -10.06 -5.29 2.84
CA MET A 66 -9.96 -6.51 2.04
C MET A 66 -9.06 -7.53 2.71
N VAL A 67 -8.15 -7.05 3.56
CA VAL A 67 -7.22 -7.92 4.27
C VAL A 67 -7.97 -9.01 5.04
N PRO A 68 -8.86 -8.59 5.94
CA PRO A 68 -9.66 -9.51 6.75
C PRO A 68 -10.69 -10.27 5.93
N THR A 69 -10.70 -10.02 4.62
CA THR A 69 -11.64 -10.68 3.73
C THR A 69 -10.97 -11.13 2.45
N GLY A 70 -9.68 -11.47 2.55
CA GLY A 70 -8.93 -11.91 1.39
C GLY A 70 -7.97 -13.04 1.71
N SER A 71 -7.23 -13.50 0.70
CA SER A 71 -6.28 -14.57 0.88
C SER A 71 -4.86 -14.11 0.57
N GLU A 72 -3.93 -15.05 0.48
CA GLU A 72 -2.54 -14.74 0.20
C GLU A 72 -2.43 -13.84 -1.03
N ASN A 73 -3.20 -14.17 -2.06
CA ASN A 73 -3.19 -13.39 -3.30
C ASN A 73 -3.51 -11.93 -3.03
N LEU A 74 -4.42 -11.69 -2.09
CA LEU A 74 -4.82 -10.33 -1.73
C LEU A 74 -3.79 -9.70 -0.79
N LYS A 75 -3.51 -10.39 0.31
CA LYS A 75 -2.55 -9.89 1.30
C LYS A 75 -1.21 -9.58 0.64
N SER A 76 -0.87 -10.35 -0.39
CA SER A 76 0.39 -10.15 -1.11
C SER A 76 0.48 -8.73 -1.66
N LEU A 77 -0.62 -8.25 -2.21
CA LEU A 77 -0.68 -6.91 -2.79
C LEU A 77 -0.58 -5.85 -1.69
N PHE A 78 -1.28 -6.08 -0.58
CA PHE A 78 -1.27 -5.15 0.54
C PHE A 78 0.15 -4.85 1.00
N ASN A 79 0.99 -5.88 1.01
CA ASN A 79 2.37 -5.73 1.42
C ASN A 79 3.20 -5.05 0.33
N THR A 80 2.67 -5.04 -0.88
CA THR A 80 3.35 -4.42 -2.01
C THR A 80 2.97 -2.95 -2.14
N VAL A 81 1.71 -2.65 -1.89
CA VAL A 81 1.20 -1.27 -1.98
C VAL A 81 1.81 -0.40 -0.88
N CYS A 82 2.12 -1.02 0.25
CA CYS A 82 2.71 -0.30 1.38
C CYS A 82 4.12 0.18 1.04
N VAL A 83 4.76 -0.50 0.10
CA VAL A 83 6.11 -0.14 -0.32
C VAL A 83 6.09 1.00 -1.33
N ILE A 84 5.47 0.75 -2.47
CA ILE A 84 5.38 1.75 -3.53
C ILE A 84 5.03 3.12 -2.97
N TRP A 85 4.05 3.15 -2.07
CA TRP A 85 3.62 4.39 -1.45
C TRP A 85 4.80 5.11 -0.80
N CYS A 86 5.58 4.38 -0.02
CA CYS A 86 6.73 4.96 0.66
C CYS A 86 7.62 5.70 -0.33
N ILE A 87 7.92 5.06 -1.46
CA ILE A 87 8.76 5.66 -2.49
C ILE A 87 8.27 7.06 -2.84
N HIS A 88 6.95 7.23 -2.87
CA HIS A 88 6.36 8.52 -3.19
C HIS A 88 6.41 9.47 -1.99
N ALA A 89 6.30 8.98 -0.76
CA ALA A 89 6.35 9.84 0.42
C ALA A 89 7.79 10.11 0.83
N GLU A 90 8.74 9.72 -0.02
CA GLU A 90 10.15 9.92 0.27
C GLU A 90 10.58 9.12 1.49
N GLU A 91 10.33 7.81 1.45
CA GLU A 91 10.70 6.93 2.56
C GLU A 91 11.52 5.75 2.07
N LYS A 92 12.62 5.47 2.77
CA LYS A 92 13.50 4.37 2.40
C LYS A 92 13.38 3.22 3.40
N VAL A 93 13.14 2.02 2.88
CA VAL A 93 12.99 0.85 3.73
C VAL A 93 13.97 -0.24 3.32
N LYS A 94 14.68 -0.80 4.31
CA LYS A 94 15.66 -1.86 4.05
C LYS A 94 14.98 -3.09 3.46
N ASP A 95 13.94 -3.57 4.14
CA ASP A 95 13.20 -4.74 3.68
C ASP A 95 11.70 -4.49 3.74
N THR A 96 10.95 -5.22 2.92
CA THR A 96 9.50 -5.08 2.88
C THR A 96 8.91 -5.08 4.28
N GLU A 97 9.28 -6.07 5.08
CA GLU A 97 8.79 -6.18 6.44
C GLU A 97 8.95 -4.87 7.19
N GLY A 98 9.98 -4.11 6.82
CA GLY A 98 10.23 -2.83 7.46
C GLY A 98 9.31 -1.74 6.96
N ALA A 99 8.93 -1.82 5.68
CA ALA A 99 8.05 -0.84 5.08
C ALA A 99 6.64 -0.92 5.66
N LYS A 100 6.20 -2.15 5.95
CA LYS A 100 4.87 -2.37 6.51
C LYS A 100 4.77 -1.78 7.91
N GLN A 101 5.91 -1.60 8.56
CA GLN A 101 5.95 -1.04 9.91
C GLN A 101 5.86 0.48 9.87
N ILE A 102 6.47 1.08 8.85
CA ILE A 102 6.46 2.53 8.70
C ILE A 102 5.08 3.02 8.29
N VAL A 103 4.49 2.36 7.30
CA VAL A 103 3.17 2.74 6.82
C VAL A 103 2.11 2.53 7.89
N ARG A 104 2.14 1.37 8.53
CA ARG A 104 1.19 1.06 9.58
C ARG A 104 1.13 2.16 10.63
N ARG A 105 2.31 2.54 11.14
CA ARG A 105 2.40 3.58 12.15
C ARG A 105 1.78 4.89 11.64
N HIS A 106 2.08 5.24 10.40
CA HIS A 106 1.55 6.45 9.79
C HIS A 106 0.03 6.42 9.75
N LEU A 107 -0.61 5.25 9.69
CA LEU A 107 -2.05 5.16 9.63
C LEU A 107 -2.66 5.39 11.01
N VAL A 108 -2.07 4.74 12.02
CA VAL A 108 -2.55 4.87 13.40
C VAL A 108 -2.46 6.32 13.87
N ALA A 109 -1.43 7.03 13.43
CA ALA A 109 -1.24 8.42 13.80
C ALA A 109 -2.38 9.29 13.30
N GLU A 110 -3.00 8.87 12.21
CA GLU A 110 -4.12 9.61 11.61
C GLU A 110 -5.45 9.03 12.06
N THR A 111 -5.48 8.47 13.27
CA THR A 111 -6.69 7.87 13.81
C THR A 111 -6.73 7.99 15.33
N GLY A 112 -6.09 9.04 15.85
CA GLY A 112 -6.06 9.24 17.29
C GLY A 112 -6.06 10.71 17.66
N THR A 113 -6.66 11.53 16.82
CA THR A 113 -6.72 12.97 17.06
C THR A 113 -8.16 13.47 17.07
N ALA A 114 -9.08 12.60 17.45
CA ALA A 114 -10.50 12.95 17.50
C ALA A 114 -11.07 12.72 18.89
N GLU A 115 -10.20 12.75 19.90
CA GLU A 115 -10.63 12.53 21.28
C GLU A 115 -9.56 13.02 22.25
N LYS A 116 -9.17 14.28 22.10
CA LYS A 116 -8.16 14.87 22.97
C LYS A 116 -8.54 14.69 24.44
N MET A 117 -9.82 14.78 24.73
CA MET A 117 -10.31 14.63 26.09
C MET A 117 -9.77 15.74 27.00
N PRO A 118 -10.45 15.96 28.13
CA PRO A 118 -10.05 16.99 29.10
C PRO A 118 -8.75 16.64 29.83
N SER A 119 -8.11 17.65 30.41
CA SER A 119 -6.86 17.44 31.13
C SER A 119 -7.10 16.61 32.39
N THR A 120 -6.14 15.73 32.70
CA THR A 120 -6.25 14.87 33.88
C THR A 120 -4.93 14.83 34.64
N SER A 121 -5.02 14.80 35.97
CA SER A 121 -3.83 14.77 36.81
C SER A 121 -3.09 13.43 36.65
N ARG A 122 -1.82 13.51 36.28
CA ARG A 122 -1.01 12.32 36.10
C ARG A 122 0.47 12.62 36.31
N PRO A 123 1.21 11.64 36.84
CA PRO A 123 2.64 11.79 37.11
C PRO A 123 3.47 11.83 35.83
N THR A 124 4.24 12.91 35.67
CA THR A 124 5.08 13.08 34.49
C THR A 124 6.43 12.38 34.66
N ALA A 125 7.10 12.14 33.55
CA ALA A 125 8.40 11.48 33.58
C ALA A 125 9.51 12.45 33.17
N PRO A 126 10.70 12.27 33.77
CA PRO A 126 11.87 13.11 33.49
C PRO A 126 12.43 12.88 32.09
N SER A 127 11.83 13.55 31.10
CA SER A 127 12.27 13.41 29.72
C SER A 127 12.79 14.74 29.18
N SER A 128 13.86 15.24 29.78
CA SER A 128 14.45 16.51 29.36
C SER A 128 15.91 16.59 29.79
N GLU A 129 16.82 16.28 28.86
CA GLU A 129 18.25 16.31 29.14
C GLU A 129 19.04 16.61 27.87
N LYS A 130 20.36 16.68 28.00
CA LYS A 130 21.23 16.95 26.87
C LYS A 130 21.88 15.66 26.36
N GLY A 131 22.75 15.79 25.38
CA GLY A 131 23.43 14.64 24.82
C GLY A 131 24.83 14.96 24.33
N GLY A 132 24.95 15.23 23.04
CA GLY A 132 26.25 15.55 22.48
C GLY A 132 26.81 16.87 23.00
N ASN A 133 28.06 16.84 23.44
CA ASN A 133 28.71 18.03 23.97
C ASN A 133 30.23 17.92 23.87
N TYR A 134 30.71 17.49 22.72
CA TYR A 134 32.15 17.32 22.49
C TYR A 134 32.84 18.69 22.45
N GLY A 1 4.88 -0.44 -20.51
CA GLY A 1 4.30 -0.35 -21.84
C GLY A 1 5.19 -0.95 -22.90
N ALA A 2 6.49 -0.62 -22.85
CA ALA A 2 7.45 -1.14 -23.83
C ALA A 2 8.86 -1.11 -23.26
N ARG A 3 9.25 0.03 -22.70
CA ARG A 3 10.58 0.19 -22.13
C ARG A 3 10.63 -0.39 -20.72
N ASN A 4 11.85 -0.58 -20.21
CA ASN A 4 12.05 -1.13 -18.88
C ASN A 4 12.42 -0.04 -17.88
N SER A 5 12.28 -0.34 -16.60
CA SER A 5 12.60 0.62 -15.55
C SER A 5 11.71 1.86 -15.64
N VAL A 6 10.44 1.69 -15.27
CA VAL A 6 9.48 2.78 -15.31
C VAL A 6 9.94 3.95 -14.44
N LEU A 7 10.55 3.62 -13.31
CA LEU A 7 11.04 4.64 -12.38
C LEU A 7 12.20 5.41 -12.99
N ARG A 8 12.72 6.38 -12.24
CA ARG A 8 13.84 7.19 -12.69
C ARG A 8 15.16 6.44 -12.51
N GLY A 9 16.27 7.15 -12.73
CA GLY A 9 17.58 6.54 -12.58
C GLY A 9 18.02 6.45 -11.14
N LYS A 10 17.92 7.57 -10.42
CA LYS A 10 18.32 7.61 -9.02
C LYS A 10 17.35 6.80 -8.15
N LYS A 11 16.06 7.00 -8.36
CA LYS A 11 15.03 6.29 -7.62
C LYS A 11 15.16 4.78 -7.81
N ALA A 12 15.43 4.38 -9.05
CA ALA A 12 15.58 2.97 -9.38
C ALA A 12 16.62 2.31 -8.48
N ASP A 13 17.69 3.04 -8.18
CA ASP A 13 18.75 2.53 -7.32
C ASP A 13 18.21 2.14 -5.94
N GLU A 14 17.04 2.67 -5.61
CA GLU A 14 16.42 2.38 -4.32
C GLU A 14 15.36 1.28 -4.46
N LEU A 15 14.60 1.34 -5.53
CA LEU A 15 13.54 0.37 -5.78
C LEU A 15 14.16 -1.00 -6.10
N GLU A 16 15.24 -0.99 -6.88
CA GLU A 16 15.91 -2.23 -7.25
C GLU A 16 16.82 -2.72 -6.12
N ARG A 17 16.95 -1.92 -5.08
CA ARG A 17 17.79 -2.26 -3.94
C ARG A 17 16.97 -2.96 -2.85
N ILE A 18 15.79 -2.40 -2.58
CA ILE A 18 14.91 -2.97 -1.56
C ILE A 18 14.74 -4.48 -1.75
N ARG A 19 14.79 -5.22 -0.65
CA ARG A 19 14.65 -6.66 -0.69
C ARG A 19 13.26 -7.09 -0.23
N LEU A 20 12.68 -8.07 -0.92
CA LEU A 20 11.35 -8.56 -0.58
C LEU A 20 11.32 -9.08 0.86
N ARG A 21 12.50 -9.38 1.40
CA ARG A 21 12.61 -9.89 2.76
C ARG A 21 13.80 -9.26 3.48
N PRO A 22 13.82 -9.39 4.82
CA PRO A 22 14.89 -8.85 5.65
C PRO A 22 16.21 -9.59 5.46
N GLY A 23 16.12 -10.88 5.15
CA GLY A 23 17.31 -11.68 4.95
C GLY A 23 17.18 -12.63 3.78
N GLY A 24 16.23 -12.35 2.89
CA GLY A 24 16.01 -13.21 1.73
C GLY A 24 17.02 -12.96 0.64
N LYS A 25 16.64 -13.28 -0.59
CA LYS A 25 17.53 -13.09 -1.74
C LYS A 25 16.74 -12.65 -2.96
N LYS A 26 16.01 -11.54 -2.83
CA LYS A 26 15.21 -11.01 -3.93
C LYS A 26 14.86 -9.55 -3.69
N LYS A 27 14.89 -8.75 -4.75
CA LYS A 27 14.58 -7.33 -4.66
C LYS A 27 13.39 -6.98 -5.54
N TYR A 28 12.63 -5.97 -5.12
CA TYR A 28 11.46 -5.54 -5.87
C TYR A 28 11.82 -5.24 -7.32
N ARG A 29 10.92 -5.59 -8.24
CA ARG A 29 11.14 -5.35 -9.66
C ARG A 29 9.82 -5.14 -10.39
N LEU A 30 9.92 -4.71 -11.64
CA LEU A 30 8.72 -4.46 -12.45
C LEU A 30 7.76 -5.64 -12.38
N LYS A 31 8.31 -6.84 -12.25
CA LYS A 31 7.49 -8.05 -12.16
C LYS A 31 6.44 -7.92 -11.07
N HIS A 32 6.86 -7.50 -9.88
CA HIS A 32 5.94 -7.33 -8.76
C HIS A 32 4.93 -6.22 -9.05
N ILE A 33 5.27 -5.22 -9.86
CA ILE A 33 4.33 -4.14 -10.17
C ILE A 33 3.22 -4.62 -11.08
N VAL A 34 3.57 -5.50 -12.03
CA VAL A 34 2.60 -6.04 -12.97
C VAL A 34 1.51 -6.82 -12.25
N TRP A 35 1.92 -7.65 -11.30
CA TRP A 35 0.97 -8.45 -10.53
C TRP A 35 0.05 -7.56 -9.71
N ALA A 36 0.56 -6.42 -9.29
CA ALA A 36 -0.21 -5.48 -8.49
C ALA A 36 -1.27 -4.77 -9.34
N ALA A 37 -0.82 -4.16 -10.44
CA ALA A 37 -1.72 -3.46 -11.34
C ALA A 37 -2.91 -4.33 -11.74
N ASN A 38 -2.64 -5.62 -11.95
CA ASN A 38 -3.68 -6.57 -12.33
C ASN A 38 -4.82 -6.56 -11.32
N LYS A 39 -4.48 -6.36 -10.05
CA LYS A 39 -5.47 -6.32 -8.98
C LYS A 39 -6.27 -5.03 -9.02
N LEU A 40 -5.57 -3.91 -9.17
CA LEU A 40 -6.21 -2.60 -9.23
C LEU A 40 -7.33 -2.59 -10.26
N ASP A 41 -7.20 -3.43 -11.29
CA ASP A 41 -8.21 -3.51 -12.34
C ASP A 41 -9.45 -4.26 -11.85
N ARG A 42 -9.24 -5.47 -11.33
CA ARG A 42 -10.34 -6.28 -10.83
C ARG A 42 -11.21 -5.47 -9.88
N PHE A 43 -10.63 -4.48 -9.25
CA PHE A 43 -11.36 -3.62 -8.31
C PHE A 43 -11.88 -2.36 -9.00
N GLY A 44 -11.01 -1.72 -9.77
CA GLY A 44 -11.39 -0.51 -10.48
C GLY A 44 -10.27 0.51 -10.52
N LEU A 45 -9.62 0.72 -9.38
CA LEU A 45 -8.54 1.69 -9.29
C LEU A 45 -7.62 1.59 -10.50
N ALA A 46 -7.28 2.73 -11.07
CA ALA A 46 -6.39 2.78 -12.24
C ALA A 46 -4.95 2.48 -11.85
N GLU A 47 -4.29 1.65 -12.66
CA GLU A 47 -2.90 1.29 -12.39
C GLU A 47 -1.98 2.51 -12.51
N SER A 48 -2.46 3.53 -13.20
CA SER A 48 -1.68 4.75 -13.40
C SER A 48 -1.49 5.48 -12.08
N LEU A 49 -2.23 5.07 -11.06
CA LEU A 49 -2.14 5.69 -9.74
C LEU A 49 -0.94 5.14 -8.96
N LEU A 50 -0.18 4.25 -9.60
CA LEU A 50 0.99 3.66 -8.97
C LEU A 50 2.19 4.61 -9.04
N GLU A 51 1.96 5.78 -9.63
CA GLU A 51 3.03 6.77 -9.76
C GLU A 51 2.68 8.05 -9.00
N SER A 52 2.01 7.88 -7.86
CA SER A 52 1.61 9.02 -7.05
C SER A 52 1.16 8.57 -5.66
N LYS A 53 1.74 9.16 -4.63
CA LYS A 53 1.40 8.82 -3.25
C LYS A 53 -0.10 8.88 -3.03
N GLU A 54 -0.72 9.97 -3.48
CA GLU A 54 -2.16 10.16 -3.32
C GLU A 54 -2.92 8.96 -3.89
N GLY A 55 -2.53 8.52 -5.08
CA GLY A 55 -3.19 7.39 -5.71
C GLY A 55 -3.01 6.12 -4.92
N CYS A 56 -1.80 5.89 -4.42
CA CYS A 56 -1.51 4.69 -3.63
C CYS A 56 -2.21 4.73 -2.28
N GLN A 57 -2.41 5.94 -1.76
CA GLN A 57 -3.06 6.12 -0.47
C GLN A 57 -4.47 5.54 -0.50
N LYS A 58 -5.18 5.76 -1.61
CA LYS A 58 -6.54 5.27 -1.76
C LYS A 58 -6.55 3.75 -1.90
N ILE A 59 -5.40 3.18 -2.24
CA ILE A 59 -5.29 1.74 -2.42
C ILE A 59 -5.19 1.03 -1.06
N LEU A 60 -4.41 1.62 -0.15
CA LEU A 60 -4.22 1.05 1.18
C LEU A 60 -5.55 0.99 1.93
N THR A 61 -6.34 2.06 1.81
CA THR A 61 -7.63 2.13 2.47
C THR A 61 -8.60 1.10 1.92
N VAL A 62 -8.44 0.76 0.64
CA VAL A 62 -9.29 -0.21 -0.01
C VAL A 62 -8.87 -1.64 0.35
N LEU A 63 -7.57 -1.86 0.42
CA LEU A 63 -7.03 -3.18 0.76
C LEU A 63 -7.10 -3.42 2.27
N ASP A 64 -7.20 -2.33 3.03
CA ASP A 64 -7.27 -2.43 4.48
C ASP A 64 -8.35 -3.43 4.91
N PRO A 65 -9.61 -3.13 4.56
CA PRO A 65 -10.75 -3.98 4.89
C PRO A 65 -10.75 -5.29 4.12
N MET A 66 -9.97 -5.33 3.04
CA MET A 66 -9.87 -6.54 2.22
C MET A 66 -9.01 -7.59 2.91
N VAL A 67 -8.19 -7.17 3.85
CA VAL A 67 -7.32 -8.08 4.59
C VAL A 67 -8.14 -9.14 5.32
N PRO A 68 -9.05 -8.69 6.21
CA PRO A 68 -9.90 -9.58 6.99
C PRO A 68 -10.95 -10.28 6.11
N THR A 69 -10.96 -9.96 4.82
CA THR A 69 -11.91 -10.56 3.89
C THR A 69 -11.23 -10.91 2.57
N GLY A 70 -10.01 -11.43 2.66
CA GLY A 70 -9.28 -11.80 1.46
C GLY A 70 -8.37 -13.00 1.68
N SER A 71 -7.65 -13.39 0.64
CA SER A 71 -6.75 -14.54 0.72
C SER A 71 -5.30 -14.10 0.47
N GLU A 72 -4.42 -15.10 0.32
CA GLU A 72 -3.01 -14.82 0.08
C GLU A 72 -2.83 -13.92 -1.15
N ASN A 73 -3.60 -14.20 -2.19
CA ASN A 73 -3.52 -13.43 -3.42
C ASN A 73 -3.88 -11.96 -3.16
N LEU A 74 -4.53 -11.70 -2.04
CA LEU A 74 -4.92 -10.35 -1.67
C LEU A 74 -3.92 -9.75 -0.67
N LYS A 75 -3.70 -10.46 0.43
CA LYS A 75 -2.77 -10.00 1.45
C LYS A 75 -1.42 -9.63 0.85
N SER A 76 -1.00 -10.39 -0.16
CA SER A 76 0.27 -10.14 -0.82
C SER A 76 0.33 -8.72 -1.38
N LEU A 77 -0.78 -8.28 -1.96
CA LEU A 77 -0.87 -6.94 -2.53
C LEU A 77 -0.78 -5.88 -1.44
N PHE A 78 -1.53 -6.08 -0.37
CA PHE A 78 -1.55 -5.14 0.75
C PHE A 78 -0.13 -4.83 1.21
N ASN A 79 0.75 -5.83 1.12
CA ASN A 79 2.14 -5.67 1.54
C ASN A 79 2.93 -4.89 0.49
N THR A 80 2.64 -5.17 -0.78
CA THR A 80 3.33 -4.50 -1.88
C THR A 80 2.95 -3.03 -1.95
N VAL A 81 1.65 -2.75 -1.83
CA VAL A 81 1.16 -1.37 -1.87
C VAL A 81 1.84 -0.50 -0.82
N CYS A 82 2.28 -1.14 0.26
CA CYS A 82 2.96 -0.43 1.34
C CYS A 82 4.32 0.08 0.90
N VAL A 83 5.02 -0.74 0.11
CA VAL A 83 6.35 -0.39 -0.38
C VAL A 83 6.26 0.71 -1.44
N ILE A 84 5.26 0.62 -2.31
CA ILE A 84 5.08 1.61 -3.35
C ILE A 84 4.78 2.99 -2.77
N TRP A 85 3.73 3.08 -1.97
CA TRP A 85 3.35 4.33 -1.34
C TRP A 85 4.54 4.98 -0.64
N CYS A 86 5.34 4.17 0.04
CA CYS A 86 6.51 4.66 0.75
C CYS A 86 7.42 5.45 -0.19
N ILE A 87 7.81 4.81 -1.29
CA ILE A 87 8.68 5.44 -2.27
C ILE A 87 8.16 6.82 -2.67
N HIS A 88 6.84 6.93 -2.75
CA HIS A 88 6.20 8.20 -3.12
C HIS A 88 6.22 9.17 -1.95
N ALA A 89 6.17 8.71 -0.70
CA ALA A 89 6.17 9.61 0.45
C ALA A 89 7.60 9.88 0.91
N GLU A 90 8.57 9.58 0.04
CA GLU A 90 9.98 9.80 0.37
C GLU A 90 10.43 8.83 1.46
N GLU A 91 9.57 7.87 1.79
CA GLU A 91 9.90 6.89 2.82
C GLU A 91 10.89 5.85 2.31
N LYS A 92 11.99 5.68 3.04
CA LYS A 92 13.03 4.73 2.66
C LYS A 92 12.94 3.47 3.52
N VAL A 93 12.87 2.32 2.87
CA VAL A 93 12.79 1.04 3.57
C VAL A 93 13.87 0.08 3.08
N LYS A 94 14.56 -0.55 4.03
CA LYS A 94 15.62 -1.49 3.69
C LYS A 94 15.03 -2.82 3.22
N ASP A 95 14.01 -3.30 3.92
CA ASP A 95 13.37 -4.56 3.57
C ASP A 95 11.85 -4.42 3.63
N THR A 96 11.15 -5.22 2.83
CA THR A 96 9.70 -5.19 2.79
C THR A 96 9.11 -5.15 4.20
N GLU A 97 9.57 -6.06 5.05
CA GLU A 97 9.10 -6.14 6.42
C GLU A 97 9.13 -4.78 7.09
N GLY A 98 10.08 -3.94 6.66
CA GLY A 98 10.21 -2.61 7.23
C GLY A 98 9.13 -1.67 6.74
N ALA A 99 8.70 -1.85 5.49
CA ALA A 99 7.67 -1.01 4.91
C ALA A 99 6.29 -1.35 5.46
N LYS A 100 6.11 -2.61 5.84
CA LYS A 100 4.84 -3.06 6.40
C LYS A 100 4.60 -2.46 7.78
N GLN A 101 5.68 -2.07 8.44
CA GLN A 101 5.59 -1.48 9.77
C GLN A 101 5.39 0.03 9.68
N ILE A 102 6.31 0.69 8.99
CA ILE A 102 6.24 2.15 8.83
C ILE A 102 4.87 2.57 8.32
N VAL A 103 4.38 1.88 7.29
CA VAL A 103 3.08 2.20 6.71
C VAL A 103 1.95 1.85 7.69
N ARG A 104 2.03 0.67 8.28
CA ARG A 104 1.02 0.22 9.23
C ARG A 104 0.77 1.28 10.30
N ARG A 105 1.85 1.90 10.78
CA ARG A 105 1.75 2.92 11.80
C ARG A 105 0.98 4.14 11.29
N HIS A 106 1.25 4.51 10.04
CA HIS A 106 0.59 5.65 9.43
C HIS A 106 -0.91 5.41 9.28
N LEU A 107 -1.35 4.16 9.08
CA LEU A 107 -2.77 3.87 8.93
C LEU A 107 -3.48 3.95 10.28
N VAL A 108 -2.90 3.30 11.29
CA VAL A 108 -3.47 3.29 12.63
C VAL A 108 -3.66 4.71 13.15
N ALA A 109 -2.74 5.60 12.78
CA ALA A 109 -2.80 6.99 13.20
C ALA A 109 -4.07 7.68 12.69
N GLU A 110 -4.55 7.22 11.54
CA GLU A 110 -5.75 7.78 10.93
C GLU A 110 -7.00 7.16 11.53
N THR A 111 -6.88 5.92 12.00
CA THR A 111 -8.01 5.21 12.59
C THR A 111 -8.50 5.93 13.85
N GLY A 112 -7.61 6.68 14.48
CA GLY A 112 -7.98 7.41 15.69
C GLY A 112 -8.39 8.84 15.40
N THR A 113 -8.90 9.08 14.19
CA THR A 113 -9.33 10.41 13.79
C THR A 113 -10.22 10.35 12.56
N ALA A 114 -10.98 9.26 12.43
CA ALA A 114 -11.88 9.08 11.30
C ALA A 114 -12.83 7.91 11.53
N GLU A 115 -13.57 7.97 12.63
CA GLU A 115 -14.52 6.91 12.97
C GLU A 115 -15.93 7.47 13.09
N LYS A 116 -16.29 8.37 12.18
CA LYS A 116 -17.61 8.97 12.18
C LYS A 116 -18.43 8.50 10.98
N MET A 117 -18.15 7.28 10.53
CA MET A 117 -18.86 6.70 9.39
C MET A 117 -18.68 5.19 9.35
N PRO A 118 -19.67 4.49 8.79
CA PRO A 118 -19.65 3.03 8.68
C PRO A 118 -18.62 2.55 7.66
N SER A 119 -17.41 2.28 8.14
CA SER A 119 -16.33 1.81 7.27
C SER A 119 -16.44 0.31 7.04
N THR A 120 -16.93 -0.40 8.04
CA THR A 120 -17.09 -1.86 7.94
C THR A 120 -18.36 -2.23 7.19
N SER A 121 -18.23 -3.13 6.22
CA SER A 121 -19.37 -3.57 5.42
C SER A 121 -19.23 -5.04 5.05
N ARG A 122 -20.37 -5.73 5.01
CA ARG A 122 -20.38 -7.15 4.67
C ARG A 122 -21.21 -7.40 3.41
N PRO A 123 -20.78 -8.38 2.59
CA PRO A 123 -21.47 -8.74 1.36
C PRO A 123 -22.81 -9.40 1.61
N THR A 124 -23.64 -9.48 0.56
CA THR A 124 -24.96 -10.09 0.67
C THR A 124 -25.27 -10.93 -0.55
N ALA A 125 -24.72 -12.14 -0.60
CA ALA A 125 -24.95 -13.05 -1.71
C ALA A 125 -24.51 -14.47 -1.36
N PRO A 126 -25.14 -15.03 -0.32
CA PRO A 126 -24.85 -16.39 0.14
C PRO A 126 -25.32 -17.46 -0.85
N SER A 127 -24.51 -17.71 -1.87
CA SER A 127 -24.84 -18.70 -2.89
C SER A 127 -23.58 -19.21 -3.58
N SER A 128 -23.47 -20.54 -3.68
CA SER A 128 -22.31 -21.15 -4.32
C SER A 128 -22.68 -21.69 -5.70
N GLU A 129 -21.65 -22.00 -6.50
CA GLU A 129 -21.87 -22.52 -7.85
C GLU A 129 -22.05 -24.03 -7.82
N LYS A 130 -23.29 -24.48 -7.69
CA LYS A 130 -23.60 -25.90 -7.65
C LYS A 130 -24.83 -26.22 -8.49
N GLY A 131 -24.65 -27.07 -9.49
CA GLY A 131 -25.76 -27.44 -10.36
C GLY A 131 -26.52 -28.65 -9.84
N GLY A 132 -27.35 -29.24 -10.70
CA GLY A 132 -28.13 -30.40 -10.31
C GLY A 132 -28.33 -31.37 -11.44
N ASN A 133 -29.59 -31.71 -11.72
CA ASN A 133 -29.91 -32.64 -12.78
C ASN A 133 -29.69 -32.00 -14.16
N TYR A 134 -28.67 -32.46 -14.86
CA TYR A 134 -28.35 -31.93 -16.18
C TYR A 134 -29.32 -32.47 -17.23
#